data_2KZH
#
_entry.id   2KZH
#
_entity_poly.entity_id   1
_entity_poly.type   'polypeptide(L)'
_entity_poly.pdbx_seq_one_letter_code
;MGENKVCGLTRGQDAKAAYDAGAIYGGLIFVATSPRCVNVEQAQEVMAAAPLQYVGVFRNHDIADVVDKAKVLSLAAVQL
HGNEEQLYIDTLREALPAHVAIWKALSVGETLPAREFQHVDKYVLDNGQGGAGSHHHHHH
;
_entity_poly.pdbx_strand_id   A
#
# COMPACT_ATOMS: atom_id res chain seq x y z
N MET A 1 6.43 -6.51 12.31
CA MET A 1 5.24 -5.69 12.55
C MET A 1 5.65 -4.25 12.43
N GLY A 2 4.77 -3.33 12.73
CA GLY A 2 5.14 -1.96 12.64
C GLY A 2 4.46 -1.10 13.68
N GLU A 3 4.70 0.18 13.58
CA GLU A 3 4.18 1.21 14.50
C GLU A 3 2.67 1.08 14.69
N ASN A 4 1.93 1.25 13.59
CA ASN A 4 0.47 1.24 13.64
C ASN A 4 -0.05 0.70 12.34
N LYS A 5 0.78 -0.09 11.72
CA LYS A 5 0.47 -0.63 10.43
C LYS A 5 -0.23 -1.96 10.55
N VAL A 6 -1.51 -1.87 10.46
CA VAL A 6 -2.42 -2.98 10.56
C VAL A 6 -2.97 -3.31 9.17
N CYS A 7 -3.22 -4.57 8.95
CA CYS A 7 -3.74 -5.08 7.69
C CYS A 7 -5.26 -5.00 7.80
N GLY A 8 -5.98 -5.24 6.67
CA GLY A 8 -7.40 -4.93 6.55
C GLY A 8 -8.20 -5.26 7.75
N LEU A 9 -8.83 -4.25 8.25
CA LEU A 9 -9.60 -4.34 9.41
C LEU A 9 -10.79 -3.47 9.14
N THR A 10 -11.96 -4.00 9.34
CA THR A 10 -13.17 -3.34 8.90
C THR A 10 -14.07 -3.07 10.10
N ARG A 11 -13.49 -3.23 11.25
CA ARG A 11 -14.15 -2.95 12.47
C ARG A 11 -13.54 -1.70 13.04
N GLY A 12 -14.30 -0.64 13.07
CA GLY A 12 -13.83 0.65 13.57
C GLY A 12 -13.31 0.61 15.00
N GLN A 13 -13.91 -0.26 15.78
CA GLN A 13 -13.59 -0.42 17.21
C GLN A 13 -12.24 -1.08 17.34
N ASP A 14 -11.87 -1.72 16.29
CA ASP A 14 -10.65 -2.45 16.17
C ASP A 14 -9.59 -1.58 15.52
N ALA A 15 -9.99 -0.90 14.45
CA ALA A 15 -9.12 -0.01 13.68
C ALA A 15 -8.64 1.17 14.50
N LYS A 16 -9.47 1.61 15.45
CA LYS A 16 -9.13 2.74 16.30
C LYS A 16 -7.86 2.49 17.10
N ALA A 17 -7.51 1.22 17.32
CA ALA A 17 -6.30 0.88 18.07
C ALA A 17 -5.04 1.33 17.33
N ALA A 18 -5.11 1.36 16.00
CA ALA A 18 -3.98 1.77 15.18
C ALA A 18 -3.97 3.29 15.10
N TYR A 19 -5.15 3.85 15.08
CA TYR A 19 -5.31 5.27 15.07
C TYR A 19 -4.88 5.85 16.41
N ASP A 20 -5.18 5.15 17.44
CA ASP A 20 -4.80 5.58 18.76
C ASP A 20 -3.30 5.41 18.96
N ALA A 21 -2.72 4.47 18.21
CA ALA A 21 -1.29 4.22 18.26
C ALA A 21 -0.54 5.36 17.59
N GLY A 22 -1.20 6.07 16.69
CA GLY A 22 -0.62 7.22 16.13
C GLY A 22 -1.47 7.85 15.07
N ALA A 23 -2.35 7.05 14.39
CA ALA A 23 -3.18 7.53 13.25
C ALA A 23 -2.29 7.94 12.11
N ILE A 24 -1.10 7.40 12.17
CA ILE A 24 -0.05 7.74 11.27
C ILE A 24 -0.37 7.20 9.91
N TYR A 25 -0.50 5.90 9.85
CA TYR A 25 -0.78 5.20 8.61
C TYR A 25 -0.92 3.71 8.92
N GLY A 26 -1.70 3.01 8.13
CA GLY A 26 -1.93 1.61 8.34
C GLY A 26 -1.41 0.82 7.17
N GLY A 27 -1.17 -0.46 7.35
CA GLY A 27 -0.56 -1.27 6.31
C GLY A 27 -1.52 -2.28 5.75
N LEU A 28 -2.36 -1.84 4.88
CA LEU A 28 -3.42 -2.63 4.34
C LEU A 28 -3.23 -2.78 2.85
N ILE A 29 -3.66 -3.88 2.35
CA ILE A 29 -3.61 -4.10 0.92
C ILE A 29 -5.03 -4.27 0.39
N PHE A 30 -5.26 -3.90 -0.85
CA PHE A 30 -6.60 -3.91 -1.43
C PHE A 30 -6.98 -5.30 -1.92
N VAL A 31 -7.30 -6.18 -1.02
CA VAL A 31 -7.85 -7.45 -1.42
C VAL A 31 -9.37 -7.39 -1.30
N ALA A 32 -10.04 -7.64 -2.42
CA ALA A 32 -11.48 -7.50 -2.55
C ALA A 32 -12.25 -8.21 -1.45
N THR A 33 -12.84 -7.39 -0.60
CA THR A 33 -13.76 -7.77 0.47
C THR A 33 -13.16 -8.68 1.53
N SER A 34 -11.86 -8.63 1.72
CA SER A 34 -11.26 -9.42 2.75
C SER A 34 -11.21 -8.66 4.08
N PRO A 35 -11.48 -9.32 5.20
CA PRO A 35 -11.41 -8.69 6.52
C PRO A 35 -10.01 -8.76 7.09
N ARG A 36 -9.06 -9.06 6.23
CA ARG A 36 -7.66 -9.13 6.57
C ARG A 36 -6.83 -8.22 5.66
N CYS A 37 -7.49 -7.62 4.71
CA CYS A 37 -6.92 -6.78 3.69
C CYS A 37 -8.01 -5.87 3.21
N VAL A 38 -7.84 -4.60 3.33
CA VAL A 38 -8.92 -3.69 3.06
C VAL A 38 -8.78 -3.04 1.72
N ASN A 39 -9.89 -2.96 1.06
CA ASN A 39 -10.00 -2.35 -0.22
C ASN A 39 -10.63 -1.02 -0.07
N VAL A 40 -10.62 -0.25 -1.14
CA VAL A 40 -11.13 1.12 -1.19
C VAL A 40 -12.46 1.27 -0.47
N GLU A 41 -13.31 0.29 -0.62
CA GLU A 41 -14.64 0.29 -0.11
C GLU A 41 -14.67 0.23 1.42
N GLN A 42 -13.95 -0.69 2.03
CA GLN A 42 -13.93 -0.71 3.47
C GLN A 42 -13.20 0.50 4.00
N ALA A 43 -12.10 0.87 3.34
CA ALA A 43 -11.23 1.97 3.79
C ALA A 43 -12.00 3.28 3.95
N GLN A 44 -12.89 3.56 3.03
CA GLN A 44 -13.65 4.74 3.09
C GLN A 44 -14.59 4.80 4.30
N GLU A 45 -15.00 3.65 4.71
CA GLU A 45 -15.82 3.48 5.90
C GLU A 45 -14.93 3.56 7.14
N VAL A 46 -13.80 2.89 7.06
CA VAL A 46 -12.83 2.81 8.13
C VAL A 46 -12.30 4.21 8.51
N MET A 47 -12.14 5.06 7.51
CA MET A 47 -11.65 6.43 7.74
C MET A 47 -12.66 7.31 8.46
N ALA A 48 -13.87 6.80 8.60
CA ALA A 48 -14.91 7.50 9.34
C ALA A 48 -14.92 7.04 10.79
N ALA A 49 -14.12 6.02 11.06
CA ALA A 49 -14.01 5.45 12.39
C ALA A 49 -12.65 5.78 12.99
N ALA A 50 -11.60 5.55 12.22
CA ALA A 50 -10.28 5.81 12.64
C ALA A 50 -9.59 6.51 11.49
N PRO A 51 -9.37 7.83 11.62
CA PRO A 51 -8.75 8.64 10.56
C PRO A 51 -7.24 8.38 10.43
N LEU A 52 -6.91 7.17 10.10
CA LEU A 52 -5.56 6.76 9.84
C LEU A 52 -5.31 6.71 8.35
N GLN A 53 -4.11 7.07 7.97
CA GLN A 53 -3.69 7.18 6.60
C GLN A 53 -3.51 5.76 6.00
N TYR A 54 -3.64 5.63 4.69
CA TYR A 54 -3.61 4.32 4.07
C TYR A 54 -2.44 4.17 3.09
N VAL A 55 -2.04 2.94 2.88
CA VAL A 55 -1.00 2.58 1.96
C VAL A 55 -1.57 1.45 1.11
N GLY A 56 -0.96 1.15 0.00
CA GLY A 56 -1.42 0.04 -0.82
C GLY A 56 -0.31 -0.77 -1.38
N VAL A 57 -0.49 -2.06 -1.55
CA VAL A 57 0.54 -2.91 -2.18
C VAL A 57 -0.09 -3.63 -3.36
N PHE A 58 0.18 -3.26 -4.58
CA PHE A 58 -0.56 -3.87 -5.65
C PHE A 58 0.22 -3.90 -6.95
N ARG A 59 0.09 -5.00 -7.66
CA ARG A 59 0.61 -5.13 -9.00
C ARG A 59 -0.57 -5.02 -9.92
N ASN A 60 -0.75 -3.83 -10.38
CA ASN A 60 -1.87 -3.49 -11.09
C ASN A 60 -1.51 -3.43 -12.53
N HIS A 61 -2.46 -3.67 -13.28
CA HIS A 61 -2.37 -3.65 -14.71
C HIS A 61 -2.60 -2.23 -15.18
N ASP A 62 -3.64 -1.61 -14.68
CA ASP A 62 -4.01 -0.27 -15.11
C ASP A 62 -3.51 0.75 -14.11
N ILE A 63 -2.83 1.74 -14.60
CA ILE A 63 -2.33 2.82 -13.78
C ILE A 63 -3.46 3.67 -13.23
N ALA A 64 -4.54 3.80 -13.98
CA ALA A 64 -5.65 4.65 -13.59
C ALA A 64 -6.39 4.04 -12.41
N ASP A 65 -6.19 2.75 -12.22
CA ASP A 65 -6.87 2.05 -11.14
C ASP A 65 -6.09 2.25 -9.85
N VAL A 66 -4.79 2.48 -10.00
CA VAL A 66 -3.92 2.79 -8.87
C VAL A 66 -4.18 4.24 -8.48
N VAL A 67 -4.28 5.10 -9.49
CA VAL A 67 -4.53 6.53 -9.29
C VAL A 67 -5.84 6.70 -8.56
N ASP A 68 -6.83 5.90 -8.96
CA ASP A 68 -8.15 5.87 -8.34
C ASP A 68 -8.02 5.71 -6.84
N LYS A 69 -7.33 4.67 -6.41
CA LYS A 69 -7.19 4.35 -4.98
C LYS A 69 -6.37 5.43 -4.27
N ALA A 70 -5.27 5.84 -4.92
CA ALA A 70 -4.36 6.86 -4.40
C ALA A 70 -5.10 8.16 -4.13
N LYS A 71 -6.06 8.44 -4.97
CA LYS A 71 -6.89 9.62 -4.89
C LYS A 71 -8.06 9.45 -3.92
N VAL A 72 -8.91 8.45 -4.17
CA VAL A 72 -10.11 8.18 -3.36
C VAL A 72 -9.83 8.13 -1.87
N LEU A 73 -8.94 7.26 -1.44
CA LEU A 73 -8.69 7.15 -0.01
C LEU A 73 -7.65 8.15 0.42
N SER A 74 -6.93 8.66 -0.57
CA SER A 74 -5.76 9.48 -0.37
C SER A 74 -4.69 8.66 0.36
N LEU A 75 -3.88 7.98 -0.42
CA LEU A 75 -2.84 7.13 0.11
C LEU A 75 -1.59 7.94 0.42
N ALA A 76 -0.60 7.27 0.96
CA ALA A 76 0.66 7.91 1.31
C ALA A 76 1.70 7.32 0.47
N ALA A 77 1.58 6.04 0.32
CA ALA A 77 2.46 5.32 -0.51
C ALA A 77 1.75 4.18 -1.14
N VAL A 78 2.34 3.63 -2.14
CA VAL A 78 1.84 2.46 -2.83
C VAL A 78 3.03 1.60 -3.21
N GLN A 79 2.93 0.34 -2.98
CA GLN A 79 3.94 -0.56 -3.27
C GLN A 79 3.69 -1.22 -4.55
N LEU A 80 4.57 -1.00 -5.44
CA LEU A 80 4.48 -1.56 -6.72
C LEU A 80 5.36 -2.75 -6.78
N HIS A 81 4.82 -3.84 -7.24
CA HIS A 81 5.64 -4.99 -7.52
C HIS A 81 6.22 -4.72 -8.87
N GLY A 82 7.46 -4.32 -8.90
CA GLY A 82 8.13 -3.86 -10.12
C GLY A 82 8.22 -4.90 -11.20
N ASN A 83 7.93 -6.11 -10.83
CA ASN A 83 7.97 -7.28 -11.69
C ASN A 83 7.01 -7.13 -12.87
N GLU A 84 5.96 -6.31 -12.69
CA GLU A 84 4.94 -6.15 -13.71
C GLU A 84 5.52 -5.61 -15.04
N GLU A 85 6.32 -4.56 -14.96
CA GLU A 85 6.98 -3.95 -16.11
C GLU A 85 7.87 -2.83 -15.59
N GLN A 86 8.96 -2.53 -16.28
CA GLN A 86 9.97 -1.61 -15.81
C GLN A 86 9.53 -0.16 -15.96
N LEU A 87 8.93 0.11 -17.08
CA LEU A 87 8.55 1.45 -17.45
C LEU A 87 7.24 1.81 -16.82
N TYR A 88 6.49 0.78 -16.45
CA TYR A 88 5.23 0.94 -15.78
C TYR A 88 5.43 1.74 -14.50
N ILE A 89 6.44 1.37 -13.72
CA ILE A 89 6.76 2.04 -12.44
C ILE A 89 7.08 3.50 -12.70
N ASP A 90 7.77 3.72 -13.79
CA ASP A 90 8.23 5.04 -14.19
C ASP A 90 7.06 5.94 -14.56
N THR A 91 5.96 5.29 -14.83
CA THR A 91 4.75 5.91 -15.27
C THR A 91 3.90 6.28 -14.05
N LEU A 92 3.77 5.33 -13.10
CA LEU A 92 3.04 5.57 -11.83
C LEU A 92 3.35 6.90 -11.20
N ARG A 93 4.63 7.23 -11.06
CA ARG A 93 4.96 8.51 -10.36
C ARG A 93 4.55 9.75 -11.11
N GLU A 94 4.22 9.59 -12.33
CA GLU A 94 3.79 10.71 -13.16
C GLU A 94 2.31 10.97 -12.91
N ALA A 95 1.57 9.90 -12.69
CA ALA A 95 0.14 10.01 -12.47
C ALA A 95 -0.19 10.29 -11.04
N LEU A 96 0.58 9.69 -10.21
CA LEU A 96 0.46 9.80 -8.78
C LEU A 96 1.14 11.07 -8.28
N PRO A 97 0.37 12.01 -7.67
CA PRO A 97 0.91 13.26 -7.13
C PRO A 97 1.88 13.00 -5.98
N ALA A 98 2.64 13.99 -5.61
CA ALA A 98 3.69 13.86 -4.57
C ALA A 98 3.11 13.65 -3.15
N HIS A 99 1.80 13.54 -3.08
CA HIS A 99 1.13 13.31 -1.82
C HIS A 99 1.12 11.80 -1.53
N VAL A 100 1.13 11.03 -2.60
CA VAL A 100 1.22 9.64 -2.56
C VAL A 100 2.59 9.24 -3.16
N ALA A 101 3.27 8.37 -2.49
CA ALA A 101 4.57 7.97 -2.88
C ALA A 101 4.56 6.53 -3.32
N ILE A 102 5.67 6.04 -3.70
CA ILE A 102 5.80 4.70 -4.18
C ILE A 102 6.88 4.00 -3.39
N TRP A 103 6.63 2.80 -2.97
CA TRP A 103 7.67 2.02 -2.36
C TRP A 103 7.84 0.80 -3.20
N LYS A 104 9.01 0.30 -3.28
CA LYS A 104 9.25 -0.82 -4.12
C LYS A 104 9.32 -2.04 -3.24
N ALA A 105 8.40 -2.94 -3.47
CA ALA A 105 8.34 -4.18 -2.75
C ALA A 105 9.54 -5.05 -3.14
N LEU A 106 10.46 -5.14 -2.25
CA LEU A 106 11.64 -5.90 -2.44
C LEU A 106 11.40 -7.30 -1.93
N SER A 107 11.27 -8.21 -2.85
CA SER A 107 11.06 -9.57 -2.57
C SER A 107 12.38 -10.18 -2.09
N VAL A 108 12.32 -11.08 -1.13
CA VAL A 108 13.52 -11.69 -0.65
C VAL A 108 14.02 -12.72 -1.65
N GLY A 109 15.16 -12.44 -2.18
CA GLY A 109 15.72 -13.29 -3.18
C GLY A 109 17.05 -13.82 -2.77
N GLU A 110 17.62 -14.63 -3.63
CA GLU A 110 18.91 -15.24 -3.37
C GLU A 110 20.02 -14.22 -3.52
N THR A 111 19.77 -13.23 -4.34
CA THR A 111 20.70 -12.18 -4.56
C THR A 111 20.04 -10.87 -4.20
N LEU A 112 20.80 -9.94 -3.71
CA LEU A 112 20.27 -8.66 -3.32
C LEU A 112 20.74 -7.64 -4.35
N PRO A 113 19.86 -7.23 -5.27
CA PRO A 113 20.21 -6.26 -6.29
C PRO A 113 20.31 -4.86 -5.71
N ALA A 114 21.32 -4.14 -6.14
CA ALA A 114 21.56 -2.80 -5.69
C ALA A 114 20.48 -1.88 -6.23
N ARG A 115 20.11 -2.10 -7.47
CA ARG A 115 19.10 -1.32 -8.09
C ARG A 115 18.21 -2.18 -8.96
N GLU A 116 16.94 -2.07 -8.73
CA GLU A 116 15.95 -2.72 -9.56
C GLU A 116 15.12 -1.62 -10.14
N PHE A 117 14.36 -0.98 -9.30
CA PHE A 117 13.55 0.15 -9.68
C PHE A 117 13.72 1.21 -8.68
N GLN A 118 14.18 2.33 -9.11
CA GLN A 118 14.46 3.43 -8.24
C GLN A 118 13.49 4.57 -8.49
N HIS A 119 13.76 5.74 -7.88
CA HIS A 119 12.87 6.92 -7.89
C HIS A 119 11.65 6.62 -7.05
N VAL A 120 11.80 5.63 -6.20
CA VAL A 120 10.80 5.22 -5.27
C VAL A 120 11.12 5.87 -3.96
N ASP A 121 10.14 6.03 -3.16
CA ASP A 121 10.32 6.74 -1.90
C ASP A 121 11.01 5.88 -0.87
N LYS A 122 10.64 4.62 -0.81
CA LYS A 122 11.18 3.70 0.18
C LYS A 122 11.26 2.29 -0.38
N TYR A 123 12.06 1.47 0.25
CA TYR A 123 12.16 0.07 -0.06
C TYR A 123 11.60 -0.73 1.06
N VAL A 124 10.69 -1.59 0.74
CA VAL A 124 10.05 -2.41 1.76
C VAL A 124 10.11 -3.85 1.34
N LEU A 125 9.69 -4.74 2.20
CA LEU A 125 9.69 -6.15 1.88
C LEU A 125 8.44 -6.49 1.06
N ASP A 126 8.42 -7.66 0.48
CA ASP A 126 7.27 -8.10 -0.26
C ASP A 126 6.22 -8.69 0.68
N ASN A 127 5.03 -8.16 0.60
CA ASN A 127 3.91 -8.64 1.41
C ASN A 127 2.82 -9.19 0.52
N GLY A 128 3.19 -9.60 -0.69
CA GLY A 128 2.21 -10.08 -1.64
C GLY A 128 2.52 -11.48 -2.10
N GLN A 129 3.31 -12.18 -1.30
CA GLN A 129 3.76 -13.57 -1.52
C GLN A 129 4.72 -13.67 -2.71
N GLY A 130 5.94 -14.04 -2.42
CA GLY A 130 6.89 -14.23 -3.47
C GLY A 130 8.30 -14.02 -3.00
N GLY A 131 9.20 -14.80 -3.55
CA GLY A 131 10.61 -14.69 -3.25
C GLY A 131 11.42 -14.62 -4.52
N ALA A 132 10.79 -14.11 -5.56
CA ALA A 132 11.39 -13.99 -6.86
C ALA A 132 10.66 -12.90 -7.63
N GLY A 133 11.19 -12.54 -8.78
CA GLY A 133 10.63 -11.48 -9.59
C GLY A 133 9.41 -11.90 -10.39
N SER A 134 8.35 -12.21 -9.70
CA SER A 134 7.09 -12.55 -10.29
C SER A 134 5.96 -12.15 -9.32
N MET A 1 7.24 1.00 20.38
CA MET A 1 7.58 1.78 19.21
C MET A 1 7.39 0.93 17.98
N GLY A 2 6.94 1.54 16.91
CA GLY A 2 6.79 0.83 15.70
C GLY A 2 5.42 1.03 15.13
N GLU A 3 5.20 0.44 13.99
CA GLU A 3 3.94 0.53 13.32
C GLU A 3 2.97 -0.50 13.91
N ASN A 4 1.70 -0.29 13.64
CA ASN A 4 0.68 -1.18 14.14
C ASN A 4 -0.15 -1.55 12.95
N LYS A 5 0.59 -1.74 11.87
CA LYS A 5 0.10 -2.14 10.58
C LYS A 5 -0.93 -3.27 10.70
N VAL A 6 -2.14 -2.97 10.32
CA VAL A 6 -3.21 -3.95 10.34
C VAL A 6 -3.77 -4.20 8.95
N CYS A 7 -4.07 -5.45 8.68
CA CYS A 7 -4.73 -5.86 7.45
C CYS A 7 -6.24 -5.86 7.70
N GLY A 8 -7.07 -5.98 6.59
CA GLY A 8 -8.54 -5.80 6.59
C GLY A 8 -9.17 -5.59 7.91
N LEU A 9 -9.55 -4.40 8.14
CA LEU A 9 -10.05 -4.00 9.39
C LEU A 9 -11.29 -3.16 9.08
N THR A 10 -12.38 -3.45 9.73
CA THR A 10 -13.60 -2.74 9.49
C THR A 10 -14.16 -2.20 10.82
N ARG A 11 -13.72 -2.77 11.95
CA ARG A 11 -14.21 -2.32 13.23
C ARG A 11 -13.51 -1.05 13.70
N GLY A 12 -14.29 0.01 13.83
CA GLY A 12 -13.80 1.32 14.24
C GLY A 12 -12.84 1.31 15.42
N GLN A 13 -13.31 0.79 16.52
CA GLN A 13 -12.54 0.64 17.75
C GLN A 13 -11.25 -0.16 17.57
N ASP A 14 -11.22 -1.04 16.59
CA ASP A 14 -10.02 -1.85 16.33
C ASP A 14 -9.08 -1.05 15.47
N ALA A 15 -9.65 -0.27 14.59
CA ALA A 15 -8.93 0.58 13.66
C ALA A 15 -8.19 1.67 14.41
N LYS A 16 -8.88 2.25 15.39
CA LYS A 16 -8.33 3.33 16.19
C LYS A 16 -7.05 2.92 16.89
N ALA A 17 -6.95 1.64 17.22
CA ALA A 17 -5.79 1.09 17.89
C ALA A 17 -4.54 1.15 16.99
N ALA A 18 -4.74 1.06 15.68
CA ALA A 18 -3.64 1.10 14.74
C ALA A 18 -3.15 2.53 14.57
N TYR A 19 -4.10 3.43 14.61
CA TYR A 19 -3.84 4.87 14.50
C TYR A 19 -3.25 5.39 15.80
N ASP A 20 -3.62 4.78 16.88
CA ASP A 20 -3.17 5.16 18.23
C ASP A 20 -1.63 5.03 18.39
N ALA A 21 -1.03 4.34 17.45
CA ALA A 21 0.42 4.19 17.38
C ALA A 21 1.09 5.51 16.91
N GLY A 22 0.28 6.42 16.38
CA GLY A 22 0.80 7.71 15.97
C GLY A 22 0.40 8.06 14.54
N ALA A 23 -0.73 7.50 14.08
CA ALA A 23 -1.30 7.74 12.73
C ALA A 23 -0.30 7.41 11.63
N ILE A 24 0.60 6.48 11.94
CA ILE A 24 1.69 6.11 11.07
C ILE A 24 1.20 5.64 9.73
N TYR A 25 0.58 4.48 9.73
CA TYR A 25 0.01 3.87 8.54
C TYR A 25 -0.66 2.54 8.93
N GLY A 26 -1.51 2.05 8.06
CA GLY A 26 -2.18 0.78 8.26
C GLY A 26 -1.91 -0.08 7.05
N GLY A 27 -1.87 -1.38 7.19
CA GLY A 27 -1.40 -2.19 6.07
C GLY A 27 -2.43 -3.09 5.54
N LEU A 28 -3.38 -2.52 4.89
CA LEU A 28 -4.44 -3.26 4.35
C LEU A 28 -4.34 -3.28 2.86
N ILE A 29 -4.44 -4.44 2.33
CA ILE A 29 -4.30 -4.58 0.93
C ILE A 29 -5.56 -4.74 0.21
N PHE A 30 -5.50 -4.39 -1.05
CA PHE A 30 -6.68 -4.35 -1.90
C PHE A 30 -7.08 -5.74 -2.37
N VAL A 31 -7.65 -6.51 -1.49
CA VAL A 31 -8.23 -7.74 -1.92
C VAL A 31 -9.70 -7.51 -1.95
N ALA A 32 -10.26 -7.62 -3.12
CA ALA A 32 -11.61 -7.26 -3.40
C ALA A 32 -12.60 -7.96 -2.48
N THR A 33 -13.24 -7.16 -1.67
CA THR A 33 -14.33 -7.54 -0.78
C THR A 33 -13.89 -8.43 0.39
N SER A 34 -12.60 -8.46 0.69
CA SER A 34 -12.12 -9.26 1.76
C SER A 34 -12.29 -8.48 3.05
N PRO A 35 -12.67 -9.14 4.13
CA PRO A 35 -12.74 -8.52 5.42
C PRO A 35 -11.43 -8.66 6.18
N ARG A 36 -10.43 -9.24 5.50
CA ARG A 36 -9.10 -9.42 6.09
C ARG A 36 -8.06 -8.70 5.24
N CYS A 37 -8.54 -7.98 4.26
CA CYS A 37 -7.77 -7.20 3.36
C CYS A 37 -8.74 -6.16 2.85
N VAL A 38 -8.49 -4.93 3.11
CA VAL A 38 -9.49 -3.95 2.88
C VAL A 38 -9.24 -3.16 1.62
N ASN A 39 -10.30 -2.96 0.90
CA ASN A 39 -10.31 -2.24 -0.34
C ASN A 39 -10.94 -0.92 -0.15
N VAL A 40 -10.77 -0.04 -1.13
CA VAL A 40 -11.21 1.36 -1.11
C VAL A 40 -12.66 1.53 -0.58
N GLU A 41 -13.47 0.55 -0.82
CA GLU A 41 -14.82 0.54 -0.39
C GLU A 41 -14.93 0.48 1.14
N GLN A 42 -14.37 -0.56 1.76
CA GLN A 42 -14.39 -0.68 3.23
C GLN A 42 -13.48 0.35 3.84
N ALA A 43 -12.40 0.64 3.14
CA ALA A 43 -11.41 1.58 3.58
C ALA A 43 -11.96 2.99 3.70
N GLN A 44 -12.99 3.28 2.91
CA GLN A 44 -13.61 4.58 2.88
C GLN A 44 -14.23 4.87 4.24
N GLU A 45 -14.69 3.84 4.86
CA GLU A 45 -15.38 3.92 6.12
C GLU A 45 -14.36 3.92 7.26
N VAL A 46 -13.37 3.05 7.13
CA VAL A 46 -12.38 2.84 8.17
C VAL A 46 -11.43 4.07 8.30
N MET A 47 -11.30 4.85 7.21
CA MET A 47 -10.46 6.07 7.23
C MET A 47 -11.09 7.15 8.11
N ALA A 48 -12.36 6.98 8.41
CA ALA A 48 -13.06 7.91 9.27
C ALA A 48 -12.84 7.52 10.71
N ALA A 49 -12.54 6.26 10.94
CA ALA A 49 -12.33 5.74 12.27
C ALA A 49 -10.91 5.98 12.74
N ALA A 50 -9.94 5.70 11.88
CA ALA A 50 -8.60 5.87 12.22
C ALA A 50 -7.95 6.69 11.14
N PRO A 51 -7.68 7.96 11.42
CA PRO A 51 -7.04 8.86 10.45
C PRO A 51 -5.52 8.62 10.35
N LEU A 52 -5.19 7.40 10.05
CA LEU A 52 -3.83 6.99 9.81
C LEU A 52 -3.56 6.98 8.31
N GLN A 53 -2.34 6.68 7.91
CA GLN A 53 -2.04 6.58 6.49
C GLN A 53 -2.53 5.29 5.94
N TYR A 54 -3.24 5.36 4.90
CA TYR A 54 -3.65 4.18 4.23
C TYR A 54 -2.71 3.95 3.11
N VAL A 55 -2.18 2.77 3.07
CA VAL A 55 -1.19 2.44 2.11
C VAL A 55 -1.71 1.30 1.28
N GLY A 56 -1.32 1.27 0.06
CA GLY A 56 -1.74 0.22 -0.80
C GLY A 56 -0.58 -0.55 -1.33
N VAL A 57 -0.62 -1.84 -1.19
CA VAL A 57 0.46 -2.69 -1.68
C VAL A 57 -0.15 -3.74 -2.57
N PHE A 58 0.04 -3.64 -3.86
CA PHE A 58 -0.63 -4.57 -4.74
C PHE A 58 -0.01 -4.52 -6.10
N ARG A 59 -0.18 -5.57 -6.87
CA ARG A 59 0.25 -5.54 -8.22
C ARG A 59 -0.87 -5.02 -9.06
N ASN A 60 -0.85 -3.77 -9.27
CA ASN A 60 -1.79 -3.12 -10.07
C ASN A 60 -1.16 -3.00 -11.39
N HIS A 61 -1.76 -3.63 -12.31
CA HIS A 61 -1.26 -3.73 -13.66
C HIS A 61 -1.59 -2.47 -14.41
N ASP A 62 -2.69 -1.85 -14.05
CA ASP A 62 -3.15 -0.64 -14.68
C ASP A 62 -2.76 0.56 -13.85
N ILE A 63 -2.05 1.47 -14.45
CA ILE A 63 -1.64 2.70 -13.82
C ILE A 63 -2.84 3.54 -13.42
N ALA A 64 -3.88 3.49 -14.23
CA ALA A 64 -5.07 4.26 -13.98
C ALA A 64 -5.84 3.69 -12.82
N ASP A 65 -5.56 2.43 -12.53
CA ASP A 65 -6.22 1.72 -11.44
C ASP A 65 -5.56 2.08 -10.14
N VAL A 66 -4.25 2.27 -10.21
CA VAL A 66 -3.47 2.72 -9.07
C VAL A 66 -3.94 4.12 -8.71
N VAL A 67 -4.05 4.97 -9.75
CA VAL A 67 -4.47 6.36 -9.60
C VAL A 67 -5.87 6.40 -9.01
N ASP A 68 -6.71 5.52 -9.51
CA ASP A 68 -8.09 5.39 -9.07
C ASP A 68 -8.18 5.21 -7.58
N LYS A 69 -7.58 4.16 -7.07
CA LYS A 69 -7.67 3.85 -5.65
C LYS A 69 -6.97 4.89 -4.80
N ALA A 70 -5.81 5.35 -5.27
CA ALA A 70 -5.01 6.34 -4.58
C ALA A 70 -5.76 7.64 -4.41
N LYS A 71 -6.52 7.99 -5.43
CA LYS A 71 -7.33 9.18 -5.44
C LYS A 71 -8.54 9.00 -4.54
N VAL A 72 -9.37 8.01 -4.88
CA VAL A 72 -10.66 7.78 -4.21
C VAL A 72 -10.51 7.62 -2.72
N LEU A 73 -9.65 6.71 -2.30
CA LEU A 73 -9.46 6.49 -0.89
C LEU A 73 -8.68 7.65 -0.28
N SER A 74 -7.84 8.27 -1.09
CA SER A 74 -6.89 9.26 -0.65
C SER A 74 -5.84 8.57 0.23
N LEU A 75 -4.97 7.86 -0.45
CA LEU A 75 -3.89 7.14 0.19
C LEU A 75 -2.77 8.09 0.57
N ALA A 76 -1.66 7.51 0.93
CA ALA A 76 -0.51 8.24 1.30
C ALA A 76 0.62 7.69 0.50
N ALA A 77 0.77 6.39 0.55
CA ALA A 77 1.74 5.72 -0.27
C ALA A 77 1.12 4.50 -0.92
N VAL A 78 1.78 4.03 -1.95
CA VAL A 78 1.37 2.84 -2.67
C VAL A 78 2.62 2.06 -3.06
N GLN A 79 2.58 0.77 -2.90
CA GLN A 79 3.66 -0.06 -3.19
C GLN A 79 3.41 -0.81 -4.44
N LEU A 80 4.21 -0.54 -5.40
CA LEU A 80 4.11 -1.23 -6.64
C LEU A 80 5.17 -2.29 -6.67
N HIS A 81 4.77 -3.51 -6.86
CA HIS A 81 5.73 -4.57 -6.98
C HIS A 81 6.29 -4.50 -8.38
N GLY A 82 7.54 -4.07 -8.45
CA GLY A 82 8.29 -3.91 -9.71
C GLY A 82 8.30 -5.11 -10.64
N ASN A 83 7.86 -6.24 -10.15
CA ASN A 83 7.74 -7.48 -10.91
C ASN A 83 6.96 -7.27 -12.23
N GLU A 84 6.07 -6.25 -12.27
CA GLU A 84 5.30 -5.97 -13.48
C GLU A 84 6.19 -5.41 -14.60
N GLU A 85 7.00 -4.42 -14.27
CA GLU A 85 7.88 -3.74 -15.20
C GLU A 85 8.63 -2.69 -14.36
N GLN A 86 9.85 -2.39 -14.71
CA GLN A 86 10.72 -1.56 -13.94
C GLN A 86 10.40 -0.10 -14.12
N LEU A 87 10.23 0.26 -15.37
CA LEU A 87 10.06 1.63 -15.82
C LEU A 87 8.64 2.07 -15.58
N TYR A 88 7.81 1.10 -15.32
CA TYR A 88 6.43 1.29 -15.00
C TYR A 88 6.31 2.12 -13.73
N ILE A 89 7.17 1.85 -12.77
CA ILE A 89 7.17 2.59 -11.50
C ILE A 89 7.44 4.07 -11.75
N ASP A 90 8.32 4.30 -12.69
CA ASP A 90 8.76 5.61 -13.14
C ASP A 90 7.59 6.36 -13.82
N THR A 91 6.60 5.60 -14.22
CA THR A 91 5.44 6.08 -14.89
C THR A 91 4.35 6.48 -13.87
N LEU A 92 4.17 5.65 -12.82
CA LEU A 92 3.18 5.91 -11.76
C LEU A 92 3.34 7.31 -11.19
N ARG A 93 4.60 7.71 -11.04
CA ARG A 93 4.99 9.05 -10.53
C ARG A 93 4.19 10.16 -11.19
N GLU A 94 3.99 9.98 -12.46
CA GLU A 94 3.42 10.98 -13.33
C GLU A 94 1.91 11.02 -13.24
N ALA A 95 1.29 9.90 -13.01
CA ALA A 95 -0.17 9.85 -12.98
C ALA A 95 -0.72 9.97 -11.57
N LEU A 96 0.11 9.66 -10.63
CA LEU A 96 -0.24 9.76 -9.22
C LEU A 96 -0.04 11.16 -8.77
N PRO A 97 -0.92 11.65 -7.91
CA PRO A 97 -0.79 12.96 -7.35
C PRO A 97 0.40 13.01 -6.41
N ALA A 98 0.80 14.21 -6.08
CA ALA A 98 1.94 14.44 -5.18
C ALA A 98 1.58 14.01 -3.76
N HIS A 99 0.30 13.77 -3.56
CA HIS A 99 -0.23 13.39 -2.28
C HIS A 99 0.10 11.93 -2.01
N VAL A 100 0.22 11.13 -3.07
CA VAL A 100 0.47 9.76 -2.95
C VAL A 100 1.92 9.47 -3.31
N ALA A 101 2.55 8.71 -2.48
CA ALA A 101 3.93 8.33 -2.68
C ALA A 101 4.00 6.91 -3.16
N ILE A 102 5.13 6.49 -3.61
CA ILE A 102 5.32 5.16 -4.09
C ILE A 102 6.40 4.52 -3.33
N TRP A 103 6.18 3.33 -2.88
CA TRP A 103 7.23 2.65 -2.22
C TRP A 103 7.49 1.38 -2.97
N LYS A 104 8.65 0.86 -2.81
CA LYS A 104 9.05 -0.30 -3.49
C LYS A 104 8.92 -1.48 -2.57
N ALA A 105 7.97 -2.35 -2.87
CA ALA A 105 7.78 -3.57 -2.12
C ALA A 105 8.97 -4.46 -2.38
N LEU A 106 9.76 -4.63 -1.37
CA LEU A 106 10.99 -5.34 -1.47
C LEU A 106 10.79 -6.84 -1.49
N SER A 107 10.74 -7.40 -2.66
CA SER A 107 10.79 -8.82 -2.85
C SER A 107 12.27 -9.22 -2.57
N VAL A 108 12.56 -10.53 -2.45
CA VAL A 108 13.93 -11.01 -2.12
C VAL A 108 15.03 -10.23 -2.89
N GLY A 109 15.84 -9.53 -2.09
CA GLY A 109 16.81 -8.55 -2.54
C GLY A 109 17.65 -8.93 -3.71
N GLU A 110 18.31 -10.02 -3.57
CA GLU A 110 19.28 -10.48 -4.54
C GLU A 110 18.68 -10.97 -5.87
N THR A 111 17.37 -11.01 -6.01
CA THR A 111 16.84 -11.40 -7.30
C THR A 111 16.64 -10.15 -8.18
N LEU A 112 16.75 -8.99 -7.56
CA LEU A 112 16.65 -7.74 -8.26
C LEU A 112 18.05 -7.16 -8.43
N PRO A 113 18.32 -6.54 -9.59
CA PRO A 113 19.60 -5.83 -9.85
C PRO A 113 19.80 -4.70 -8.84
N ALA A 114 21.03 -4.20 -8.74
CA ALA A 114 21.37 -3.13 -7.80
C ALA A 114 20.50 -1.89 -8.05
N ARG A 115 20.26 -1.61 -9.32
CA ARG A 115 19.34 -0.58 -9.69
C ARG A 115 18.21 -1.21 -10.42
N GLU A 116 17.07 -1.07 -9.87
CA GLU A 116 15.90 -1.74 -10.36
C GLU A 116 14.71 -0.82 -10.53
N PHE A 117 14.28 -0.25 -9.44
CA PHE A 117 13.11 0.57 -9.44
C PHE A 117 13.46 1.88 -8.82
N GLN A 118 13.75 2.82 -9.64
CA GLN A 118 14.14 4.12 -9.19
C GLN A 118 12.93 5.01 -9.12
N HIS A 119 13.11 6.14 -8.46
CA HIS A 119 12.09 7.16 -8.30
C HIS A 119 11.02 6.73 -7.29
N VAL A 120 11.37 5.75 -6.47
CA VAL A 120 10.51 5.30 -5.40
C VAL A 120 10.82 6.11 -4.15
N ASP A 121 9.84 6.35 -3.34
CA ASP A 121 10.00 7.19 -2.16
C ASP A 121 10.65 6.42 -1.01
N LYS A 122 10.22 5.21 -0.81
CA LYS A 122 10.68 4.39 0.31
C LYS A 122 10.64 2.94 -0.12
N TYR A 123 11.31 2.08 0.58
CA TYR A 123 11.23 0.67 0.33
C TYR A 123 10.76 0.00 1.60
N VAL A 124 9.89 -0.95 1.47
CA VAL A 124 9.37 -1.70 2.59
C VAL A 124 9.39 -3.15 2.23
N LEU A 125 9.23 -4.03 3.18
CA LEU A 125 9.24 -5.46 2.89
C LEU A 125 8.04 -5.85 2.04
N ASP A 126 8.22 -6.83 1.18
CA ASP A 126 7.14 -7.34 0.34
C ASP A 126 6.05 -7.89 1.23
N ASN A 127 4.86 -7.33 1.11
CA ASN A 127 3.72 -7.66 1.96
C ASN A 127 3.08 -9.00 1.62
N GLY A 128 3.77 -9.81 0.83
CA GLY A 128 3.34 -11.17 0.63
C GLY A 128 3.44 -11.92 1.94
N GLN A 129 4.41 -11.51 2.75
CA GLN A 129 4.59 -12.07 4.06
C GLN A 129 3.86 -11.20 5.06
N GLY A 130 2.86 -11.77 5.68
CA GLY A 130 2.02 -11.02 6.57
C GLY A 130 1.01 -10.22 5.80
N GLY A 131 0.45 -10.84 4.78
CA GLY A 131 -0.53 -10.20 3.97
C GLY A 131 -0.95 -11.11 2.84
N ALA A 132 -0.25 -10.98 1.70
CA ALA A 132 -0.48 -11.76 0.46
C ALA A 132 -1.81 -11.40 -0.22
N GLY A 133 -1.71 -10.88 -1.43
CA GLY A 133 -2.90 -10.47 -2.14
C GLY A 133 -2.88 -10.87 -3.60
N SER A 134 -1.71 -10.76 -4.21
CA SER A 134 -1.50 -11.10 -5.59
C SER A 134 0.02 -11.03 -5.83
N MET A 1 8.62 0.99 13.00
CA MET A 1 8.95 1.05 14.44
C MET A 1 7.66 1.01 15.23
N GLY A 2 6.86 2.07 15.12
CA GLY A 2 5.58 2.09 15.79
C GLY A 2 4.61 1.26 15.00
N GLU A 3 4.50 0.02 15.36
CA GLU A 3 3.65 -0.89 14.65
C GLU A 3 2.20 -0.62 15.01
N ASN A 4 1.44 -0.22 14.01
CA ASN A 4 0.02 0.08 14.13
C ASN A 4 -0.59 -0.25 12.79
N LYS A 5 0.04 -1.23 12.17
CA LYS A 5 -0.28 -1.65 10.83
C LYS A 5 -1.58 -2.41 10.80
N VAL A 6 -2.55 -1.84 10.16
CA VAL A 6 -3.86 -2.41 10.06
C VAL A 6 -4.00 -3.32 8.83
N CYS A 7 -4.27 -4.56 9.08
CA CYS A 7 -4.66 -5.52 8.04
C CYS A 7 -6.18 -5.58 8.15
N GLY A 8 -6.89 -6.22 7.17
CA GLY A 8 -8.36 -6.20 7.09
C GLY A 8 -9.09 -6.14 8.39
N LEU A 9 -9.63 -4.98 8.65
CA LEU A 9 -10.29 -4.68 9.87
C LEU A 9 -11.52 -3.88 9.50
N THR A 10 -12.65 -4.22 10.06
CA THR A 10 -13.88 -3.56 9.65
C THR A 10 -14.68 -3.14 10.89
N ARG A 11 -14.00 -3.18 12.01
CA ARG A 11 -14.59 -2.84 13.26
C ARG A 11 -14.04 -1.48 13.66
N GLY A 12 -14.89 -0.48 13.68
CA GLY A 12 -14.50 0.89 14.02
C GLY A 12 -13.81 1.03 15.35
N GLN A 13 -14.30 0.29 16.30
CA GLN A 13 -13.84 0.33 17.66
C GLN A 13 -12.57 -0.50 17.85
N ASP A 14 -12.35 -1.37 16.93
CA ASP A 14 -11.16 -2.20 16.93
C ASP A 14 -10.06 -1.43 16.21
N ALA A 15 -10.43 -0.87 15.07
CA ALA A 15 -9.55 -0.10 14.18
C ALA A 15 -8.95 1.09 14.91
N LYS A 16 -9.73 1.69 15.80
CA LYS A 16 -9.28 2.84 16.56
C LYS A 16 -8.09 2.52 17.44
N ALA A 17 -7.89 1.26 17.79
CA ALA A 17 -6.75 0.86 18.61
C ALA A 17 -5.40 1.14 17.89
N ALA A 18 -5.41 1.08 16.57
CA ALA A 18 -4.19 1.36 15.80
C ALA A 18 -3.99 2.87 15.70
N TYR A 19 -5.09 3.57 15.58
CA TYR A 19 -5.09 5.01 15.58
C TYR A 19 -4.75 5.53 16.98
N ASP A 20 -5.13 4.76 17.96
CA ASP A 20 -4.79 4.99 19.37
C ASP A 20 -3.30 4.82 19.55
N ALA A 21 -2.73 3.87 18.79
CA ALA A 21 -1.30 3.58 18.87
C ALA A 21 -0.48 4.73 18.31
N GLY A 22 -1.08 5.52 17.44
CA GLY A 22 -0.38 6.66 16.95
C GLY A 22 -1.05 7.32 15.79
N ALA A 23 -1.94 6.57 15.07
CA ALA A 23 -2.63 7.07 13.86
C ALA A 23 -1.60 7.32 12.79
N ILE A 24 -0.52 6.58 12.91
CA ILE A 24 0.66 6.75 12.11
C ILE A 24 0.35 6.40 10.70
N TYR A 25 0.04 5.14 10.49
CA TYR A 25 -0.22 4.61 9.18
C TYR A 25 -0.62 3.13 9.32
N GLY A 26 -1.35 2.64 8.37
CA GLY A 26 -1.75 1.27 8.37
C GLY A 26 -1.45 0.67 7.02
N GLY A 27 -0.94 -0.54 7.01
CA GLY A 27 -0.56 -1.16 5.78
C GLY A 27 -1.49 -2.26 5.40
N LEU A 28 -2.60 -1.90 4.83
CA LEU A 28 -3.56 -2.85 4.41
C LEU A 28 -3.52 -3.01 2.94
N ILE A 29 -3.85 -4.15 2.50
CA ILE A 29 -3.83 -4.43 1.10
C ILE A 29 -5.15 -4.49 0.45
N PHE A 30 -5.14 -4.15 -0.80
CA PHE A 30 -6.36 -4.00 -1.59
C PHE A 30 -6.92 -5.33 -2.07
N VAL A 31 -7.27 -6.23 -1.18
CA VAL A 31 -7.91 -7.41 -1.65
C VAL A 31 -9.39 -7.22 -1.51
N ALA A 32 -10.05 -7.16 -2.63
CA ALA A 32 -11.44 -6.82 -2.70
C ALA A 32 -12.29 -7.82 -1.98
N THR A 33 -12.97 -7.32 -0.99
CA THR A 33 -13.94 -8.04 -0.18
C THR A 33 -13.32 -9.20 0.61
N SER A 34 -12.07 -9.06 0.96
CA SER A 34 -11.43 -10.00 1.81
C SER A 34 -11.43 -9.43 3.21
N PRO A 35 -11.91 -10.16 4.21
CA PRO A 35 -11.96 -9.68 5.59
C PRO A 35 -10.59 -9.81 6.29
N ARG A 36 -9.57 -9.95 5.48
CA ARG A 36 -8.21 -10.05 5.93
C ARG A 36 -7.39 -8.88 5.38
N CYS A 37 -7.99 -8.12 4.51
CA CYS A 37 -7.38 -7.02 3.84
C CYS A 37 -8.44 -5.93 3.78
N VAL A 38 -8.12 -4.76 3.38
CA VAL A 38 -9.12 -3.74 3.26
C VAL A 38 -8.90 -3.01 2.00
N ASN A 39 -9.96 -2.77 1.33
CA ASN A 39 -9.93 -2.10 0.09
C ASN A 39 -10.58 -0.78 0.23
N VAL A 40 -10.52 -0.01 -0.84
CA VAL A 40 -11.01 1.37 -0.91
C VAL A 40 -12.41 1.55 -0.30
N GLU A 41 -13.22 0.53 -0.38
CA GLU A 41 -14.57 0.56 0.11
C GLU A 41 -14.58 0.70 1.63
N GLN A 42 -14.02 -0.30 2.29
CA GLN A 42 -14.00 -0.38 3.74
C GLN A 42 -13.20 0.74 4.34
N ALA A 43 -12.07 1.04 3.73
CA ALA A 43 -11.17 2.08 4.23
C ALA A 43 -11.83 3.46 4.19
N GLN A 44 -12.80 3.63 3.30
CA GLN A 44 -13.51 4.89 3.17
C GLN A 44 -14.38 5.12 4.42
N GLU A 45 -14.73 4.04 5.07
CA GLU A 45 -15.47 4.07 6.31
C GLU A 45 -14.49 4.21 7.45
N VAL A 46 -13.48 3.33 7.42
CA VAL A 46 -12.46 3.22 8.45
C VAL A 46 -11.77 4.56 8.71
N MET A 47 -11.57 5.36 7.67
CA MET A 47 -10.91 6.67 7.80
C MET A 47 -11.66 7.59 8.77
N ALA A 48 -12.97 7.44 8.83
CA ALA A 48 -13.80 8.28 9.66
C ALA A 48 -13.84 7.74 11.08
N ALA A 49 -13.55 6.47 11.21
CA ALA A 49 -13.57 5.79 12.48
C ALA A 49 -12.21 5.92 13.18
N ALA A 50 -11.15 5.81 12.42
CA ALA A 50 -9.84 5.91 12.90
C ALA A 50 -9.02 6.58 11.82
N PRO A 51 -8.81 7.90 11.92
CA PRO A 51 -8.01 8.64 10.94
C PRO A 51 -6.52 8.28 10.99
N LEU A 52 -6.24 7.10 10.53
CA LEU A 52 -4.91 6.62 10.36
C LEU A 52 -4.58 6.61 8.88
N GLN A 53 -3.33 6.86 8.58
CA GLN A 53 -2.87 7.03 7.22
C GLN A 53 -2.85 5.68 6.45
N TYR A 54 -3.14 5.72 5.16
CA TYR A 54 -3.23 4.51 4.37
C TYR A 54 -2.13 4.41 3.34
N VAL A 55 -1.66 3.21 3.17
CA VAL A 55 -0.69 2.90 2.17
C VAL A 55 -1.18 1.65 1.47
N GLY A 56 -0.83 1.47 0.24
CA GLY A 56 -1.26 0.30 -0.48
C GLY A 56 -0.12 -0.48 -1.05
N VAL A 57 -0.29 -1.77 -1.16
CA VAL A 57 0.70 -2.65 -1.74
C VAL A 57 -0.05 -3.56 -2.70
N PHE A 58 0.32 -3.60 -3.96
CA PHE A 58 -0.41 -4.46 -4.90
C PHE A 58 0.30 -4.50 -6.26
N ARG A 59 0.06 -5.54 -7.03
CA ARG A 59 0.54 -5.59 -8.40
C ARG A 59 -0.60 -5.13 -9.27
N ASN A 60 -0.64 -3.87 -9.54
CA ASN A 60 -1.69 -3.30 -10.28
C ASN A 60 -1.15 -3.05 -11.65
N HIS A 61 -1.78 -3.64 -12.57
CA HIS A 61 -1.39 -3.53 -13.97
C HIS A 61 -1.89 -2.23 -14.58
N ASP A 62 -3.02 -1.78 -14.10
CA ASP A 62 -3.65 -0.58 -14.63
C ASP A 62 -3.09 0.64 -13.93
N ILE A 63 -2.32 1.46 -14.64
CA ILE A 63 -1.79 2.70 -14.07
C ILE A 63 -2.90 3.61 -13.60
N ALA A 64 -3.97 3.65 -14.34
CA ALA A 64 -5.07 4.51 -14.03
C ALA A 64 -5.80 4.02 -12.80
N ASP A 65 -5.62 2.76 -12.48
CA ASP A 65 -6.31 2.16 -11.37
C ASP A 65 -5.53 2.40 -10.09
N VAL A 66 -4.20 2.46 -10.22
CA VAL A 66 -3.34 2.81 -9.10
C VAL A 66 -3.68 4.23 -8.70
N VAL A 67 -3.79 5.08 -9.71
CA VAL A 67 -4.14 6.49 -9.52
C VAL A 67 -5.52 6.58 -8.92
N ASP A 68 -6.40 5.72 -9.40
CA ASP A 68 -7.78 5.62 -8.94
C ASP A 68 -7.84 5.45 -7.43
N LYS A 69 -7.20 4.41 -6.93
CA LYS A 69 -7.22 4.12 -5.49
C LYS A 69 -6.46 5.20 -4.71
N ALA A 70 -5.33 5.64 -5.26
CA ALA A 70 -4.47 6.64 -4.65
C ALA A 70 -5.21 7.97 -4.50
N LYS A 71 -6.13 8.23 -5.40
CA LYS A 71 -6.94 9.42 -5.38
C LYS A 71 -8.14 9.24 -4.46
N VAL A 72 -8.97 8.23 -4.75
CA VAL A 72 -10.21 7.97 -4.01
C VAL A 72 -9.96 7.86 -2.52
N LEU A 73 -9.11 6.92 -2.15
CA LEU A 73 -8.80 6.70 -0.75
C LEU A 73 -7.82 7.77 -0.25
N SER A 74 -7.16 8.44 -1.18
CA SER A 74 -6.18 9.48 -0.90
C SER A 74 -5.02 8.94 -0.04
N LEU A 75 -4.19 8.14 -0.68
CA LEU A 75 -3.07 7.46 -0.05
C LEU A 75 -1.88 8.38 0.16
N ALA A 76 -0.80 7.80 0.58
CA ALA A 76 0.43 8.52 0.80
C ALA A 76 1.51 7.84 0.05
N ALA A 77 1.43 6.53 -0.01
CA ALA A 77 2.29 5.77 -0.85
C ALA A 77 1.60 4.52 -1.34
N VAL A 78 2.19 3.92 -2.31
CA VAL A 78 1.72 2.67 -2.87
C VAL A 78 2.94 1.83 -3.24
N GLN A 79 2.91 0.58 -2.92
CA GLN A 79 3.95 -0.29 -3.18
C GLN A 79 3.62 -1.11 -4.36
N LEU A 80 4.30 -0.82 -5.39
CA LEU A 80 4.13 -1.51 -6.59
C LEU A 80 5.09 -2.66 -6.59
N HIS A 81 4.58 -3.83 -6.70
CA HIS A 81 5.46 -4.94 -6.86
C HIS A 81 5.77 -4.98 -8.37
N GLY A 82 6.78 -4.19 -8.70
CA GLY A 82 7.20 -3.79 -10.04
C GLY A 82 7.39 -4.81 -11.13
N ASN A 83 7.33 -6.08 -10.79
CA ASN A 83 7.65 -7.25 -11.66
C ASN A 83 7.17 -7.13 -13.16
N GLU A 84 6.15 -6.33 -13.44
CA GLU A 84 5.67 -6.18 -14.81
C GLU A 84 6.72 -5.58 -15.78
N GLU A 85 7.36 -4.49 -15.40
CA GLU A 85 8.28 -3.78 -16.29
C GLU A 85 8.91 -2.65 -15.49
N GLN A 86 10.14 -2.31 -15.82
CA GLN A 86 10.94 -1.40 -15.03
C GLN A 86 10.57 0.07 -15.23
N LEU A 87 10.28 0.40 -16.44
CA LEU A 87 9.98 1.76 -16.85
C LEU A 87 8.53 2.09 -16.57
N TYR A 88 7.77 1.05 -16.35
CA TYR A 88 6.39 1.18 -16.00
C TYR A 88 6.25 1.93 -14.67
N ILE A 89 7.13 1.66 -13.74
CA ILE A 89 7.12 2.29 -12.43
C ILE A 89 7.36 3.80 -12.58
N ASP A 90 8.19 4.11 -13.55
CA ASP A 90 8.56 5.47 -13.90
C ASP A 90 7.37 6.20 -14.54
N THR A 91 6.43 5.43 -14.98
CA THR A 91 5.25 5.90 -15.61
C THR A 91 4.20 6.31 -14.57
N LEU A 92 4.06 5.48 -13.51
CA LEU A 92 3.13 5.73 -12.41
C LEU A 92 3.32 7.10 -11.86
N ARG A 93 4.58 7.46 -11.73
CA ARG A 93 5.04 8.78 -11.29
C ARG A 93 4.27 9.90 -11.92
N GLU A 94 4.10 9.75 -13.19
CA GLU A 94 3.54 10.80 -14.02
C GLU A 94 2.06 10.97 -13.85
N ALA A 95 1.44 9.93 -13.42
CA ALA A 95 0.01 9.95 -13.18
C ALA A 95 -0.28 10.04 -11.67
N LEU A 96 0.76 10.02 -10.91
CA LEU A 96 0.73 10.07 -9.46
C LEU A 96 0.55 11.51 -9.01
N PRO A 97 -0.41 11.77 -8.10
CA PRO A 97 -0.54 13.08 -7.51
C PRO A 97 0.58 13.29 -6.48
N ALA A 98 0.81 14.53 -6.13
CA ALA A 98 1.93 14.91 -5.26
C ALA A 98 1.81 14.35 -3.85
N HIS A 99 0.60 13.93 -3.49
CA HIS A 99 0.32 13.43 -2.15
C HIS A 99 0.85 12.03 -1.99
N VAL A 100 0.89 11.29 -3.07
CA VAL A 100 1.17 9.93 -3.01
C VAL A 100 2.60 9.68 -3.50
N ALA A 101 3.21 8.69 -2.93
CA ALA A 101 4.53 8.27 -3.29
C ALA A 101 4.47 6.81 -3.72
N ILE A 102 5.56 6.30 -4.19
CA ILE A 102 5.62 4.94 -4.63
C ILE A 102 6.76 4.27 -3.95
N TRP A 103 6.52 3.14 -3.36
CA TRP A 103 7.61 2.44 -2.71
C TRP A 103 7.73 1.08 -3.34
N LYS A 104 8.87 0.50 -3.23
CA LYS A 104 9.09 -0.80 -3.74
C LYS A 104 9.06 -1.80 -2.62
N ALA A 105 8.10 -2.67 -2.69
CA ALA A 105 8.02 -3.79 -1.79
C ALA A 105 9.08 -4.78 -2.25
N LEU A 106 10.20 -4.75 -1.60
CA LEU A 106 11.34 -5.52 -1.98
C LEU A 106 11.30 -6.88 -1.30
N SER A 107 11.18 -7.91 -2.11
CA SER A 107 11.25 -9.26 -1.64
C SER A 107 12.71 -9.62 -1.39
N VAL A 108 13.04 -9.92 -0.16
CA VAL A 108 14.40 -10.26 0.18
C VAL A 108 14.76 -11.66 -0.28
N GLY A 109 15.99 -11.83 -0.69
CA GLY A 109 16.44 -13.10 -1.18
C GLY A 109 17.88 -13.32 -0.81
N GLU A 110 18.53 -14.21 -1.51
CA GLU A 110 19.91 -14.53 -1.25
C GLU A 110 20.79 -13.46 -1.88
N THR A 111 20.46 -13.10 -3.10
CA THR A 111 21.19 -12.11 -3.83
C THR A 111 20.49 -10.75 -3.70
N LEU A 112 21.26 -9.72 -3.44
CA LEU A 112 20.72 -8.39 -3.40
C LEU A 112 20.59 -7.89 -4.84
N PRO A 113 19.42 -7.36 -5.21
CA PRO A 113 19.16 -6.92 -6.59
C PRO A 113 20.10 -5.79 -7.05
N ALA A 114 20.58 -5.92 -8.29
CA ALA A 114 21.44 -4.92 -8.92
C ALA A 114 20.65 -3.64 -9.13
N ARG A 115 19.38 -3.84 -9.36
CA ARG A 115 18.44 -2.78 -9.45
C ARG A 115 17.09 -3.38 -9.14
N GLU A 116 16.23 -2.62 -8.58
CA GLU A 116 14.90 -3.04 -8.39
C GLU A 116 14.12 -2.35 -9.43
N PHE A 117 13.73 -1.14 -9.11
CA PHE A 117 12.99 -0.27 -9.98
C PHE A 117 13.39 1.10 -9.63
N GLN A 118 13.87 1.79 -10.60
CA GLN A 118 14.29 3.15 -10.42
C GLN A 118 13.08 4.05 -10.25
N HIS A 119 13.33 5.24 -9.76
CA HIS A 119 12.33 6.26 -9.58
C HIS A 119 11.28 5.83 -8.52
N VAL A 120 11.75 5.17 -7.50
CA VAL A 120 10.89 4.83 -6.37
C VAL A 120 11.16 5.79 -5.25
N ASP A 121 10.22 5.96 -4.40
CA ASP A 121 10.36 6.93 -3.33
C ASP A 121 11.04 6.33 -2.11
N LYS A 122 10.70 5.12 -1.81
CA LYS A 122 11.23 4.42 -0.63
C LYS A 122 11.13 2.94 -0.93
N TYR A 123 11.84 2.10 -0.22
CA TYR A 123 11.63 0.70 -0.40
C TYR A 123 11.35 0.06 0.93
N VAL A 124 10.50 -0.92 0.91
CA VAL A 124 10.09 -1.61 2.10
C VAL A 124 10.23 -3.09 1.87
N LEU A 125 9.98 -3.87 2.87
CA LEU A 125 10.08 -5.30 2.75
C LEU A 125 8.76 -5.81 2.23
N ASP A 126 8.82 -6.64 1.21
CA ASP A 126 7.61 -7.18 0.61
C ASP A 126 6.89 -8.08 1.58
N ASN A 127 5.76 -7.63 2.03
CA ASN A 127 4.89 -8.41 2.88
C ASN A 127 3.82 -8.98 2.00
N GLY A 128 3.44 -10.19 2.27
CA GLY A 128 2.43 -10.83 1.48
C GLY A 128 2.37 -12.28 1.80
N GLN A 129 1.74 -13.03 0.93
CA GLN A 129 1.58 -14.45 1.14
C GLN A 129 2.19 -15.17 -0.04
N GLY A 130 2.89 -16.23 0.23
CA GLY A 130 3.51 -16.98 -0.81
C GLY A 130 3.67 -18.41 -0.38
N GLY A 131 4.21 -19.22 -1.25
CA GLY A 131 4.39 -20.61 -0.95
C GLY A 131 4.36 -21.43 -2.19
N ALA A 132 5.11 -22.49 -2.19
CA ALA A 132 5.17 -23.40 -3.33
C ALA A 132 4.30 -24.61 -3.07
N GLY A 133 4.00 -24.81 -1.81
CA GLY A 133 3.16 -25.89 -1.40
C GLY A 133 2.83 -25.73 0.06
N SER A 134 1.70 -25.16 0.34
CA SER A 134 1.31 -24.91 1.68
C SER A 134 -0.20 -25.20 1.81
N MET A 1 6.76 -1.81 17.97
CA MET A 1 7.54 -0.61 17.66
C MET A 1 6.66 0.49 17.08
N GLY A 2 6.04 0.21 15.96
CA GLY A 2 5.19 1.18 15.32
C GLY A 2 4.14 0.47 14.55
N GLU A 3 3.69 -0.62 15.11
CA GLU A 3 2.73 -1.43 14.47
C GLU A 3 1.36 -0.92 14.79
N ASN A 4 0.75 -0.39 13.80
CA ASN A 4 -0.58 0.15 13.88
C ASN A 4 -1.18 -0.07 12.52
N LYS A 5 -0.70 -1.14 11.90
CA LYS A 5 -1.09 -1.47 10.57
C LYS A 5 -2.45 -2.11 10.51
N VAL A 6 -3.44 -1.31 10.21
CA VAL A 6 -4.77 -1.79 10.07
C VAL A 6 -4.89 -2.58 8.77
N CYS A 7 -5.03 -3.86 8.94
CA CYS A 7 -5.28 -4.82 7.89
C CYS A 7 -6.81 -4.93 7.82
N GLY A 8 -7.39 -5.63 6.82
CA GLY A 8 -8.83 -5.78 6.80
C GLY A 8 -9.30 -6.28 8.13
N LEU A 9 -10.07 -5.48 8.79
CA LEU A 9 -10.41 -5.71 10.14
C LEU A 9 -11.92 -5.75 10.26
N THR A 10 -12.44 -6.02 11.42
CA THR A 10 -13.84 -6.13 11.56
C THR A 10 -14.33 -5.17 12.63
N ARG A 11 -13.40 -4.45 13.24
CA ARG A 11 -13.76 -3.53 14.27
C ARG A 11 -13.20 -2.15 13.96
N GLY A 12 -14.08 -1.21 13.75
CA GLY A 12 -13.74 0.18 13.57
C GLY A 12 -13.00 0.76 14.74
N GLN A 13 -13.38 0.28 15.87
CA GLN A 13 -12.90 0.69 17.16
C GLN A 13 -11.47 0.22 17.33
N ASP A 14 -11.25 -0.98 16.88
CA ASP A 14 -9.96 -1.62 16.96
C ASP A 14 -9.04 -1.00 15.90
N ALA A 15 -9.65 -0.49 14.86
CA ALA A 15 -8.96 0.23 13.82
C ALA A 15 -8.51 1.60 14.35
N LYS A 16 -9.42 2.30 15.04
CA LYS A 16 -9.08 3.61 15.59
C LYS A 16 -8.07 3.50 16.70
N ALA A 17 -7.99 2.34 17.33
CA ALA A 17 -6.99 2.08 18.36
C ALA A 17 -5.57 2.21 17.79
N ALA A 18 -5.42 1.90 16.51
CA ALA A 18 -4.15 2.01 15.83
C ALA A 18 -3.84 3.48 15.54
N TYR A 19 -4.86 4.19 15.11
CA TYR A 19 -4.77 5.62 14.87
C TYR A 19 -4.59 6.39 16.17
N ASP A 20 -5.17 5.88 17.21
CA ASP A 20 -5.02 6.46 18.53
C ASP A 20 -3.61 6.24 19.05
N ALA A 21 -3.02 5.12 18.63
CA ALA A 21 -1.70 4.75 19.09
C ALA A 21 -0.62 5.57 18.39
N GLY A 22 -0.89 6.08 17.20
CA GLY A 22 0.05 6.91 16.57
C GLY A 22 -0.48 7.56 15.33
N ALA A 23 -1.44 6.89 14.64
CA ALA A 23 -2.00 7.38 13.35
C ALA A 23 -0.89 7.43 12.33
N ILE A 24 0.03 6.53 12.52
CA ILE A 24 1.24 6.47 11.77
C ILE A 24 0.93 6.04 10.37
N TYR A 25 0.36 4.86 10.25
CA TYR A 25 0.02 4.30 8.96
C TYR A 25 -0.71 2.96 9.16
N GLY A 26 -1.41 2.55 8.15
CA GLY A 26 -2.15 1.35 8.17
C GLY A 26 -1.79 0.54 6.96
N GLY A 27 -1.35 -0.65 7.18
CA GLY A 27 -0.91 -1.49 6.11
C GLY A 27 -1.96 -2.47 5.72
N LEU A 28 -2.84 -2.05 4.87
CA LEU A 28 -3.88 -2.88 4.38
C LEU A 28 -3.69 -3.07 2.93
N ILE A 29 -4.14 -4.15 2.45
CA ILE A 29 -4.03 -4.40 1.05
C ILE A 29 -5.30 -4.52 0.37
N PHE A 30 -5.31 -4.06 -0.86
CA PHE A 30 -6.54 -4.01 -1.63
C PHE A 30 -6.86 -5.36 -2.19
N VAL A 31 -7.43 -6.21 -1.41
CA VAL A 31 -7.92 -7.42 -1.94
C VAL A 31 -9.40 -7.30 -1.93
N ALA A 32 -9.95 -7.29 -3.12
CA ALA A 32 -11.35 -7.05 -3.31
C ALA A 32 -12.18 -8.05 -2.58
N THR A 33 -12.97 -7.55 -1.65
CA THR A 33 -13.93 -8.29 -0.86
C THR A 33 -13.27 -9.29 0.11
N SER A 34 -12.07 -8.97 0.55
CA SER A 34 -11.43 -9.78 1.54
C SER A 34 -11.77 -9.18 2.90
N PRO A 35 -11.96 -10.00 3.93
CA PRO A 35 -12.24 -9.49 5.25
C PRO A 35 -10.98 -9.28 6.07
N ARG A 36 -9.84 -9.59 5.48
CA ARG A 36 -8.58 -9.41 6.17
C ARG A 36 -7.68 -8.48 5.35
N CYS A 37 -8.24 -7.93 4.30
CA CYS A 37 -7.55 -7.04 3.41
C CYS A 37 -8.59 -6.06 2.93
N VAL A 38 -8.35 -4.79 3.09
CA VAL A 38 -9.36 -3.84 2.80
C VAL A 38 -9.12 -3.09 1.51
N ASN A 39 -10.19 -2.94 0.76
CA ASN A 39 -10.21 -2.21 -0.49
C ASN A 39 -10.93 -0.92 -0.30
N VAL A 40 -10.90 -0.06 -1.33
CA VAL A 40 -11.45 1.32 -1.25
C VAL A 40 -12.88 1.35 -0.68
N GLU A 41 -13.60 0.31 -0.95
CA GLU A 41 -14.94 0.15 -0.51
C GLU A 41 -15.03 0.12 1.01
N GLN A 42 -14.37 -0.85 1.62
CA GLN A 42 -14.35 -0.95 3.08
C GLN A 42 -13.52 0.18 3.68
N ALA A 43 -12.48 0.59 2.98
CA ALA A 43 -11.60 1.66 3.44
C ALA A 43 -12.35 2.98 3.55
N GLN A 44 -13.44 3.10 2.80
CA GLN A 44 -14.26 4.29 2.80
C GLN A 44 -14.89 4.46 4.20
N GLU A 45 -15.06 3.34 4.89
CA GLU A 45 -15.57 3.32 6.24
C GLU A 45 -14.43 3.60 7.19
N VAL A 46 -13.35 2.86 6.97
CA VAL A 46 -12.19 2.87 7.83
C VAL A 46 -11.52 4.25 7.89
N MET A 47 -11.60 5.00 6.79
CA MET A 47 -11.02 6.36 6.72
C MET A 47 -11.70 7.32 7.68
N ALA A 48 -12.93 7.01 8.06
CA ALA A 48 -13.65 7.84 9.00
C ALA A 48 -13.42 7.31 10.41
N ALA A 49 -13.00 6.07 10.50
CA ALA A 49 -12.76 5.43 11.78
C ALA A 49 -11.36 5.76 12.27
N ALA A 50 -10.36 5.50 11.45
CA ALA A 50 -9.04 5.73 11.79
C ALA A 50 -8.37 6.44 10.65
N PRO A 51 -8.33 7.79 10.68
CA PRO A 51 -7.66 8.60 9.64
C PRO A 51 -6.13 8.48 9.71
N LEU A 52 -5.66 7.27 9.70
CA LEU A 52 -4.27 6.96 9.68
C LEU A 52 -3.79 6.88 8.24
N GLN A 53 -2.50 6.96 8.05
CA GLN A 53 -1.90 6.98 6.74
C GLN A 53 -2.16 5.67 6.01
N TYR A 54 -2.58 5.75 4.80
CA TYR A 54 -2.87 4.54 4.06
C TYR A 54 -1.77 4.25 3.08
N VAL A 55 -1.48 2.98 2.94
CA VAL A 55 -0.48 2.54 2.02
C VAL A 55 -1.04 1.36 1.25
N GLY A 56 -0.78 1.35 -0.02
CA GLY A 56 -1.26 0.28 -0.84
C GLY A 56 -0.15 -0.55 -1.36
N VAL A 57 -0.24 -1.83 -1.19
CA VAL A 57 0.83 -2.73 -1.63
C VAL A 57 0.25 -3.81 -2.50
N PHE A 58 0.48 -3.76 -3.80
CA PHE A 58 -0.05 -4.80 -4.65
C PHE A 58 0.61 -4.82 -5.99
N ARG A 59 0.35 -5.87 -6.70
CA ARG A 59 0.80 -6.03 -8.03
C ARG A 59 -0.26 -5.36 -8.88
N ASN A 60 0.06 -4.21 -9.37
CA ASN A 60 -0.87 -3.46 -10.04
C ASN A 60 -0.67 -3.60 -11.50
N HIS A 61 -1.72 -3.47 -12.14
CA HIS A 61 -1.86 -3.56 -13.55
C HIS A 61 -2.26 -2.22 -14.13
N ASP A 62 -3.44 -1.76 -13.81
CA ASP A 62 -3.93 -0.50 -14.34
C ASP A 62 -3.55 0.67 -13.46
N ILE A 63 -2.81 1.57 -14.06
CA ILE A 63 -2.35 2.79 -13.40
C ILE A 63 -3.52 3.71 -13.05
N ALA A 64 -4.53 3.70 -13.90
CA ALA A 64 -5.67 4.57 -13.72
C ALA A 64 -6.53 4.10 -12.55
N ASP A 65 -6.32 2.86 -12.16
CA ASP A 65 -7.09 2.28 -11.08
C ASP A 65 -6.43 2.63 -9.76
N VAL A 66 -5.12 2.39 -9.67
CA VAL A 66 -4.38 2.63 -8.44
C VAL A 66 -4.38 4.11 -8.07
N VAL A 67 -4.33 4.95 -9.08
CA VAL A 67 -4.31 6.39 -8.86
C VAL A 67 -5.66 6.85 -8.33
N ASP A 68 -6.70 6.16 -8.72
CA ASP A 68 -8.04 6.50 -8.27
C ASP A 68 -8.20 6.12 -6.79
N LYS A 69 -7.63 5.00 -6.41
CA LYS A 69 -7.64 4.56 -5.00
C LYS A 69 -6.83 5.54 -4.17
N ALA A 70 -5.66 5.88 -4.68
CA ALA A 70 -4.75 6.83 -4.05
C ALA A 70 -5.39 8.22 -3.95
N LYS A 71 -6.34 8.45 -4.81
CA LYS A 71 -7.11 9.67 -4.85
C LYS A 71 -8.21 9.62 -3.78
N VAL A 72 -9.08 8.60 -3.91
CA VAL A 72 -10.25 8.45 -3.05
C VAL A 72 -9.89 8.33 -1.58
N LEU A 73 -9.11 7.33 -1.20
CA LEU A 73 -8.71 7.21 0.21
C LEU A 73 -7.60 8.18 0.56
N SER A 74 -7.06 8.85 -0.46
CA SER A 74 -5.89 9.70 -0.34
C SER A 74 -4.72 8.98 0.36
N LEU A 75 -4.11 8.07 -0.38
CA LEU A 75 -3.01 7.28 0.07
C LEU A 75 -1.78 8.14 0.32
N ALA A 76 -0.77 7.54 0.86
CA ALA A 76 0.44 8.27 1.13
C ALA A 76 1.59 7.57 0.50
N ALA A 77 1.55 6.24 0.46
CA ALA A 77 2.49 5.50 -0.34
C ALA A 77 1.79 4.33 -1.01
N VAL A 78 2.37 3.87 -2.08
CA VAL A 78 1.89 2.74 -2.80
C VAL A 78 3.12 1.92 -3.24
N GLN A 79 3.05 0.63 -3.08
CA GLN A 79 4.09 -0.23 -3.43
C GLN A 79 3.81 -0.92 -4.68
N LEU A 80 4.61 -0.67 -5.65
CA LEU A 80 4.47 -1.31 -6.91
C LEU A 80 5.37 -2.50 -7.02
N HIS A 81 4.79 -3.62 -7.38
CA HIS A 81 5.58 -4.78 -7.72
C HIS A 81 5.99 -4.63 -9.15
N GLY A 82 7.19 -4.11 -9.30
CA GLY A 82 7.73 -3.72 -10.58
C GLY A 82 7.88 -4.79 -11.63
N ASN A 83 7.76 -6.05 -11.24
CA ASN A 83 7.95 -7.20 -12.17
C ASN A 83 7.03 -7.10 -13.41
N GLU A 84 5.88 -6.41 -13.27
CA GLU A 84 4.92 -6.21 -14.37
C GLU A 84 5.57 -5.57 -15.61
N GLU A 85 6.35 -4.52 -15.39
CA GLU A 85 7.02 -3.77 -16.45
C GLU A 85 7.91 -2.73 -15.83
N GLN A 86 9.11 -2.60 -16.33
CA GLN A 86 10.17 -1.78 -15.77
C GLN A 86 9.83 -0.29 -15.86
N LEU A 87 9.33 0.05 -16.98
CA LEU A 87 8.99 1.41 -17.35
C LEU A 87 7.68 1.80 -16.75
N TYR A 88 6.92 0.81 -16.38
CA TYR A 88 5.62 1.01 -15.83
C TYR A 88 5.72 1.70 -14.50
N ILE A 89 6.75 1.37 -13.74
CA ILE A 89 6.97 1.97 -12.44
C ILE A 89 7.21 3.45 -12.64
N ASP A 90 7.99 3.74 -13.67
CA ASP A 90 8.35 5.11 -14.02
C ASP A 90 7.11 5.90 -14.46
N THR A 91 6.10 5.17 -14.85
CA THR A 91 4.87 5.71 -15.34
C THR A 91 3.98 6.12 -14.16
N LEU A 92 3.89 5.24 -13.15
CA LEU A 92 3.18 5.53 -11.91
C LEU A 92 3.48 6.92 -11.38
N ARG A 93 4.78 7.31 -11.35
CA ARG A 93 5.20 8.67 -10.87
C ARG A 93 4.50 9.83 -11.59
N GLU A 94 4.03 9.59 -12.77
CA GLU A 94 3.47 10.66 -13.58
C GLU A 94 2.03 10.92 -13.22
N ALA A 95 1.31 9.87 -12.96
CA ALA A 95 -0.10 9.98 -12.60
C ALA A 95 -0.24 10.08 -11.07
N LEU A 96 0.88 10.01 -10.41
CA LEU A 96 0.97 10.05 -8.96
C LEU A 96 0.79 11.47 -8.45
N PRO A 97 -0.22 11.72 -7.61
CA PRO A 97 -0.38 13.01 -6.99
C PRO A 97 0.67 13.19 -5.88
N ALA A 98 0.87 14.41 -5.46
CA ALA A 98 1.93 14.75 -4.49
C ALA A 98 1.68 14.20 -3.09
N HIS A 99 0.51 13.65 -2.87
CA HIS A 99 0.16 13.11 -1.57
C HIS A 99 0.76 11.74 -1.40
N VAL A 100 0.88 11.06 -2.51
CA VAL A 100 1.24 9.72 -2.53
C VAL A 100 2.69 9.56 -2.94
N ALA A 101 3.32 8.58 -2.39
CA ALA A 101 4.67 8.22 -2.69
C ALA A 101 4.68 6.81 -3.25
N ILE A 102 5.78 6.41 -3.77
CA ILE A 102 5.91 5.10 -4.34
C ILE A 102 7.04 4.39 -3.65
N TRP A 103 6.80 3.21 -3.21
CA TRP A 103 7.86 2.43 -2.64
C TRP A 103 7.83 1.17 -3.42
N LYS A 104 8.85 0.40 -3.35
CA LYS A 104 8.81 -0.83 -4.05
C LYS A 104 9.09 -1.91 -3.07
N ALA A 105 8.26 -2.91 -3.10
CA ALA A 105 8.37 -4.02 -2.20
C ALA A 105 9.63 -4.78 -2.52
N LEU A 106 10.61 -4.64 -1.67
CA LEU A 106 11.83 -5.33 -1.84
C LEU A 106 11.55 -6.74 -1.37
N SER A 107 11.22 -7.57 -2.29
CA SER A 107 10.90 -8.91 -2.01
C SER A 107 12.15 -9.73 -1.85
N VAL A 108 12.03 -10.81 -1.12
CA VAL A 108 13.12 -11.73 -0.89
C VAL A 108 13.57 -12.41 -2.18
N GLY A 109 14.78 -12.87 -2.16
CA GLY A 109 15.37 -13.53 -3.28
C GLY A 109 16.78 -13.85 -2.93
N GLU A 110 17.49 -14.42 -3.85
CA GLU A 110 18.89 -14.76 -3.61
C GLU A 110 19.75 -13.54 -3.72
N THR A 111 19.69 -12.88 -4.82
CA THR A 111 20.44 -11.70 -5.05
C THR A 111 19.52 -10.49 -5.12
N LEU A 112 19.75 -9.52 -4.27
CA LEU A 112 18.98 -8.31 -4.27
C LEU A 112 19.76 -7.22 -4.98
N PRO A 113 19.37 -6.90 -6.22
CA PRO A 113 20.10 -5.93 -7.05
C PRO A 113 20.04 -4.51 -6.48
N ALA A 114 21.08 -3.76 -6.75
CA ALA A 114 21.19 -2.40 -6.31
C ALA A 114 20.25 -1.54 -7.12
N ARG A 115 20.24 -1.74 -8.42
CA ARG A 115 19.37 -1.01 -9.28
C ARG A 115 18.54 -1.93 -10.12
N GLU A 116 17.28 -1.78 -9.96
CA GLU A 116 16.30 -2.47 -10.73
C GLU A 116 15.08 -1.61 -10.86
N PHE A 117 14.52 -1.27 -9.76
CA PHE A 117 13.44 -0.32 -9.72
C PHE A 117 13.86 0.81 -8.84
N GLN A 118 14.39 1.82 -9.47
CA GLN A 118 14.94 2.96 -8.78
C GLN A 118 14.04 4.16 -8.96
N HIS A 119 14.39 5.28 -8.33
CA HIS A 119 13.58 6.54 -8.35
C HIS A 119 12.33 6.33 -7.46
N VAL A 120 12.49 5.47 -6.48
CA VAL A 120 11.43 5.21 -5.54
C VAL A 120 11.55 6.15 -4.37
N ASP A 121 10.45 6.39 -3.68
CA ASP A 121 10.44 7.31 -2.55
C ASP A 121 11.11 6.66 -1.36
N LYS A 122 10.83 5.40 -1.16
CA LYS A 122 11.40 4.66 -0.06
C LYS A 122 11.35 3.18 -0.38
N TYR A 123 12.13 2.43 0.31
CA TYR A 123 12.16 1.00 0.21
C TYR A 123 11.37 0.40 1.35
N VAL A 124 10.89 -0.78 1.13
CA VAL A 124 10.13 -1.51 2.11
C VAL A 124 10.23 -2.95 1.72
N LEU A 125 9.85 -3.83 2.56
CA LEU A 125 9.97 -5.25 2.30
C LEU A 125 8.66 -5.80 1.81
N ASP A 126 8.67 -6.99 1.23
CA ASP A 126 7.42 -7.61 0.84
C ASP A 126 6.66 -7.98 2.09
N ASN A 127 5.45 -7.50 2.19
CA ASN A 127 4.63 -7.77 3.38
C ASN A 127 3.91 -9.09 3.26
N GLY A 128 3.85 -9.58 2.05
CA GLY A 128 3.17 -10.79 1.76
C GLY A 128 2.77 -10.78 0.33
N GLN A 129 1.74 -11.50 0.02
CA GLN A 129 1.25 -11.58 -1.33
C GLN A 129 0.39 -10.37 -1.66
N GLY A 130 1.04 -9.28 -2.01
CA GLY A 130 0.35 -8.06 -2.33
C GLY A 130 -0.33 -8.13 -3.66
N GLY A 131 -1.56 -8.57 -3.66
CA GLY A 131 -2.34 -8.66 -4.88
C GLY A 131 -2.04 -9.91 -5.65
N ALA A 132 -1.22 -10.75 -5.06
CA ALA A 132 -0.85 -11.99 -5.66
C ALA A 132 -1.76 -13.09 -5.14
N GLY A 133 -1.56 -14.28 -5.61
CA GLY A 133 -2.43 -15.38 -5.25
C GLY A 133 -3.30 -15.70 -6.42
N SER A 134 -3.76 -14.65 -7.06
CA SER A 134 -4.54 -14.75 -8.24
C SER A 134 -3.83 -13.90 -9.31
N MET A 1 8.65 -5.88 9.81
CA MET A 1 8.27 -4.50 9.52
C MET A 1 6.79 -4.33 9.73
N GLY A 2 6.39 -3.12 10.00
CA GLY A 2 5.02 -2.83 10.24
C GLY A 2 4.86 -2.25 11.60
N GLU A 3 4.45 -1.02 11.66
CA GLU A 3 4.30 -0.37 12.93
C GLU A 3 2.94 -0.68 13.52
N ASN A 4 1.94 -0.03 12.99
CA ASN A 4 0.59 -0.14 13.46
C ASN A 4 -0.25 -0.65 12.32
N LYS A 5 0.43 -1.42 11.47
CA LYS A 5 -0.10 -2.05 10.25
C LYS A 5 -1.45 -2.78 10.45
N VAL A 6 -2.52 -2.09 10.20
CA VAL A 6 -3.81 -2.74 10.21
C VAL A 6 -4.18 -3.27 8.86
N CYS A 7 -4.28 -4.57 8.80
CA CYS A 7 -4.76 -5.30 7.66
C CYS A 7 -6.26 -5.44 7.89
N GLY A 8 -7.03 -5.92 6.89
CA GLY A 8 -8.49 -5.95 6.93
C GLY A 8 -9.10 -6.10 8.30
N LEU A 9 -9.80 -5.08 8.66
CA LEU A 9 -10.43 -4.98 9.92
C LEU A 9 -11.70 -4.24 9.64
N THR A 10 -12.74 -4.51 10.36
CA THR A 10 -13.99 -3.87 10.03
C THR A 10 -14.57 -3.15 11.20
N ARG A 11 -13.95 -3.32 12.34
CA ARG A 11 -14.42 -2.67 13.52
C ARG A 11 -13.65 -1.39 13.71
N GLY A 12 -14.34 -0.28 13.60
CA GLY A 12 -13.74 1.03 13.76
C GLY A 12 -13.11 1.20 15.12
N GLN A 13 -13.68 0.51 16.10
CA GLN A 13 -13.28 0.63 17.50
C GLN A 13 -11.90 0.03 17.63
N ASP A 14 -11.69 -0.92 16.78
CA ASP A 14 -10.54 -1.76 16.78
C ASP A 14 -9.48 -1.14 15.89
N ALA A 15 -9.95 -0.47 14.84
CA ALA A 15 -9.08 0.23 13.91
C ALA A 15 -8.43 1.43 14.59
N LYS A 16 -9.18 2.05 15.52
CA LYS A 16 -8.68 3.20 16.26
C LYS A 16 -7.43 2.86 17.05
N ALA A 17 -7.25 1.58 17.40
CA ALA A 17 -6.08 1.14 18.17
C ALA A 17 -4.78 1.44 17.43
N ALA A 18 -4.81 1.33 16.10
CA ALA A 18 -3.66 1.59 15.28
C ALA A 18 -3.39 3.08 15.24
N TYR A 19 -4.44 3.84 15.08
CA TYR A 19 -4.36 5.28 15.09
C TYR A 19 -3.96 5.78 16.48
N ASP A 20 -4.36 5.06 17.47
CA ASP A 20 -4.05 5.36 18.87
C ASP A 20 -2.55 5.17 19.12
N ALA A 21 -1.95 4.26 18.36
CA ALA A 21 -0.53 3.98 18.47
C ALA A 21 0.31 5.15 17.96
N GLY A 22 -0.25 5.97 17.09
CA GLY A 22 0.48 7.15 16.65
C GLY A 22 -0.12 7.82 15.44
N ALA A 23 -1.20 7.23 14.89
CA ALA A 23 -1.88 7.75 13.68
C ALA A 23 -0.94 7.72 12.49
N ILE A 24 0.07 6.88 12.62
CA ILE A 24 1.14 6.78 11.66
C ILE A 24 0.64 6.35 10.31
N TYR A 25 0.18 5.12 10.22
CA TYR A 25 -0.35 4.59 8.98
C TYR A 25 -1.15 3.31 9.25
N GLY A 26 -1.64 2.70 8.21
CA GLY A 26 -2.30 1.44 8.30
C GLY A 26 -1.87 0.62 7.11
N GLY A 27 -1.66 -0.65 7.30
CA GLY A 27 -1.08 -1.45 6.24
C GLY A 27 -2.02 -2.51 5.78
N LEU A 28 -2.84 -2.17 4.84
CA LEU A 28 -3.82 -3.05 4.31
C LEU A 28 -3.68 -3.13 2.82
N ILE A 29 -4.13 -4.20 2.27
CA ILE A 29 -4.07 -4.37 0.84
C ILE A 29 -5.38 -4.49 0.20
N PHE A 30 -5.39 -4.14 -1.06
CA PHE A 30 -6.63 -4.10 -1.84
C PHE A 30 -6.98 -5.48 -2.32
N VAL A 31 -7.59 -6.26 -1.49
CA VAL A 31 -8.05 -7.55 -1.89
C VAL A 31 -9.40 -7.38 -2.58
N ALA A 32 -9.75 -8.26 -3.47
CA ALA A 32 -11.07 -8.24 -3.97
C ALA A 32 -11.95 -8.93 -2.94
N THR A 33 -12.44 -8.13 -2.02
CA THR A 33 -13.35 -8.53 -0.95
C THR A 33 -12.90 -9.76 -0.08
N SER A 34 -11.91 -9.54 0.79
CA SER A 34 -11.56 -10.49 1.84
C SER A 34 -11.23 -9.70 3.08
N PRO A 35 -11.95 -9.97 4.20
CA PRO A 35 -11.89 -9.16 5.44
C PRO A 35 -10.55 -9.18 6.16
N ARG A 36 -9.54 -9.80 5.59
CA ARG A 36 -8.22 -9.75 6.18
C ARG A 36 -7.38 -8.74 5.44
N CYS A 37 -7.95 -8.13 4.42
CA CYS A 37 -7.35 -7.05 3.73
C CYS A 37 -8.48 -6.04 3.53
N VAL A 38 -8.19 -4.83 3.15
CA VAL A 38 -9.25 -3.88 3.00
C VAL A 38 -9.12 -3.13 1.70
N ASN A 39 -10.22 -2.95 1.07
CA ASN A 39 -10.29 -2.29 -0.20
C ASN A 39 -11.07 -1.04 -0.06
N VAL A 40 -11.06 -0.23 -1.12
CA VAL A 40 -11.69 1.10 -1.15
C VAL A 40 -13.10 1.12 -0.58
N GLU A 41 -13.82 0.03 -0.75
CA GLU A 41 -15.16 -0.11 -0.25
C GLU A 41 -15.19 0.08 1.27
N GLN A 42 -14.39 -0.72 1.94
CA GLN A 42 -14.36 -0.75 3.39
C GLN A 42 -13.50 0.39 3.90
N ALA A 43 -12.46 0.68 3.15
CA ALA A 43 -11.53 1.71 3.50
C ALA A 43 -12.18 3.08 3.54
N GLN A 44 -13.24 3.24 2.75
CA GLN A 44 -13.97 4.51 2.66
C GLN A 44 -14.51 4.89 4.04
N GLU A 45 -14.95 3.87 4.76
CA GLU A 45 -15.52 4.06 6.07
C GLU A 45 -14.43 4.06 7.13
N VAL A 46 -13.50 3.10 7.04
CA VAL A 46 -12.47 2.90 8.06
C VAL A 46 -11.50 4.12 8.13
N MET A 47 -11.37 4.87 7.03
CA MET A 47 -10.51 6.06 6.99
C MET A 47 -11.06 7.17 7.89
N ALA A 48 -12.32 7.07 8.24
CA ALA A 48 -12.95 8.03 9.10
C ALA A 48 -12.88 7.55 10.56
N ALA A 49 -12.73 6.25 10.72
CA ALA A 49 -12.66 5.65 12.05
C ALA A 49 -11.30 5.90 12.67
N ALA A 50 -10.26 5.70 11.89
CA ALA A 50 -8.95 5.92 12.33
C ALA A 50 -8.28 6.77 11.30
N PRO A 51 -8.10 8.07 11.58
CA PRO A 51 -7.51 9.04 10.63
C PRO A 51 -5.98 8.87 10.45
N LEU A 52 -5.57 7.65 10.30
CA LEU A 52 -4.22 7.31 10.07
C LEU A 52 -3.94 7.32 8.56
N GLN A 53 -2.71 7.19 8.20
CA GLN A 53 -2.30 7.22 6.83
C GLN A 53 -2.62 5.90 6.15
N TYR A 54 -3.05 5.93 4.94
CA TYR A 54 -3.32 4.71 4.24
C TYR A 54 -2.30 4.46 3.15
N VAL A 55 -1.89 3.22 3.06
CA VAL A 55 -0.92 2.81 2.10
C VAL A 55 -1.46 1.61 1.38
N GLY A 56 -1.13 1.49 0.13
CA GLY A 56 -1.61 0.39 -0.64
C GLY A 56 -0.52 -0.38 -1.31
N VAL A 57 -0.59 -1.67 -1.22
CA VAL A 57 0.32 -2.54 -1.94
C VAL A 57 -0.54 -3.24 -2.96
N PHE A 58 -0.12 -3.26 -4.20
CA PHE A 58 -0.93 -3.83 -5.24
C PHE A 58 -0.07 -4.19 -6.42
N ARG A 59 -0.47 -5.19 -7.16
CA ARG A 59 0.20 -5.49 -8.39
C ARG A 59 -0.44 -4.60 -9.40
N ASN A 60 0.28 -3.57 -9.78
CA ASN A 60 -0.28 -2.56 -10.60
C ASN A 60 -0.39 -3.04 -11.99
N HIS A 61 -1.56 -3.10 -12.41
CA HIS A 61 -1.88 -3.48 -13.75
C HIS A 61 -2.33 -2.25 -14.53
N ASP A 62 -3.53 -1.78 -14.27
CA ASP A 62 -4.01 -0.57 -14.92
C ASP A 62 -3.66 0.60 -14.07
N ILE A 63 -2.88 1.50 -14.63
CA ILE A 63 -2.41 2.65 -13.90
C ILE A 63 -3.56 3.55 -13.47
N ALA A 64 -4.60 3.60 -14.25
CA ALA A 64 -5.70 4.46 -13.92
C ALA A 64 -6.58 3.83 -12.86
N ASP A 65 -6.37 2.56 -12.61
CA ASP A 65 -7.11 1.84 -11.59
C ASP A 65 -6.48 2.10 -10.25
N VAL A 66 -5.17 2.11 -10.22
CA VAL A 66 -4.46 2.37 -8.99
C VAL A 66 -4.55 3.88 -8.64
N VAL A 67 -4.56 4.73 -9.69
CA VAL A 67 -4.75 6.18 -9.50
C VAL A 67 -6.11 6.43 -8.87
N ASP A 68 -7.10 5.67 -9.31
CA ASP A 68 -8.45 5.72 -8.77
C ASP A 68 -8.45 5.56 -7.25
N LYS A 69 -7.77 4.52 -6.79
CA LYS A 69 -7.72 4.20 -5.36
C LYS A 69 -6.97 5.29 -4.61
N ALA A 70 -5.84 5.71 -5.17
CA ALA A 70 -4.99 6.75 -4.60
C ALA A 70 -5.74 8.06 -4.49
N LYS A 71 -6.63 8.29 -5.42
CA LYS A 71 -7.47 9.47 -5.43
C LYS A 71 -8.59 9.35 -4.41
N VAL A 72 -9.39 8.30 -4.55
CA VAL A 72 -10.59 8.08 -3.72
C VAL A 72 -10.25 8.03 -2.23
N LEU A 73 -9.36 7.13 -1.85
CA LEU A 73 -8.97 7.01 -0.46
C LEU A 73 -7.98 8.08 -0.05
N SER A 74 -7.48 8.83 -1.04
CA SER A 74 -6.43 9.83 -0.85
C SER A 74 -5.25 9.23 -0.08
N LEU A 75 -4.58 8.31 -0.73
CA LEU A 75 -3.50 7.56 -0.17
C LEU A 75 -2.26 8.40 0.02
N ALA A 76 -1.24 7.78 0.56
CA ALA A 76 -0.03 8.49 0.85
C ALA A 76 1.11 7.75 0.26
N ALA A 77 1.06 6.44 0.28
CA ALA A 77 2.02 5.64 -0.40
C ALA A 77 1.37 4.44 -1.05
N VAL A 78 2.00 3.94 -2.06
CA VAL A 78 1.57 2.75 -2.77
C VAL A 78 2.82 1.95 -3.16
N GLN A 79 2.76 0.65 -3.03
CA GLN A 79 3.84 -0.17 -3.33
C GLN A 79 3.73 -0.77 -4.69
N LEU A 80 4.78 -0.63 -5.42
CA LEU A 80 4.83 -1.12 -6.76
C LEU A 80 5.39 -2.51 -6.83
N HIS A 81 4.62 -3.39 -7.43
CA HIS A 81 5.06 -4.72 -7.74
C HIS A 81 5.86 -4.59 -9.04
N GLY A 82 7.16 -4.42 -8.89
CA GLY A 82 8.05 -4.15 -10.02
C GLY A 82 8.04 -5.19 -11.13
N ASN A 83 7.57 -6.37 -10.81
CA ASN A 83 7.48 -7.50 -11.74
C ASN A 83 6.72 -7.17 -13.03
N GLU A 84 5.77 -6.25 -12.95
CA GLU A 84 4.88 -5.99 -14.07
C GLU A 84 5.62 -5.46 -15.30
N GLU A 85 6.46 -4.46 -15.11
CA GLU A 85 7.23 -3.84 -16.16
C GLU A 85 8.12 -2.82 -15.46
N GLN A 86 9.28 -2.54 -16.04
CA GLN A 86 10.30 -1.72 -15.42
C GLN A 86 9.97 -0.24 -15.52
N LEU A 87 9.55 0.16 -16.68
CA LEU A 87 9.32 1.55 -17.01
C LEU A 87 7.95 1.96 -16.55
N TYR A 88 7.10 0.99 -16.40
CA TYR A 88 5.77 1.17 -15.89
C TYR A 88 5.80 1.84 -14.52
N ILE A 89 6.75 1.47 -13.67
CA ILE A 89 6.88 2.06 -12.34
C ILE A 89 7.17 3.54 -12.48
N ASP A 90 7.95 3.86 -13.49
CA ASP A 90 8.34 5.21 -13.81
C ASP A 90 7.13 6.02 -14.31
N THR A 91 6.15 5.31 -14.75
CA THR A 91 4.93 5.84 -15.29
C THR A 91 3.96 6.14 -14.14
N LEU A 92 3.87 5.21 -13.19
CA LEU A 92 3.08 5.41 -11.97
C LEU A 92 3.32 6.75 -11.33
N ARG A 93 4.58 7.11 -11.08
CA ARG A 93 4.85 8.40 -10.38
C ARG A 93 4.49 9.63 -11.18
N GLU A 94 4.20 9.44 -12.41
CA GLU A 94 3.75 10.52 -13.28
C GLU A 94 2.28 10.77 -13.00
N ALA A 95 1.51 9.70 -13.05
CA ALA A 95 0.06 9.79 -12.88
C ALA A 95 -0.33 10.02 -11.43
N LEU A 96 0.53 9.64 -10.57
CA LEU A 96 0.35 9.81 -9.15
C LEU A 96 0.98 11.13 -8.72
N PRO A 97 0.22 11.98 -8.02
CA PRO A 97 0.72 13.26 -7.54
C PRO A 97 1.73 13.06 -6.42
N ALA A 98 2.47 14.09 -6.08
CA ALA A 98 3.51 14.02 -5.06
C ALA A 98 2.92 13.70 -3.68
N HIS A 99 1.61 13.90 -3.57
CA HIS A 99 0.83 13.62 -2.36
C HIS A 99 0.86 12.12 -2.07
N VAL A 100 0.99 11.34 -3.12
CA VAL A 100 1.06 9.96 -3.04
C VAL A 100 2.48 9.56 -3.35
N ALA A 101 3.02 8.69 -2.58
CA ALA A 101 4.35 8.25 -2.77
C ALA A 101 4.35 6.82 -3.21
N ILE A 102 5.47 6.35 -3.59
CA ILE A 102 5.63 5.03 -4.05
C ILE A 102 6.66 4.36 -3.22
N TRP A 103 6.42 3.16 -2.81
CA TRP A 103 7.42 2.42 -2.12
C TRP A 103 7.65 1.16 -2.91
N LYS A 104 8.80 0.58 -2.76
CA LYS A 104 9.10 -0.59 -3.49
C LYS A 104 9.37 -1.71 -2.53
N ALA A 105 8.71 -2.80 -2.77
CA ALA A 105 8.91 -4.00 -1.99
C ALA A 105 10.24 -4.61 -2.38
N LEU A 106 11.22 -4.42 -1.55
CA LEU A 106 12.58 -4.83 -1.79
C LEU A 106 12.67 -6.34 -1.66
N SER A 107 13.04 -6.98 -2.75
CA SER A 107 13.22 -8.42 -2.76
C SER A 107 14.30 -8.82 -1.73
N VAL A 108 13.84 -9.41 -0.66
CA VAL A 108 14.68 -9.77 0.46
C VAL A 108 15.51 -11.02 0.22
N GLY A 109 16.62 -11.06 0.92
CA GLY A 109 17.41 -12.24 1.03
C GLY A 109 18.28 -12.59 -0.14
N GLU A 110 17.67 -13.16 -1.12
CA GLU A 110 18.39 -13.79 -2.21
C GLU A 110 18.70 -12.85 -3.37
N THR A 111 17.70 -12.51 -4.14
CA THR A 111 17.93 -11.72 -5.32
C THR A 111 17.83 -10.22 -5.00
N LEU A 112 18.93 -9.67 -4.57
CA LEU A 112 19.01 -8.28 -4.24
C LEU A 112 20.06 -7.58 -5.12
N PRO A 113 19.61 -6.90 -6.18
CA PRO A 113 20.47 -6.12 -7.06
C PRO A 113 20.75 -4.73 -6.48
N ALA A 114 21.78 -4.06 -7.00
CA ALA A 114 22.18 -2.69 -6.58
C ALA A 114 21.00 -1.73 -6.58
N ARG A 115 20.15 -1.90 -7.53
CA ARG A 115 18.90 -1.21 -7.60
C ARG A 115 17.88 -2.20 -8.06
N GLU A 116 16.66 -1.99 -7.74
CA GLU A 116 15.62 -2.75 -8.34
C GLU A 116 14.84 -1.77 -9.17
N PHE A 117 14.16 -0.90 -8.48
CA PHE A 117 13.41 0.17 -9.07
C PHE A 117 13.53 1.32 -8.12
N GLN A 118 14.01 2.41 -8.59
CA GLN A 118 14.28 3.54 -7.74
C GLN A 118 13.33 4.68 -8.03
N HIS A 119 13.61 5.85 -7.44
CA HIS A 119 12.75 7.03 -7.49
C HIS A 119 11.50 6.77 -6.68
N VAL A 120 11.69 5.91 -5.72
CA VAL A 120 10.66 5.53 -4.81
C VAL A 120 10.92 6.29 -3.52
N ASP A 121 9.90 6.48 -2.75
CA ASP A 121 10.02 7.28 -1.50
C ASP A 121 10.69 6.48 -0.42
N LYS A 122 10.34 5.25 -0.34
CA LYS A 122 10.73 4.40 0.72
C LYS A 122 10.71 2.99 0.19
N TYR A 123 11.33 2.10 0.86
CA TYR A 123 11.32 0.75 0.46
C TYR A 123 10.90 -0.08 1.64
N VAL A 124 10.23 -1.15 1.38
CA VAL A 124 9.76 -2.06 2.40
C VAL A 124 10.20 -3.43 1.99
N LEU A 125 10.01 -4.41 2.82
CA LEU A 125 10.43 -5.76 2.49
C LEU A 125 9.44 -6.42 1.52
N ASP A 126 9.93 -7.34 0.69
CA ASP A 126 9.08 -8.10 -0.23
C ASP A 126 8.14 -9.02 0.55
N ASN A 127 7.01 -8.50 0.90
CA ASN A 127 6.04 -9.18 1.66
C ASN A 127 4.88 -9.59 0.78
N GLY A 128 4.61 -10.86 0.73
CA GLY A 128 3.51 -11.38 -0.01
C GLY A 128 2.42 -11.87 0.91
N GLN A 129 1.64 -10.96 1.43
CA GLN A 129 0.55 -11.32 2.32
C GLN A 129 -0.57 -11.95 1.51
N GLY A 130 -1.24 -12.91 2.11
CA GLY A 130 -2.35 -13.54 1.47
C GLY A 130 -2.33 -15.02 1.71
N GLY A 131 -1.39 -15.69 1.06
CA GLY A 131 -1.28 -17.12 1.20
C GLY A 131 -0.53 -17.50 2.44
N ALA A 132 0.73 -17.18 2.47
CA ALA A 132 1.59 -17.50 3.59
C ALA A 132 2.77 -16.55 3.61
N GLY A 133 3.09 -16.03 4.77
CA GLY A 133 4.24 -15.15 4.88
C GLY A 133 5.52 -15.96 4.98
N SER A 134 5.56 -16.84 5.95
CA SER A 134 6.66 -17.73 6.13
C SER A 134 6.12 -19.03 6.74
N MET A 1 9.97 2.43 14.81
CA MET A 1 9.27 1.44 15.65
C MET A 1 7.82 1.80 15.72
N GLY A 2 6.99 0.90 16.17
CA GLY A 2 5.61 1.21 16.34
C GLY A 2 4.70 0.08 16.00
N GLU A 3 4.26 0.05 14.76
CA GLU A 3 3.26 -0.88 14.26
C GLU A 3 1.88 -0.62 14.85
N ASN A 4 1.03 -0.17 13.97
CA ASN A 4 -0.36 0.17 14.21
C ASN A 4 -1.06 -0.13 12.91
N LYS A 5 -0.58 -1.21 12.33
CA LYS A 5 -0.99 -1.70 11.03
C LYS A 5 -2.41 -2.17 11.04
N VAL A 6 -3.25 -1.42 10.39
CA VAL A 6 -4.59 -1.84 10.19
C VAL A 6 -4.64 -2.69 8.96
N CYS A 7 -4.72 -3.95 9.16
CA CYS A 7 -4.96 -4.94 8.15
C CYS A 7 -6.45 -5.18 8.24
N GLY A 8 -7.04 -5.92 7.28
CA GLY A 8 -8.50 -6.11 7.19
C GLY A 8 -9.19 -6.21 8.52
N LEU A 9 -10.06 -5.27 8.77
CA LEU A 9 -10.69 -5.15 10.03
C LEU A 9 -12.09 -4.62 9.80
N THR A 10 -12.98 -4.85 10.73
CA THR A 10 -14.36 -4.47 10.53
C THR A 10 -14.92 -3.86 11.82
N ARG A 11 -14.02 -3.54 12.71
CA ARG A 11 -14.41 -3.00 13.98
C ARG A 11 -13.88 -1.59 14.05
N GLY A 12 -14.76 -0.63 14.01
CA GLY A 12 -14.37 0.78 14.08
C GLY A 12 -13.57 1.13 15.33
N GLN A 13 -13.92 0.49 16.43
CA GLN A 13 -13.29 0.74 17.73
C GLN A 13 -11.87 0.21 17.70
N ASP A 14 -11.73 -0.88 17.00
CA ASP A 14 -10.50 -1.62 16.94
C ASP A 14 -9.59 -0.96 15.92
N ALA A 15 -10.21 -0.24 15.02
CA ALA A 15 -9.53 0.52 14.00
C ALA A 15 -8.96 1.80 14.60
N LYS A 16 -9.77 2.48 15.41
CA LYS A 16 -9.33 3.71 16.05
C LYS A 16 -8.26 3.47 17.07
N ALA A 17 -8.19 2.26 17.58
CA ALA A 17 -7.15 1.86 18.52
C ALA A 17 -5.76 2.06 17.91
N ALA A 18 -5.63 1.76 16.63
CA ALA A 18 -4.36 1.92 15.93
C ALA A 18 -4.05 3.39 15.71
N TYR A 19 -5.10 4.15 15.45
CA TYR A 19 -4.99 5.58 15.29
C TYR A 19 -4.68 6.24 16.63
N ASP A 20 -5.21 5.66 17.65
CA ASP A 20 -4.95 6.09 19.02
C ASP A 20 -3.50 5.82 19.40
N ALA A 21 -2.94 4.76 18.83
CA ALA A 21 -1.56 4.37 19.12
C ALA A 21 -0.56 5.32 18.48
N GLY A 22 -0.97 6.02 17.43
CA GLY A 22 -0.12 7.00 16.86
C GLY A 22 -0.69 7.59 15.59
N ALA A 23 -1.66 6.87 14.93
CA ALA A 23 -2.27 7.32 13.66
C ALA A 23 -1.20 7.45 12.62
N ILE A 24 -0.21 6.63 12.76
CA ILE A 24 0.97 6.70 11.98
C ILE A 24 0.68 6.28 10.57
N TYR A 25 0.24 5.04 10.43
CA TYR A 25 -0.03 4.43 9.15
C TYR A 25 -0.56 3.01 9.39
N GLY A 26 -1.36 2.53 8.49
CA GLY A 26 -1.92 1.23 8.58
C GLY A 26 -1.49 0.40 7.40
N GLY A 27 -1.04 -0.78 7.66
CA GLY A 27 -0.57 -1.63 6.60
C GLY A 27 -1.65 -2.54 6.09
N LEU A 28 -2.49 -2.01 5.22
CA LEU A 28 -3.53 -2.76 4.60
C LEU A 28 -3.29 -2.88 3.15
N ILE A 29 -3.76 -3.92 2.60
CA ILE A 29 -3.60 -4.15 1.17
C ILE A 29 -4.98 -4.23 0.48
N PHE A 30 -5.05 -3.94 -0.83
CA PHE A 30 -6.34 -3.98 -1.54
C PHE A 30 -6.66 -5.40 -1.95
N VAL A 31 -6.97 -6.25 -1.02
CA VAL A 31 -7.36 -7.59 -1.36
C VAL A 31 -8.87 -7.66 -1.41
N ALA A 32 -9.38 -7.98 -2.59
CA ALA A 32 -10.80 -7.96 -2.94
C ALA A 32 -11.71 -8.58 -1.89
N THR A 33 -12.27 -7.70 -1.06
CA THR A 33 -13.28 -8.02 -0.04
C THR A 33 -12.82 -9.08 0.95
N SER A 34 -11.51 -9.22 1.10
CA SER A 34 -10.98 -10.22 1.96
C SER A 34 -10.52 -9.55 3.21
N PRO A 35 -11.21 -9.82 4.36
CA PRO A 35 -10.98 -9.13 5.66
C PRO A 35 -9.64 -9.44 6.31
N ARG A 36 -8.73 -9.90 5.53
CA ARG A 36 -7.37 -10.05 5.92
C ARG A 36 -6.66 -8.75 5.54
N CYS A 37 -7.28 -8.05 4.59
CA CYS A 37 -6.78 -6.79 4.11
C CYS A 37 -7.99 -5.88 3.88
N VAL A 38 -7.78 -4.63 3.54
CA VAL A 38 -8.91 -3.77 3.36
C VAL A 38 -8.76 -2.95 2.10
N ASN A 39 -9.83 -2.86 1.39
CA ASN A 39 -9.89 -2.14 0.15
C ASN A 39 -10.59 -0.86 0.33
N VAL A 40 -10.48 0.01 -0.67
CA VAL A 40 -11.01 1.37 -0.66
C VAL A 40 -12.46 1.43 -0.19
N GLU A 41 -13.20 0.43 -0.53
CA GLU A 41 -14.56 0.31 -0.18
C GLU A 41 -14.77 0.26 1.34
N GLN A 42 -14.11 -0.69 2.01
CA GLN A 42 -14.18 -0.77 3.47
C GLN A 42 -13.45 0.41 4.09
N ALA A 43 -12.30 0.74 3.53
CA ALA A 43 -11.46 1.80 4.05
C ALA A 43 -12.14 3.16 3.97
N GLN A 44 -13.15 3.28 3.12
CA GLN A 44 -13.93 4.51 2.98
C GLN A 44 -14.64 4.79 4.31
N GLU A 45 -14.98 3.73 4.99
CA GLU A 45 -15.63 3.80 6.28
C GLU A 45 -14.59 3.92 7.36
N VAL A 46 -13.56 3.10 7.25
CA VAL A 46 -12.53 3.01 8.25
C VAL A 46 -11.74 4.35 8.38
N MET A 47 -11.57 5.06 7.26
CA MET A 47 -10.86 6.36 7.25
C MET A 47 -11.61 7.39 8.09
N ALA A 48 -12.92 7.20 8.23
CA ALA A 48 -13.74 8.09 9.02
C ALA A 48 -13.65 7.71 10.49
N ALA A 49 -13.32 6.46 10.73
CA ALA A 49 -13.18 5.95 12.07
C ALA A 49 -11.82 6.31 12.63
N ALA A 50 -10.79 5.99 11.89
CA ALA A 50 -9.47 6.22 12.29
C ALA A 50 -8.77 6.94 11.17
N PRO A 51 -8.54 8.25 11.32
CA PRO A 51 -7.84 9.05 10.30
C PRO A 51 -6.33 8.81 10.30
N LEU A 52 -5.96 7.54 10.31
CA LEU A 52 -4.59 7.13 10.21
C LEU A 52 -4.21 7.06 8.77
N GLN A 53 -2.96 6.93 8.49
CA GLN A 53 -2.50 6.90 7.15
C GLN A 53 -2.72 5.52 6.49
N TYR A 54 -3.10 5.50 5.23
CA TYR A 54 -3.39 4.27 4.50
C TYR A 54 -2.38 4.05 3.40
N VAL A 55 -2.07 2.81 3.15
CA VAL A 55 -1.12 2.45 2.13
C VAL A 55 -1.74 1.32 1.32
N GLY A 56 -1.22 1.04 0.16
CA GLY A 56 -1.73 -0.07 -0.61
C GLY A 56 -0.65 -0.85 -1.27
N VAL A 57 -0.87 -2.12 -1.44
CA VAL A 57 0.04 -2.98 -2.19
C VAL A 57 -0.80 -3.63 -3.26
N PHE A 58 -0.31 -3.76 -4.46
CA PHE A 58 -1.08 -4.43 -5.49
C PHE A 58 -0.20 -4.72 -6.70
N ARG A 59 -0.61 -5.68 -7.50
CA ARG A 59 0.04 -5.92 -8.75
C ARG A 59 -0.58 -4.98 -9.74
N ASN A 60 0.04 -3.87 -9.90
CA ASN A 60 -0.46 -2.81 -10.67
C ASN A 60 -0.24 -3.08 -12.09
N HIS A 61 -1.31 -3.15 -12.74
CA HIS A 61 -1.36 -3.28 -14.16
C HIS A 61 -1.85 -1.94 -14.69
N ASP A 62 -3.06 -1.59 -14.27
CA ASP A 62 -3.69 -0.35 -14.67
C ASP A 62 -3.26 0.79 -13.81
N ILE A 63 -2.51 1.69 -14.40
CA ILE A 63 -2.03 2.86 -13.72
C ILE A 63 -3.20 3.78 -13.33
N ALA A 64 -4.24 3.78 -14.14
CA ALA A 64 -5.39 4.62 -13.91
C ALA A 64 -6.15 4.13 -12.69
N ASP A 65 -5.96 2.89 -12.36
CA ASP A 65 -6.66 2.29 -11.24
C ASP A 65 -5.92 2.63 -9.98
N VAL A 66 -4.60 2.70 -10.09
CA VAL A 66 -3.75 3.10 -8.99
C VAL A 66 -4.09 4.53 -8.64
N VAL A 67 -4.25 5.36 -9.68
CA VAL A 67 -4.63 6.78 -9.51
C VAL A 67 -5.97 6.86 -8.81
N ASP A 68 -6.90 6.03 -9.27
CA ASP A 68 -8.24 5.92 -8.72
C ASP A 68 -8.20 5.69 -7.21
N LYS A 69 -7.59 4.60 -6.81
CA LYS A 69 -7.54 4.20 -5.39
C LYS A 69 -6.76 5.20 -4.56
N ALA A 70 -5.64 5.66 -5.09
CA ALA A 70 -4.78 6.59 -4.40
C ALA A 70 -5.47 7.93 -4.18
N LYS A 71 -6.35 8.30 -5.09
CA LYS A 71 -7.10 9.53 -4.98
C LYS A 71 -8.26 9.35 -4.02
N VAL A 72 -9.12 8.38 -4.33
CA VAL A 72 -10.35 8.11 -3.57
C VAL A 72 -10.08 7.93 -2.08
N LEU A 73 -9.21 7.00 -1.75
CA LEU A 73 -8.91 6.76 -0.35
C LEU A 73 -7.89 7.80 0.17
N SER A 74 -7.22 8.48 -0.76
CA SER A 74 -6.18 9.46 -0.46
C SER A 74 -5.04 8.81 0.35
N LEU A 75 -4.24 8.03 -0.37
CA LEU A 75 -3.17 7.24 0.20
C LEU A 75 -1.88 8.04 0.33
N ALA A 76 -0.79 7.34 0.62
CA ALA A 76 0.51 7.97 0.76
C ALA A 76 1.48 7.28 -0.08
N ALA A 77 1.38 5.97 -0.10
CA ALA A 77 2.22 5.17 -0.91
C ALA A 77 1.46 3.99 -1.41
N VAL A 78 1.97 3.41 -2.42
CA VAL A 78 1.44 2.20 -2.99
C VAL A 78 2.58 1.31 -3.40
N GLN A 79 2.46 0.06 -3.13
CA GLN A 79 3.45 -0.86 -3.42
C GLN A 79 3.16 -1.55 -4.67
N LEU A 80 4.06 -1.43 -5.54
CA LEU A 80 3.95 -2.00 -6.80
C LEU A 80 4.97 -3.11 -6.79
N HIS A 81 4.61 -4.25 -7.30
CA HIS A 81 5.59 -5.27 -7.54
C HIS A 81 6.30 -4.84 -8.83
N GLY A 82 7.22 -3.89 -8.66
CA GLY A 82 7.88 -3.16 -9.74
C GLY A 82 8.54 -3.99 -10.80
N ASN A 83 8.68 -5.26 -10.54
CA ASN A 83 9.33 -6.22 -11.42
C ASN A 83 8.70 -6.25 -12.82
N GLU A 84 7.43 -5.84 -12.91
CA GLU A 84 6.64 -5.83 -14.14
C GLU A 84 7.38 -5.18 -15.32
N GLU A 85 7.93 -4.00 -15.10
CA GLU A 85 8.67 -3.24 -16.10
C GLU A 85 9.17 -2.01 -15.40
N GLN A 86 10.29 -1.51 -15.82
CA GLN A 86 11.03 -0.49 -15.10
C GLN A 86 10.42 0.86 -15.28
N LEU A 87 10.19 1.15 -16.51
CA LEU A 87 9.72 2.44 -16.95
C LEU A 87 8.29 2.64 -16.54
N TYR A 88 7.67 1.54 -16.23
CA TYR A 88 6.35 1.53 -15.71
C TYR A 88 6.31 2.30 -14.40
N ILE A 89 7.26 2.05 -13.53
CA ILE A 89 7.34 2.74 -12.24
C ILE A 89 7.51 4.23 -12.48
N ASP A 90 8.30 4.53 -13.49
CA ASP A 90 8.61 5.90 -13.89
C ASP A 90 7.33 6.58 -14.42
N THR A 91 6.39 5.78 -14.81
CA THR A 91 5.13 6.21 -15.36
C THR A 91 4.13 6.57 -14.22
N LEU A 92 4.09 5.73 -13.17
CA LEU A 92 3.24 5.94 -11.99
C LEU A 92 3.38 7.33 -11.44
N ARG A 93 4.62 7.81 -11.46
CA ARG A 93 4.98 9.11 -10.90
C ARG A 93 4.21 10.21 -11.56
N GLU A 94 3.98 10.00 -12.80
CA GLU A 94 3.41 11.02 -13.66
C GLU A 94 1.89 11.14 -13.44
N ALA A 95 1.26 10.02 -13.24
CA ALA A 95 -0.20 10.02 -13.06
C ALA A 95 -0.62 10.21 -11.62
N LEU A 96 0.28 9.97 -10.74
CA LEU A 96 0.03 10.11 -9.31
C LEU A 96 0.52 11.46 -8.83
N PRO A 97 -0.23 12.08 -7.91
CA PRO A 97 0.19 13.34 -7.31
C PRO A 97 1.35 13.10 -6.35
N ALA A 98 1.99 14.18 -5.97
CA ALA A 98 3.18 14.17 -5.09
C ALA A 98 2.85 13.61 -3.70
N HIS A 99 1.58 13.46 -3.44
CA HIS A 99 1.11 12.98 -2.15
C HIS A 99 1.25 11.46 -2.10
N VAL A 100 1.18 10.83 -3.27
CA VAL A 100 1.22 9.43 -3.37
C VAL A 100 2.58 8.99 -3.86
N ALA A 101 3.16 8.11 -3.13
CA ALA A 101 4.45 7.60 -3.40
C ALA A 101 4.35 6.15 -3.82
N ILE A 102 5.43 5.59 -4.25
CA ILE A 102 5.45 4.25 -4.72
C ILE A 102 6.55 3.51 -4.01
N TRP A 103 6.25 2.38 -3.46
CA TRP A 103 7.32 1.57 -2.88
C TRP A 103 7.39 0.28 -3.66
N LYS A 104 8.53 -0.35 -3.64
CA LYS A 104 8.70 -1.57 -4.35
C LYS A 104 8.58 -2.69 -3.37
N ALA A 105 7.53 -3.47 -3.55
CA ALA A 105 7.31 -4.63 -2.74
C ALA A 105 8.34 -5.66 -3.13
N LEU A 106 9.32 -5.82 -2.30
CA LEU A 106 10.40 -6.67 -2.56
C LEU A 106 10.08 -8.08 -2.16
N SER A 107 9.76 -8.88 -3.13
CA SER A 107 9.63 -10.28 -2.92
C SER A 107 11.04 -10.79 -2.69
N VAL A 108 11.21 -11.65 -1.70
CA VAL A 108 12.52 -12.10 -1.24
C VAL A 108 13.44 -12.63 -2.34
N GLY A 109 14.70 -12.36 -2.16
CA GLY A 109 15.70 -12.76 -3.09
C GLY A 109 16.96 -11.97 -2.87
N GLU A 110 18.06 -12.68 -2.85
CA GLU A 110 19.38 -12.10 -2.71
C GLU A 110 20.03 -12.03 -4.07
N THR A 111 19.46 -12.79 -5.00
CA THR A 111 19.90 -12.87 -6.37
C THR A 111 19.27 -11.70 -7.20
N LEU A 112 18.94 -10.64 -6.51
CA LEU A 112 18.33 -9.48 -7.10
C LEU A 112 19.33 -8.33 -7.07
N PRO A 113 19.17 -7.32 -7.92
CA PRO A 113 20.06 -6.17 -7.94
C PRO A 113 19.71 -5.18 -6.84
N ALA A 114 20.67 -4.37 -6.44
CA ALA A 114 20.47 -3.37 -5.40
C ALA A 114 19.71 -2.17 -5.97
N ARG A 115 19.91 -1.92 -7.23
CA ARG A 115 19.16 -0.91 -7.93
C ARG A 115 18.37 -1.60 -9.01
N GLU A 116 17.12 -1.31 -9.07
CA GLU A 116 16.27 -1.97 -10.02
C GLU A 116 15.39 -0.98 -10.69
N PHE A 117 14.61 -0.32 -9.87
CA PHE A 117 13.60 0.57 -10.34
C PHE A 117 13.81 1.89 -9.72
N GLN A 118 14.17 2.84 -10.53
CA GLN A 118 14.34 4.17 -10.11
C GLN A 118 12.94 4.78 -10.00
N HIS A 119 12.87 5.92 -9.38
CA HIS A 119 11.61 6.61 -9.12
C HIS A 119 10.73 5.84 -8.14
N VAL A 120 11.34 5.09 -7.26
CA VAL A 120 10.59 4.50 -6.17
C VAL A 120 10.86 5.31 -4.91
N ASP A 121 9.91 5.36 -4.05
CA ASP A 121 10.03 6.16 -2.83
C ASP A 121 10.74 5.39 -1.72
N LYS A 122 10.40 4.13 -1.57
CA LYS A 122 10.98 3.24 -0.54
C LYS A 122 10.92 1.79 -0.97
N TYR A 123 11.71 0.97 -0.31
CA TYR A 123 11.68 -0.46 -0.49
C TYR A 123 11.08 -1.11 0.72
N VAL A 124 10.22 -2.06 0.51
CA VAL A 124 9.58 -2.76 1.61
C VAL A 124 9.52 -4.23 1.30
N LEU A 125 9.28 -5.02 2.29
CA LEU A 125 9.21 -6.45 2.15
C LEU A 125 7.81 -6.84 1.66
N ASP A 126 7.75 -7.91 0.89
CA ASP A 126 6.49 -8.52 0.47
C ASP A 126 5.68 -8.88 1.71
N ASN A 127 4.69 -8.09 2.00
CA ASN A 127 3.88 -8.30 3.14
C ASN A 127 2.89 -9.40 2.88
N GLY A 128 3.28 -10.58 3.24
CA GLY A 128 2.46 -11.72 3.09
C GLY A 128 3.28 -12.96 3.23
N GLN A 129 4.26 -13.11 2.33
CA GLN A 129 5.22 -14.24 2.31
C GLN A 129 4.52 -15.58 1.96
N GLY A 130 3.24 -15.51 1.66
CA GLY A 130 2.49 -16.70 1.32
C GLY A 130 2.36 -16.83 -0.17
N GLY A 131 2.58 -18.01 -0.67
CA GLY A 131 2.52 -18.23 -2.10
C GLY A 131 3.89 -18.15 -2.70
N ALA A 132 4.84 -17.79 -1.87
CA ALA A 132 6.21 -17.66 -2.27
C ALA A 132 7.06 -18.31 -1.20
N GLY A 133 7.61 -19.44 -1.53
CA GLY A 133 8.39 -20.19 -0.61
C GLY A 133 8.38 -21.63 -0.99
N SER A 134 9.11 -22.43 -0.28
CA SER A 134 9.21 -23.83 -0.56
C SER A 134 8.00 -24.56 0.06
N MET A 1 7.11 -1.20 19.59
CA MET A 1 6.06 -0.76 18.68
C MET A 1 6.68 -0.30 17.36
N GLY A 2 6.82 -1.20 16.42
CA GLY A 2 7.40 -0.87 15.16
C GLY A 2 6.35 -0.51 14.16
N GLU A 3 5.47 -1.43 13.89
CA GLU A 3 4.40 -1.22 12.96
C GLU A 3 3.06 -1.16 13.66
N ASN A 4 2.05 -0.86 12.90
CA ASN A 4 0.67 -0.74 13.34
C ASN A 4 -0.17 -1.06 12.12
N LYS A 5 0.24 -2.10 11.45
CA LYS A 5 -0.33 -2.54 10.20
C LYS A 5 -1.79 -3.08 10.35
N VAL A 6 -2.73 -2.20 10.09
CA VAL A 6 -4.13 -2.57 10.09
C VAL A 6 -4.54 -3.26 8.78
N CYS A 7 -4.70 -4.55 8.88
CA CYS A 7 -5.14 -5.40 7.80
C CYS A 7 -6.65 -5.58 7.94
N GLY A 8 -7.31 -6.15 6.91
CA GLY A 8 -8.77 -6.25 6.81
C GLY A 8 -9.52 -6.37 8.10
N LEU A 9 -10.21 -5.31 8.40
CA LEU A 9 -11.02 -5.15 9.54
C LEU A 9 -11.70 -3.82 9.26
N THR A 10 -12.92 -3.63 9.70
CA THR A 10 -13.60 -2.39 9.34
C THR A 10 -14.32 -1.81 10.56
N ARG A 11 -14.27 -2.54 11.65
CA ARG A 11 -14.81 -2.07 12.89
C ARG A 11 -13.93 -0.93 13.36
N GLY A 12 -14.48 0.25 13.35
CA GLY A 12 -13.80 1.50 13.72
C GLY A 12 -13.01 1.39 14.99
N GLN A 13 -13.69 1.04 16.05
CA GLN A 13 -13.11 0.82 17.36
C GLN A 13 -11.99 -0.25 17.38
N ASP A 14 -11.94 -1.10 16.38
CA ASP A 14 -10.89 -2.12 16.31
C ASP A 14 -9.74 -1.55 15.51
N ALA A 15 -10.10 -0.94 14.40
CA ALA A 15 -9.15 -0.34 13.47
C ALA A 15 -8.37 0.80 14.15
N LYS A 16 -9.04 1.50 15.08
CA LYS A 16 -8.44 2.61 15.79
C LYS A 16 -7.24 2.18 16.62
N ALA A 17 -7.16 0.89 16.98
CA ALA A 17 -6.03 0.38 17.77
C ALA A 17 -4.70 0.63 17.05
N ALA A 18 -4.72 0.56 15.73
CA ALA A 18 -3.55 0.78 14.92
C ALA A 18 -3.26 2.28 14.84
N TYR A 19 -4.29 3.07 14.76
CA TYR A 19 -4.17 4.52 14.72
C TYR A 19 -3.73 5.04 16.07
N ASP A 20 -4.22 4.42 17.10
CA ASP A 20 -3.92 4.76 18.50
C ASP A 20 -2.41 4.70 18.77
N ALA A 21 -1.72 3.88 17.98
CA ALA A 21 -0.27 3.74 18.05
C ALA A 21 0.44 5.05 17.63
N GLY A 22 -0.24 5.88 16.85
CA GLY A 22 0.36 7.15 16.48
C GLY A 22 -0.03 7.61 15.09
N ALA A 23 -1.13 7.05 14.55
CA ALA A 23 -1.67 7.39 13.21
C ALA A 23 -0.61 7.22 12.11
N ILE A 24 0.36 6.35 12.39
CA ILE A 24 1.54 6.17 11.55
C ILE A 24 1.20 5.79 10.11
N TYR A 25 0.67 4.61 9.95
CA TYR A 25 0.37 4.04 8.66
C TYR A 25 -0.36 2.74 8.88
N GLY A 26 -1.13 2.33 7.93
CA GLY A 26 -1.86 1.12 8.02
C GLY A 26 -1.49 0.22 6.89
N GLY A 27 -1.19 -1.02 7.21
CA GLY A 27 -0.77 -1.96 6.21
C GLY A 27 -1.91 -2.81 5.76
N LEU A 28 -2.61 -2.35 4.78
CA LEU A 28 -3.76 -3.00 4.26
C LEU A 28 -3.58 -3.22 2.79
N ILE A 29 -4.15 -4.25 2.30
CA ILE A 29 -4.14 -4.50 0.89
C ILE A 29 -5.49 -4.51 0.32
N PHE A 30 -5.56 -4.28 -0.97
CA PHE A 30 -6.83 -4.16 -1.65
C PHE A 30 -7.36 -5.49 -2.11
N VAL A 31 -8.09 -6.18 -1.27
CA VAL A 31 -8.79 -7.35 -1.72
C VAL A 31 -10.25 -7.15 -1.43
N ALA A 32 -11.03 -7.10 -2.49
CA ALA A 32 -12.43 -6.78 -2.46
C ALA A 32 -13.23 -7.67 -1.53
N THR A 33 -13.73 -7.07 -0.48
CA THR A 33 -14.66 -7.66 0.50
C THR A 33 -14.07 -8.84 1.28
N SER A 34 -12.77 -8.89 1.36
CA SER A 34 -12.14 -9.92 2.11
C SER A 34 -12.03 -9.47 3.57
N PRO A 35 -12.07 -10.38 4.54
CA PRO A 35 -11.95 -10.01 5.94
C PRO A 35 -10.51 -10.02 6.41
N ARG A 36 -9.61 -10.07 5.46
CA ARG A 36 -8.21 -10.08 5.73
C ARG A 36 -7.54 -8.87 5.09
N CYS A 37 -8.30 -8.15 4.29
CA CYS A 37 -7.79 -7.03 3.54
C CYS A 37 -8.88 -5.98 3.45
N VAL A 38 -8.57 -4.83 2.93
CA VAL A 38 -9.54 -3.78 2.83
C VAL A 38 -9.38 -3.09 1.50
N ASN A 39 -10.46 -2.82 0.91
CA ASN A 39 -10.50 -2.17 -0.36
C ASN A 39 -10.89 -0.76 -0.15
N VAL A 40 -10.67 0.06 -1.16
CA VAL A 40 -10.89 1.50 -1.09
C VAL A 40 -12.31 1.83 -0.56
N GLU A 41 -13.26 0.99 -0.92
CA GLU A 41 -14.63 1.13 -0.57
C GLU A 41 -14.86 0.93 0.94
N GLN A 42 -14.15 -0.03 1.55
CA GLN A 42 -14.23 -0.20 3.00
C GLN A 42 -13.57 1.01 3.64
N ALA A 43 -12.38 1.25 3.15
CA ALA A 43 -11.41 2.17 3.70
C ALA A 43 -11.90 3.59 3.84
N GLN A 44 -12.77 4.03 2.94
CA GLN A 44 -13.25 5.34 2.97
C GLN A 44 -14.04 5.66 4.22
N GLU A 45 -14.70 4.67 4.73
CA GLU A 45 -15.44 4.80 5.98
C GLU A 45 -14.48 4.66 7.14
N VAL A 46 -13.53 3.78 6.97
CA VAL A 46 -12.52 3.46 7.97
C VAL A 46 -11.60 4.67 8.23
N MET A 47 -11.36 5.49 7.21
CA MET A 47 -10.49 6.67 7.35
C MET A 47 -11.11 7.73 8.26
N ALA A 48 -12.40 7.62 8.48
CA ALA A 48 -13.08 8.53 9.37
C ALA A 48 -13.16 7.91 10.76
N ALA A 49 -12.70 6.68 10.88
CA ALA A 49 -12.73 5.95 12.12
C ALA A 49 -11.34 5.94 12.75
N ALA A 50 -10.32 5.78 11.93
CA ALA A 50 -8.99 5.79 12.36
C ALA A 50 -8.20 6.58 11.34
N PRO A 51 -7.92 7.86 11.62
CA PRO A 51 -7.17 8.74 10.70
C PRO A 51 -5.69 8.38 10.60
N LEU A 52 -5.43 7.18 10.18
CA LEU A 52 -4.09 6.70 9.94
C LEU A 52 -3.81 6.73 8.44
N GLN A 53 -2.55 6.64 8.08
CA GLN A 53 -2.16 6.64 6.68
C GLN A 53 -2.53 5.31 6.02
N TYR A 54 -2.89 5.36 4.77
CA TYR A 54 -3.20 4.17 4.03
C TYR A 54 -2.18 3.97 2.95
N VAL A 55 -1.82 2.74 2.75
CA VAL A 55 -0.87 2.39 1.76
C VAL A 55 -1.40 1.20 0.98
N GLY A 56 -1.12 1.19 -0.28
CA GLY A 56 -1.50 0.06 -1.09
C GLY A 56 -0.31 -0.70 -1.51
N VAL A 57 -0.37 -1.99 -1.36
CA VAL A 57 0.78 -2.80 -1.67
C VAL A 57 0.35 -4.09 -2.37
N PHE A 58 0.54 -4.15 -3.64
CA PHE A 58 0.02 -5.29 -4.38
C PHE A 58 0.64 -5.26 -5.76
N ARG A 59 0.32 -6.22 -6.56
CA ARG A 59 0.69 -6.15 -7.93
C ARG A 59 -0.40 -5.39 -8.63
N ASN A 60 -0.20 -4.11 -8.75
CA ASN A 60 -1.11 -3.27 -9.37
C ASN A 60 -0.79 -3.26 -10.80
N HIS A 61 -1.72 -3.71 -11.50
CA HIS A 61 -1.59 -3.91 -12.92
C HIS A 61 -1.91 -2.63 -13.66
N ASP A 62 -3.13 -2.17 -13.54
CA ASP A 62 -3.54 -0.99 -14.25
C ASP A 62 -3.27 0.25 -13.44
N ILE A 63 -2.54 1.16 -14.03
CA ILE A 63 -2.22 2.42 -13.42
C ILE A 63 -3.49 3.22 -13.19
N ALA A 64 -4.45 3.10 -14.09
CA ALA A 64 -5.69 3.85 -14.02
C ALA A 64 -6.55 3.35 -12.85
N ASP A 65 -6.26 2.13 -12.43
CA ASP A 65 -6.99 1.51 -11.35
C ASP A 65 -6.41 1.91 -10.02
N VAL A 66 -5.09 1.97 -9.98
CA VAL A 66 -4.42 2.33 -8.76
C VAL A 66 -4.49 3.85 -8.50
N VAL A 67 -4.50 4.66 -9.59
CA VAL A 67 -4.71 6.11 -9.47
C VAL A 67 -6.05 6.34 -8.81
N ASP A 68 -7.02 5.55 -9.23
CA ASP A 68 -8.37 5.58 -8.72
C ASP A 68 -8.40 5.43 -7.20
N LYS A 69 -7.72 4.43 -6.70
CA LYS A 69 -7.73 4.13 -5.27
C LYS A 69 -6.98 5.22 -4.51
N ALA A 70 -5.84 5.64 -5.07
CA ALA A 70 -5.00 6.67 -4.49
C ALA A 70 -5.70 8.01 -4.48
N LYS A 71 -6.65 8.15 -5.36
CA LYS A 71 -7.47 9.32 -5.46
C LYS A 71 -8.63 9.24 -4.46
N VAL A 72 -9.47 8.22 -4.63
CA VAL A 72 -10.69 8.03 -3.85
C VAL A 72 -10.40 8.03 -2.36
N LEU A 73 -9.53 7.14 -1.91
CA LEU A 73 -9.22 7.07 -0.52
C LEU A 73 -8.17 8.10 -0.15
N SER A 74 -7.45 8.56 -1.18
CA SER A 74 -6.29 9.40 -1.01
C SER A 74 -5.23 8.66 -0.17
N LEU A 75 -4.48 7.84 -0.87
CA LEU A 75 -3.42 7.08 -0.27
C LEU A 75 -2.22 7.96 -0.01
N ALA A 76 -1.27 7.40 0.65
CA ALA A 76 -0.09 8.12 1.00
C ALA A 76 1.05 7.49 0.29
N ALA A 77 0.96 6.19 0.08
CA ALA A 77 1.92 5.47 -0.67
C ALA A 77 1.30 4.27 -1.34
N VAL A 78 2.00 3.79 -2.32
CA VAL A 78 1.65 2.60 -3.07
C VAL A 78 2.95 1.89 -3.42
N GLN A 79 2.96 0.59 -3.32
CA GLN A 79 4.11 -0.17 -3.60
C GLN A 79 3.99 -0.82 -4.93
N LEU A 80 4.89 -0.48 -5.79
CA LEU A 80 4.85 -1.04 -7.10
C LEU A 80 5.83 -2.15 -7.20
N HIS A 81 5.32 -3.29 -7.50
CA HIS A 81 6.12 -4.42 -7.71
C HIS A 81 6.65 -4.38 -9.12
N GLY A 82 7.92 -4.03 -9.22
CA GLY A 82 8.65 -3.94 -10.50
C GLY A 82 8.60 -5.20 -11.33
N ASN A 83 8.15 -6.26 -10.72
CA ASN A 83 7.94 -7.55 -11.37
C ASN A 83 7.03 -7.40 -12.58
N GLU A 84 6.14 -6.40 -12.56
CA GLU A 84 5.25 -6.15 -13.68
C GLU A 84 6.01 -5.56 -14.86
N GLU A 85 6.82 -4.55 -14.59
CA GLU A 85 7.67 -3.88 -15.57
C GLU A 85 8.44 -2.79 -14.81
N GLN A 86 9.63 -2.47 -15.25
CA GLN A 86 10.52 -1.56 -14.57
C GLN A 86 10.11 -0.12 -14.81
N LEU A 87 9.81 0.14 -16.04
CA LEU A 87 9.48 1.47 -16.53
C LEU A 87 8.05 1.79 -16.22
N TYR A 88 7.32 0.78 -15.82
CA TYR A 88 5.98 0.94 -15.33
C TYR A 88 5.99 1.86 -14.12
N ILE A 89 6.96 1.66 -13.22
CA ILE A 89 7.11 2.50 -12.02
C ILE A 89 7.31 3.94 -12.43
N ASP A 90 8.07 4.09 -13.49
CA ASP A 90 8.43 5.38 -14.08
C ASP A 90 7.18 6.11 -14.58
N THR A 91 6.15 5.35 -14.82
CA THR A 91 4.88 5.81 -15.31
C THR A 91 3.97 6.21 -14.15
N LEU A 92 3.94 5.37 -13.12
CA LEU A 92 3.18 5.66 -11.88
C LEU A 92 3.38 7.08 -11.37
N ARG A 93 4.65 7.56 -11.29
CA ARG A 93 4.89 8.94 -10.73
C ARG A 93 4.20 10.00 -11.56
N GLU A 94 3.98 9.68 -12.80
CA GLU A 94 3.41 10.64 -13.74
C GLU A 94 1.92 10.80 -13.50
N ALA A 95 1.26 9.70 -13.17
CA ALA A 95 -0.17 9.72 -12.97
C ALA A 95 -0.52 10.03 -11.52
N LEU A 96 0.26 9.52 -10.66
CA LEU A 96 0.07 9.68 -9.22
C LEU A 96 0.66 10.98 -8.76
N PRO A 97 -0.17 11.86 -8.15
CA PRO A 97 0.29 13.14 -7.62
C PRO A 97 1.28 12.95 -6.48
N ALA A 98 1.97 14.01 -6.15
CA ALA A 98 3.03 14.03 -5.14
C ALA A 98 2.54 13.67 -3.74
N HIS A 99 1.23 13.64 -3.57
CA HIS A 99 0.62 13.31 -2.29
C HIS A 99 0.74 11.81 -2.08
N VAL A 100 0.77 11.08 -3.17
CA VAL A 100 0.86 9.69 -3.16
C VAL A 100 2.29 9.32 -3.45
N ALA A 101 2.84 8.49 -2.64
CA ALA A 101 4.21 8.11 -2.80
C ALA A 101 4.30 6.69 -3.32
N ILE A 102 5.44 6.33 -3.79
CA ILE A 102 5.69 5.04 -4.30
C ILE A 102 6.74 4.41 -3.43
N TRP A 103 6.53 3.20 -3.02
CA TRP A 103 7.59 2.53 -2.28
C TRP A 103 7.96 1.25 -2.99
N LYS A 104 9.13 0.78 -2.70
CA LYS A 104 9.57 -0.49 -3.21
C LYS A 104 9.43 -1.53 -2.14
N ALA A 105 8.58 -2.49 -2.39
CA ALA A 105 8.44 -3.62 -1.53
C ALA A 105 9.61 -4.56 -1.80
N LEU A 106 10.62 -4.46 -0.98
CA LEU A 106 11.84 -5.19 -1.15
C LEU A 106 11.72 -6.61 -0.66
N SER A 107 11.84 -7.52 -1.57
CA SER A 107 11.88 -8.90 -1.27
C SER A 107 13.27 -9.19 -0.71
N VAL A 108 13.32 -9.91 0.39
CA VAL A 108 14.55 -10.18 1.09
C VAL A 108 15.60 -10.90 0.23
N GLY A 109 16.79 -10.33 0.19
CA GLY A 109 17.87 -10.89 -0.56
C GLY A 109 18.75 -9.80 -1.13
N GLU A 110 19.94 -10.17 -1.56
CA GLU A 110 20.90 -9.23 -2.13
C GLU A 110 20.87 -9.29 -3.65
N THR A 111 19.86 -9.95 -4.15
CA THR A 111 19.62 -10.09 -5.56
C THR A 111 19.17 -8.74 -6.15
N LEU A 112 18.69 -7.87 -5.29
CA LEU A 112 18.23 -6.58 -5.68
C LEU A 112 19.33 -5.55 -5.45
N PRO A 113 19.61 -4.71 -6.45
CA PRO A 113 20.60 -3.65 -6.34
C PRO A 113 20.07 -2.49 -5.49
N ALA A 114 20.98 -1.63 -5.04
CA ALA A 114 20.65 -0.49 -4.18
C ALA A 114 19.58 0.40 -4.80
N ARG A 115 19.72 0.65 -6.10
CA ARG A 115 18.73 1.39 -6.82
C ARG A 115 18.20 0.53 -7.92
N GLU A 116 16.91 0.59 -8.13
CA GLU A 116 16.24 -0.27 -9.07
C GLU A 116 15.27 0.57 -9.84
N PHE A 117 14.26 1.00 -9.13
CA PHE A 117 13.21 1.76 -9.67
C PHE A 117 13.33 3.10 -9.06
N GLN A 118 13.50 4.07 -9.87
CA GLN A 118 13.76 5.39 -9.39
C GLN A 118 12.54 6.18 -9.06
N HIS A 119 12.78 7.10 -8.15
CA HIS A 119 11.85 8.06 -7.65
C HIS A 119 10.87 7.42 -6.68
N VAL A 120 11.30 6.34 -6.08
CA VAL A 120 10.53 5.71 -5.03
C VAL A 120 10.78 6.51 -3.75
N ASP A 121 9.78 6.65 -2.96
CA ASP A 121 9.89 7.50 -1.78
C ASP A 121 10.49 6.77 -0.59
N LYS A 122 10.22 5.48 -0.49
CA LYS A 122 10.68 4.71 0.64
C LYS A 122 10.84 3.24 0.24
N TYR A 123 11.58 2.54 1.00
CA TYR A 123 11.77 1.12 0.86
C TYR A 123 11.13 0.41 2.01
N VAL A 124 10.41 -0.64 1.72
CA VAL A 124 9.75 -1.46 2.72
C VAL A 124 9.99 -2.90 2.36
N LEU A 125 9.42 -3.81 3.08
CA LEU A 125 9.61 -5.23 2.82
C LEU A 125 8.54 -5.74 1.87
N ASP A 126 8.78 -6.87 1.28
CA ASP A 126 7.84 -7.54 0.39
C ASP A 126 6.61 -7.98 1.16
N ASN A 127 5.48 -7.46 0.77
CA ASN A 127 4.22 -7.84 1.39
C ASN A 127 3.57 -8.85 0.50
N GLY A 128 3.30 -10.00 1.03
CA GLY A 128 2.67 -11.03 0.26
C GLY A 128 3.06 -12.37 0.77
N GLN A 129 4.22 -12.83 0.39
CA GLN A 129 4.70 -14.11 0.82
C GLN A 129 5.62 -13.93 2.03
N GLY A 130 5.09 -14.20 3.19
CA GLY A 130 5.85 -14.11 4.40
C GLY A 130 5.55 -15.28 5.27
N GLY A 131 6.36 -16.31 5.17
CA GLY A 131 6.11 -17.50 5.95
C GLY A 131 7.32 -18.39 6.08
N ALA A 132 8.51 -17.81 5.97
CA ALA A 132 9.73 -18.58 6.10
C ALA A 132 10.01 -18.82 7.58
N GLY A 133 9.55 -17.92 8.39
CA GLY A 133 9.72 -18.02 9.81
C GLY A 133 9.51 -16.68 10.46
N SER A 134 8.38 -16.09 10.17
CA SER A 134 8.00 -14.77 10.63
C SER A 134 7.98 -14.71 12.17
N MET A 1 11.22 -1.62 14.04
CA MET A 1 9.81 -1.36 14.34
C MET A 1 9.29 -0.19 13.56
N GLY A 2 8.13 -0.36 13.02
CA GLY A 2 7.44 0.66 12.30
C GLY A 2 6.16 0.11 11.79
N GLU A 3 5.57 -0.79 12.56
CA GLU A 3 4.39 -1.46 12.10
C GLU A 3 3.22 -1.24 13.01
N ASN A 4 2.21 -0.65 12.46
CA ASN A 4 0.89 -0.54 13.05
C ASN A 4 -0.03 -1.00 11.94
N LYS A 5 0.59 -1.78 11.07
CA LYS A 5 0.08 -2.33 9.86
C LYS A 5 -1.25 -3.04 10.08
N VAL A 6 -2.31 -2.36 9.72
CA VAL A 6 -3.62 -2.89 9.87
C VAL A 6 -4.14 -3.45 8.54
N CYS A 7 -4.12 -4.74 8.43
CA CYS A 7 -4.64 -5.43 7.30
C CYS A 7 -6.10 -5.77 7.60
N GLY A 8 -6.86 -6.22 6.58
CA GLY A 8 -8.32 -6.47 6.63
C GLY A 8 -8.98 -6.36 7.97
N LEU A 9 -9.71 -5.31 8.14
CA LEU A 9 -10.39 -5.05 9.35
C LEU A 9 -11.80 -4.73 8.97
N THR A 10 -12.75 -5.11 9.79
CA THR A 10 -14.13 -4.86 9.45
C THR A 10 -14.78 -4.11 10.59
N ARG A 11 -13.95 -3.69 11.51
CA ARG A 11 -14.40 -2.98 12.66
C ARG A 11 -13.66 -1.67 12.77
N GLY A 12 -14.33 -0.58 12.47
CA GLY A 12 -13.81 0.77 12.56
C GLY A 12 -13.06 1.02 13.86
N GLN A 13 -13.73 0.75 14.95
CA GLN A 13 -13.19 0.89 16.27
C GLN A 13 -12.00 -0.03 16.57
N ASP A 14 -11.90 -1.18 15.91
CA ASP A 14 -10.78 -2.11 16.16
C ASP A 14 -9.61 -1.72 15.29
N ALA A 15 -9.94 -1.02 14.21
CA ALA A 15 -8.97 -0.49 13.28
C ALA A 15 -8.25 0.70 13.92
N LYS A 16 -8.91 1.31 14.91
CA LYS A 16 -8.34 2.44 15.64
C LYS A 16 -7.06 2.04 16.36
N ALA A 17 -6.91 0.76 16.65
CA ALA A 17 -5.71 0.25 17.33
C ALA A 17 -4.42 0.66 16.59
N ALA A 18 -4.48 0.72 15.28
CA ALA A 18 -3.35 1.11 14.46
C ALA A 18 -3.08 2.60 14.62
N TYR A 19 -4.13 3.37 14.63
CA TYR A 19 -4.07 4.81 14.84
C TYR A 19 -3.60 5.10 16.25
N ASP A 20 -4.03 4.27 17.16
CA ASP A 20 -3.69 4.35 18.58
C ASP A 20 -2.22 4.09 18.77
N ALA A 21 -1.64 3.32 17.87
CA ALA A 21 -0.23 3.01 17.91
C ALA A 21 0.60 4.21 17.46
N GLY A 22 0.00 5.11 16.69
CA GLY A 22 0.73 6.30 16.33
C GLY A 22 0.14 7.05 15.17
N ALA A 23 -0.82 6.41 14.46
CA ALA A 23 -1.44 6.99 13.25
C ALA A 23 -0.39 7.18 12.17
N ILE A 24 0.68 6.39 12.31
CA ILE A 24 1.84 6.43 11.45
C ILE A 24 1.39 6.19 10.04
N TYR A 25 0.67 5.10 9.89
CA TYR A 25 0.09 4.69 8.66
C TYR A 25 -0.86 3.53 8.94
N GLY A 26 -1.35 2.93 7.91
CA GLY A 26 -2.10 1.72 8.01
C GLY A 26 -1.78 0.92 6.78
N GLY A 27 -1.28 -0.27 6.98
CA GLY A 27 -0.83 -1.08 5.86
C GLY A 27 -1.80 -2.16 5.52
N LEU A 28 -2.56 -1.91 4.50
CA LEU A 28 -3.58 -2.81 4.05
C LEU A 28 -3.47 -3.00 2.57
N ILE A 29 -4.06 -4.03 2.09
CA ILE A 29 -4.03 -4.29 0.69
C ILE A 29 -5.37 -4.27 0.03
N PHE A 30 -5.34 -3.97 -1.23
CA PHE A 30 -6.58 -3.70 -1.98
C PHE A 30 -7.32 -4.94 -2.48
N VAL A 31 -8.12 -5.56 -1.63
CA VAL A 31 -9.01 -6.58 -2.13
C VAL A 31 -10.42 -6.27 -1.64
N ALA A 32 -11.35 -6.34 -2.56
CA ALA A 32 -12.73 -6.10 -2.26
C ALA A 32 -13.33 -7.21 -1.42
N THR A 33 -14.08 -6.80 -0.43
CA THR A 33 -14.82 -7.63 0.53
C THR A 33 -14.00 -8.71 1.29
N SER A 34 -12.69 -8.71 1.19
CA SER A 34 -11.93 -9.75 1.85
C SER A 34 -11.45 -9.31 3.23
N PRO A 35 -11.70 -10.12 4.27
CA PRO A 35 -11.37 -9.78 5.67
C PRO A 35 -9.85 -9.72 5.95
N ARG A 36 -9.05 -9.97 4.95
CA ARG A 36 -7.61 -9.87 5.10
C ARG A 36 -7.09 -8.59 4.44
N CYS A 37 -7.96 -7.90 3.74
CA CYS A 37 -7.54 -6.77 2.95
C CYS A 37 -8.54 -5.62 3.05
N VAL A 38 -8.05 -4.42 3.21
CA VAL A 38 -8.93 -3.30 3.23
C VAL A 38 -8.71 -2.57 1.94
N ASN A 39 -9.77 -2.18 1.33
CA ASN A 39 -9.68 -1.49 0.10
C ASN A 39 -10.43 -0.24 0.26
N VAL A 40 -10.64 0.45 -0.81
CA VAL A 40 -11.41 1.66 -0.89
C VAL A 40 -12.76 1.53 -0.15
N GLU A 41 -13.34 0.32 -0.20
CA GLU A 41 -14.58 0.03 0.42
C GLU A 41 -14.55 0.30 1.90
N GLN A 42 -13.72 -0.48 2.55
CA GLN A 42 -13.57 -0.51 3.96
C GLN A 42 -12.93 0.76 4.45
N ALA A 43 -11.83 1.14 3.81
CA ALA A 43 -11.05 2.29 4.21
C ALA A 43 -11.84 3.60 4.14
N GLN A 44 -12.89 3.63 3.30
CA GLN A 44 -13.73 4.82 3.18
C GLN A 44 -14.39 5.11 4.53
N GLU A 45 -14.70 4.04 5.24
CA GLU A 45 -15.32 4.12 6.54
C GLU A 45 -14.25 4.35 7.58
N VAL A 46 -13.22 3.51 7.51
CA VAL A 46 -12.13 3.50 8.47
C VAL A 46 -11.41 4.86 8.55
N MET A 47 -11.38 5.60 7.45
CA MET A 47 -10.70 6.91 7.42
C MET A 47 -11.43 7.94 8.28
N ALA A 48 -12.63 7.61 8.69
CA ALA A 48 -13.41 8.46 9.56
C ALA A 48 -13.33 7.95 10.99
N ALA A 49 -12.69 6.80 11.16
CA ALA A 49 -12.57 6.17 12.47
C ALA A 49 -11.15 6.25 12.99
N ALA A 50 -10.18 6.02 12.13
CA ALA A 50 -8.84 6.02 12.50
C ALA A 50 -8.12 6.85 11.48
N PRO A 51 -7.84 8.11 11.79
CA PRO A 51 -7.18 8.99 10.86
C PRO A 51 -5.69 8.69 10.76
N LEU A 52 -5.41 7.59 10.15
CA LEU A 52 -4.08 7.16 9.87
C LEU A 52 -3.78 7.26 8.37
N GLN A 53 -2.52 7.27 8.04
CA GLN A 53 -2.00 7.42 6.71
C GLN A 53 -2.20 6.11 5.96
N TYR A 54 -2.88 6.11 4.89
CA TYR A 54 -3.13 4.86 4.22
C TYR A 54 -2.09 4.57 3.19
N VAL A 55 -1.70 3.33 3.15
CA VAL A 55 -0.76 2.87 2.22
C VAL A 55 -1.28 1.59 1.61
N GLY A 56 -1.14 1.49 0.33
CA GLY A 56 -1.57 0.31 -0.37
C GLY A 56 -0.43 -0.39 -1.01
N VAL A 57 -0.55 -1.67 -1.14
CA VAL A 57 0.43 -2.49 -1.80
C VAL A 57 -0.35 -3.34 -2.78
N PHE A 58 0.08 -3.46 -4.01
CA PHE A 58 -0.62 -4.35 -4.94
C PHE A 58 0.16 -4.49 -6.24
N ARG A 59 -0.13 -5.53 -6.96
CA ARG A 59 0.40 -5.70 -8.27
C ARG A 59 -0.72 -5.40 -9.23
N ASN A 60 -0.72 -4.21 -9.72
CA ASN A 60 -1.71 -3.74 -10.56
C ASN A 60 -1.13 -3.78 -11.92
N HIS A 61 -1.94 -4.01 -12.82
CA HIS A 61 -1.57 -4.02 -14.22
C HIS A 61 -1.89 -2.69 -14.87
N ASP A 62 -3.00 -2.13 -14.46
CA ASP A 62 -3.47 -0.88 -15.04
C ASP A 62 -3.08 0.28 -14.18
N ILE A 63 -2.42 1.23 -14.77
CA ILE A 63 -1.97 2.41 -14.06
C ILE A 63 -3.12 3.24 -13.53
N ALA A 64 -4.22 3.27 -14.26
CA ALA A 64 -5.34 4.11 -13.88
C ALA A 64 -6.10 3.46 -12.74
N ASP A 65 -5.82 2.19 -12.54
CA ASP A 65 -6.44 1.39 -11.50
C ASP A 65 -5.81 1.75 -10.16
N VAL A 66 -4.50 1.97 -10.21
CA VAL A 66 -3.74 2.40 -9.04
C VAL A 66 -4.13 3.82 -8.71
N VAL A 67 -4.17 4.65 -9.76
CA VAL A 67 -4.48 6.07 -9.63
C VAL A 67 -5.86 6.26 -9.02
N ASP A 68 -6.79 5.43 -9.48
CA ASP A 68 -8.15 5.40 -8.98
C ASP A 68 -8.18 5.28 -7.46
N LYS A 69 -7.54 4.26 -6.94
CA LYS A 69 -7.55 3.98 -5.50
C LYS A 69 -6.84 5.08 -4.74
N ALA A 70 -5.72 5.52 -5.28
CA ALA A 70 -4.91 6.56 -4.68
C ALA A 70 -5.68 7.86 -4.57
N LYS A 71 -6.48 8.14 -5.58
CA LYS A 71 -7.27 9.34 -5.63
C LYS A 71 -8.54 9.22 -4.77
N VAL A 72 -9.32 8.15 -4.98
CA VAL A 72 -10.59 7.95 -4.28
C VAL A 72 -10.39 7.94 -2.78
N LEU A 73 -9.55 7.05 -2.30
CA LEU A 73 -9.34 6.91 -0.88
C LEU A 73 -8.40 8.01 -0.36
N SER A 74 -7.73 8.72 -1.28
CA SER A 74 -6.72 9.73 -0.96
C SER A 74 -5.61 9.14 -0.07
N LEU A 75 -4.79 8.34 -0.70
CA LEU A 75 -3.71 7.63 -0.05
C LEU A 75 -2.51 8.51 0.16
N ALA A 76 -1.46 7.91 0.63
CA ALA A 76 -0.26 8.61 0.89
C ALA A 76 0.89 7.92 0.24
N ALA A 77 0.87 6.60 0.25
CA ALA A 77 1.84 5.84 -0.47
C ALA A 77 1.22 4.58 -1.03
N VAL A 78 1.88 4.02 -2.02
CA VAL A 78 1.46 2.78 -2.66
C VAL A 78 2.70 1.98 -3.07
N GLN A 79 2.68 0.70 -2.84
CA GLN A 79 3.73 -0.15 -3.17
C GLN A 79 3.40 -0.91 -4.37
N LEU A 80 4.10 -0.62 -5.39
CA LEU A 80 3.91 -1.32 -6.61
C LEU A 80 4.86 -2.49 -6.63
N HIS A 81 4.35 -3.67 -6.93
CA HIS A 81 5.21 -4.81 -7.08
C HIS A 81 6.04 -4.67 -8.34
N GLY A 82 7.29 -4.31 -8.13
CA GLY A 82 8.22 -4.02 -9.20
C GLY A 82 8.38 -5.12 -10.20
N ASN A 83 8.22 -6.34 -9.73
CA ASN A 83 8.35 -7.56 -10.55
C ASN A 83 7.57 -7.49 -11.87
N GLU A 84 6.52 -6.68 -11.90
CA GLU A 84 5.70 -6.56 -13.06
C GLU A 84 6.45 -5.93 -14.24
N GLU A 85 7.17 -4.84 -13.99
CA GLU A 85 7.94 -4.12 -14.99
C GLU A 85 8.62 -2.95 -14.26
N GLN A 86 9.80 -2.53 -14.70
CA GLN A 86 10.60 -1.55 -14.02
C GLN A 86 10.10 -0.15 -14.26
N LEU A 87 9.84 0.11 -15.49
CA LEU A 87 9.52 1.45 -15.97
C LEU A 87 8.09 1.79 -15.66
N TYR A 88 7.32 0.74 -15.46
CA TYR A 88 5.95 0.83 -15.03
C TYR A 88 5.84 1.68 -13.77
N ILE A 89 6.73 1.46 -12.83
CA ILE A 89 6.71 2.16 -11.55
C ILE A 89 6.95 3.65 -11.78
N ASP A 90 7.79 3.94 -12.73
CA ASP A 90 8.14 5.31 -12.98
C ASP A 90 7.04 6.02 -13.74
N THR A 91 6.20 5.21 -14.32
CA THR A 91 5.08 5.65 -15.07
C THR A 91 3.98 6.05 -14.10
N LEU A 92 3.81 5.21 -13.05
CA LEU A 92 2.89 5.52 -11.94
C LEU A 92 3.02 6.94 -11.47
N ARG A 93 4.26 7.42 -11.26
CA ARG A 93 4.48 8.83 -10.79
C ARG A 93 3.76 9.86 -11.66
N GLU A 94 3.65 9.58 -12.93
CA GLU A 94 3.19 10.55 -13.90
C GLU A 94 1.69 10.75 -13.81
N ALA A 95 1.02 9.74 -13.39
CA ALA A 95 -0.42 9.80 -13.22
C ALA A 95 -0.79 9.93 -11.73
N LEU A 96 0.23 9.93 -10.91
CA LEU A 96 0.10 9.98 -9.47
C LEU A 96 0.14 11.42 -9.03
N PRO A 97 -0.79 11.83 -8.16
CA PRO A 97 -0.80 13.17 -7.64
C PRO A 97 0.37 13.38 -6.67
N ALA A 98 0.65 14.62 -6.40
CA ALA A 98 1.79 15.05 -5.59
C ALA A 98 1.79 14.43 -4.21
N HIS A 99 0.62 14.30 -3.65
CA HIS A 99 0.48 13.83 -2.29
C HIS A 99 0.61 12.31 -2.12
N VAL A 100 0.54 11.53 -3.20
CA VAL A 100 0.70 10.14 -3.06
C VAL A 100 2.13 9.76 -3.45
N ALA A 101 2.72 8.85 -2.71
CA ALA A 101 4.06 8.43 -2.95
C ALA A 101 4.06 6.96 -3.33
N ILE A 102 5.18 6.47 -3.70
CA ILE A 102 5.35 5.12 -4.13
C ILE A 102 6.46 4.50 -3.34
N TRP A 103 6.25 3.30 -2.88
CA TRP A 103 7.32 2.63 -2.16
C TRP A 103 7.63 1.34 -2.85
N LYS A 104 8.75 0.81 -2.55
CA LYS A 104 9.16 -0.43 -3.11
C LYS A 104 8.93 -1.53 -2.12
N ALA A 105 8.07 -2.43 -2.47
CA ALA A 105 7.88 -3.65 -1.72
C ALA A 105 9.08 -4.53 -2.05
N LEU A 106 10.04 -4.53 -1.17
CA LEU A 106 11.28 -5.20 -1.41
C LEU A 106 11.09 -6.69 -1.11
N SER A 107 11.02 -7.48 -2.16
CA SER A 107 10.97 -8.89 -2.00
C SER A 107 12.37 -9.35 -1.64
N VAL A 108 12.54 -9.73 -0.39
CA VAL A 108 13.84 -10.13 0.11
C VAL A 108 14.24 -11.51 -0.38
N GLY A 109 15.50 -11.67 -0.64
CA GLY A 109 16.01 -12.93 -1.08
C GLY A 109 17.50 -12.92 -1.17
N GLU A 110 17.99 -12.39 -2.24
CA GLU A 110 19.40 -12.39 -2.51
C GLU A 110 20.07 -11.08 -2.17
N THR A 111 19.68 -10.03 -2.84
CA THR A 111 20.36 -8.77 -2.73
C THR A 111 19.44 -7.67 -3.23
N LEU A 112 19.95 -6.48 -3.31
CA LEU A 112 19.25 -5.38 -3.88
C LEU A 112 19.97 -5.06 -5.20
N PRO A 113 19.27 -5.16 -6.34
CA PRO A 113 19.84 -4.90 -7.68
C PRO A 113 20.55 -3.53 -7.82
N ALA A 114 21.38 -3.42 -8.86
CA ALA A 114 22.09 -2.17 -9.13
C ALA A 114 21.10 -1.09 -9.54
N ARG A 115 20.19 -1.48 -10.41
CA ARG A 115 19.09 -0.63 -10.78
C ARG A 115 17.88 -1.48 -10.91
N GLU A 116 16.88 -1.16 -10.16
CA GLU A 116 15.66 -1.89 -10.23
C GLU A 116 14.47 -0.96 -10.40
N PHE A 117 13.91 -0.52 -9.31
CA PHE A 117 12.75 0.31 -9.31
C PHE A 117 13.10 1.52 -8.51
N GLN A 118 13.53 2.50 -9.22
CA GLN A 118 14.11 3.67 -8.62
C GLN A 118 13.11 4.77 -8.44
N HIS A 119 13.55 5.86 -7.78
CA HIS A 119 12.79 7.10 -7.53
C HIS A 119 11.70 6.87 -6.49
N VAL A 120 11.80 5.76 -5.76
CA VAL A 120 10.78 5.42 -4.79
C VAL A 120 10.92 6.23 -3.52
N ASP A 121 9.81 6.47 -2.87
CA ASP A 121 9.79 7.31 -1.65
C ASP A 121 10.34 6.55 -0.46
N LYS A 122 10.18 5.25 -0.48
CA LYS A 122 10.66 4.41 0.61
C LYS A 122 10.80 2.98 0.12
N TYR A 123 11.61 2.24 0.81
CA TYR A 123 11.77 0.82 0.63
C TYR A 123 11.14 0.14 1.83
N VAL A 124 10.29 -0.80 1.57
CA VAL A 124 9.59 -1.50 2.64
C VAL A 124 9.54 -2.98 2.35
N LEU A 125 8.90 -3.73 3.21
CA LEU A 125 8.79 -5.18 3.08
C LEU A 125 7.85 -5.53 1.95
N ASP A 126 8.09 -6.66 1.34
CA ASP A 126 7.11 -7.25 0.44
C ASP A 126 6.14 -7.95 1.37
N ASN A 127 5.05 -7.31 1.66
CA ASN A 127 4.15 -7.81 2.63
C ASN A 127 3.08 -8.64 1.95
N GLY A 128 3.38 -9.89 1.78
CA GLY A 128 2.47 -10.79 1.14
C GLY A 128 2.99 -12.21 1.21
N GLN A 129 3.63 -12.51 2.31
CA GLN A 129 4.21 -13.81 2.52
C GLN A 129 3.16 -14.71 3.14
N GLY A 130 2.67 -15.64 2.36
CA GLY A 130 1.65 -16.53 2.85
C GLY A 130 1.95 -17.96 2.52
N GLY A 131 2.24 -18.24 1.26
CA GLY A 131 2.50 -19.60 0.83
C GLY A 131 1.21 -20.38 0.71
N ALA A 132 0.14 -19.66 0.47
CA ALA A 132 -1.17 -20.23 0.38
C ALA A 132 -1.50 -20.54 -1.06
N GLY A 133 -1.99 -21.72 -1.30
CA GLY A 133 -2.32 -22.12 -2.64
C GLY A 133 -3.59 -22.89 -2.64
N SER A 134 -4.21 -22.97 -3.76
CA SER A 134 -5.45 -23.66 -3.90
C SER A 134 -5.21 -25.16 -4.04
N MET A 1 8.85 3.15 13.41
CA MET A 1 8.53 3.80 14.70
C MET A 1 7.98 2.79 15.67
N GLY A 2 7.09 1.96 15.21
CA GLY A 2 6.41 1.00 16.02
C GLY A 2 5.02 0.89 15.51
N GLU A 3 4.94 0.42 14.31
CA GLU A 3 3.70 0.41 13.58
C GLU A 3 2.71 -0.57 14.16
N ASN A 4 1.46 -0.18 14.12
CA ASN A 4 0.35 -0.96 14.66
C ASN A 4 -0.49 -1.42 13.50
N LYS A 5 0.21 -1.51 12.37
CA LYS A 5 -0.31 -1.84 11.02
C LYS A 5 -1.70 -2.50 10.99
N VAL A 6 -2.70 -1.69 10.72
CA VAL A 6 -4.03 -2.20 10.59
C VAL A 6 -4.24 -2.83 9.22
N CYS A 7 -4.36 -4.11 9.23
CA CYS A 7 -4.67 -4.92 8.06
C CYS A 7 -6.18 -5.01 8.03
N GLY A 8 -6.75 -5.53 6.92
CA GLY A 8 -8.21 -5.54 6.70
C GLY A 8 -9.02 -5.82 7.94
N LEU A 9 -9.64 -4.79 8.42
CA LEU A 9 -10.42 -4.81 9.61
C LEU A 9 -11.62 -3.97 9.23
N THR A 10 -12.77 -4.28 9.75
CA THR A 10 -13.98 -3.65 9.23
C THR A 10 -14.56 -2.73 10.25
N ARG A 11 -14.17 -2.97 11.44
CA ARG A 11 -14.65 -2.22 12.55
C ARG A 11 -13.80 -0.97 12.72
N GLY A 12 -14.39 0.17 12.42
CA GLY A 12 -13.72 1.46 12.52
C GLY A 12 -13.20 1.75 13.90
N GLN A 13 -13.99 1.36 14.84
CA GLN A 13 -13.75 1.57 16.25
C GLN A 13 -12.66 0.63 16.74
N ASP A 14 -12.42 -0.39 15.97
CA ASP A 14 -11.38 -1.35 16.26
C ASP A 14 -10.11 -0.92 15.55
N ALA A 15 -10.27 -0.56 14.28
CA ALA A 15 -9.19 -0.10 13.41
C ALA A 15 -8.50 1.15 13.93
N LYS A 16 -9.25 1.96 14.69
CA LYS A 16 -8.71 3.18 15.26
C LYS A 16 -7.52 2.91 16.16
N ALA A 17 -7.42 1.69 16.68
CA ALA A 17 -6.28 1.25 17.51
C ALA A 17 -4.92 1.53 16.85
N ALA A 18 -4.87 1.43 15.52
CA ALA A 18 -3.64 1.69 14.79
C ALA A 18 -3.40 3.20 14.66
N TYR A 19 -4.46 3.95 14.68
CA TYR A 19 -4.42 5.40 14.62
C TYR A 19 -4.13 5.93 16.02
N ASP A 20 -4.64 5.22 16.99
CA ASP A 20 -4.45 5.46 18.42
C ASP A 20 -2.96 5.43 18.79
N ALA A 21 -2.19 4.75 17.95
CA ALA A 21 -0.75 4.66 18.09
C ALA A 21 -0.07 5.99 17.74
N GLY A 22 -0.79 6.87 17.06
CA GLY A 22 -0.23 8.16 16.73
C GLY A 22 -0.41 8.52 15.28
N ALA A 23 -1.46 7.96 14.65
CA ALA A 23 -1.82 8.20 13.24
C ALA A 23 -0.64 7.91 12.30
N ILE A 24 0.16 6.91 12.66
CA ILE A 24 1.39 6.58 11.95
C ILE A 24 1.09 6.17 10.52
N TYR A 25 0.49 5.01 10.41
CA TYR A 25 0.23 4.33 9.15
C TYR A 25 -0.54 3.05 9.45
N GLY A 26 -1.27 2.57 8.49
CA GLY A 26 -1.97 1.33 8.60
C GLY A 26 -1.57 0.44 7.46
N GLY A 27 -1.36 -0.82 7.73
CA GLY A 27 -0.85 -1.70 6.71
C GLY A 27 -1.89 -2.63 6.17
N LEU A 28 -2.74 -2.10 5.35
CA LEU A 28 -3.77 -2.87 4.73
C LEU A 28 -3.57 -2.86 3.25
N ILE A 29 -3.88 -3.94 2.66
CA ILE A 29 -3.71 -4.09 1.24
C ILE A 29 -5.06 -4.31 0.59
N PHE A 30 -5.23 -3.92 -0.68
CA PHE A 30 -6.52 -4.03 -1.34
C PHE A 30 -6.71 -5.44 -1.87
N VAL A 31 -6.94 -6.37 -1.00
CA VAL A 31 -7.31 -7.66 -1.48
C VAL A 31 -8.80 -7.75 -1.47
N ALA A 32 -9.38 -8.02 -2.64
CA ALA A 32 -10.80 -8.07 -2.85
C ALA A 32 -11.52 -8.90 -1.82
N THR A 33 -12.25 -8.19 -0.95
CA THR A 33 -13.14 -8.73 0.06
C THR A 33 -12.45 -9.67 1.06
N SER A 34 -11.18 -9.45 1.27
CA SER A 34 -10.43 -10.21 2.19
C SER A 34 -10.69 -9.69 3.61
N PRO A 35 -10.81 -10.57 4.60
CA PRO A 35 -10.97 -10.14 5.97
C PRO A 35 -9.63 -9.88 6.66
N ARG A 36 -8.55 -9.90 5.88
CA ARG A 36 -7.24 -9.57 6.42
C ARG A 36 -6.62 -8.45 5.59
N CYS A 37 -7.36 -7.97 4.62
CA CYS A 37 -6.91 -6.96 3.70
C CYS A 37 -8.12 -6.19 3.15
N VAL A 38 -8.12 -4.89 3.30
CA VAL A 38 -9.27 -4.09 2.96
C VAL A 38 -9.09 -3.37 1.63
N ASN A 39 -10.13 -3.37 0.86
CA ASN A 39 -10.15 -2.72 -0.44
C ASN A 39 -10.89 -1.45 -0.36
N VAL A 40 -10.83 -0.65 -1.44
CA VAL A 40 -11.41 0.71 -1.54
C VAL A 40 -12.82 0.81 -0.94
N GLU A 41 -13.56 -0.25 -1.11
CA GLU A 41 -14.93 -0.31 -0.70
C GLU A 41 -15.09 -0.25 0.82
N GLN A 42 -14.35 -1.10 1.53
CA GLN A 42 -14.37 -1.12 2.98
C GLN A 42 -13.53 0.01 3.51
N ALA A 43 -12.50 0.33 2.77
CA ALA A 43 -11.56 1.37 3.10
C ALA A 43 -12.22 2.74 3.15
N GLN A 44 -13.30 2.86 2.39
CA GLN A 44 -14.06 4.09 2.28
C GLN A 44 -14.51 4.55 3.68
N GLU A 45 -14.87 3.59 4.51
CA GLU A 45 -15.30 3.88 5.85
C GLU A 45 -14.15 3.96 6.81
N VAL A 46 -13.25 3.00 6.73
CA VAL A 46 -12.12 2.90 7.66
C VAL A 46 -11.23 4.16 7.59
N MET A 47 -11.12 4.77 6.40
CA MET A 47 -10.30 5.96 6.22
C MET A 47 -10.87 7.14 7.01
N ALA A 48 -12.16 7.12 7.22
CA ALA A 48 -12.84 8.18 7.95
C ALA A 48 -12.85 7.83 9.43
N ALA A 49 -12.77 6.56 9.71
CA ALA A 49 -12.78 6.06 11.06
C ALA A 49 -11.46 6.33 11.77
N ALA A 50 -10.36 6.03 11.12
CA ALA A 50 -9.11 6.21 11.70
C ALA A 50 -8.28 7.02 10.74
N PRO A 51 -8.12 8.32 10.99
CA PRO A 51 -7.33 9.17 10.14
C PRO A 51 -5.83 8.92 10.32
N LEU A 52 -5.42 7.75 9.92
CA LEU A 52 -4.05 7.35 9.89
C LEU A 52 -3.60 7.29 8.43
N GLN A 53 -2.35 7.01 8.20
CA GLN A 53 -1.83 6.90 6.86
C GLN A 53 -2.24 5.57 6.23
N TYR A 54 -2.73 5.62 5.05
CA TYR A 54 -3.14 4.46 4.33
C TYR A 54 -2.15 4.12 3.27
N VAL A 55 -1.93 2.86 3.10
CA VAL A 55 -1.00 2.41 2.15
C VAL A 55 -1.66 1.38 1.30
N GLY A 56 -1.12 1.13 0.17
CA GLY A 56 -1.62 0.07 -0.65
C GLY A 56 -0.53 -0.71 -1.25
N VAL A 57 -0.69 -2.00 -1.30
CA VAL A 57 0.24 -2.84 -1.99
C VAL A 57 -0.55 -3.39 -3.15
N PHE A 58 -0.06 -3.29 -4.34
CA PHE A 58 -0.86 -3.67 -5.45
C PHE A 58 0.00 -4.08 -6.62
N ARG A 59 -0.47 -5.01 -7.38
CA ARG A 59 0.12 -5.29 -8.64
C ARG A 59 -0.53 -4.36 -9.58
N ASN A 60 0.16 -3.33 -9.91
CA ASN A 60 -0.41 -2.33 -10.67
C ASN A 60 -0.39 -2.77 -12.07
N HIS A 61 -1.53 -2.95 -12.56
CA HIS A 61 -1.73 -3.28 -13.94
C HIS A 61 -2.25 -2.04 -14.60
N ASP A 62 -3.36 -1.57 -14.09
CA ASP A 62 -3.99 -0.40 -14.60
C ASP A 62 -3.61 0.76 -13.71
N ILE A 63 -2.91 1.70 -14.26
CA ILE A 63 -2.48 2.86 -13.50
C ILE A 63 -3.67 3.69 -13.03
N ALA A 64 -4.74 3.70 -13.79
CA ALA A 64 -5.90 4.50 -13.44
C ALA A 64 -6.71 3.80 -12.35
N ASP A 65 -6.37 2.57 -12.05
CA ASP A 65 -7.03 1.82 -10.98
C ASP A 65 -6.36 2.17 -9.68
N VAL A 66 -5.05 2.30 -9.72
CA VAL A 66 -4.30 2.64 -8.52
C VAL A 66 -4.41 4.14 -8.21
N VAL A 67 -4.48 4.97 -9.26
CA VAL A 67 -4.67 6.43 -9.07
C VAL A 67 -6.02 6.68 -8.43
N ASP A 68 -6.97 5.87 -8.83
CA ASP A 68 -8.31 5.85 -8.27
C ASP A 68 -8.23 5.68 -6.76
N LYS A 69 -7.53 4.65 -6.32
CA LYS A 69 -7.39 4.33 -4.90
C LYS A 69 -6.64 5.44 -4.19
N ALA A 70 -5.57 5.90 -4.81
CA ALA A 70 -4.72 6.97 -4.30
C ALA A 70 -5.53 8.23 -4.06
N LYS A 71 -6.52 8.44 -4.89
CA LYS A 71 -7.39 9.58 -4.81
C LYS A 71 -8.47 9.35 -3.76
N VAL A 72 -9.28 8.33 -3.98
CA VAL A 72 -10.47 8.04 -3.15
C VAL A 72 -10.12 7.92 -1.67
N LEU A 73 -9.24 6.98 -1.34
CA LEU A 73 -8.86 6.76 0.05
C LEU A 73 -7.85 7.80 0.52
N SER A 74 -7.26 8.53 -0.42
CA SER A 74 -6.20 9.48 -0.15
C SER A 74 -5.02 8.78 0.57
N LEU A 75 -4.30 8.00 -0.20
CA LEU A 75 -3.21 7.18 0.30
C LEU A 75 -1.97 8.00 0.58
N ALA A 76 -0.94 7.32 1.01
CA ALA A 76 0.30 7.96 1.32
C ALA A 76 1.40 7.27 0.61
N ALA A 77 1.27 5.96 0.46
CA ALA A 77 2.19 5.21 -0.31
C ALA A 77 1.51 4.02 -0.94
N VAL A 78 2.14 3.52 -1.96
CA VAL A 78 1.70 2.33 -2.65
C VAL A 78 2.92 1.50 -3.00
N GLN A 79 2.83 0.22 -2.82
CA GLN A 79 3.88 -0.65 -3.12
C GLN A 79 3.65 -1.22 -4.46
N LEU A 80 4.57 -0.94 -5.32
CA LEU A 80 4.45 -1.23 -6.70
C LEU A 80 5.19 -2.48 -7.06
N HIS A 81 4.48 -3.38 -7.67
CA HIS A 81 5.09 -4.55 -8.23
C HIS A 81 5.54 -4.23 -9.63
N GLY A 82 6.81 -3.90 -9.72
CA GLY A 82 7.40 -3.48 -10.97
C GLY A 82 7.50 -4.56 -12.02
N ASN A 83 7.31 -5.79 -11.62
CA ASN A 83 7.35 -6.95 -12.52
C ASN A 83 6.37 -6.82 -13.68
N GLU A 84 5.30 -6.05 -13.49
CA GLU A 84 4.28 -5.83 -14.49
C GLU A 84 4.83 -5.26 -15.81
N GLU A 85 5.67 -4.25 -15.71
CA GLU A 85 6.32 -3.63 -16.84
C GLU A 85 7.34 -2.69 -16.22
N GLN A 86 8.51 -2.57 -16.80
CA GLN A 86 9.64 -1.92 -16.19
C GLN A 86 9.57 -0.40 -16.25
N LEU A 87 9.17 0.09 -17.36
CA LEU A 87 9.18 1.52 -17.59
C LEU A 87 7.94 2.13 -17.03
N TYR A 88 6.94 1.30 -16.92
CA TYR A 88 5.65 1.59 -16.32
C TYR A 88 5.79 2.21 -14.92
N ILE A 89 6.82 1.81 -14.20
CA ILE A 89 7.07 2.33 -12.86
C ILE A 89 7.27 3.84 -12.91
N ASP A 90 7.95 4.29 -13.94
CA ASP A 90 8.27 5.70 -14.13
C ASP A 90 7.00 6.51 -14.43
N THR A 91 5.96 5.78 -14.76
CA THR A 91 4.68 6.30 -15.15
C THR A 91 3.82 6.52 -13.91
N LEU A 92 3.80 5.51 -13.03
CA LEU A 92 3.07 5.57 -11.76
C LEU A 92 3.25 6.87 -11.01
N ARG A 93 4.52 7.27 -10.82
CA ARG A 93 4.80 8.55 -10.05
C ARG A 93 4.12 9.74 -10.65
N GLU A 94 3.94 9.69 -11.92
CA GLU A 94 3.42 10.83 -12.67
C GLU A 94 1.93 10.99 -12.46
N ALA A 95 1.25 9.90 -12.26
CA ALA A 95 -0.19 9.94 -12.10
C ALA A 95 -0.62 10.00 -10.64
N LEU A 96 0.23 9.54 -9.80
CA LEU A 96 -0.01 9.52 -8.36
C LEU A 96 0.19 10.91 -7.81
N PRO A 97 -0.76 11.41 -6.99
CA PRO A 97 -0.69 12.75 -6.40
C PRO A 97 0.54 12.93 -5.52
N ALA A 98 0.82 14.18 -5.22
CA ALA A 98 2.03 14.60 -4.49
C ALA A 98 2.24 13.85 -3.19
N HIS A 99 1.16 13.57 -2.51
CA HIS A 99 1.22 12.92 -1.22
C HIS A 99 1.29 11.39 -1.29
N VAL A 100 1.12 10.79 -2.47
CA VAL A 100 1.21 9.39 -2.57
C VAL A 100 2.58 9.01 -3.07
N ALA A 101 3.21 8.19 -2.32
CA ALA A 101 4.54 7.75 -2.57
C ALA A 101 4.54 6.32 -3.06
N ILE A 102 5.66 5.85 -3.47
CA ILE A 102 5.81 4.51 -3.96
C ILE A 102 6.88 3.82 -3.17
N TRP A 103 6.59 2.64 -2.70
CA TRP A 103 7.59 1.90 -1.97
C TRP A 103 7.89 0.59 -2.64
N LYS A 104 9.03 0.08 -2.31
CA LYS A 104 9.48 -1.18 -2.78
C LYS A 104 9.27 -2.20 -1.68
N ALA A 105 8.46 -3.18 -1.98
CA ALA A 105 8.29 -4.31 -1.09
C ALA A 105 9.56 -5.12 -1.16
N LEU A 106 10.35 -5.02 -0.14
CA LEU A 106 11.63 -5.65 -0.13
C LEU A 106 11.49 -7.09 0.34
N SER A 107 11.40 -7.96 -0.63
CA SER A 107 11.34 -9.36 -0.40
C SER A 107 12.68 -9.85 0.16
N VAL A 108 12.61 -10.37 1.37
CA VAL A 108 13.78 -10.90 2.03
C VAL A 108 14.40 -12.05 1.24
N GLY A 109 15.67 -11.92 1.00
CA GLY A 109 16.43 -12.88 0.25
C GLY A 109 17.77 -12.28 -0.02
N GLU A 110 18.81 -13.08 0.02
CA GLU A 110 20.14 -12.58 -0.16
C GLU A 110 20.49 -12.36 -1.60
N THR A 111 20.20 -11.19 -2.04
CA THR A 111 20.52 -10.75 -3.35
C THR A 111 20.91 -9.30 -3.24
N LEU A 112 21.73 -8.82 -4.13
CA LEU A 112 22.14 -7.46 -4.10
C LEU A 112 21.76 -6.80 -5.42
N PRO A 113 20.59 -6.18 -5.48
CA PRO A 113 20.19 -5.45 -6.65
C PRO A 113 20.79 -4.06 -6.62
N ALA A 114 21.55 -3.72 -7.62
CA ALA A 114 22.11 -2.39 -7.74
C ALA A 114 20.98 -1.43 -8.04
N ARG A 115 20.03 -1.95 -8.79
CA ARG A 115 18.84 -1.27 -9.17
C ARG A 115 17.98 -2.31 -9.84
N GLU A 116 16.75 -1.98 -10.03
CA GLU A 116 15.80 -2.77 -10.77
C GLU A 116 14.95 -1.75 -11.43
N PHE A 117 14.43 -0.92 -10.57
CA PHE A 117 13.66 0.22 -10.88
C PHE A 117 14.26 1.27 -10.01
N GLN A 118 13.97 2.47 -10.27
CA GLN A 118 14.54 3.55 -9.51
C GLN A 118 13.46 4.56 -9.19
N HIS A 119 13.81 5.52 -8.36
CA HIS A 119 12.96 6.63 -7.93
C HIS A 119 11.82 6.17 -7.01
N VAL A 120 12.12 5.19 -6.15
CA VAL A 120 11.17 4.79 -5.13
C VAL A 120 11.34 5.71 -3.96
N ASP A 121 10.31 5.90 -3.21
CA ASP A 121 10.37 6.86 -2.11
C ASP A 121 10.98 6.25 -0.87
N LYS A 122 10.51 5.08 -0.54
CA LYS A 122 10.90 4.36 0.68
C LYS A 122 10.77 2.88 0.41
N TYR A 123 11.36 2.06 1.24
CA TYR A 123 11.19 0.65 1.10
C TYR A 123 10.37 0.13 2.28
N VAL A 124 9.84 -1.03 2.14
CA VAL A 124 9.06 -1.66 3.15
C VAL A 124 9.41 -3.14 3.13
N LEU A 125 8.90 -3.90 4.05
CA LEU A 125 9.22 -5.30 4.14
C LEU A 125 8.45 -6.10 3.05
N ASP A 126 8.62 -7.40 3.05
CA ASP A 126 7.95 -8.25 2.10
C ASP A 126 6.45 -8.32 2.37
N ASN A 127 5.72 -7.57 1.61
CA ASN A 127 4.28 -7.60 1.65
C ASN A 127 3.80 -8.16 0.34
N GLY A 128 2.64 -8.73 0.32
CA GLY A 128 2.12 -9.30 -0.88
C GLY A 128 0.62 -9.33 -0.85
N GLN A 129 0.01 -9.81 -1.90
CA GLN A 129 -1.44 -9.84 -2.01
C GLN A 129 -1.98 -11.21 -1.59
N GLY A 130 -1.18 -11.94 -0.83
CA GLY A 130 -1.56 -13.28 -0.42
C GLY A 130 -2.59 -13.29 0.70
N GLY A 131 -3.82 -13.04 0.35
CA GLY A 131 -4.88 -13.06 1.32
C GLY A 131 -6.21 -13.40 0.70
N ALA A 132 -6.19 -14.25 -0.30
CA ALA A 132 -7.38 -14.65 -1.01
C ALA A 132 -7.22 -16.05 -1.56
N GLY A 133 -8.26 -16.58 -2.16
CA GLY A 133 -8.22 -17.91 -2.71
C GLY A 133 -8.51 -18.94 -1.67
N SER A 134 -7.53 -19.19 -0.84
CA SER A 134 -7.66 -20.11 0.24
C SER A 134 -7.44 -19.35 1.53
N MET A 1 7.46 4.12 15.71
CA MET A 1 8.15 3.12 16.53
C MET A 1 7.16 2.07 17.00
N GLY A 2 6.09 2.51 17.63
CA GLY A 2 5.09 1.61 18.10
C GLY A 2 3.89 1.66 17.23
N GLU A 3 3.95 1.02 16.09
CA GLU A 3 2.82 0.97 15.20
C GLU A 3 1.86 -0.12 15.66
N ASN A 4 0.78 -0.25 14.96
CA ASN A 4 -0.23 -1.23 15.26
C ASN A 4 -0.80 -1.56 13.92
N LYS A 5 0.16 -1.81 13.01
CA LYS A 5 -0.07 -2.09 11.58
C LYS A 5 -1.32 -2.92 11.35
N VAL A 6 -2.38 -2.22 11.04
CA VAL A 6 -3.65 -2.82 10.89
C VAL A 6 -3.93 -3.23 9.45
N CYS A 7 -4.18 -4.49 9.29
CA CYS A 7 -4.60 -5.08 8.05
C CYS A 7 -6.12 -5.03 8.08
N GLY A 8 -6.81 -5.36 6.96
CA GLY A 8 -8.26 -5.14 6.85
C GLY A 8 -9.02 -5.53 8.08
N LEU A 9 -9.93 -4.69 8.43
CA LEU A 9 -10.69 -4.84 9.61
C LEU A 9 -12.10 -4.46 9.26
N THR A 10 -13.04 -4.87 10.05
CA THR A 10 -14.43 -4.62 9.79
C THR A 10 -15.02 -4.01 11.05
N ARG A 11 -14.14 -3.53 11.89
CA ARG A 11 -14.50 -2.94 13.14
C ARG A 11 -13.69 -1.68 13.38
N GLY A 12 -14.37 -0.57 13.23
CA GLY A 12 -13.83 0.75 13.49
C GLY A 12 -13.12 0.85 14.81
N GLN A 13 -13.80 0.37 15.79
CA GLN A 13 -13.37 0.34 17.17
C GLN A 13 -12.12 -0.51 17.38
N ASP A 14 -11.83 -1.38 16.46
CA ASP A 14 -10.64 -2.18 16.54
C ASP A 14 -9.52 -1.49 15.76
N ALA A 15 -9.90 -0.97 14.60
CA ALA A 15 -9.01 -0.28 13.68
C ALA A 15 -8.45 1.03 14.29
N LYS A 16 -9.22 1.62 15.19
CA LYS A 16 -8.82 2.85 15.84
C LYS A 16 -7.55 2.69 16.68
N ALA A 17 -7.25 1.47 17.11
CA ALA A 17 -6.05 1.23 17.94
C ALA A 17 -4.75 1.66 17.23
N ALA A 18 -4.72 1.55 15.92
CA ALA A 18 -3.56 1.98 15.15
C ALA A 18 -3.54 3.50 15.01
N TYR A 19 -4.71 4.09 15.00
CA TYR A 19 -4.81 5.51 14.93
C TYR A 19 -4.53 6.11 16.30
N ASP A 20 -4.94 5.40 17.33
CA ASP A 20 -4.68 5.79 18.72
C ASP A 20 -3.19 5.78 19.00
N ALA A 21 -2.48 4.91 18.29
CA ALA A 21 -1.03 4.80 18.40
C ALA A 21 -0.33 6.07 17.89
N GLY A 22 -1.05 6.89 17.13
CA GLY A 22 -0.48 8.14 16.69
C GLY A 22 -0.84 8.51 15.28
N ALA A 23 -1.87 7.83 14.70
CA ALA A 23 -2.32 8.06 13.31
C ALA A 23 -1.17 7.85 12.33
N ILE A 24 -0.23 7.00 12.75
CA ILE A 24 1.01 6.75 12.03
C ILE A 24 0.74 6.25 10.64
N TYR A 25 0.19 5.05 10.56
CA TYR A 25 -0.13 4.40 9.31
C TYR A 25 -0.78 3.07 9.61
N GLY A 26 -1.49 2.53 8.66
CA GLY A 26 -2.08 1.23 8.77
C GLY A 26 -1.62 0.39 7.62
N GLY A 27 -1.39 -0.87 7.85
CA GLY A 27 -0.82 -1.71 6.82
C GLY A 27 -1.84 -2.64 6.23
N LEU A 28 -2.65 -2.11 5.36
CA LEU A 28 -3.70 -2.84 4.78
C LEU A 28 -3.46 -2.96 3.30
N ILE A 29 -3.87 -4.06 2.76
CA ILE A 29 -3.74 -4.29 1.36
C ILE A 29 -5.03 -4.45 0.67
N PHE A 30 -5.02 -4.15 -0.60
CA PHE A 30 -6.25 -4.19 -1.40
C PHE A 30 -6.51 -5.61 -1.87
N VAL A 31 -6.99 -6.46 -1.00
CA VAL A 31 -7.33 -7.78 -1.42
C VAL A 31 -8.84 -7.87 -1.46
N ALA A 32 -9.35 -8.21 -2.65
CA ALA A 32 -10.75 -8.20 -2.98
C ALA A 32 -11.63 -8.90 -1.95
N THR A 33 -12.22 -8.08 -1.11
CA THR A 33 -13.22 -8.46 -0.10
C THR A 33 -12.73 -9.50 0.93
N SER A 34 -11.44 -9.57 1.14
CA SER A 34 -10.91 -10.46 2.14
C SER A 34 -10.84 -9.70 3.44
N PRO A 35 -11.60 -10.14 4.47
CA PRO A 35 -11.78 -9.41 5.76
C PRO A 35 -10.49 -9.09 6.54
N ARG A 36 -9.35 -9.60 6.12
CA ARG A 36 -8.10 -9.26 6.78
C ARG A 36 -7.25 -8.34 5.86
N CYS A 37 -7.88 -7.85 4.83
CA CYS A 37 -7.33 -6.91 3.92
C CYS A 37 -8.46 -5.95 3.62
N VAL A 38 -8.22 -4.87 2.95
CA VAL A 38 -9.28 -3.96 2.67
C VAL A 38 -9.06 -3.30 1.35
N ASN A 39 -10.10 -3.19 0.60
CA ASN A 39 -10.08 -2.54 -0.67
C ASN A 39 -10.66 -1.20 -0.56
N VAL A 40 -10.44 -0.41 -1.58
CA VAL A 40 -10.86 0.99 -1.65
C VAL A 40 -12.26 1.25 -1.11
N GLU A 41 -13.16 0.33 -1.36
CA GLU A 41 -14.53 0.52 -1.01
C GLU A 41 -14.78 0.37 0.50
N GLN A 42 -14.02 -0.48 1.17
CA GLN A 42 -14.12 -0.58 2.61
C GLN A 42 -13.27 0.49 3.25
N ALA A 43 -12.13 0.74 2.64
CA ALA A 43 -11.12 1.67 3.17
C ALA A 43 -11.69 3.04 3.45
N GLN A 44 -12.59 3.48 2.61
CA GLN A 44 -13.20 4.74 2.75
C GLN A 44 -14.03 4.87 4.01
N GLU A 45 -14.60 3.79 4.40
CA GLU A 45 -15.39 3.70 5.61
C GLU A 45 -14.45 3.63 6.79
N VAL A 46 -13.46 2.79 6.67
CA VAL A 46 -12.50 2.54 7.73
C VAL A 46 -11.70 3.82 8.04
N MET A 47 -11.42 4.62 7.02
CA MET A 47 -10.65 5.87 7.21
C MET A 47 -11.47 6.92 7.93
N ALA A 48 -12.77 6.72 7.99
CA ALA A 48 -13.63 7.61 8.73
C ALA A 48 -13.69 7.16 10.19
N ALA A 49 -13.33 5.90 10.41
CA ALA A 49 -13.33 5.29 11.72
C ALA A 49 -11.99 5.52 12.43
N ALA A 50 -10.90 5.40 11.70
CA ALA A 50 -9.60 5.62 12.21
C ALA A 50 -8.85 6.39 11.16
N PRO A 51 -8.78 7.71 11.29
CA PRO A 51 -8.14 8.58 10.30
C PRO A 51 -6.60 8.51 10.31
N LEU A 52 -6.11 7.31 10.21
CA LEU A 52 -4.70 7.01 10.15
C LEU A 52 -4.26 7.00 8.69
N GLN A 53 -2.99 6.96 8.47
CA GLN A 53 -2.43 6.98 7.15
C GLN A 53 -2.68 5.62 6.45
N TYR A 54 -2.99 5.67 5.19
CA TYR A 54 -3.25 4.50 4.40
C TYR A 54 -2.17 4.29 3.36
N VAL A 55 -1.76 3.08 3.22
CA VAL A 55 -0.79 2.74 2.25
C VAL A 55 -1.32 1.56 1.49
N GLY A 56 -0.97 1.45 0.26
CA GLY A 56 -1.42 0.34 -0.52
C GLY A 56 -0.28 -0.44 -1.09
N VAL A 57 -0.44 -1.74 -1.15
CA VAL A 57 0.55 -2.64 -1.72
C VAL A 57 -0.18 -3.62 -2.62
N PHE A 58 0.12 -3.62 -3.91
CA PHE A 58 -0.56 -4.53 -4.83
C PHE A 58 0.10 -4.46 -6.21
N ARG A 59 -0.16 -5.44 -7.07
CA ARG A 59 0.30 -5.33 -8.43
C ARG A 59 -0.86 -4.81 -9.26
N ASN A 60 -0.89 -3.54 -9.43
CA ASN A 60 -1.90 -2.92 -10.15
C ASN A 60 -1.43 -2.85 -11.56
N HIS A 61 -2.16 -3.49 -12.35
CA HIS A 61 -1.89 -3.60 -13.78
C HIS A 61 -2.17 -2.27 -14.47
N ASP A 62 -3.22 -1.61 -14.04
CA ASP A 62 -3.60 -0.33 -14.62
C ASP A 62 -3.11 0.79 -13.76
N ILE A 63 -2.44 1.75 -14.35
CA ILE A 63 -2.00 2.94 -13.63
C ILE A 63 -3.22 3.73 -13.14
N ALA A 64 -4.30 3.68 -13.90
CA ALA A 64 -5.53 4.39 -13.58
C ALA A 64 -6.25 3.71 -12.42
N ASP A 65 -5.81 2.53 -12.08
CA ASP A 65 -6.37 1.79 -10.97
C ASP A 65 -5.66 2.25 -9.72
N VAL A 66 -4.34 2.42 -9.84
CA VAL A 66 -3.50 2.92 -8.76
C VAL A 66 -3.92 4.33 -8.41
N VAL A 67 -3.98 5.17 -9.45
CA VAL A 67 -4.31 6.59 -9.31
C VAL A 67 -5.67 6.76 -8.67
N ASP A 68 -6.61 5.90 -9.02
CA ASP A 68 -7.95 6.02 -8.49
C ASP A 68 -7.97 5.78 -6.99
N LYS A 69 -7.25 4.74 -6.54
CA LYS A 69 -7.22 4.43 -5.10
C LYS A 69 -6.49 5.53 -4.37
N ALA A 70 -5.36 5.94 -4.93
CA ALA A 70 -4.52 6.98 -4.37
C ALA A 70 -5.29 8.27 -4.19
N LYS A 71 -6.16 8.52 -5.12
CA LYS A 71 -7.04 9.66 -5.12
C LYS A 71 -8.15 9.48 -4.08
N VAL A 72 -8.94 8.42 -4.26
CA VAL A 72 -10.09 8.13 -3.40
C VAL A 72 -9.74 8.09 -1.92
N LEU A 73 -8.82 7.21 -1.55
CA LEU A 73 -8.52 7.09 -0.12
C LEU A 73 -7.51 8.13 0.31
N SER A 74 -7.02 8.91 -0.66
CA SER A 74 -5.95 9.88 -0.44
C SER A 74 -4.73 9.24 0.25
N LEU A 75 -4.16 8.26 -0.45
CA LEU A 75 -3.03 7.48 0.05
C LEU A 75 -1.78 8.36 0.12
N ALA A 76 -0.73 7.81 0.66
CA ALA A 76 0.50 8.56 0.79
C ALA A 76 1.61 7.82 0.15
N ALA A 77 1.50 6.51 0.15
CA ALA A 77 2.39 5.69 -0.59
C ALA A 77 1.65 4.50 -1.11
N VAL A 78 2.15 3.95 -2.16
CA VAL A 78 1.61 2.76 -2.76
C VAL A 78 2.77 1.91 -3.25
N GLN A 79 2.70 0.64 -3.02
CA GLN A 79 3.71 -0.25 -3.37
C GLN A 79 3.31 -0.98 -4.58
N LEU A 80 3.99 -0.68 -5.61
CA LEU A 80 3.74 -1.36 -6.85
C LEU A 80 4.68 -2.50 -6.95
N HIS A 81 4.14 -3.68 -7.11
CA HIS A 81 4.97 -4.82 -7.37
C HIS A 81 5.43 -4.70 -8.81
N GLY A 82 6.60 -4.11 -8.94
CA GLY A 82 7.15 -3.69 -10.22
C GLY A 82 7.30 -4.74 -11.29
N ASN A 83 7.14 -6.00 -10.92
CA ASN A 83 7.28 -7.16 -11.84
C ASN A 83 6.57 -6.98 -13.19
N GLU A 84 5.54 -6.13 -13.21
CA GLU A 84 4.79 -5.87 -14.41
C GLU A 84 5.65 -5.26 -15.54
N GLU A 85 6.44 -4.25 -15.22
CA GLU A 85 7.25 -3.54 -16.21
C GLU A 85 8.15 -2.58 -15.45
N GLN A 86 9.33 -2.29 -15.98
CA GLN A 86 10.29 -1.47 -15.31
C GLN A 86 9.94 0.00 -15.39
N LEU A 87 9.53 0.39 -16.55
CA LEU A 87 9.29 1.76 -16.88
C LEU A 87 7.90 2.15 -16.44
N TYR A 88 7.13 1.15 -16.11
CA TYR A 88 5.81 1.33 -15.54
C TYR A 88 5.90 2.11 -14.24
N ILE A 89 6.89 1.81 -13.43
CA ILE A 89 7.10 2.49 -12.17
C ILE A 89 7.39 3.96 -12.43
N ASP A 90 8.17 4.17 -13.47
CA ASP A 90 8.57 5.51 -13.92
C ASP A 90 7.32 6.25 -14.48
N THR A 91 6.30 5.50 -14.76
CA THR A 91 5.05 5.99 -15.29
C THR A 91 4.12 6.47 -14.15
N LEU A 92 4.10 5.72 -13.04
CA LEU A 92 3.31 6.08 -11.86
C LEU A 92 3.62 7.47 -11.41
N ARG A 93 4.90 7.81 -11.49
CA ARG A 93 5.44 9.15 -11.19
C ARG A 93 4.58 10.24 -11.76
N GLU A 94 4.20 10.00 -12.97
CA GLU A 94 3.48 10.95 -13.79
C GLU A 94 2.05 11.16 -13.32
N ALA A 95 1.36 10.07 -13.05
CA ALA A 95 -0.06 10.14 -12.73
C ALA A 95 -0.39 10.20 -11.26
N LEU A 96 0.59 9.96 -10.44
CA LEU A 96 0.39 10.02 -9.00
C LEU A 96 0.65 11.40 -8.51
N PRO A 97 -0.29 11.96 -7.72
CA PRO A 97 -0.15 13.30 -7.18
C PRO A 97 1.00 13.40 -6.20
N ALA A 98 1.40 14.60 -5.93
CA ALA A 98 2.57 14.93 -5.11
C ALA A 98 2.51 14.33 -3.71
N HIS A 99 1.32 14.13 -3.21
CA HIS A 99 1.17 13.57 -1.89
C HIS A 99 1.20 12.04 -1.87
N VAL A 100 1.21 11.40 -3.03
CA VAL A 100 1.30 10.00 -3.10
C VAL A 100 2.72 9.62 -3.51
N ALA A 101 3.27 8.68 -2.82
CA ALA A 101 4.60 8.22 -3.07
C ALA A 101 4.55 6.78 -3.51
N ILE A 102 5.64 6.26 -3.98
CA ILE A 102 5.71 4.92 -4.50
C ILE A 102 6.74 4.16 -3.76
N TRP A 103 6.44 3.00 -3.27
CA TRP A 103 7.48 2.22 -2.63
C TRP A 103 7.61 0.90 -3.34
N LYS A 104 8.73 0.28 -3.18
CA LYS A 104 8.98 -0.99 -3.78
C LYS A 104 8.84 -2.03 -2.69
N ALA A 105 7.86 -2.89 -2.84
CA ALA A 105 7.64 -3.97 -1.91
C ALA A 105 8.74 -5.01 -2.07
N LEU A 106 9.65 -5.00 -1.14
CA LEU A 106 10.77 -5.88 -1.17
C LEU A 106 10.39 -7.21 -0.57
N SER A 107 10.21 -8.18 -1.43
CA SER A 107 10.00 -9.54 -1.01
C SER A 107 11.22 -9.93 -0.17
N VAL A 108 10.97 -10.29 1.08
CA VAL A 108 12.02 -10.57 2.08
C VAL A 108 13.12 -11.49 1.55
N GLY A 109 14.34 -11.06 1.74
CA GLY A 109 15.48 -11.78 1.24
C GLY A 109 16.41 -10.83 0.54
N GLU A 110 17.62 -10.71 1.04
CA GLU A 110 18.60 -9.76 0.51
C GLU A 110 19.14 -10.14 -0.85
N THR A 111 18.79 -11.31 -1.32
CA THR A 111 19.18 -11.74 -2.63
C THR A 111 18.38 -10.96 -3.68
N LEU A 112 17.20 -10.48 -3.29
CA LEU A 112 16.31 -9.72 -4.15
C LEU A 112 16.95 -8.32 -4.35
N PRO A 113 17.37 -7.99 -5.59
CA PRO A 113 18.08 -6.74 -5.89
C PRO A 113 17.31 -5.47 -5.52
N ALA A 114 18.01 -4.52 -4.94
CA ALA A 114 17.44 -3.23 -4.58
C ALA A 114 17.27 -2.36 -5.81
N ARG A 115 17.94 -2.71 -6.88
CA ARG A 115 17.77 -1.98 -8.10
C ARG A 115 17.27 -2.89 -9.18
N GLU A 116 16.13 -2.54 -9.65
CA GLU A 116 15.40 -3.22 -10.71
C GLU A 116 14.44 -2.17 -11.17
N PHE A 117 13.66 -1.75 -10.20
CA PHE A 117 12.68 -0.73 -10.36
C PHE A 117 13.07 0.38 -9.46
N GLN A 118 13.64 1.38 -10.04
CA GLN A 118 14.05 2.54 -9.33
C GLN A 118 12.99 3.60 -9.52
N HIS A 119 13.28 4.82 -9.12
CA HIS A 119 12.34 5.95 -9.21
C HIS A 119 11.23 5.74 -8.19
N VAL A 120 11.61 5.15 -7.07
CA VAL A 120 10.71 4.90 -5.98
C VAL A 120 11.02 5.84 -4.83
N ASP A 121 10.11 5.95 -3.92
CA ASP A 121 10.27 6.84 -2.77
C ASP A 121 10.94 6.14 -1.62
N LYS A 122 10.62 4.88 -1.44
CA LYS A 122 11.11 4.17 -0.29
C LYS A 122 10.99 2.68 -0.53
N TYR A 123 11.71 1.94 0.25
CA TYR A 123 11.64 0.52 0.27
C TYR A 123 10.94 0.05 1.52
N VAL A 124 10.17 -0.98 1.38
CA VAL A 124 9.45 -1.57 2.47
C VAL A 124 9.39 -3.05 2.19
N LEU A 125 9.09 -3.81 3.16
CA LEU A 125 9.05 -5.26 3.00
C LEU A 125 7.70 -5.71 2.50
N ASP A 126 7.72 -6.79 1.76
CA ASP A 126 6.51 -7.43 1.29
C ASP A 126 5.77 -8.06 2.45
N ASN A 127 4.70 -7.45 2.86
CA ASN A 127 3.86 -7.99 3.92
C ASN A 127 2.52 -8.40 3.37
N GLY A 128 2.48 -8.56 2.06
CA GLY A 128 1.26 -8.92 1.40
C GLY A 128 1.51 -9.98 0.38
N GLN A 129 2.10 -11.08 0.82
CA GLN A 129 2.47 -12.19 -0.03
C GLN A 129 1.23 -12.79 -0.68
N GLY A 130 1.14 -12.64 -1.99
CA GLY A 130 -0.01 -13.11 -2.72
C GLY A 130 0.03 -14.58 -2.99
N GLY A 131 0.03 -15.37 -1.95
CA GLY A 131 0.08 -16.81 -2.09
C GLY A 131 -1.30 -17.40 -2.27
N ALA A 132 -2.09 -16.77 -3.11
CA ALA A 132 -3.44 -17.17 -3.38
C ALA A 132 -3.72 -16.98 -4.86
N GLY A 133 -4.46 -17.88 -5.42
CA GLY A 133 -4.78 -17.79 -6.82
C GLY A 133 -5.89 -18.72 -7.18
N SER A 134 -6.95 -18.66 -6.43
CA SER A 134 -8.12 -19.48 -6.65
C SER A 134 -9.33 -18.58 -6.76
N MET A 1 1.30 -2.52 21.61
CA MET A 1 1.68 -1.67 20.48
C MET A 1 2.87 -2.27 19.77
N GLY A 2 3.22 -1.70 18.66
CA GLY A 2 4.25 -2.21 17.80
C GLY A 2 3.71 -2.14 16.42
N GLU A 3 3.97 -1.01 15.77
CA GLU A 3 3.31 -0.62 14.52
C GLU A 3 1.85 -0.33 14.89
N ASN A 4 1.04 -0.16 13.90
CA ASN A 4 -0.37 0.05 14.08
C ASN A 4 -1.05 -0.35 12.79
N LYS A 5 -0.57 -1.45 12.23
CA LYS A 5 -1.00 -1.91 10.93
C LYS A 5 -2.50 -2.25 10.89
N VAL A 6 -3.21 -1.49 10.11
CA VAL A 6 -4.61 -1.68 9.89
C VAL A 6 -4.81 -2.52 8.64
N CYS A 7 -5.39 -3.66 8.82
CA CYS A 7 -5.73 -4.56 7.76
C CYS A 7 -7.13 -5.07 8.06
N GLY A 8 -7.77 -5.72 7.07
CA GLY A 8 -9.19 -6.20 7.10
C GLY A 8 -9.93 -6.08 8.42
N LEU A 9 -10.85 -5.12 8.47
CA LEU A 9 -11.62 -4.85 9.66
C LEU A 9 -12.86 -4.08 9.28
N THR A 10 -13.84 -4.11 10.14
CA THR A 10 -15.09 -3.40 9.90
C THR A 10 -15.50 -2.76 11.21
N ARG A 11 -14.53 -2.63 12.06
CA ARG A 11 -14.72 -2.17 13.39
C ARG A 11 -14.01 -0.83 13.58
N GLY A 12 -14.78 0.23 13.55
CA GLY A 12 -14.30 1.61 13.69
C GLY A 12 -13.44 1.82 14.90
N GLN A 13 -13.89 1.28 15.98
CA GLN A 13 -13.27 1.43 17.25
C GLN A 13 -12.01 0.58 17.34
N ASP A 14 -11.93 -0.41 16.46
CA ASP A 14 -10.75 -1.27 16.36
C ASP A 14 -9.73 -0.57 15.50
N ALA A 15 -10.25 0.09 14.49
CA ALA A 15 -9.47 0.86 13.54
C ALA A 15 -8.79 2.03 14.23
N LYS A 16 -9.56 2.79 15.00
CA LYS A 16 -9.02 3.97 15.67
C LYS A 16 -7.99 3.58 16.70
N ALA A 17 -8.07 2.35 17.21
CA ALA A 17 -7.14 1.85 18.21
C ALA A 17 -5.72 1.84 17.67
N ALA A 18 -5.60 1.74 16.36
CA ALA A 18 -4.33 1.77 15.70
C ALA A 18 -3.89 3.23 15.51
N TYR A 19 -4.83 4.09 15.23
CA TYR A 19 -4.56 5.50 15.13
C TYR A 19 -4.21 6.06 16.52
N ASP A 20 -4.90 5.59 17.55
CA ASP A 20 -4.61 5.94 18.93
C ASP A 20 -3.19 5.51 19.29
N ALA A 21 -2.76 4.39 18.69
CA ALA A 21 -1.45 3.83 18.95
C ALA A 21 -0.31 4.69 18.37
N GLY A 22 -0.60 5.50 17.36
CA GLY A 22 0.42 6.37 16.87
C GLY A 22 0.03 7.10 15.60
N ALA A 23 -1.07 6.63 14.94
CA ALA A 23 -1.59 7.24 13.67
C ALA A 23 -0.60 7.07 12.54
N ILE A 24 0.31 6.13 12.76
CA ILE A 24 1.47 5.90 11.94
C ILE A 24 1.12 5.49 10.53
N TYR A 25 0.56 4.32 10.38
CA TYR A 25 0.21 3.78 9.06
C TYR A 25 -0.56 2.47 9.20
N GLY A 26 -1.24 2.09 8.15
CA GLY A 26 -1.97 0.88 8.11
C GLY A 26 -1.63 0.09 6.88
N GLY A 27 -1.18 -1.13 7.09
CA GLY A 27 -0.80 -1.99 5.99
C GLY A 27 -1.95 -2.86 5.60
N LEU A 28 -2.74 -2.37 4.71
CA LEU A 28 -3.92 -3.02 4.28
C LEU A 28 -3.79 -3.35 2.82
N ILE A 29 -4.39 -4.41 2.44
CA ILE A 29 -4.35 -4.79 1.05
C ILE A 29 -5.67 -4.83 0.39
N PHE A 30 -5.64 -4.60 -0.88
CA PHE A 30 -6.89 -4.49 -1.66
C PHE A 30 -7.38 -5.86 -2.10
N VAL A 31 -7.90 -6.62 -1.19
CA VAL A 31 -8.54 -7.85 -1.54
C VAL A 31 -9.96 -7.79 -1.09
N ALA A 32 -10.84 -7.82 -2.05
CA ALA A 32 -12.26 -7.63 -1.89
C ALA A 32 -12.87 -8.51 -0.80
N THR A 33 -13.20 -7.86 0.30
CA THR A 33 -13.91 -8.43 1.46
C THR A 33 -13.13 -9.52 2.23
N SER A 34 -11.85 -9.61 1.99
CA SER A 34 -11.01 -10.53 2.72
C SER A 34 -10.78 -9.97 4.14
N PRO A 35 -10.82 -10.81 5.18
CA PRO A 35 -10.71 -10.37 6.59
C PRO A 35 -9.31 -9.87 6.96
N ARG A 36 -8.41 -9.90 6.03
CA ARG A 36 -7.08 -9.40 6.25
C ARG A 36 -6.86 -8.19 5.34
N CYS A 37 -7.83 -7.90 4.51
CA CYS A 37 -7.59 -6.94 3.49
C CYS A 37 -8.70 -5.87 3.45
N VAL A 38 -8.30 -4.61 3.44
CA VAL A 38 -9.27 -3.57 3.32
C VAL A 38 -9.16 -3.04 1.91
N ASN A 39 -10.27 -2.86 1.32
CA ASN A 39 -10.37 -2.38 -0.02
C ASN A 39 -11.08 -1.10 -0.03
N VAL A 40 -11.23 -0.53 -1.22
CA VAL A 40 -11.84 0.79 -1.42
C VAL A 40 -13.16 0.98 -0.62
N GLU A 41 -13.86 -0.07 -0.43
CA GLU A 41 -15.11 -0.09 0.28
C GLU A 41 -14.89 0.20 1.78
N GLN A 42 -14.14 -0.68 2.44
CA GLN A 42 -13.91 -0.58 3.87
C GLN A 42 -13.07 0.64 4.18
N ALA A 43 -12.10 0.90 3.30
CA ALA A 43 -11.20 2.03 3.45
C ALA A 43 -11.94 3.36 3.37
N GLN A 44 -13.08 3.34 2.71
CA GLN A 44 -13.91 4.51 2.50
C GLN A 44 -14.46 4.97 3.84
N GLU A 45 -14.85 4.00 4.65
CA GLU A 45 -15.43 4.26 5.94
C GLU A 45 -14.36 4.42 7.01
N VAL A 46 -13.32 3.59 6.93
CA VAL A 46 -12.26 3.56 7.94
C VAL A 46 -11.47 4.89 7.96
N MET A 47 -11.50 5.63 6.84
CA MET A 47 -10.81 6.95 6.78
C MET A 47 -11.49 7.96 7.69
N ALA A 48 -12.71 7.65 8.08
CA ALA A 48 -13.48 8.50 8.94
C ALA A 48 -13.45 7.95 10.36
N ALA A 49 -12.69 6.89 10.54
CA ALA A 49 -12.59 6.24 11.83
C ALA A 49 -11.19 6.41 12.40
N ALA A 50 -10.16 6.26 11.59
CA ALA A 50 -8.85 6.35 12.07
C ALA A 50 -8.00 7.04 11.06
N PRO A 51 -7.71 8.33 11.25
CA PRO A 51 -6.85 9.07 10.35
C PRO A 51 -5.38 8.65 10.48
N LEU A 52 -5.13 7.46 10.03
CA LEU A 52 -3.81 6.92 9.95
C LEU A 52 -3.41 6.76 8.49
N GLN A 53 -2.13 6.65 8.24
CA GLN A 53 -1.60 6.59 6.90
C GLN A 53 -2.03 5.30 6.23
N TYR A 54 -2.47 5.35 5.01
CA TYR A 54 -2.87 4.13 4.35
C TYR A 54 -1.87 3.77 3.28
N VAL A 55 -1.60 2.50 3.17
CA VAL A 55 -0.70 2.02 2.17
C VAL A 55 -1.31 0.83 1.48
N GLY A 56 -1.23 0.84 0.20
CA GLY A 56 -1.78 -0.21 -0.59
C GLY A 56 -0.75 -1.05 -1.23
N VAL A 57 -0.84 -2.32 -1.00
CA VAL A 57 0.09 -3.25 -1.58
C VAL A 57 -0.65 -4.11 -2.57
N PHE A 58 -0.23 -4.11 -3.82
CA PHE A 58 -0.85 -4.94 -4.82
C PHE A 58 -0.08 -4.88 -6.10
N ARG A 59 -0.18 -5.92 -6.88
CA ARG A 59 0.46 -5.95 -8.16
C ARG A 59 -0.42 -5.29 -9.16
N ASN A 60 -0.04 -4.10 -9.50
CA ASN A 60 -0.79 -3.24 -10.28
C ASN A 60 -0.29 -3.23 -11.66
N HIS A 61 -1.17 -3.57 -12.50
CA HIS A 61 -0.96 -3.58 -13.92
C HIS A 61 -1.56 -2.31 -14.49
N ASP A 62 -2.68 -1.89 -13.92
CA ASP A 62 -3.36 -0.73 -14.41
C ASP A 62 -3.03 0.47 -13.57
N ILE A 63 -2.32 1.38 -14.15
CA ILE A 63 -1.92 2.59 -13.47
C ILE A 63 -3.10 3.50 -13.15
N ALA A 64 -4.09 3.50 -14.00
CA ALA A 64 -5.27 4.36 -13.82
C ALA A 64 -6.13 3.85 -12.66
N ASP A 65 -5.91 2.60 -12.29
CA ASP A 65 -6.63 1.99 -11.17
C ASP A 65 -5.92 2.36 -9.89
N VAL A 66 -4.61 2.49 -9.99
CA VAL A 66 -3.78 2.91 -8.88
C VAL A 66 -4.15 4.34 -8.54
N VAL A 67 -4.30 5.16 -9.59
CA VAL A 67 -4.69 6.56 -9.44
C VAL A 67 -6.02 6.65 -8.74
N ASP A 68 -6.94 5.79 -9.14
CA ASP A 68 -8.26 5.72 -8.58
C ASP A 68 -8.20 5.46 -7.08
N LYS A 69 -7.63 4.33 -6.70
CA LYS A 69 -7.58 3.91 -5.29
C LYS A 69 -6.80 4.89 -4.44
N ALA A 70 -5.68 5.35 -4.94
CA ALA A 70 -4.83 6.25 -4.21
C ALA A 70 -5.52 7.59 -3.98
N LYS A 71 -6.39 7.96 -4.88
CA LYS A 71 -7.12 9.21 -4.80
C LYS A 71 -8.34 9.05 -3.90
N VAL A 72 -9.21 8.09 -4.24
CA VAL A 72 -10.49 7.84 -3.53
C VAL A 72 -10.25 7.65 -2.02
N LEU A 73 -9.47 6.66 -1.69
CA LEU A 73 -9.11 6.40 -0.30
C LEU A 73 -8.14 7.43 0.25
N SER A 74 -7.50 8.15 -0.65
CA SER A 74 -6.52 9.17 -0.33
C SER A 74 -5.36 8.54 0.48
N LEU A 75 -4.62 7.73 -0.23
CA LEU A 75 -3.52 6.96 0.34
C LEU A 75 -2.28 7.80 0.52
N ALA A 76 -1.23 7.17 0.95
CA ALA A 76 0.00 7.83 1.19
C ALA A 76 1.07 7.12 0.46
N ALA A 77 1.06 5.80 0.51
CA ALA A 77 1.93 5.04 -0.34
C ALA A 77 1.24 3.87 -0.96
N VAL A 78 1.75 3.45 -2.07
CA VAL A 78 1.28 2.30 -2.81
C VAL A 78 2.49 1.50 -3.22
N GLN A 79 2.42 0.22 -3.08
CA GLN A 79 3.50 -0.63 -3.33
C GLN A 79 3.46 -1.15 -4.71
N LEU A 80 4.55 -1.00 -5.37
CA LEU A 80 4.68 -1.40 -6.70
C LEU A 80 5.66 -2.53 -6.82
N HIS A 81 5.21 -3.65 -7.33
CA HIS A 81 6.07 -4.76 -7.63
C HIS A 81 6.62 -4.45 -9.01
N GLY A 82 7.75 -3.78 -9.01
CA GLY A 82 8.31 -3.17 -10.20
C GLY A 82 8.68 -4.08 -11.35
N ASN A 83 8.73 -5.39 -11.10
CA ASN A 83 9.21 -6.42 -12.08
C ASN A 83 8.58 -6.27 -13.48
N GLU A 84 7.39 -5.68 -13.53
CA GLU A 84 6.60 -5.53 -14.75
C GLU A 84 7.38 -4.89 -15.92
N GLU A 85 8.03 -3.78 -15.65
CA GLU A 85 8.75 -3.02 -16.66
C GLU A 85 9.44 -1.89 -15.92
N GLN A 86 10.53 -1.36 -16.45
CA GLN A 86 11.35 -0.42 -15.75
C GLN A 86 10.73 0.96 -15.77
N LEU A 87 10.30 1.34 -16.94
CA LEU A 87 9.83 2.70 -17.19
C LEU A 87 8.42 2.89 -16.68
N TYR A 88 7.76 1.79 -16.46
CA TYR A 88 6.44 1.78 -15.90
C TYR A 88 6.43 2.44 -14.53
N ILE A 89 7.46 2.22 -13.76
CA ILE A 89 7.58 2.76 -12.41
C ILE A 89 7.63 4.28 -12.46
N ASP A 90 8.30 4.76 -13.46
CA ASP A 90 8.46 6.19 -13.67
C ASP A 90 7.15 6.78 -14.18
N THR A 91 6.32 5.93 -14.73
CA THR A 91 5.06 6.30 -15.26
C THR A 91 4.07 6.57 -14.11
N LEU A 92 4.12 5.67 -13.10
CA LEU A 92 3.34 5.83 -11.87
C LEU A 92 3.50 7.22 -11.30
N ARG A 93 4.73 7.71 -11.27
CA ARG A 93 5.04 9.05 -10.73
C ARG A 93 4.25 10.18 -11.38
N GLU A 94 3.83 9.98 -12.60
CA GLU A 94 3.17 11.03 -13.34
C GLU A 94 1.68 11.05 -13.05
N ALA A 95 1.10 9.87 -12.94
CA ALA A 95 -0.33 9.77 -12.73
C ALA A 95 -0.71 9.84 -11.27
N LEU A 96 0.24 9.60 -10.45
CA LEU A 96 0.05 9.67 -9.02
C LEU A 96 0.50 11.01 -8.52
N PRO A 97 -0.37 11.69 -7.74
CA PRO A 97 -0.05 12.99 -7.18
C PRO A 97 1.02 12.84 -6.09
N ALA A 98 1.61 13.96 -5.71
CA ALA A 98 2.71 13.99 -4.74
C ALA A 98 2.25 13.66 -3.32
N HIS A 99 0.97 13.36 -3.20
CA HIS A 99 0.37 12.98 -1.94
C HIS A 99 0.58 11.50 -1.73
N VAL A 100 0.69 10.77 -2.84
CA VAL A 100 0.83 9.39 -2.82
C VAL A 100 2.25 9.05 -3.23
N ALA A 101 2.85 8.20 -2.49
CA ALA A 101 4.18 7.76 -2.74
C ALA A 101 4.12 6.34 -3.23
N ILE A 102 5.14 5.90 -3.87
CA ILE A 102 5.20 4.57 -4.34
C ILE A 102 6.40 3.90 -3.74
N TRP A 103 6.21 2.79 -3.16
CA TRP A 103 7.34 2.08 -2.62
C TRP A 103 7.64 0.87 -3.46
N LYS A 104 8.80 0.36 -3.25
CA LYS A 104 9.29 -0.76 -3.96
C LYS A 104 9.12 -1.98 -3.12
N ALA A 105 8.21 -2.82 -3.53
CA ALA A 105 8.05 -4.09 -2.89
C ALA A 105 9.23 -4.93 -3.34
N LEU A 106 10.18 -5.07 -2.45
CA LEU A 106 11.39 -5.75 -2.74
C LEU A 106 11.17 -7.25 -2.80
N SER A 107 10.93 -7.73 -4.00
CA SER A 107 10.91 -9.13 -4.25
C SER A 107 12.35 -9.56 -4.11
N VAL A 108 12.64 -10.36 -3.08
CA VAL A 108 14.00 -10.69 -2.69
C VAL A 108 14.88 -11.12 -3.86
N GLY A 109 15.88 -10.34 -4.11
CA GLY A 109 16.80 -10.63 -5.14
C GLY A 109 17.95 -11.38 -4.59
N GLU A 110 18.33 -12.39 -5.28
CA GLU A 110 19.42 -13.24 -4.88
C GLU A 110 20.74 -12.51 -5.05
N THR A 111 20.79 -11.65 -6.05
CA THR A 111 21.91 -10.80 -6.28
C THR A 111 21.36 -9.44 -6.76
N LEU A 112 21.32 -8.48 -5.86
CA LEU A 112 20.68 -7.18 -6.11
C LEU A 112 21.52 -6.26 -7.00
N PRO A 113 20.99 -5.86 -8.16
CA PRO A 113 21.63 -4.88 -9.03
C PRO A 113 21.43 -3.46 -8.49
N ALA A 114 22.24 -2.52 -8.95
CA ALA A 114 22.11 -1.13 -8.51
C ALA A 114 21.03 -0.42 -9.30
N ARG A 115 20.87 -0.85 -10.53
CA ARG A 115 19.86 -0.28 -11.38
C ARG A 115 18.75 -1.26 -11.59
N GLU A 116 17.60 -0.86 -11.18
CA GLU A 116 16.42 -1.65 -11.33
C GLU A 116 15.28 -0.73 -11.74
N PHE A 117 14.76 -0.02 -10.76
CA PHE A 117 13.57 0.81 -10.92
C PHE A 117 13.76 2.06 -10.11
N GLN A 118 14.07 3.14 -10.77
CA GLN A 118 14.35 4.37 -10.08
C GLN A 118 13.09 5.14 -9.70
N HIS A 119 13.30 6.20 -8.94
CA HIS A 119 12.27 7.15 -8.52
C HIS A 119 11.33 6.65 -7.44
N VAL A 120 11.57 5.44 -6.91
CA VAL A 120 10.72 4.91 -5.84
C VAL A 120 10.91 5.72 -4.58
N ASP A 121 9.91 5.73 -3.75
CA ASP A 121 9.95 6.60 -2.57
C ASP A 121 10.56 5.90 -1.39
N LYS A 122 10.33 4.62 -1.29
CA LYS A 122 10.87 3.81 -0.22
C LYS A 122 10.85 2.39 -0.70
N TYR A 123 11.58 1.53 -0.06
CA TYR A 123 11.54 0.13 -0.39
C TYR A 123 11.21 -0.65 0.87
N VAL A 124 10.45 -1.69 0.70
CA VAL A 124 10.03 -2.56 1.79
C VAL A 124 10.14 -3.97 1.26
N LEU A 125 10.02 -4.97 2.11
CA LEU A 125 10.06 -6.35 1.63
C LEU A 125 8.78 -6.66 0.87
N ASP A 126 8.84 -7.57 -0.07
CA ASP A 126 7.64 -8.02 -0.79
C ASP A 126 6.71 -8.65 0.24
N ASN A 127 5.67 -7.93 0.58
CA ASN A 127 4.75 -8.30 1.65
C ASN A 127 4.08 -9.63 1.38
N GLY A 128 4.36 -10.61 2.20
CA GLY A 128 3.78 -11.92 2.03
C GLY A 128 3.83 -12.70 3.33
N GLN A 129 3.31 -12.12 4.39
CA GLN A 129 3.30 -12.75 5.70
C GLN A 129 2.25 -13.82 5.74
N GLY A 130 2.64 -15.01 6.13
CA GLY A 130 1.74 -16.10 6.12
C GLY A 130 1.73 -16.72 4.74
N GLY A 131 2.90 -16.85 4.18
CA GLY A 131 3.08 -17.43 2.89
C GLY A 131 4.52 -17.85 2.67
N ALA A 132 5.12 -18.44 3.68
CA ALA A 132 6.50 -18.91 3.60
C ALA A 132 6.75 -19.98 4.66
N GLY A 133 7.18 -19.57 5.84
CA GLY A 133 7.33 -20.48 6.94
C GLY A 133 6.04 -20.51 7.68
N SER A 134 5.47 -19.34 7.78
CA SER A 134 4.16 -19.16 8.26
C SER A 134 3.25 -19.44 7.09
N MET A 1 6.51 5.50 18.40
CA MET A 1 5.80 4.23 18.37
C MET A 1 5.92 3.66 16.97
N GLY A 2 6.09 2.36 16.88
CA GLY A 2 6.34 1.73 15.60
C GLY A 2 5.09 1.45 14.79
N GLU A 3 5.11 0.32 14.14
CA GLU A 3 4.06 -0.08 13.25
C GLU A 3 2.87 -0.60 14.01
N ASN A 4 1.73 -0.25 13.52
CA ASN A 4 0.45 -0.60 14.10
C ASN A 4 -0.43 -1.05 12.96
N LYS A 5 0.23 -1.67 11.97
CA LYS A 5 -0.39 -2.07 10.71
C LYS A 5 -1.65 -2.93 10.88
N VAL A 6 -2.77 -2.28 10.75
CA VAL A 6 -4.03 -2.97 10.76
C VAL A 6 -4.37 -3.51 9.38
N CYS A 7 -4.62 -4.78 9.33
CA CYS A 7 -5.03 -5.49 8.15
C CYS A 7 -6.54 -5.46 8.11
N GLY A 8 -7.17 -5.89 6.98
CA GLY A 8 -8.61 -5.76 6.77
C GLY A 8 -9.43 -5.96 8.00
N LEU A 9 -10.09 -4.93 8.39
CA LEU A 9 -10.80 -4.92 9.61
C LEU A 9 -12.11 -4.21 9.37
N THR A 10 -13.03 -4.38 10.26
CA THR A 10 -14.37 -3.86 10.08
C THR A 10 -14.88 -3.32 11.40
N ARG A 11 -13.95 -3.00 12.26
CA ARG A 11 -14.27 -2.56 13.57
C ARG A 11 -13.57 -1.24 13.79
N GLY A 12 -14.34 -0.18 13.86
CA GLY A 12 -13.87 1.19 14.00
C GLY A 12 -12.90 1.41 15.12
N GLN A 13 -13.26 0.92 16.25
CA GLN A 13 -12.53 1.13 17.46
C GLN A 13 -11.34 0.18 17.55
N ASP A 14 -11.42 -0.89 16.80
CA ASP A 14 -10.31 -1.84 16.74
C ASP A 14 -9.28 -1.26 15.76
N ALA A 15 -9.79 -0.64 14.73
CA ALA A 15 -9.00 0.00 13.69
C ALA A 15 -8.32 1.25 14.22
N LYS A 16 -9.01 1.95 15.11
CA LYS A 16 -8.48 3.19 15.68
C LYS A 16 -7.18 2.97 16.43
N ALA A 17 -6.93 1.74 16.89
CA ALA A 17 -5.69 1.41 17.62
C ALA A 17 -4.43 1.84 16.84
N ALA A 18 -4.52 1.80 15.51
CA ALA A 18 -3.42 2.19 14.64
C ALA A 18 -3.32 3.71 14.55
N TYR A 19 -4.45 4.35 14.66
CA TYR A 19 -4.54 5.79 14.65
C TYR A 19 -4.22 6.34 16.04
N ASP A 20 -4.53 5.57 17.04
CA ASP A 20 -4.30 5.90 18.45
C ASP A 20 -2.80 6.08 18.68
N ALA A 21 -2.02 5.40 17.84
CA ALA A 21 -0.57 5.52 17.84
C ALA A 21 -0.12 6.94 17.42
N GLY A 22 -1.01 7.65 16.75
CA GLY A 22 -0.71 9.00 16.36
C GLY A 22 -0.95 9.21 14.89
N ALA A 23 -2.01 8.55 14.38
CA ALA A 23 -2.41 8.60 12.97
C ALA A 23 -1.25 8.25 12.07
N ILE A 24 -0.42 7.31 12.52
CA ILE A 24 0.80 6.98 11.82
C ILE A 24 0.53 6.39 10.45
N TYR A 25 -0.04 5.20 10.43
CA TYR A 25 -0.30 4.49 9.19
C TYR A 25 -1.03 3.18 9.48
N GLY A 26 -1.65 2.62 8.47
CA GLY A 26 -2.36 1.36 8.57
C GLY A 26 -1.86 0.46 7.46
N GLY A 27 -1.92 -0.84 7.65
CA GLY A 27 -1.32 -1.72 6.68
C GLY A 27 -2.25 -2.79 6.22
N LEU A 28 -3.09 -2.43 5.31
CA LEU A 28 -4.07 -3.31 4.78
C LEU A 28 -3.92 -3.41 3.30
N ILE A 29 -4.31 -4.51 2.77
CA ILE A 29 -4.21 -4.72 1.34
C ILE A 29 -5.51 -4.83 0.65
N PHE A 30 -5.48 -4.52 -0.63
CA PHE A 30 -6.71 -4.46 -1.43
C PHE A 30 -7.15 -5.83 -1.89
N VAL A 31 -7.90 -6.53 -1.07
CA VAL A 31 -8.54 -7.73 -1.52
C VAL A 31 -10.03 -7.56 -1.36
N ALA A 32 -10.74 -7.73 -2.46
CA ALA A 32 -12.17 -7.51 -2.56
C ALA A 32 -12.99 -8.15 -1.45
N THR A 33 -13.41 -7.31 -0.53
CA THR A 33 -14.36 -7.62 0.55
C THR A 33 -13.89 -8.69 1.54
N SER A 34 -12.60 -8.92 1.63
CA SER A 34 -12.09 -9.89 2.57
C SER A 34 -11.89 -9.26 3.96
N PRO A 35 -12.29 -9.92 5.04
CA PRO A 35 -12.11 -9.40 6.42
C PRO A 35 -10.69 -9.58 6.95
N ARG A 36 -9.78 -9.75 6.04
CA ARG A 36 -8.36 -9.86 6.34
C ARG A 36 -7.57 -8.83 5.56
N CYS A 37 -8.23 -8.21 4.60
CA CYS A 37 -7.61 -7.30 3.67
C CYS A 37 -8.70 -6.34 3.18
N VAL A 38 -8.54 -5.10 3.46
CA VAL A 38 -9.55 -4.14 3.18
C VAL A 38 -9.20 -3.34 1.95
N ASN A 39 -10.20 -3.15 1.16
CA ASN A 39 -10.07 -2.41 -0.06
C ASN A 39 -10.71 -1.09 0.12
N VAL A 40 -10.52 -0.25 -0.87
CA VAL A 40 -10.97 1.14 -0.90
C VAL A 40 -12.43 1.31 -0.39
N GLU A 41 -13.26 0.33 -0.64
CA GLU A 41 -14.64 0.36 -0.26
C GLU A 41 -14.80 0.33 1.26
N GLN A 42 -14.25 -0.70 1.88
CA GLN A 42 -14.33 -0.86 3.32
C GLN A 42 -13.49 0.20 4.02
N ALA A 43 -12.34 0.50 3.42
CA ALA A 43 -11.42 1.51 3.96
C ALA A 43 -12.05 2.89 3.98
N GLN A 44 -13.07 3.07 3.17
CA GLN A 44 -13.78 4.33 3.09
C GLN A 44 -14.57 4.56 4.40
N GLU A 45 -14.87 3.48 5.07
CA GLU A 45 -15.55 3.52 6.36
C GLU A 45 -14.51 3.70 7.44
N VAL A 46 -13.46 2.94 7.30
CA VAL A 46 -12.39 2.88 8.26
C VAL A 46 -11.65 4.23 8.35
N MET A 47 -11.55 4.95 7.21
CA MET A 47 -10.88 6.28 7.16
C MET A 47 -11.63 7.32 7.96
N ALA A 48 -12.89 7.03 8.24
CA ALA A 48 -13.73 7.89 9.01
C ALA A 48 -13.60 7.55 10.49
N ALA A 49 -13.24 6.31 10.75
CA ALA A 49 -13.10 5.83 12.11
C ALA A 49 -11.73 6.18 12.64
N ALA A 50 -10.73 6.05 11.79
CA ALA A 50 -9.40 6.33 12.13
C ALA A 50 -8.80 7.11 10.98
N PRO A 51 -8.62 8.42 11.13
CA PRO A 51 -8.06 9.30 10.08
C PRO A 51 -6.54 9.14 9.89
N LEU A 52 -6.10 7.90 9.85
CA LEU A 52 -4.71 7.54 9.70
C LEU A 52 -4.31 7.43 8.22
N GLN A 53 -3.05 7.08 7.99
CA GLN A 53 -2.50 6.91 6.67
C GLN A 53 -2.80 5.52 6.13
N TYR A 54 -3.01 5.43 4.85
CA TYR A 54 -3.24 4.17 4.20
C TYR A 54 -2.16 3.90 3.21
N VAL A 55 -1.85 2.67 3.08
CA VAL A 55 -0.87 2.25 2.14
C VAL A 55 -1.45 1.07 1.40
N GLY A 56 -1.12 0.95 0.16
CA GLY A 56 -1.65 -0.13 -0.61
C GLY A 56 -0.58 -0.94 -1.23
N VAL A 57 -0.75 -2.23 -1.25
CA VAL A 57 0.20 -3.13 -1.86
C VAL A 57 -0.56 -4.02 -2.81
N PHE A 58 -0.20 -4.03 -4.08
CA PHE A 58 -0.87 -4.88 -5.06
C PHE A 58 -0.08 -4.89 -6.37
N ARG A 59 -0.24 -5.92 -7.16
CA ARG A 59 0.35 -5.93 -8.48
C ARG A 59 -0.64 -5.35 -9.48
N ASN A 60 -0.50 -4.07 -9.70
CA ASN A 60 -1.33 -3.32 -10.56
C ASN A 60 -0.58 -3.12 -11.83
N HIS A 61 -1.12 -3.62 -12.84
CA HIS A 61 -0.55 -3.52 -14.17
C HIS A 61 -1.05 -2.23 -14.81
N ASP A 62 -2.23 -1.81 -14.39
CA ASP A 62 -2.86 -0.60 -14.87
C ASP A 62 -2.61 0.56 -13.93
N ILE A 63 -2.02 1.59 -14.47
CA ILE A 63 -1.70 2.79 -13.73
C ILE A 63 -2.93 3.51 -13.23
N ALA A 64 -3.99 3.48 -14.00
CA ALA A 64 -5.19 4.21 -13.66
C ALA A 64 -5.91 3.53 -12.51
N ASP A 65 -5.58 2.28 -12.28
CA ASP A 65 -6.20 1.50 -11.22
C ASP A 65 -5.54 1.81 -9.91
N VAL A 66 -4.27 2.18 -10.01
CA VAL A 66 -3.48 2.61 -8.87
C VAL A 66 -3.96 3.99 -8.49
N VAL A 67 -4.08 4.86 -9.50
CA VAL A 67 -4.48 6.25 -9.30
C VAL A 67 -5.87 6.31 -8.68
N ASP A 68 -6.70 5.38 -9.11
CA ASP A 68 -8.06 5.20 -8.61
C ASP A 68 -8.05 5.08 -7.10
N LYS A 69 -7.38 4.06 -6.61
CA LYS A 69 -7.37 3.77 -5.17
C LYS A 69 -6.67 4.91 -4.42
N ALA A 70 -5.56 5.36 -5.00
CA ALA A 70 -4.72 6.41 -4.43
C ALA A 70 -5.50 7.67 -4.20
N LYS A 71 -6.39 8.00 -5.11
CA LYS A 71 -7.18 9.20 -4.99
C LYS A 71 -8.41 8.96 -4.11
N VAL A 72 -9.19 7.93 -4.43
CA VAL A 72 -10.46 7.65 -3.73
C VAL A 72 -10.24 7.52 -2.22
N LEU A 73 -9.37 6.61 -1.84
CA LEU A 73 -9.09 6.41 -0.44
C LEU A 73 -8.12 7.46 0.09
N SER A 74 -7.38 8.07 -0.83
CA SER A 74 -6.32 9.01 -0.49
C SER A 74 -5.22 8.31 0.30
N LEU A 75 -4.39 7.61 -0.44
CA LEU A 75 -3.28 6.86 0.10
C LEU A 75 -2.12 7.77 0.41
N ALA A 76 -1.07 7.18 0.88
CA ALA A 76 0.12 7.88 1.20
C ALA A 76 1.24 7.23 0.44
N ALA A 77 1.21 5.92 0.37
CA ALA A 77 2.11 5.19 -0.45
C ALA A 77 1.42 3.99 -1.04
N VAL A 78 1.99 3.47 -2.09
CA VAL A 78 1.50 2.27 -2.74
C VAL A 78 2.69 1.41 -3.17
N GLN A 79 2.59 0.13 -2.95
CA GLN A 79 3.59 -0.78 -3.30
C GLN A 79 3.22 -1.50 -4.51
N LEU A 80 3.92 -1.22 -5.52
CA LEU A 80 3.68 -1.83 -6.77
C LEU A 80 4.68 -2.91 -7.05
N HIS A 81 4.28 -3.83 -7.84
CA HIS A 81 5.16 -4.84 -8.33
C HIS A 81 5.69 -4.35 -9.64
N GLY A 82 6.85 -3.76 -9.57
CA GLY A 82 7.44 -3.05 -10.67
C GLY A 82 7.95 -3.92 -11.77
N ASN A 83 8.04 -5.21 -11.51
CA ASN A 83 8.59 -6.24 -12.44
C ASN A 83 7.97 -6.11 -13.87
N GLU A 84 6.76 -5.58 -13.95
CA GLU A 84 6.05 -5.36 -15.21
C GLU A 84 6.90 -4.60 -16.26
N GLU A 85 7.55 -3.53 -15.82
CA GLU A 85 8.41 -2.70 -16.66
C GLU A 85 9.04 -1.66 -15.74
N GLN A 86 10.23 -1.23 -16.04
CA GLN A 86 11.00 -0.37 -15.19
C GLN A 86 10.51 1.06 -15.29
N LEU A 87 10.27 1.45 -16.49
CA LEU A 87 9.83 2.79 -16.83
C LEU A 87 8.37 2.98 -16.48
N TYR A 88 7.70 1.87 -16.22
CA TYR A 88 6.33 1.89 -15.77
C TYR A 88 6.26 2.60 -14.42
N ILE A 89 7.22 2.32 -13.57
CA ILE A 89 7.28 2.94 -12.24
C ILE A 89 7.42 4.45 -12.42
N ASP A 90 8.24 4.79 -13.39
CA ASP A 90 8.52 6.19 -13.75
C ASP A 90 7.26 6.87 -14.30
N THR A 91 6.32 6.07 -14.71
CA THR A 91 5.06 6.51 -15.25
C THR A 91 4.07 6.85 -14.11
N LEU A 92 4.05 5.99 -13.08
CA LEU A 92 3.21 6.18 -11.90
C LEU A 92 3.44 7.53 -11.28
N ARG A 93 4.71 7.89 -11.18
CA ARG A 93 5.20 9.19 -10.64
C ARG A 93 4.39 10.36 -11.15
N GLU A 94 4.02 10.25 -12.39
CA GLU A 94 3.34 11.31 -13.10
C GLU A 94 1.87 11.38 -12.76
N ALA A 95 1.22 10.23 -12.75
CA ALA A 95 -0.22 10.17 -12.54
C ALA A 95 -0.59 10.26 -11.07
N LEU A 96 0.37 10.01 -10.26
CA LEU A 96 0.21 10.08 -8.84
C LEU A 96 0.75 11.40 -8.32
N PRO A 97 0.02 12.07 -7.44
CA PRO A 97 0.48 13.32 -6.83
C PRO A 97 1.62 13.03 -5.87
N ALA A 98 2.34 14.05 -5.46
CA ALA A 98 3.51 13.89 -4.59
C ALA A 98 3.10 13.42 -3.19
N HIS A 99 1.81 13.47 -2.94
CA HIS A 99 1.22 13.04 -1.68
C HIS A 99 1.23 11.52 -1.59
N VAL A 100 1.15 10.88 -2.75
CA VAL A 100 1.16 9.48 -2.83
C VAL A 100 2.55 9.05 -3.22
N ALA A 101 3.08 8.17 -2.47
CA ALA A 101 4.41 7.69 -2.68
C ALA A 101 4.35 6.30 -3.25
N ILE A 102 5.44 5.83 -3.72
CA ILE A 102 5.51 4.53 -4.31
C ILE A 102 6.59 3.76 -3.62
N TRP A 103 6.30 2.57 -3.16
CA TRP A 103 7.34 1.80 -2.56
C TRP A 103 7.49 0.51 -3.33
N LYS A 104 8.68 -0.03 -3.29
CA LYS A 104 8.96 -1.22 -4.03
C LYS A 104 9.05 -2.36 -3.04
N ALA A 105 8.26 -3.38 -3.29
CA ALA A 105 8.30 -4.61 -2.52
C ALA A 105 9.61 -5.33 -2.83
N LEU A 106 10.57 -5.15 -1.98
CA LEU A 106 11.90 -5.63 -2.18
C LEU A 106 12.04 -7.07 -1.71
N SER A 107 12.28 -7.93 -2.65
CA SER A 107 12.59 -9.29 -2.37
C SER A 107 14.00 -9.28 -1.83
N VAL A 108 14.22 -9.99 -0.71
CA VAL A 108 15.51 -10.03 0.00
C VAL A 108 16.72 -10.01 -0.93
N GLY A 109 17.56 -9.01 -0.75
CA GLY A 109 18.73 -8.82 -1.59
C GLY A 109 19.86 -9.73 -1.23
N GLU A 110 19.62 -11.00 -1.41
CA GLU A 110 20.58 -12.03 -1.15
C GLU A 110 21.33 -12.28 -2.45
N THR A 111 20.60 -12.81 -3.42
CA THR A 111 21.15 -13.04 -4.73
C THR A 111 20.62 -11.96 -5.69
N LEU A 112 19.48 -11.39 -5.34
CA LEU A 112 18.88 -10.34 -6.12
C LEU A 112 19.39 -8.99 -5.64
N PRO A 113 19.34 -7.94 -6.47
CA PRO A 113 19.77 -6.62 -6.07
C PRO A 113 18.71 -5.89 -5.25
N ALA A 114 19.14 -4.94 -4.46
CA ALA A 114 18.25 -4.18 -3.62
C ALA A 114 17.69 -3.02 -4.43
N ARG A 115 18.51 -2.46 -5.26
CA ARG A 115 18.09 -1.37 -6.09
C ARG A 115 17.81 -1.90 -7.47
N GLU A 116 16.62 -1.66 -7.93
CA GLU A 116 16.16 -2.15 -9.21
C GLU A 116 15.45 -1.03 -9.90
N PHE A 117 14.39 -0.59 -9.28
CA PHE A 117 13.57 0.43 -9.82
C PHE A 117 13.86 1.71 -9.10
N GLN A 118 14.35 2.63 -9.86
CA GLN A 118 14.62 3.96 -9.37
C GLN A 118 13.33 4.73 -9.28
N HIS A 119 13.38 5.85 -8.59
CA HIS A 119 12.26 6.78 -8.47
C HIS A 119 11.18 6.28 -7.51
N VAL A 120 11.49 5.20 -6.81
CA VAL A 120 10.61 4.72 -5.79
C VAL A 120 10.91 5.49 -4.51
N ASP A 121 9.90 5.76 -3.76
CA ASP A 121 10.02 6.61 -2.58
C ASP A 121 10.74 5.90 -1.45
N LYS A 122 10.41 4.67 -1.25
CA LYS A 122 10.91 3.89 -0.16
C LYS A 122 10.73 2.44 -0.53
N TYR A 123 11.38 1.57 0.14
CA TYR A 123 11.23 0.17 -0.12
C TYR A 123 10.68 -0.52 1.11
N VAL A 124 10.08 -1.66 0.90
CA VAL A 124 9.59 -2.50 1.99
C VAL A 124 9.92 -3.93 1.62
N LEU A 125 9.71 -4.84 2.53
CA LEU A 125 9.99 -6.23 2.25
C LEU A 125 8.88 -6.81 1.35
N ASP A 126 9.25 -7.68 0.44
CA ASP A 126 8.28 -8.32 -0.43
C ASP A 126 7.61 -9.46 0.33
N ASN A 127 6.34 -9.30 0.61
CA ASN A 127 5.57 -10.34 1.29
C ASN A 127 4.55 -10.95 0.34
N GLY A 128 4.79 -10.78 -0.94
CA GLY A 128 3.88 -11.31 -1.93
C GLY A 128 4.42 -12.59 -2.54
N GLN A 129 5.64 -12.93 -2.14
CA GLN A 129 6.31 -14.13 -2.62
C GLN A 129 5.56 -15.39 -2.20
N GLY A 130 5.54 -16.34 -3.08
CA GLY A 130 4.91 -17.61 -2.82
C GLY A 130 5.82 -18.75 -3.18
N GLY A 131 6.62 -18.55 -4.20
CA GLY A 131 7.55 -19.56 -4.65
C GLY A 131 7.22 -20.03 -6.04
N ALA A 132 8.17 -20.63 -6.69
CA ALA A 132 7.96 -21.16 -8.01
C ALA A 132 7.44 -22.58 -7.92
N GLY A 133 6.17 -22.75 -8.17
CA GLY A 133 5.55 -24.05 -8.11
C GLY A 133 5.99 -24.96 -9.23
N SER A 134 6.82 -25.90 -8.91
CA SER A 134 7.30 -26.85 -9.86
C SER A 134 7.70 -28.10 -9.09
N MET A 1 7.31 -0.42 18.52
CA MET A 1 7.31 1.03 18.73
C MET A 1 6.39 1.72 17.74
N GLY A 2 5.19 2.06 18.17
CA GLY A 2 4.27 2.84 17.36
C GLY A 2 3.53 2.06 16.29
N GLU A 3 4.28 1.34 15.44
CA GLU A 3 3.75 0.57 14.31
C GLU A 3 2.56 -0.27 14.73
N ASN A 4 1.44 -0.04 14.09
CA ASN A 4 0.21 -0.71 14.43
C ASN A 4 -0.53 -0.91 13.14
N LYS A 5 0.22 -1.33 12.13
CA LYS A 5 -0.28 -1.56 10.76
C LYS A 5 -1.60 -2.36 10.69
N VAL A 6 -2.69 -1.65 10.61
CA VAL A 6 -4.00 -2.25 10.54
C VAL A 6 -4.25 -2.90 9.18
N CYS A 7 -4.51 -4.17 9.21
CA CYS A 7 -4.87 -4.96 8.08
C CYS A 7 -6.38 -5.13 8.13
N GLY A 8 -6.99 -5.64 7.03
CA GLY A 8 -8.46 -5.64 6.79
C GLY A 8 -9.30 -5.09 7.90
N LEU A 9 -10.06 -5.96 8.57
CA LEU A 9 -10.92 -5.58 9.69
C LEU A 9 -12.21 -4.90 9.20
N THR A 10 -13.19 -4.80 10.08
CA THR A 10 -14.45 -4.20 9.73
C THR A 10 -14.95 -3.29 10.86
N ARG A 11 -14.36 -3.40 12.04
CA ARG A 11 -14.82 -2.64 13.17
C ARG A 11 -14.02 -1.39 13.36
N GLY A 12 -14.67 -0.27 13.13
CA GLY A 12 -14.08 1.05 13.28
C GLY A 12 -13.39 1.25 14.61
N GLN A 13 -14.02 0.77 15.68
CA GLN A 13 -13.51 0.90 17.06
C GLN A 13 -12.14 0.27 17.15
N ASP A 14 -12.01 -0.82 16.45
CA ASP A 14 -10.84 -1.66 16.49
C ASP A 14 -9.76 -1.04 15.58
N ALA A 15 -10.21 -0.37 14.55
CA ALA A 15 -9.35 0.30 13.60
C ALA A 15 -8.75 1.56 14.20
N LYS A 16 -9.53 2.24 15.05
CA LYS A 16 -9.10 3.48 15.68
C LYS A 16 -7.87 3.26 16.54
N ALA A 17 -7.68 2.04 17.00
CA ALA A 17 -6.55 1.70 17.85
C ALA A 17 -5.22 1.84 17.12
N ALA A 18 -5.24 1.59 15.82
CA ALA A 18 -4.04 1.71 15.00
C ALA A 18 -3.66 3.17 14.85
N TYR A 19 -4.67 3.99 14.82
CA TYR A 19 -4.53 5.42 14.75
C TYR A 19 -4.21 5.99 16.12
N ASP A 20 -4.70 5.32 17.13
CA ASP A 20 -4.45 5.68 18.53
C ASP A 20 -2.98 5.49 18.88
N ALA A 21 -2.33 4.63 18.11
CA ALA A 21 -0.92 4.39 18.25
C ALA A 21 -0.11 5.62 17.86
N GLY A 22 -0.69 6.50 17.04
CA GLY A 22 -0.01 7.72 16.71
C GLY A 22 -0.33 8.26 15.34
N ALA A 23 -1.40 7.73 14.71
CA ALA A 23 -1.84 8.13 13.35
C ALA A 23 -0.73 7.92 12.33
N ILE A 24 0.14 6.97 12.65
CA ILE A 24 1.33 6.71 11.89
C ILE A 24 1.01 6.22 10.48
N TYR A 25 0.45 5.05 10.40
CA TYR A 25 0.19 4.41 9.13
C TYR A 25 -0.55 3.08 9.38
N GLY A 26 -1.29 2.65 8.40
CA GLY A 26 -2.00 1.40 8.46
C GLY A 26 -1.61 0.56 7.28
N GLY A 27 -1.50 -0.73 7.45
CA GLY A 27 -0.99 -1.58 6.40
C GLY A 27 -2.00 -2.58 5.94
N LEU A 28 -2.85 -2.14 5.07
CA LEU A 28 -3.90 -2.96 4.56
C LEU A 28 -3.76 -3.13 3.07
N ILE A 29 -4.04 -4.29 2.60
CA ILE A 29 -3.98 -4.52 1.17
C ILE A 29 -5.30 -4.67 0.53
N PHE A 30 -5.35 -4.31 -0.73
CA PHE A 30 -6.60 -4.27 -1.48
C PHE A 30 -6.97 -5.66 -1.99
N VAL A 31 -7.53 -6.49 -1.13
CA VAL A 31 -8.01 -7.75 -1.60
C VAL A 31 -9.50 -7.72 -1.48
N ALA A 32 -10.16 -8.09 -2.57
CA ALA A 32 -11.60 -8.00 -2.69
C ALA A 32 -12.34 -8.75 -1.59
N THR A 33 -12.92 -7.99 -0.68
CA THR A 33 -13.83 -8.43 0.39
C THR A 33 -13.19 -9.35 1.44
N SER A 34 -11.88 -9.39 1.51
CA SER A 34 -11.20 -10.22 2.46
C SER A 34 -11.13 -9.53 3.83
N PRO A 35 -11.63 -10.16 4.89
CA PRO A 35 -11.65 -9.54 6.22
C PRO A 35 -10.25 -9.24 6.83
N ARG A 36 -9.20 -9.73 6.20
CA ARG A 36 -7.88 -9.40 6.68
C ARG A 36 -7.11 -8.53 5.68
N CYS A 37 -7.83 -7.99 4.68
CA CYS A 37 -7.24 -7.11 3.68
C CYS A 37 -8.35 -6.17 3.18
N VAL A 38 -8.19 -4.88 3.37
CA VAL A 38 -9.27 -3.98 3.08
C VAL A 38 -9.06 -3.23 1.78
N ASN A 39 -10.15 -3.11 1.07
CA ASN A 39 -10.20 -2.43 -0.20
C ASN A 39 -10.82 -1.10 -0.03
N VAL A 40 -10.72 -0.26 -1.06
CA VAL A 40 -11.14 1.15 -1.01
C VAL A 40 -12.59 1.30 -0.52
N GLU A 41 -13.38 0.33 -0.81
CA GLU A 41 -14.74 0.26 -0.43
C GLU A 41 -14.92 0.25 1.10
N GLN A 42 -14.27 -0.70 1.78
CA GLN A 42 -14.31 -0.75 3.23
C GLN A 42 -13.51 0.40 3.81
N ALA A 43 -12.42 0.69 3.16
CA ALA A 43 -11.50 1.74 3.60
C ALA A 43 -12.19 3.11 3.61
N GLN A 44 -13.19 3.26 2.77
CA GLN A 44 -13.98 4.47 2.68
C GLN A 44 -14.72 4.78 4.00
N GLU A 45 -15.17 3.76 4.70
CA GLU A 45 -15.82 3.98 5.98
C GLU A 45 -14.78 4.05 7.07
N VAL A 46 -13.89 3.15 6.94
CA VAL A 46 -12.72 2.96 7.77
C VAL A 46 -11.82 4.23 7.87
N MET A 47 -11.77 5.06 6.82
CA MET A 47 -10.99 6.32 6.84
C MET A 47 -11.56 7.27 7.89
N ALA A 48 -12.86 7.19 8.10
CA ALA A 48 -13.56 8.06 9.02
C ALA A 48 -13.41 7.53 10.43
N ALA A 49 -12.93 6.32 10.55
CA ALA A 49 -12.73 5.73 11.84
C ALA A 49 -11.34 6.05 12.33
N ALA A 50 -10.34 5.84 11.49
CA ALA A 50 -9.03 6.06 11.87
C ALA A 50 -8.33 6.88 10.80
N PRO A 51 -8.20 8.19 11.01
CA PRO A 51 -7.51 9.09 10.07
C PRO A 51 -5.98 8.91 10.13
N LEU A 52 -5.58 7.68 9.92
CA LEU A 52 -4.19 7.30 9.86
C LEU A 52 -3.75 7.25 8.39
N GLN A 53 -2.48 7.09 8.14
CA GLN A 53 -1.95 7.00 6.79
C GLN A 53 -2.32 5.65 6.17
N TYR A 54 -2.62 5.64 4.90
CA TYR A 54 -3.00 4.44 4.23
C TYR A 54 -1.93 4.11 3.18
N VAL A 55 -1.61 2.86 3.06
CA VAL A 55 -0.64 2.43 2.10
C VAL A 55 -1.24 1.29 1.31
N GLY A 56 -0.89 1.21 0.06
CA GLY A 56 -1.41 0.17 -0.77
C GLY A 56 -0.35 -0.63 -1.43
N VAL A 57 -0.44 -1.92 -1.32
CA VAL A 57 0.47 -2.81 -1.99
C VAL A 57 -0.34 -3.58 -3.01
N PHE A 58 -0.04 -3.41 -4.27
CA PHE A 58 -0.85 -4.01 -5.30
C PHE A 58 0.02 -4.34 -6.51
N ARG A 59 -0.37 -5.34 -7.28
CA ARG A 59 0.31 -5.62 -8.52
C ARG A 59 -0.32 -4.74 -9.59
N ASN A 60 0.28 -3.62 -9.79
CA ASN A 60 -0.24 -2.60 -10.62
C ASN A 60 -0.26 -3.01 -12.04
N HIS A 61 -1.43 -3.09 -12.51
CA HIS A 61 -1.71 -3.29 -13.90
C HIS A 61 -2.25 -2.00 -14.48
N ASP A 62 -3.47 -1.68 -14.12
CA ASP A 62 -4.10 -0.45 -14.56
C ASP A 62 -3.63 0.70 -13.73
N ILE A 63 -2.85 1.56 -14.33
CA ILE A 63 -2.36 2.73 -13.66
C ILE A 63 -3.51 3.66 -13.26
N ALA A 64 -4.54 3.69 -14.08
CA ALA A 64 -5.67 4.56 -13.82
C ALA A 64 -6.46 4.05 -12.62
N ASP A 65 -6.32 2.78 -12.34
CA ASP A 65 -7.10 2.16 -11.28
C ASP A 65 -6.41 2.34 -9.95
N VAL A 66 -5.10 2.34 -9.96
CA VAL A 66 -4.36 2.54 -8.74
C VAL A 66 -4.38 4.03 -8.36
N VAL A 67 -4.39 4.92 -9.38
CA VAL A 67 -4.51 6.36 -9.15
C VAL A 67 -5.88 6.65 -8.52
N ASP A 68 -6.84 5.85 -8.92
CA ASP A 68 -8.18 5.87 -8.35
C ASP A 68 -8.09 5.64 -6.86
N LYS A 69 -7.52 4.51 -6.47
CA LYS A 69 -7.41 4.12 -5.05
C LYS A 69 -6.61 5.15 -4.27
N ALA A 70 -5.53 5.62 -4.91
CA ALA A 70 -4.64 6.62 -4.37
C ALA A 70 -5.39 7.91 -4.06
N LYS A 71 -6.33 8.26 -4.90
CA LYS A 71 -7.09 9.48 -4.73
C LYS A 71 -8.26 9.27 -3.78
N VAL A 72 -9.08 8.28 -4.06
CA VAL A 72 -10.33 8.03 -3.31
C VAL A 72 -10.06 7.84 -1.82
N LEU A 73 -9.22 6.89 -1.49
CA LEU A 73 -8.86 6.64 -0.11
C LEU A 73 -7.82 7.64 0.37
N SER A 74 -7.20 8.35 -0.57
CA SER A 74 -6.09 9.26 -0.31
C SER A 74 -4.93 8.59 0.41
N LEU A 75 -4.18 7.83 -0.37
CA LEU A 75 -3.07 7.07 0.12
C LEU A 75 -1.87 7.95 0.41
N ALA A 76 -0.88 7.35 0.95
CA ALA A 76 0.35 8.02 1.28
C ALA A 76 1.49 7.35 0.58
N ALA A 77 1.41 6.04 0.46
CA ALA A 77 2.35 5.30 -0.35
C ALA A 77 1.66 4.14 -1.02
N VAL A 78 2.24 3.68 -2.07
CA VAL A 78 1.77 2.52 -2.81
C VAL A 78 3.01 1.73 -3.23
N GLN A 79 2.93 0.42 -3.17
CA GLN A 79 4.01 -0.40 -3.50
C GLN A 79 3.90 -0.95 -4.86
N LEU A 80 4.94 -0.77 -5.60
CA LEU A 80 5.00 -1.19 -6.95
C LEU A 80 5.71 -2.50 -7.07
N HIS A 81 5.01 -3.44 -7.62
CA HIS A 81 5.61 -4.68 -8.01
C HIS A 81 6.19 -4.44 -9.35
N GLY A 82 7.47 -4.18 -9.37
CA GLY A 82 8.18 -3.84 -10.59
C GLY A 82 8.18 -4.92 -11.63
N ASN A 83 7.78 -6.12 -11.22
CA ASN A 83 7.62 -7.30 -12.08
C ASN A 83 6.89 -7.00 -13.40
N GLU A 84 5.97 -6.04 -13.37
CA GLU A 84 5.13 -5.75 -14.52
C GLU A 84 5.94 -5.18 -15.68
N GLU A 85 6.78 -4.20 -15.42
CA GLU A 85 7.60 -3.53 -16.39
C GLU A 85 8.40 -2.48 -15.61
N GLN A 86 9.60 -2.15 -16.05
CA GLN A 86 10.54 -1.32 -15.33
C GLN A 86 10.19 0.16 -15.40
N LEU A 87 9.87 0.57 -16.58
CA LEU A 87 9.63 1.96 -16.90
C LEU A 87 8.23 2.35 -16.49
N TYR A 88 7.40 1.33 -16.34
CA TYR A 88 6.06 1.48 -15.87
C TYR A 88 6.03 2.13 -14.49
N ILE A 89 7.02 1.81 -13.64
CA ILE A 89 7.08 2.39 -12.29
C ILE A 89 7.22 3.90 -12.41
N ASP A 90 7.98 4.31 -13.39
CA ASP A 90 8.25 5.71 -13.62
C ASP A 90 7.00 6.43 -14.14
N THR A 91 6.10 5.64 -14.66
CA THR A 91 4.87 6.10 -15.24
C THR A 91 3.88 6.39 -14.09
N LEU A 92 3.86 5.49 -13.11
CA LEU A 92 3.08 5.68 -11.89
C LEU A 92 3.28 7.05 -11.28
N ARG A 93 4.55 7.48 -11.11
CA ARG A 93 4.86 8.84 -10.53
C ARG A 93 4.13 9.94 -11.24
N GLU A 94 3.95 9.74 -12.50
CA GLU A 94 3.36 10.75 -13.35
C GLU A 94 1.87 10.90 -13.09
N ALA A 95 1.21 9.79 -12.94
CA ALA A 95 -0.23 9.80 -12.75
C ALA A 95 -0.64 9.92 -11.29
N LEU A 96 0.25 9.60 -10.42
CA LEU A 96 0.03 9.67 -8.97
C LEU A 96 0.29 11.07 -8.48
N PRO A 97 -0.59 11.57 -7.62
CA PRO A 97 -0.41 12.86 -7.01
C PRO A 97 0.69 12.82 -5.96
N ALA A 98 1.16 13.98 -5.57
CA ALA A 98 2.25 14.14 -4.62
C ALA A 98 1.92 13.57 -3.25
N HIS A 99 0.64 13.32 -3.02
CA HIS A 99 0.17 12.82 -1.75
C HIS A 99 0.60 11.36 -1.59
N VAL A 100 0.73 10.65 -2.72
CA VAL A 100 1.03 9.29 -2.69
C VAL A 100 2.46 9.05 -3.14
N ALA A 101 3.16 8.31 -2.34
CA ALA A 101 4.52 7.94 -2.60
C ALA A 101 4.56 6.55 -3.16
N ILE A 102 5.69 6.14 -3.61
CA ILE A 102 5.85 4.84 -4.18
C ILE A 102 6.95 4.13 -3.48
N TRP A 103 6.70 2.93 -3.06
CA TRP A 103 7.74 2.15 -2.45
C TRP A 103 7.95 0.91 -3.28
N LYS A 104 9.10 0.33 -3.16
CA LYS A 104 9.41 -0.84 -3.90
C LYS A 104 9.25 -2.01 -3.01
N ALA A 105 8.44 -2.91 -3.42
CA ALA A 105 8.27 -4.14 -2.72
C ALA A 105 9.55 -4.96 -2.90
N LEU A 106 10.19 -5.22 -1.82
CA LEU A 106 11.37 -6.01 -1.82
C LEU A 106 11.00 -7.47 -1.64
N SER A 107 10.88 -8.16 -2.75
CA SER A 107 10.59 -9.56 -2.75
C SER A 107 11.77 -10.33 -2.18
N VAL A 108 11.50 -11.47 -1.57
CA VAL A 108 12.57 -12.21 -0.98
C VAL A 108 13.50 -12.77 -2.05
N GLY A 109 14.69 -12.27 -1.99
CA GLY A 109 15.73 -12.58 -2.90
C GLY A 109 16.96 -11.91 -2.39
N GLU A 110 17.71 -12.63 -1.62
CA GLU A 110 18.82 -12.08 -0.88
C GLU A 110 20.03 -11.69 -1.73
N THR A 111 20.05 -12.13 -2.96
CA THR A 111 21.12 -11.77 -3.87
C THR A 111 20.62 -10.65 -4.83
N LEU A 112 19.44 -10.13 -4.56
CA LEU A 112 18.90 -9.05 -5.35
C LEU A 112 19.30 -7.71 -4.73
N PRO A 113 19.46 -6.67 -5.55
CA PRO A 113 19.79 -5.35 -5.05
C PRO A 113 18.60 -4.73 -4.32
N ALA A 114 18.88 -3.93 -3.32
CA ALA A 114 17.85 -3.26 -2.55
C ALA A 114 17.14 -2.21 -3.41
N ARG A 115 17.87 -1.70 -4.38
CA ARG A 115 17.33 -0.72 -5.28
C ARG A 115 17.26 -1.36 -6.66
N GLU A 116 16.10 -1.30 -7.27
CA GLU A 116 15.90 -1.91 -8.58
C GLU A 116 15.23 -0.90 -9.47
N PHE A 117 14.10 -0.46 -9.01
CA PHE A 117 13.33 0.51 -9.70
C PHE A 117 13.60 1.83 -9.05
N GLN A 118 14.24 2.66 -9.78
CA GLN A 118 14.73 3.92 -9.29
C GLN A 118 13.60 4.94 -9.10
N HIS A 119 13.93 5.99 -8.35
CA HIS A 119 13.04 7.13 -8.02
C HIS A 119 11.94 6.73 -7.03
N VAL A 120 12.01 5.52 -6.49
CA VAL A 120 11.07 5.09 -5.46
C VAL A 120 11.40 5.80 -4.17
N ASP A 121 10.41 6.00 -3.37
CA ASP A 121 10.58 6.78 -2.15
C ASP A 121 11.18 5.95 -1.05
N LYS A 122 10.73 4.73 -0.94
CA LYS A 122 11.18 3.80 0.10
C LYS A 122 11.18 2.40 -0.46
N TYR A 123 11.86 1.51 0.19
CA TYR A 123 11.79 0.12 -0.13
C TYR A 123 11.22 -0.57 1.09
N VAL A 124 10.36 -1.50 0.89
CA VAL A 124 9.69 -2.16 1.99
C VAL A 124 9.62 -3.62 1.67
N LEU A 125 9.30 -4.43 2.63
CA LEU A 125 9.27 -5.87 2.43
C LEU A 125 8.09 -6.29 1.56
N ASP A 126 8.18 -7.50 1.05
CA ASP A 126 7.18 -8.07 0.17
C ASP A 126 5.91 -8.34 0.93
N ASN A 127 4.99 -7.43 0.83
CA ASN A 127 3.68 -7.59 1.42
C ASN A 127 2.83 -8.41 0.49
N GLY A 128 2.86 -8.02 -0.77
CA GLY A 128 2.16 -8.73 -1.82
C GLY A 128 0.65 -8.70 -1.67
N GLN A 129 0.03 -9.69 -2.27
CA GLN A 129 -1.42 -9.95 -2.29
C GLN A 129 -1.64 -11.03 -3.35
N GLY A 130 -0.73 -11.04 -4.31
CA GLY A 130 -0.72 -12.00 -5.39
C GLY A 130 0.37 -11.64 -6.37
N GLY A 131 1.55 -11.40 -5.86
CA GLY A 131 2.66 -10.98 -6.68
C GLY A 131 3.46 -12.14 -7.20
N ALA A 132 4.76 -11.96 -7.27
CA ALA A 132 5.63 -12.98 -7.81
C ALA A 132 6.51 -13.55 -6.71
N GLY A 133 6.24 -14.77 -6.32
CA GLY A 133 7.00 -15.40 -5.29
C GLY A 133 6.79 -16.88 -5.31
N SER A 134 7.66 -17.61 -4.67
CA SER A 134 7.58 -19.05 -4.57
C SER A 134 8.26 -19.49 -3.28
N MET A 1 11.22 1.84 15.52
CA MET A 1 10.10 1.83 14.58
C MET A 1 8.82 1.70 15.35
N GLY A 2 7.75 2.24 14.84
CA GLY A 2 6.49 2.19 15.52
C GLY A 2 5.42 1.71 14.60
N GLU A 3 5.43 0.44 14.31
CA GLU A 3 4.46 -0.15 13.42
C GLU A 3 3.10 -0.21 14.05
N ASN A 4 2.17 0.40 13.41
CA ASN A 4 0.77 0.34 13.75
C ASN A 4 0.05 -0.10 12.51
N LYS A 5 0.82 -0.85 11.73
CA LYS A 5 0.46 -1.42 10.46
C LYS A 5 -0.79 -2.29 10.58
N VAL A 6 -1.93 -1.71 10.27
CA VAL A 6 -3.17 -2.43 10.34
C VAL A 6 -3.56 -3.01 8.97
N CYS A 7 -3.77 -4.29 8.96
CA CYS A 7 -4.26 -5.04 7.82
C CYS A 7 -5.78 -5.09 7.96
N GLY A 8 -6.51 -5.56 6.93
CA GLY A 8 -7.96 -5.47 6.94
C GLY A 8 -8.62 -5.88 8.23
N LEU A 9 -9.56 -5.08 8.62
CA LEU A 9 -10.33 -5.27 9.79
C LEU A 9 -11.65 -4.62 9.42
N THR A 10 -12.76 -5.02 9.98
CA THR A 10 -14.01 -4.52 9.50
C THR A 10 -14.72 -3.77 10.62
N ARG A 11 -14.01 -3.59 11.70
CA ARG A 11 -14.57 -2.90 12.82
C ARG A 11 -13.78 -1.64 13.07
N GLY A 12 -14.42 -0.52 12.89
CA GLY A 12 -13.80 0.79 13.10
C GLY A 12 -13.19 0.96 14.48
N GLN A 13 -13.88 0.46 15.48
CA GLN A 13 -13.49 0.56 16.89
C GLN A 13 -12.21 -0.21 17.13
N ASP A 14 -12.02 -1.20 16.29
CA ASP A 14 -10.92 -2.11 16.38
C ASP A 14 -9.76 -1.54 15.57
N ALA A 15 -10.06 -1.20 14.32
CA ALA A 15 -9.09 -0.63 13.38
C ALA A 15 -8.46 0.64 13.91
N LYS A 16 -9.26 1.42 14.66
CA LYS A 16 -8.81 2.68 15.21
C LYS A 16 -7.63 2.52 16.12
N ALA A 17 -7.43 1.31 16.69
CA ALA A 17 -6.28 1.01 17.57
C ALA A 17 -4.95 1.41 16.92
N ALA A 18 -4.90 1.34 15.60
CA ALA A 18 -3.74 1.72 14.85
C ALA A 18 -3.59 3.24 14.85
N TYR A 19 -4.69 3.92 14.67
CA TYR A 19 -4.71 5.37 14.72
C TYR A 19 -4.49 5.83 16.16
N ASP A 20 -5.00 5.05 17.06
CA ASP A 20 -4.87 5.25 18.51
C ASP A 20 -3.39 5.21 18.92
N ALA A 21 -2.58 4.55 18.09
CA ALA A 21 -1.15 4.44 18.33
C ALA A 21 -0.41 5.72 17.92
N GLY A 22 -1.07 6.60 17.17
CA GLY A 22 -0.43 7.85 16.81
C GLY A 22 -0.81 8.35 15.44
N ALA A 23 -1.83 7.72 14.83
CA ALA A 23 -2.35 8.07 13.48
C ALA A 23 -1.28 7.94 12.41
N ILE A 24 -0.25 7.17 12.76
CA ILE A 24 0.96 7.04 11.99
C ILE A 24 0.72 6.54 10.58
N TYR A 25 0.29 5.32 10.45
CA TYR A 25 0.09 4.69 9.16
C TYR A 25 -0.55 3.32 9.35
N GLY A 26 -1.20 2.82 8.33
CA GLY A 26 -1.77 1.52 8.37
C GLY A 26 -1.38 0.79 7.12
N GLY A 27 -1.09 -0.47 7.23
CA GLY A 27 -0.52 -1.19 6.12
C GLY A 27 -1.42 -2.28 5.71
N LEU A 28 -2.26 -1.97 4.80
CA LEU A 28 -3.27 -2.85 4.37
C LEU A 28 -3.12 -3.06 2.89
N ILE A 29 -3.62 -4.13 2.41
CA ILE A 29 -3.53 -4.42 1.02
C ILE A 29 -4.82 -4.51 0.34
N PHE A 30 -4.81 -4.19 -0.93
CA PHE A 30 -6.04 -4.15 -1.71
C PHE A 30 -6.37 -5.55 -2.21
N VAL A 31 -6.92 -6.36 -1.36
CA VAL A 31 -7.36 -7.64 -1.80
C VAL A 31 -8.86 -7.64 -1.78
N ALA A 32 -9.42 -7.86 -2.95
CA ALA A 32 -10.84 -7.75 -3.21
C ALA A 32 -11.71 -8.53 -2.23
N THR A 33 -12.30 -7.77 -1.34
CA THR A 33 -13.28 -8.22 -0.36
C THR A 33 -12.76 -9.31 0.57
N SER A 34 -11.47 -9.30 0.82
CA SER A 34 -10.90 -10.21 1.73
C SER A 34 -10.56 -9.44 2.95
N PRO A 35 -11.36 -9.59 4.03
CA PRO A 35 -11.26 -8.76 5.25
C PRO A 35 -9.97 -8.89 6.02
N ARG A 36 -9.03 -9.67 5.50
CA ARG A 36 -7.69 -9.73 6.07
C ARG A 36 -6.88 -8.57 5.49
N CYS A 37 -7.45 -7.96 4.50
CA CYS A 37 -6.88 -6.89 3.78
C CYS A 37 -8.00 -5.89 3.56
N VAL A 38 -7.74 -4.73 3.06
CA VAL A 38 -8.81 -3.82 2.84
C VAL A 38 -8.65 -3.13 1.52
N ASN A 39 -9.74 -3.04 0.84
CA ASN A 39 -9.83 -2.37 -0.43
C ASN A 39 -10.55 -1.12 -0.23
N VAL A 40 -10.45 -0.22 -1.20
CA VAL A 40 -10.99 1.13 -1.12
C VAL A 40 -12.42 1.15 -0.56
N GLU A 41 -13.20 0.13 -0.89
CA GLU A 41 -14.57 0.05 -0.50
C GLU A 41 -14.77 -0.13 1.01
N GLN A 42 -13.92 -0.92 1.67
CA GLN A 42 -13.99 -1.01 3.12
C GLN A 42 -13.28 0.18 3.73
N ALA A 43 -12.22 0.58 3.06
CA ALA A 43 -11.35 1.63 3.54
C ALA A 43 -12.07 2.97 3.67
N GLN A 44 -13.04 3.25 2.81
CA GLN A 44 -13.78 4.45 2.91
C GLN A 44 -14.58 4.57 4.19
N GLU A 45 -15.00 3.45 4.70
CA GLU A 45 -15.66 3.36 6.00
C GLU A 45 -14.62 3.62 7.09
N VAL A 46 -13.50 2.94 6.94
CA VAL A 46 -12.41 2.96 7.90
C VAL A 46 -11.76 4.35 8.02
N MET A 47 -11.77 5.11 6.93
CA MET A 47 -11.16 6.45 6.91
C MET A 47 -11.91 7.43 7.81
N ALA A 48 -13.14 7.08 8.16
CA ALA A 48 -13.95 7.89 9.03
C ALA A 48 -13.73 7.46 10.48
N ALA A 49 -13.18 6.28 10.66
CA ALA A 49 -12.99 5.73 11.99
C ALA A 49 -11.57 5.94 12.47
N ALA A 50 -10.59 5.72 11.60
CA ALA A 50 -9.26 5.83 11.95
C ALA A 50 -8.58 6.74 10.96
N PRO A 51 -8.50 8.05 11.28
CA PRO A 51 -7.83 9.01 10.42
C PRO A 51 -6.29 8.85 10.48
N LEU A 52 -5.86 7.67 10.16
CA LEU A 52 -4.46 7.34 10.04
C LEU A 52 -4.02 7.44 8.57
N GLN A 53 -2.76 7.19 8.30
CA GLN A 53 -2.24 7.16 6.96
C GLN A 53 -2.52 5.81 6.32
N TYR A 54 -2.82 5.79 5.05
CA TYR A 54 -3.10 4.56 4.39
C TYR A 54 -2.03 4.28 3.38
N VAL A 55 -1.61 3.06 3.31
CA VAL A 55 -0.63 2.68 2.35
C VAL A 55 -1.13 1.42 1.71
N GLY A 56 -0.94 1.34 0.44
CA GLY A 56 -1.43 0.21 -0.27
C GLY A 56 -0.39 -0.50 -1.04
N VAL A 57 -0.48 -1.78 -1.05
CA VAL A 57 0.41 -2.62 -1.81
C VAL A 57 -0.47 -3.47 -2.69
N PHE A 58 -0.14 -3.61 -3.94
CA PHE A 58 -0.93 -4.46 -4.83
C PHE A 58 -0.18 -4.69 -6.12
N ARG A 59 -0.54 -5.74 -6.83
CA ARG A 59 -0.01 -5.95 -8.14
C ARG A 59 -0.89 -5.16 -9.07
N ASN A 60 -0.47 -3.95 -9.33
CA ASN A 60 -1.22 -3.02 -10.04
C ASN A 60 -0.97 -3.20 -11.47
N HIS A 61 -2.00 -3.36 -12.14
CA HIS A 61 -2.00 -3.55 -13.56
C HIS A 61 -2.22 -2.22 -14.23
N ASP A 62 -3.33 -1.61 -13.90
CA ASP A 62 -3.72 -0.38 -14.52
C ASP A 62 -3.38 0.81 -13.67
N ILE A 63 -2.61 1.70 -14.25
CA ILE A 63 -2.16 2.91 -13.58
C ILE A 63 -3.34 3.83 -13.22
N ALA A 64 -4.39 3.77 -14.00
CA ALA A 64 -5.53 4.63 -13.77
C ALA A 64 -6.41 4.04 -12.66
N ASP A 65 -6.16 2.78 -12.34
CA ASP A 65 -6.89 2.07 -11.28
C ASP A 65 -6.25 2.33 -9.95
N VAL A 66 -4.94 2.37 -9.95
CA VAL A 66 -4.20 2.61 -8.74
C VAL A 66 -4.21 4.09 -8.37
N VAL A 67 -4.14 4.97 -9.38
CA VAL A 67 -4.19 6.42 -9.11
C VAL A 67 -5.58 6.78 -8.60
N ASP A 68 -6.56 6.04 -9.09
CA ASP A 68 -7.94 6.11 -8.63
C ASP A 68 -7.98 5.89 -7.11
N LYS A 69 -7.43 4.78 -6.67
CA LYS A 69 -7.43 4.41 -5.23
C LYS A 69 -6.64 5.42 -4.41
N ALA A 70 -5.51 5.82 -4.97
CA ALA A 70 -4.60 6.78 -4.35
C ALA A 70 -5.32 8.09 -4.04
N LYS A 71 -6.18 8.49 -4.95
CA LYS A 71 -6.94 9.71 -4.80
C LYS A 71 -8.17 9.50 -3.92
N VAL A 72 -8.97 8.49 -4.26
CA VAL A 72 -10.25 8.21 -3.57
C VAL A 72 -10.06 8.01 -2.06
N LEU A 73 -9.19 7.10 -1.69
CA LEU A 73 -8.97 6.84 -0.28
C LEU A 73 -7.99 7.84 0.33
N SER A 74 -7.32 8.60 -0.53
CA SER A 74 -6.31 9.55 -0.10
C SER A 74 -5.16 8.80 0.59
N LEU A 75 -4.36 8.15 -0.21
CA LEU A 75 -3.27 7.37 0.29
C LEU A 75 -2.07 8.27 0.55
N ALA A 76 -1.02 7.67 1.00
CA ALA A 76 0.18 8.42 1.29
C ALA A 76 1.33 7.76 0.59
N ALA A 77 1.24 6.46 0.47
CA ALA A 77 2.16 5.70 -0.31
C ALA A 77 1.45 4.50 -0.88
N VAL A 78 2.02 3.95 -1.90
CA VAL A 78 1.51 2.77 -2.56
C VAL A 78 2.69 2.01 -3.14
N GLN A 79 2.65 0.70 -3.06
CA GLN A 79 3.71 -0.09 -3.50
C GLN A 79 3.41 -0.58 -4.87
N LEU A 80 4.16 -0.07 -5.78
CA LEU A 80 3.94 -0.22 -7.15
C LEU A 80 5.09 -0.96 -7.54
N HIS A 81 4.95 -2.20 -7.47
CA HIS A 81 6.08 -2.97 -7.57
C HIS A 81 6.28 -3.51 -8.92
N GLY A 82 7.37 -4.12 -8.99
CA GLY A 82 7.92 -4.78 -10.17
C GLY A 82 6.99 -5.74 -10.94
N ASN A 83 5.85 -6.06 -10.36
CA ASN A 83 4.87 -7.00 -10.90
C ASN A 83 4.59 -6.82 -12.42
N GLU A 84 4.41 -5.58 -12.88
CA GLU A 84 4.01 -5.41 -14.27
C GLU A 84 5.21 -5.30 -15.22
N GLU A 85 6.17 -4.44 -14.89
CA GLU A 85 7.30 -4.13 -15.77
C GLU A 85 8.15 -3.08 -15.04
N GLN A 86 9.34 -2.77 -15.53
CA GLN A 86 10.25 -1.84 -14.88
C GLN A 86 9.79 -0.43 -15.14
N LEU A 87 9.55 -0.18 -16.41
CA LEU A 87 9.19 1.12 -16.92
C LEU A 87 7.77 1.48 -16.53
N TYR A 88 7.03 0.48 -16.07
CA TYR A 88 5.73 0.70 -15.53
C TYR A 88 5.86 1.63 -14.34
N ILE A 89 6.79 1.31 -13.44
CA ILE A 89 7.02 2.08 -12.21
C ILE A 89 7.38 3.49 -12.57
N ASP A 90 8.14 3.60 -13.66
CA ASP A 90 8.61 4.86 -14.23
C ASP A 90 7.44 5.77 -14.64
N THR A 91 6.35 5.14 -14.93
CA THR A 91 5.16 5.76 -15.41
C THR A 91 4.28 6.21 -14.24
N LEU A 92 4.15 5.33 -13.25
CA LEU A 92 3.44 5.61 -12.00
C LEU A 92 3.75 6.98 -11.40
N ARG A 93 5.05 7.38 -11.38
CA ARG A 93 5.43 8.72 -10.78
C ARG A 93 4.68 9.87 -11.46
N GLU A 94 4.36 9.68 -12.72
CA GLU A 94 3.81 10.74 -13.53
C GLU A 94 2.35 10.97 -13.21
N ALA A 95 1.65 9.91 -12.93
CA ALA A 95 0.24 10.00 -12.60
C ALA A 95 0.03 10.03 -11.07
N LEU A 96 1.12 10.00 -10.37
CA LEU A 96 1.15 9.99 -8.92
C LEU A 96 0.86 11.40 -8.40
N PRO A 97 -0.16 11.55 -7.55
CA PRO A 97 -0.47 12.81 -6.93
C PRO A 97 0.59 13.19 -5.88
N ALA A 98 0.61 14.45 -5.56
CA ALA A 98 1.64 15.05 -4.69
C ALA A 98 1.70 14.44 -3.30
N HIS A 99 0.58 14.01 -2.82
CA HIS A 99 0.47 13.48 -1.49
C HIS A 99 0.73 11.97 -1.40
N VAL A 100 0.80 11.28 -2.53
CA VAL A 100 1.02 9.89 -2.51
C VAL A 100 2.44 9.62 -2.99
N ALA A 101 3.10 8.68 -2.36
CA ALA A 101 4.43 8.29 -2.74
C ALA A 101 4.42 6.85 -3.26
N ILE A 102 5.52 6.41 -3.77
CA ILE A 102 5.66 5.10 -4.33
C ILE A 102 6.65 4.36 -3.49
N TRP A 103 6.35 3.18 -3.07
CA TRP A 103 7.39 2.40 -2.43
C TRP A 103 7.59 1.11 -3.19
N LYS A 104 8.72 0.52 -3.02
CA LYS A 104 9.02 -0.73 -3.65
C LYS A 104 8.82 -1.83 -2.66
N ALA A 105 7.86 -2.66 -2.92
CA ALA A 105 7.65 -3.84 -2.12
C ALA A 105 8.75 -4.80 -2.46
N LEU A 106 9.66 -4.96 -1.55
CA LEU A 106 10.80 -5.75 -1.76
C LEU A 106 10.48 -7.22 -1.63
N SER A 107 10.22 -7.83 -2.75
CA SER A 107 10.02 -9.22 -2.82
C SER A 107 11.39 -9.88 -2.72
N VAL A 108 11.62 -10.50 -1.58
CA VAL A 108 12.90 -11.13 -1.31
C VAL A 108 13.14 -12.31 -2.24
N GLY A 109 14.36 -12.47 -2.66
CA GLY A 109 14.69 -13.51 -3.57
C GLY A 109 16.16 -13.79 -3.57
N GLU A 110 16.63 -14.46 -4.60
CA GLU A 110 18.03 -14.83 -4.70
C GLU A 110 18.89 -13.64 -5.09
N THR A 111 18.30 -12.69 -5.76
CA THR A 111 19.02 -11.52 -6.16
C THR A 111 18.22 -10.28 -5.82
N LEU A 112 18.80 -9.42 -5.02
CA LEU A 112 18.18 -8.16 -4.66
C LEU A 112 18.90 -7.05 -5.40
N PRO A 113 18.34 -6.63 -6.51
CA PRO A 113 18.95 -5.63 -7.37
C PRO A 113 18.74 -4.20 -6.88
N ALA A 114 19.63 -3.33 -7.26
CA ALA A 114 19.53 -1.95 -6.88
C ALA A 114 18.71 -1.20 -7.89
N ARG A 115 18.88 -1.52 -9.15
CA ARG A 115 18.13 -0.85 -10.19
C ARG A 115 17.36 -1.84 -11.02
N GLU A 116 16.09 -1.67 -10.98
CA GLU A 116 15.09 -2.40 -11.73
C GLU A 116 13.88 -1.53 -11.67
N PHE A 117 13.47 -1.28 -10.45
CA PHE A 117 12.35 -0.46 -10.15
C PHE A 117 12.87 0.59 -9.20
N GLN A 118 13.25 1.70 -9.75
CA GLN A 118 13.89 2.74 -8.96
C GLN A 118 13.05 3.98 -8.91
N HIS A 119 13.59 5.00 -8.23
CA HIS A 119 12.95 6.29 -7.99
C HIS A 119 11.72 6.08 -7.11
N VAL A 120 11.81 5.05 -6.31
CA VAL A 120 10.81 4.76 -5.35
C VAL A 120 11.16 5.53 -4.11
N ASP A 121 10.18 5.90 -3.36
CA ASP A 121 10.42 6.76 -2.22
C ASP A 121 11.01 5.96 -1.06
N LYS A 122 10.49 4.79 -0.86
CA LYS A 122 10.93 3.91 0.20
C LYS A 122 10.86 2.49 -0.33
N TYR A 123 11.52 1.59 0.31
CA TYR A 123 11.36 0.21 -0.03
C TYR A 123 11.04 -0.52 1.26
N VAL A 124 10.12 -1.43 1.17
CA VAL A 124 9.59 -2.11 2.35
C VAL A 124 9.47 -3.59 2.08
N LEU A 125 9.18 -4.36 3.10
CA LEU A 125 9.05 -5.79 2.97
C LEU A 125 7.77 -6.15 2.21
N ASP A 126 7.90 -7.14 1.34
CA ASP A 126 6.80 -7.68 0.53
C ASP A 126 5.65 -8.13 1.41
N ASN A 127 4.48 -7.61 1.15
CA ASN A 127 3.31 -7.98 1.95
C ASN A 127 2.35 -8.81 1.14
N GLY A 128 2.72 -9.07 -0.11
CA GLY A 128 1.92 -9.91 -0.97
C GLY A 128 1.89 -11.30 -0.42
N GLN A 129 3.05 -11.78 -0.07
CA GLN A 129 3.19 -13.05 0.60
C GLN A 129 4.11 -12.80 1.78
N GLY A 130 5.42 -12.85 1.50
CA GLY A 130 6.47 -12.57 2.47
C GLY A 130 6.28 -13.27 3.79
N GLY A 131 5.93 -12.50 4.76
CA GLY A 131 5.68 -12.98 6.09
C GLY A 131 5.10 -11.86 6.89
N ALA A 132 5.97 -11.15 7.61
CA ALA A 132 5.61 -9.95 8.38
C ALA A 132 4.54 -10.22 9.44
N GLY A 133 4.06 -9.15 10.05
CA GLY A 133 3.00 -9.24 11.03
C GLY A 133 3.52 -9.62 12.40
N SER A 134 3.85 -10.87 12.55
CA SER A 134 4.33 -11.40 13.78
C SER A 134 5.85 -11.27 13.85
N MET A 1 7.84 -1.58 17.97
CA MET A 1 8.47 -0.81 16.89
C MET A 1 7.85 0.58 16.76
N GLY A 2 6.77 0.84 17.49
CA GLY A 2 6.17 2.15 17.44
C GLY A 2 5.37 2.38 16.17
N GLU A 3 4.62 1.38 15.78
CA GLU A 3 3.80 1.45 14.61
C GLU A 3 2.36 1.15 14.95
N ASN A 4 1.58 0.83 13.95
CA ASN A 4 0.14 0.68 14.07
C ASN A 4 -0.36 0.00 12.79
N LYS A 5 0.36 -1.06 12.42
CA LYS A 5 0.11 -1.81 11.21
C LYS A 5 -1.22 -2.53 11.28
N VAL A 6 -2.20 -1.94 10.68
CA VAL A 6 -3.50 -2.52 10.64
C VAL A 6 -3.74 -3.20 9.29
N CYS A 7 -4.09 -4.46 9.33
CA CYS A 7 -4.49 -5.24 8.19
C CYS A 7 -6.00 -5.12 8.10
N GLY A 8 -6.61 -5.59 7.00
CA GLY A 8 -8.03 -5.42 6.79
C GLY A 8 -8.87 -5.76 7.98
N LEU A 9 -9.69 -4.84 8.35
CA LEU A 9 -10.43 -4.95 9.55
C LEU A 9 -11.80 -4.35 9.29
N THR A 10 -12.77 -4.68 10.11
CA THR A 10 -14.11 -4.19 9.87
C THR A 10 -14.71 -3.66 11.17
N ARG A 11 -14.13 -4.09 12.28
CA ARG A 11 -14.53 -3.63 13.57
C ARG A 11 -13.97 -2.24 13.83
N GLY A 12 -14.85 -1.27 13.75
CA GLY A 12 -14.55 0.14 13.93
C GLY A 12 -13.73 0.44 15.16
N GLN A 13 -14.10 -0.18 16.25
CA GLN A 13 -13.50 0.06 17.55
C GLN A 13 -12.16 -0.63 17.64
N ASP A 14 -11.98 -1.65 16.82
CA ASP A 14 -10.74 -2.39 16.79
C ASP A 14 -9.77 -1.67 15.87
N ALA A 15 -10.34 -1.00 14.88
CA ALA A 15 -9.61 -0.22 13.90
C ALA A 15 -9.09 1.05 14.52
N LYS A 16 -9.95 1.74 15.24
CA LYS A 16 -9.59 2.98 15.89
C LYS A 16 -8.53 2.80 16.96
N ALA A 17 -8.42 1.59 17.48
CA ALA A 17 -7.37 1.27 18.44
C ALA A 17 -5.98 1.48 17.82
N ALA A 18 -5.84 1.16 16.53
CA ALA A 18 -4.57 1.34 15.81
C ALA A 18 -4.33 2.83 15.55
N TYR A 19 -5.38 3.55 15.23
CA TYR A 19 -5.30 4.98 15.05
C TYR A 19 -5.00 5.65 16.39
N ASP A 20 -5.52 5.09 17.43
CA ASP A 20 -5.27 5.55 18.80
C ASP A 20 -3.80 5.38 19.15
N ALA A 21 -3.19 4.36 18.57
CA ALA A 21 -1.79 4.05 18.79
C ALA A 21 -0.86 5.10 18.17
N GLY A 22 -1.34 5.83 17.17
CA GLY A 22 -0.55 6.90 16.64
C GLY A 22 -1.16 7.55 15.42
N ALA A 23 -2.07 6.82 14.71
CA ALA A 23 -2.73 7.32 13.48
C ALA A 23 -1.68 7.57 12.44
N ILE A 24 -0.62 6.82 12.57
CA ILE A 24 0.57 7.01 11.80
C ILE A 24 0.33 6.61 10.37
N TYR A 25 -0.04 5.36 10.21
CA TYR A 25 -0.30 4.77 8.92
C TYR A 25 -0.75 3.32 9.14
N GLY A 26 -1.36 2.73 8.19
CA GLY A 26 -1.80 1.38 8.32
C GLY A 26 -1.32 0.58 7.16
N GLY A 27 -1.01 -0.67 7.39
CA GLY A 27 -0.46 -1.50 6.36
C GLY A 27 -1.43 -2.52 5.89
N LEU A 28 -2.40 -2.10 5.14
CA LEU A 28 -3.40 -2.96 4.66
C LEU A 28 -3.32 -3.08 3.18
N ILE A 29 -3.79 -4.15 2.68
CA ILE A 29 -3.76 -4.36 1.25
C ILE A 29 -5.07 -4.47 0.60
N PHE A 30 -5.09 -4.11 -0.66
CA PHE A 30 -6.33 -4.06 -1.43
C PHE A 30 -6.75 -5.44 -1.89
N VAL A 31 -7.33 -6.21 -1.03
CA VAL A 31 -7.90 -7.45 -1.47
C VAL A 31 -9.37 -7.39 -1.16
N ALA A 32 -10.14 -7.43 -2.22
CA ALA A 32 -11.56 -7.24 -2.17
C ALA A 32 -12.24 -8.25 -1.28
N THR A 33 -12.83 -7.73 -0.21
CA THR A 33 -13.70 -8.45 0.74
C THR A 33 -12.99 -9.55 1.57
N SER A 34 -11.67 -9.54 1.57
CA SER A 34 -10.94 -10.47 2.40
C SER A 34 -10.63 -9.79 3.72
N PRO A 35 -11.20 -10.28 4.85
CA PRO A 35 -11.10 -9.63 6.19
C PRO A 35 -9.70 -9.66 6.84
N ARG A 36 -8.70 -9.72 6.01
CA ARG A 36 -7.33 -9.59 6.43
C ARG A 36 -6.70 -8.47 5.59
N CYS A 37 -7.47 -7.97 4.65
CA CYS A 37 -7.07 -6.96 3.73
C CYS A 37 -8.23 -5.97 3.63
N VAL A 38 -8.00 -4.84 3.06
CA VAL A 38 -9.02 -3.86 2.91
C VAL A 38 -8.84 -3.16 1.60
N ASN A 39 -9.91 -2.98 0.95
CA ASN A 39 -9.97 -2.35 -0.34
C ASN A 39 -10.46 -0.94 -0.15
N VAL A 40 -10.38 -0.14 -1.20
CA VAL A 40 -10.68 1.28 -1.14
C VAL A 40 -12.10 1.54 -0.60
N GLU A 41 -12.98 0.62 -0.88
CA GLU A 41 -14.33 0.66 -0.49
C GLU A 41 -14.48 0.45 1.02
N GLN A 42 -13.80 -0.58 1.57
CA GLN A 42 -13.84 -0.81 3.03
C GLN A 42 -13.25 0.41 3.69
N ALA A 43 -12.11 0.79 3.22
CA ALA A 43 -11.29 1.82 3.81
C ALA A 43 -11.98 3.18 3.79
N GLN A 44 -12.94 3.31 2.90
CA GLN A 44 -13.69 4.53 2.73
C GLN A 44 -14.49 4.81 4.00
N GLU A 45 -15.04 3.76 4.60
CA GLU A 45 -15.80 3.89 5.81
C GLU A 45 -14.87 3.85 7.01
N VAL A 46 -13.98 2.91 6.97
CA VAL A 46 -12.92 2.69 7.97
C VAL A 46 -12.15 4.00 8.31
N MET A 47 -11.94 4.89 7.31
CA MET A 47 -11.21 6.16 7.53
C MET A 47 -11.96 7.08 8.50
N ALA A 48 -13.25 6.84 8.65
CA ALA A 48 -14.05 7.64 9.54
C ALA A 48 -13.91 7.12 10.95
N ALA A 49 -13.65 5.83 11.05
CA ALA A 49 -13.49 5.18 12.32
C ALA A 49 -12.08 5.38 12.83
N ALA A 50 -11.12 5.18 11.96
CA ALA A 50 -9.77 5.34 12.29
C ALA A 50 -9.12 6.14 11.17
N PRO A 51 -8.95 7.46 11.37
CA PRO A 51 -8.31 8.34 10.37
C PRO A 51 -6.79 8.12 10.25
N LEU A 52 -6.41 6.88 10.17
CA LEU A 52 -5.04 6.51 10.01
C LEU A 52 -4.67 6.56 8.53
N GLN A 53 -3.43 6.81 8.27
CA GLN A 53 -2.93 6.98 6.96
C GLN A 53 -2.90 5.63 6.21
N TYR A 54 -3.04 5.65 4.90
CA TYR A 54 -3.11 4.42 4.14
C TYR A 54 -1.96 4.29 3.15
N VAL A 55 -1.46 3.08 3.03
CA VAL A 55 -0.47 2.72 2.04
C VAL A 55 -1.00 1.53 1.30
N GLY A 56 -0.75 1.46 0.04
CA GLY A 56 -1.21 0.37 -0.74
C GLY A 56 -0.11 -0.47 -1.23
N VAL A 57 -0.20 -1.73 -1.00
CA VAL A 57 0.79 -2.66 -1.47
C VAL A 57 0.09 -3.52 -2.50
N PHE A 58 0.37 -3.33 -3.75
CA PHE A 58 -0.41 -4.05 -4.72
C PHE A 58 0.29 -4.11 -6.03
N ARG A 59 0.09 -5.19 -6.71
CA ARG A 59 0.63 -5.35 -8.01
C ARG A 59 -0.46 -4.89 -8.97
N ASN A 60 -0.39 -3.63 -9.34
CA ASN A 60 -1.36 -3.00 -10.15
C ASN A 60 -1.04 -3.14 -11.58
N HIS A 61 -2.05 -3.07 -12.28
CA HIS A 61 -2.08 -3.20 -13.73
C HIS A 61 -2.17 -1.85 -14.44
N ASP A 62 -3.32 -1.24 -14.38
CA ASP A 62 -3.59 0.02 -15.05
C ASP A 62 -3.05 1.15 -14.21
N ILE A 63 -2.33 2.02 -14.84
CA ILE A 63 -1.80 3.21 -14.19
C ILE A 63 -2.93 4.08 -13.63
N ALA A 64 -4.06 4.07 -14.32
CA ALA A 64 -5.19 4.87 -13.91
C ALA A 64 -5.87 4.25 -12.68
N ASP A 65 -5.58 2.98 -12.45
CA ASP A 65 -6.14 2.23 -11.31
C ASP A 65 -5.41 2.61 -10.05
N VAL A 66 -4.13 2.86 -10.20
CA VAL A 66 -3.31 3.31 -9.10
C VAL A 66 -3.71 4.74 -8.77
N VAL A 67 -3.89 5.55 -9.82
CA VAL A 67 -4.29 6.95 -9.65
C VAL A 67 -5.64 7.03 -8.96
N ASP A 68 -6.51 6.11 -9.34
CA ASP A 68 -7.84 5.94 -8.77
C ASP A 68 -7.78 5.74 -7.28
N LYS A 69 -7.14 4.66 -6.85
CA LYS A 69 -7.08 4.30 -5.42
C LYS A 69 -6.35 5.36 -4.62
N ALA A 70 -5.27 5.88 -5.20
CA ALA A 70 -4.45 6.90 -4.58
C ALA A 70 -5.24 8.17 -4.32
N LYS A 71 -6.17 8.47 -5.21
CA LYS A 71 -6.99 9.66 -5.08
C LYS A 71 -8.15 9.40 -4.13
N VAL A 72 -8.96 8.38 -4.46
CA VAL A 72 -10.21 8.07 -3.74
C VAL A 72 -9.96 7.93 -2.23
N LEU A 73 -9.07 7.04 -1.86
CA LEU A 73 -8.77 6.81 -0.48
C LEU A 73 -7.77 7.84 0.05
N SER A 74 -7.08 8.51 -0.88
CA SER A 74 -6.03 9.46 -0.56
C SER A 74 -4.89 8.79 0.22
N LEU A 75 -4.05 8.13 -0.54
CA LEU A 75 -2.92 7.40 -0.02
C LEU A 75 -1.72 8.32 0.15
N ALA A 76 -0.62 7.73 0.53
CA ALA A 76 0.63 8.42 0.68
C ALA A 76 1.65 7.69 -0.11
N ALA A 77 1.56 6.37 -0.11
CA ALA A 77 2.46 5.57 -0.87
C ALA A 77 1.78 4.34 -1.41
N VAL A 78 2.38 3.80 -2.43
CA VAL A 78 1.93 2.57 -3.06
C VAL A 78 3.16 1.74 -3.43
N GLN A 79 3.10 0.45 -3.21
CA GLN A 79 4.19 -0.44 -3.42
C GLN A 79 4.06 -1.11 -4.76
N LEU A 80 4.85 -0.68 -5.68
CA LEU A 80 4.77 -1.11 -7.02
C LEU A 80 6.01 -1.85 -7.41
N HIS A 81 5.84 -2.92 -8.15
CA HIS A 81 6.95 -3.78 -8.58
C HIS A 81 6.42 -4.98 -9.34
N GLY A 82 5.30 -5.47 -8.86
CA GLY A 82 4.84 -6.77 -9.28
C GLY A 82 4.23 -6.97 -10.67
N ASN A 83 3.20 -6.22 -11.04
CA ASN A 83 2.41 -6.67 -12.21
C ASN A 83 2.92 -6.32 -13.62
N GLU A 84 2.90 -5.06 -14.01
CA GLU A 84 3.16 -4.76 -15.42
C GLU A 84 4.60 -4.76 -15.88
N GLU A 85 5.47 -4.08 -15.17
CA GLU A 85 6.84 -3.94 -15.62
C GLU A 85 7.62 -3.15 -14.58
N GLN A 86 8.91 -3.09 -14.79
CA GLN A 86 9.83 -2.35 -14.01
C GLN A 86 9.71 -0.90 -14.42
N LEU A 87 9.65 -0.73 -15.73
CA LEU A 87 9.54 0.58 -16.37
C LEU A 87 8.16 1.17 -16.17
N TYR A 88 7.24 0.33 -15.73
CA TYR A 88 5.89 0.75 -15.42
C TYR A 88 5.90 1.71 -14.24
N ILE A 89 6.72 1.41 -13.26
CA ILE A 89 6.86 2.22 -12.04
C ILE A 89 7.36 3.62 -12.39
N ASP A 90 8.14 3.66 -13.45
CA ASP A 90 8.75 4.88 -13.98
C ASP A 90 7.66 5.81 -14.55
N THR A 91 6.57 5.21 -14.87
CA THR A 91 5.45 5.84 -15.48
C THR A 91 4.49 6.38 -14.41
N LEU A 92 4.23 5.55 -13.39
CA LEU A 92 3.36 5.90 -12.25
C LEU A 92 3.67 7.24 -11.63
N ARG A 93 4.97 7.54 -11.37
CA ARG A 93 5.30 8.81 -10.63
C ARG A 93 4.81 10.03 -11.38
N GLU A 94 4.65 9.87 -12.67
CA GLU A 94 4.29 10.97 -13.53
C GLU A 94 2.79 11.23 -13.46
N ALA A 95 2.02 10.18 -13.30
CA ALA A 95 0.57 10.32 -13.26
C ALA A 95 0.09 10.53 -11.84
N LEU A 96 0.88 10.13 -10.94
CA LEU A 96 0.60 10.31 -9.53
C LEU A 96 1.13 11.65 -9.10
N PRO A 97 0.41 12.38 -8.25
CA PRO A 97 0.92 13.60 -7.70
C PRO A 97 2.01 13.30 -6.70
N ALA A 98 2.77 14.29 -6.34
CA ALA A 98 3.90 14.10 -5.44
C ALA A 98 3.44 13.89 -4.00
N HIS A 99 2.16 13.84 -3.82
CA HIS A 99 1.56 13.57 -2.53
C HIS A 99 1.49 12.07 -2.35
N VAL A 100 1.46 11.35 -3.46
CA VAL A 100 1.43 9.95 -3.47
C VAL A 100 2.81 9.49 -3.87
N ALA A 101 3.34 8.59 -3.15
CA ALA A 101 4.67 8.12 -3.38
C ALA A 101 4.64 6.67 -3.76
N ILE A 102 5.74 6.17 -4.17
CA ILE A 102 5.87 4.82 -4.57
C ILE A 102 6.96 4.21 -3.76
N TRP A 103 6.76 3.06 -3.21
CA TRP A 103 7.86 2.41 -2.54
C TRP A 103 8.12 1.08 -3.17
N LYS A 104 9.33 0.63 -3.05
CA LYS A 104 9.68 -0.66 -3.53
C LYS A 104 9.75 -1.64 -2.41
N ALA A 105 8.98 -2.68 -2.56
CA ALA A 105 9.07 -3.81 -1.70
C ALA A 105 10.39 -4.52 -2.00
N LEU A 106 11.27 -4.53 -1.05
CA LEU A 106 12.55 -5.13 -1.17
C LEU A 106 12.49 -6.54 -0.62
N SER A 107 12.56 -7.51 -1.49
CA SER A 107 12.59 -8.88 -1.05
C SER A 107 13.96 -9.14 -0.45
N VAL A 108 14.01 -9.80 0.67
CA VAL A 108 15.26 -10.08 1.33
C VAL A 108 16.08 -11.10 0.55
N GLY A 109 17.37 -11.05 0.73
CA GLY A 109 18.21 -11.97 0.06
C GLY A 109 19.60 -11.43 -0.07
N GLU A 110 20.37 -12.08 -0.88
CA GLU A 110 21.75 -11.74 -1.12
C GLU A 110 21.87 -10.93 -2.41
N THR A 111 21.07 -11.28 -3.37
CA THR A 111 21.07 -10.63 -4.65
C THR A 111 20.25 -9.34 -4.64
N LEU A 112 20.94 -8.25 -4.42
CA LEU A 112 20.31 -6.95 -4.37
C LEU A 112 20.16 -6.42 -5.79
N PRO A 113 19.04 -5.78 -6.10
CA PRO A 113 18.80 -5.21 -7.43
C PRO A 113 19.74 -4.03 -7.74
N ALA A 114 20.15 -3.92 -8.97
CA ALA A 114 20.99 -2.82 -9.37
C ALA A 114 20.11 -1.63 -9.67
N ARG A 115 19.05 -1.90 -10.41
CA ARG A 115 18.06 -0.92 -10.79
C ARG A 115 17.04 -1.61 -11.63
N GLU A 116 15.85 -1.60 -11.15
CA GLU A 116 14.76 -2.26 -11.80
C GLU A 116 13.61 -1.28 -11.81
N PHE A 117 13.22 -0.91 -10.61
CA PHE A 117 12.14 0.00 -10.36
C PHE A 117 12.75 1.26 -9.80
N GLN A 118 12.79 2.30 -10.60
CA GLN A 118 13.44 3.51 -10.16
C GLN A 118 12.55 4.66 -9.88
N HIS A 119 13.12 5.51 -9.06
CA HIS A 119 12.52 6.71 -8.55
C HIS A 119 11.41 6.40 -7.59
N VAL A 120 11.61 5.32 -6.88
CA VAL A 120 10.75 4.96 -5.82
C VAL A 120 11.13 5.84 -4.65
N ASP A 121 10.16 6.26 -3.92
CA ASP A 121 10.37 7.26 -2.86
C ASP A 121 11.11 6.66 -1.68
N LYS A 122 10.72 5.46 -1.32
CA LYS A 122 11.29 4.75 -0.19
C LYS A 122 11.31 3.27 -0.54
N TYR A 123 12.07 2.50 0.18
CA TYR A 123 12.04 1.08 -0.01
C TYR A 123 11.75 0.45 1.34
N VAL A 124 11.00 -0.61 1.35
CA VAL A 124 10.61 -1.29 2.58
C VAL A 124 10.80 -2.78 2.37
N LEU A 125 10.61 -3.56 3.41
CA LEU A 125 10.74 -4.99 3.29
C LEU A 125 9.53 -5.60 2.59
N ASP A 126 9.76 -6.62 1.81
CA ASP A 126 8.70 -7.29 1.08
C ASP A 126 7.83 -8.08 2.04
N ASN A 127 6.52 -7.97 1.87
CA ASN A 127 5.56 -8.63 2.70
C ASN A 127 5.62 -10.14 2.52
N GLY A 128 5.89 -10.56 1.30
CA GLY A 128 5.98 -11.96 0.98
C GLY A 128 7.25 -12.56 1.51
N GLN A 129 8.38 -12.10 1.00
CA GLN A 129 9.65 -12.61 1.42
C GLN A 129 10.45 -11.54 2.15
N GLY A 130 10.23 -11.45 3.42
CA GLY A 130 10.95 -10.53 4.25
C GLY A 130 11.49 -11.22 5.48
N GLY A 131 10.81 -12.27 5.89
CA GLY A 131 11.20 -13.02 7.04
C GLY A 131 10.06 -13.15 7.99
N ALA A 132 9.71 -12.05 8.60
CA ALA A 132 8.59 -12.01 9.54
C ALA A 132 8.07 -10.59 9.64
N GLY A 133 8.95 -9.64 9.41
CA GLY A 133 8.57 -8.26 9.46
C GLY A 133 8.44 -7.80 10.87
N SER A 134 9.38 -8.20 11.69
CA SER A 134 9.41 -7.80 13.06
C SER A 134 10.88 -7.66 13.50
N MET A 1 5.05 0.83 20.19
CA MET A 1 4.23 -0.08 19.38
C MET A 1 5.12 -0.88 18.45
N GLY A 2 4.58 -1.92 17.88
CA GLY A 2 5.29 -2.71 16.90
C GLY A 2 4.67 -2.45 15.55
N GLU A 3 4.69 -1.16 15.17
CA GLU A 3 4.03 -0.61 14.00
C GLU A 3 2.50 -0.66 14.15
N ASN A 4 1.80 0.19 13.45
CA ASN A 4 0.35 0.24 13.57
C ASN A 4 -0.23 -0.18 12.25
N LYS A 5 0.56 -0.96 11.54
CA LYS A 5 0.22 -1.49 10.25
C LYS A 5 -0.91 -2.51 10.36
N VAL A 6 -2.11 -2.03 10.23
CA VAL A 6 -3.26 -2.87 10.29
C VAL A 6 -3.68 -3.42 8.95
N CYS A 7 -3.78 -4.71 8.91
CA CYS A 7 -4.28 -5.46 7.78
C CYS A 7 -5.77 -5.59 8.01
N GLY A 8 -6.51 -6.06 6.99
CA GLY A 8 -7.99 -6.06 6.96
C GLY A 8 -8.68 -5.94 8.28
N LEU A 9 -9.21 -4.78 8.50
CA LEU A 9 -9.85 -4.44 9.71
C LEU A 9 -10.89 -3.44 9.36
N THR A 10 -12.05 -3.59 9.90
CA THR A 10 -13.14 -2.71 9.56
C THR A 10 -13.91 -2.33 10.81
N ARG A 11 -13.36 -2.70 11.93
CA ARG A 11 -13.95 -2.38 13.19
C ARG A 11 -13.46 -1.00 13.59
N GLY A 12 -14.37 -0.04 13.61
CA GLY A 12 -14.08 1.37 13.91
C GLY A 12 -13.13 1.59 15.08
N GLN A 13 -13.49 0.99 16.18
CA GLN A 13 -12.79 1.15 17.44
C GLN A 13 -11.47 0.39 17.45
N ASP A 14 -11.35 -0.57 16.57
CA ASP A 14 -10.15 -1.38 16.46
C ASP A 14 -9.20 -0.65 15.50
N ALA A 15 -9.78 -0.03 14.50
CA ALA A 15 -9.06 0.71 13.48
C ALA A 15 -8.43 1.95 14.08
N LYS A 16 -9.22 2.71 14.84
CA LYS A 16 -8.73 3.92 15.47
C LYS A 16 -7.62 3.64 16.46
N ALA A 17 -7.58 2.42 16.98
CA ALA A 17 -6.53 2.00 17.91
C ALA A 17 -5.15 2.13 17.27
N ALA A 18 -5.10 1.93 15.97
CA ALA A 18 -3.86 2.04 15.23
C ALA A 18 -3.51 3.51 15.03
N TYR A 19 -4.51 4.33 14.81
CA TYR A 19 -4.32 5.74 14.67
C TYR A 19 -3.99 6.37 16.02
N ASP A 20 -4.56 5.79 17.05
CA ASP A 20 -4.35 6.21 18.44
C ASP A 20 -2.91 5.93 18.86
N ALA A 21 -2.28 4.97 18.20
CA ALA A 21 -0.91 4.61 18.48
C ALA A 21 0.08 5.64 17.91
N GLY A 22 -0.32 6.38 16.89
CA GLY A 22 0.56 7.41 16.37
C GLY A 22 0.16 7.94 15.01
N ALA A 23 -0.98 7.43 14.46
CA ALA A 23 -1.53 7.86 13.15
C ALA A 23 -0.53 7.65 12.04
N ILE A 24 0.38 6.72 12.26
CA ILE A 24 1.50 6.49 11.38
C ILE A 24 1.04 6.04 10.01
N TYR A 25 0.53 4.84 9.93
CA TYR A 25 0.12 4.23 8.67
C TYR A 25 -0.48 2.86 8.97
N GLY A 26 -1.30 2.35 8.11
CA GLY A 26 -1.88 1.06 8.30
C GLY A 26 -1.52 0.20 7.13
N GLY A 27 -1.34 -1.08 7.34
CA GLY A 27 -0.83 -1.92 6.28
C GLY A 27 -1.88 -2.83 5.73
N LEU A 28 -2.79 -2.24 5.00
CA LEU A 28 -3.86 -2.96 4.41
C LEU A 28 -3.67 -3.01 2.92
N ILE A 29 -4.04 -4.09 2.36
CA ILE A 29 -3.89 -4.27 0.92
C ILE A 29 -5.27 -4.45 0.25
N PHE A 30 -5.39 -4.16 -1.06
CA PHE A 30 -6.69 -4.27 -1.75
C PHE A 30 -6.97 -5.70 -2.21
N VAL A 31 -6.95 -6.63 -1.28
CA VAL A 31 -7.30 -7.99 -1.65
C VAL A 31 -8.81 -8.07 -1.65
N ALA A 32 -9.34 -8.42 -2.81
CA ALA A 32 -10.77 -8.42 -3.12
C ALA A 32 -11.63 -9.01 -2.02
N THR A 33 -12.16 -8.13 -1.20
CA THR A 33 -13.12 -8.41 -0.14
C THR A 33 -12.64 -9.45 0.88
N SER A 34 -11.35 -9.61 0.99
CA SER A 34 -10.80 -10.57 1.90
C SER A 34 -10.37 -9.84 3.13
N PRO A 35 -11.07 -10.02 4.28
CA PRO A 35 -10.82 -9.28 5.54
C PRO A 35 -9.41 -9.45 6.13
N ARG A 36 -8.56 -10.18 5.45
CA ARG A 36 -7.13 -10.22 5.79
C ARG A 36 -6.49 -8.91 5.32
N CYS A 37 -7.18 -8.25 4.41
CA CYS A 37 -6.76 -7.01 3.84
C CYS A 37 -8.02 -6.15 3.65
N VAL A 38 -7.90 -4.91 3.24
CA VAL A 38 -9.06 -4.11 3.07
C VAL A 38 -8.95 -3.28 1.81
N ASN A 39 -10.03 -3.24 1.08
CA ASN A 39 -10.11 -2.50 -0.15
C ASN A 39 -10.81 -1.22 0.07
N VAL A 40 -10.74 -0.32 -0.91
CA VAL A 40 -11.25 1.05 -0.79
C VAL A 40 -12.70 1.10 -0.30
N GLU A 41 -13.45 0.09 -0.62
CA GLU A 41 -14.81 -0.01 -0.22
C GLU A 41 -14.95 -0.14 1.30
N GLN A 42 -14.23 -1.07 1.91
CA GLN A 42 -14.23 -1.18 3.37
C GLN A 42 -13.47 -0.02 3.98
N ALA A 43 -12.35 0.34 3.36
CA ALA A 43 -11.49 1.41 3.84
C ALA A 43 -12.20 2.75 3.84
N GLN A 44 -13.27 2.85 3.06
CA GLN A 44 -14.12 4.02 2.99
C GLN A 44 -14.66 4.36 4.40
N GLU A 45 -14.96 3.31 5.14
CA GLU A 45 -15.47 3.44 6.49
C GLU A 45 -14.33 3.64 7.46
N VAL A 46 -13.30 2.88 7.24
CA VAL A 46 -12.16 2.83 8.11
C VAL A 46 -11.42 4.18 8.12
N MET A 47 -11.32 4.83 6.94
CA MET A 47 -10.63 6.12 6.79
C MET A 47 -11.30 7.21 7.61
N ALA A 48 -12.57 7.02 7.91
CA ALA A 48 -13.31 7.97 8.69
C ALA A 48 -13.09 7.73 10.17
N ALA A 49 -12.76 6.50 10.51
CA ALA A 49 -12.55 6.12 11.90
C ALA A 49 -11.12 6.42 12.33
N ALA A 50 -10.16 6.12 11.49
CA ALA A 50 -8.81 6.30 11.80
C ALA A 50 -8.16 7.05 10.67
N PRO A 51 -7.97 8.37 10.81
CA PRO A 51 -7.31 9.18 9.79
C PRO A 51 -5.78 8.96 9.76
N LEU A 52 -5.39 7.71 9.71
CA LEU A 52 -4.01 7.31 9.60
C LEU A 52 -3.68 7.14 8.12
N GLN A 53 -2.44 6.88 7.80
CA GLN A 53 -2.04 6.64 6.43
C GLN A 53 -2.55 5.30 5.92
N TYR A 54 -3.21 5.32 4.81
CA TYR A 54 -3.64 4.11 4.18
C TYR A 54 -2.70 3.80 3.07
N VAL A 55 -2.42 2.55 2.91
CA VAL A 55 -1.46 2.16 1.94
C VAL A 55 -2.12 1.13 1.08
N GLY A 56 -1.60 0.95 -0.08
CA GLY A 56 -2.11 -0.09 -0.90
C GLY A 56 -1.04 -0.83 -1.58
N VAL A 57 -1.15 -2.11 -1.57
CA VAL A 57 -0.25 -2.95 -2.28
C VAL A 57 -1.11 -3.59 -3.32
N PHE A 58 -0.63 -3.80 -4.50
CA PHE A 58 -1.45 -4.45 -5.51
C PHE A 58 -0.60 -4.74 -6.71
N ARG A 59 -1.01 -5.70 -7.51
CA ARG A 59 -0.39 -5.85 -8.79
C ARG A 59 -1.14 -4.92 -9.66
N ASN A 60 -0.64 -3.73 -9.78
CA ASN A 60 -1.27 -2.72 -10.47
C ASN A 60 -0.84 -2.80 -11.85
N HIS A 61 -1.76 -3.03 -12.65
CA HIS A 61 -1.54 -3.15 -14.06
C HIS A 61 -1.72 -1.80 -14.67
N ASP A 62 -2.91 -1.27 -14.49
CA ASP A 62 -3.27 0.00 -15.06
C ASP A 62 -3.02 1.09 -14.08
N ILE A 63 -2.26 2.06 -14.51
CA ILE A 63 -1.87 3.18 -13.68
C ILE A 63 -3.07 4.05 -13.29
N ALA A 64 -4.06 4.09 -14.12
CA ALA A 64 -5.21 4.94 -13.85
C ALA A 64 -6.09 4.29 -12.79
N ASP A 65 -5.90 3.00 -12.62
CA ASP A 65 -6.64 2.24 -11.63
C ASP A 65 -6.02 2.45 -10.27
N VAL A 66 -4.74 2.77 -10.30
CA VAL A 66 -3.98 3.10 -9.11
C VAL A 66 -4.39 4.48 -8.69
N VAL A 67 -4.47 5.39 -9.68
CA VAL A 67 -4.86 6.79 -9.46
C VAL A 67 -6.26 6.84 -8.86
N ASP A 68 -7.09 5.93 -9.33
CA ASP A 68 -8.44 5.75 -8.87
C ASP A 68 -8.50 5.55 -7.36
N LYS A 69 -7.82 4.51 -6.87
CA LYS A 69 -7.83 4.18 -5.45
C LYS A 69 -7.16 5.29 -4.66
N ALA A 70 -6.07 5.79 -5.22
CA ALA A 70 -5.27 6.83 -4.60
C ALA A 70 -6.06 8.11 -4.41
N LYS A 71 -7.02 8.34 -5.26
CA LYS A 71 -7.89 9.49 -5.14
C LYS A 71 -9.03 9.21 -4.17
N VAL A 72 -9.83 8.21 -4.50
CA VAL A 72 -11.04 7.84 -3.72
C VAL A 72 -10.73 7.69 -2.22
N LEU A 73 -9.84 6.78 -1.89
CA LEU A 73 -9.46 6.56 -0.51
C LEU A 73 -8.48 7.63 -0.03
N SER A 74 -7.83 8.27 -0.99
CA SER A 74 -6.76 9.23 -0.73
C SER A 74 -5.64 8.54 0.05
N LEU A 75 -4.89 7.72 -0.67
CA LEU A 75 -3.80 6.96 -0.13
C LEU A 75 -2.62 7.84 0.18
N ALA A 76 -1.59 7.22 0.66
CA ALA A 76 -0.41 7.91 1.02
C ALA A 76 0.71 7.24 0.34
N ALA A 77 0.72 5.94 0.37
CA ALA A 77 1.66 5.18 -0.39
C ALA A 77 0.98 3.99 -1.05
N VAL A 78 1.60 3.52 -2.09
CA VAL A 78 1.13 2.35 -2.83
C VAL A 78 2.34 1.52 -3.26
N GLN A 79 2.24 0.21 -3.19
CA GLN A 79 3.31 -0.63 -3.50
C GLN A 79 3.13 -1.24 -4.84
N LEU A 80 4.11 -1.05 -5.66
CA LEU A 80 4.09 -1.55 -6.99
C LEU A 80 4.95 -2.77 -7.14
N HIS A 81 4.43 -3.72 -7.85
CA HIS A 81 5.17 -4.89 -8.20
C HIS A 81 5.89 -4.62 -9.49
N GLY A 82 7.16 -4.30 -9.35
CA GLY A 82 8.01 -3.91 -10.46
C GLY A 82 8.17 -4.94 -11.55
N ASN A 83 7.76 -6.16 -11.27
CA ASN A 83 7.78 -7.24 -12.26
C ASN A 83 6.94 -6.85 -13.50
N GLU A 84 5.95 -5.97 -13.29
CA GLU A 84 5.09 -5.48 -14.34
C GLU A 84 5.94 -4.73 -15.39
N GLU A 85 6.80 -3.85 -14.90
CA GLU A 85 7.77 -3.09 -15.68
C GLU A 85 8.53 -2.18 -14.70
N GLN A 86 9.80 -1.92 -14.95
CA GLN A 86 10.62 -1.15 -14.06
C GLN A 86 10.28 0.31 -14.20
N LEU A 87 10.15 0.70 -15.43
CA LEU A 87 9.85 2.06 -15.84
C LEU A 87 8.42 2.42 -15.55
N TYR A 88 7.64 1.41 -15.25
CA TYR A 88 6.28 1.60 -14.86
C TYR A 88 6.23 2.36 -13.54
N ILE A 89 7.13 2.04 -12.63
CA ILE A 89 7.21 2.72 -11.33
C ILE A 89 7.50 4.20 -11.56
N ASP A 90 8.36 4.44 -12.53
CA ASP A 90 8.77 5.77 -12.97
C ASP A 90 7.58 6.54 -13.53
N THR A 91 6.59 5.80 -13.94
CA THR A 91 5.38 6.31 -14.53
C THR A 91 4.35 6.69 -13.45
N LEU A 92 4.20 5.83 -12.42
CA LEU A 92 3.32 6.09 -11.28
C LEU A 92 3.54 7.46 -10.69
N ARG A 93 4.80 7.88 -10.65
CA ARG A 93 5.16 9.17 -10.04
C ARG A 93 4.56 10.32 -10.78
N GLU A 94 4.34 10.08 -12.01
CA GLU A 94 3.84 11.09 -12.91
C GLU A 94 2.33 11.27 -12.78
N ALA A 95 1.60 10.18 -12.77
CA ALA A 95 0.14 10.26 -12.72
C ALA A 95 -0.40 10.39 -11.31
N LEU A 96 0.38 9.96 -10.39
CA LEU A 96 0.05 10.04 -8.97
C LEU A 96 0.69 11.27 -8.40
N PRO A 97 -0.10 12.07 -7.68
CA PRO A 97 0.38 13.32 -7.10
C PRO A 97 1.43 13.08 -6.05
N ALA A 98 2.12 14.14 -5.68
CA ALA A 98 3.19 14.12 -4.67
C ALA A 98 2.66 13.66 -3.32
N HIS A 99 1.36 13.71 -3.17
CA HIS A 99 0.66 13.34 -1.96
C HIS A 99 0.72 11.83 -1.76
N VAL A 100 0.79 11.09 -2.85
CA VAL A 100 0.84 9.69 -2.83
C VAL A 100 2.26 9.24 -3.20
N ALA A 101 2.77 8.29 -2.48
CA ALA A 101 4.08 7.78 -2.69
C ALA A 101 3.99 6.36 -3.17
N ILE A 102 5.08 5.86 -3.63
CA ILE A 102 5.14 4.54 -4.15
C ILE A 102 6.23 3.80 -3.42
N TRP A 103 5.96 2.62 -2.99
CA TRP A 103 6.97 1.83 -2.35
C TRP A 103 7.11 0.56 -3.13
N LYS A 104 8.16 -0.15 -2.90
CA LYS A 104 8.38 -1.37 -3.60
C LYS A 104 8.35 -2.50 -2.61
N ALA A 105 7.49 -3.45 -2.89
CA ALA A 105 7.36 -4.64 -2.06
C ALA A 105 8.57 -5.51 -2.27
N LEU A 106 9.40 -5.55 -1.29
CA LEU A 106 10.60 -6.27 -1.34
C LEU A 106 10.43 -7.62 -0.70
N SER A 107 10.27 -8.62 -1.54
CA SER A 107 10.27 -9.97 -1.11
C SER A 107 11.70 -10.23 -0.60
N VAL A 108 11.84 -11.02 0.45
CA VAL A 108 13.14 -11.21 1.03
C VAL A 108 14.16 -11.79 0.06
N GLY A 109 15.38 -11.43 0.26
CA GLY A 109 16.44 -11.78 -0.61
C GLY A 109 17.59 -10.82 -0.43
N GLU A 110 18.51 -11.20 0.41
CA GLU A 110 19.65 -10.36 0.77
C GLU A 110 20.64 -10.18 -0.39
N THR A 111 20.56 -11.05 -1.36
CA THR A 111 21.43 -10.98 -2.53
C THR A 111 20.91 -9.90 -3.52
N LEU A 112 19.72 -9.41 -3.28
CA LEU A 112 19.14 -8.34 -4.10
C LEU A 112 19.82 -7.03 -3.77
N PRO A 113 20.18 -6.24 -4.79
CA PRO A 113 20.76 -4.93 -4.58
C PRO A 113 19.69 -3.95 -4.07
N ALA A 114 20.13 -2.94 -3.35
CA ALA A 114 19.24 -1.97 -2.73
C ALA A 114 18.47 -1.14 -3.75
N ARG A 115 19.05 -0.95 -4.92
CA ARG A 115 18.33 -0.25 -5.94
C ARG A 115 17.75 -1.28 -6.86
N GLU A 116 16.48 -1.26 -7.02
CA GLU A 116 15.84 -2.18 -7.91
C GLU A 116 15.01 -1.39 -8.85
N PHE A 117 14.20 -0.56 -8.30
CA PHE A 117 13.33 0.28 -9.03
C PHE A 117 13.52 1.68 -8.54
N GLN A 118 13.92 2.52 -9.43
CA GLN A 118 14.16 3.89 -9.10
C GLN A 118 12.84 4.62 -8.97
N HIS A 119 12.89 5.76 -8.34
CA HIS A 119 11.74 6.62 -8.12
C HIS A 119 10.73 6.01 -7.16
N VAL A 120 11.19 5.08 -6.34
CA VAL A 120 10.37 4.58 -5.26
C VAL A 120 10.63 5.43 -4.04
N ASP A 121 9.67 5.57 -3.22
CA ASP A 121 9.79 6.41 -2.06
C ASP A 121 10.43 5.66 -0.92
N LYS A 122 9.96 4.45 -0.69
CA LYS A 122 10.45 3.59 0.37
C LYS A 122 10.41 2.14 -0.06
N TYR A 123 11.14 1.32 0.63
CA TYR A 123 11.08 -0.12 0.47
C TYR A 123 10.38 -0.71 1.66
N VAL A 124 9.64 -1.76 1.42
CA VAL A 124 8.93 -2.49 2.46
C VAL A 124 9.01 -3.95 2.19
N LEU A 125 8.76 -4.75 3.18
CA LEU A 125 8.87 -6.18 3.04
C LEU A 125 7.62 -6.77 2.38
N ASP A 126 7.67 -8.04 2.12
CA ASP A 126 6.56 -8.76 1.54
C ASP A 126 5.43 -8.98 2.52
N ASN A 127 4.28 -8.52 2.15
CA ASN A 127 3.06 -8.75 2.89
C ASN A 127 1.97 -9.16 1.93
N GLY A 128 2.34 -9.50 0.69
CA GLY A 128 1.33 -9.73 -0.32
C GLY A 128 1.69 -10.78 -1.36
N GLN A 129 2.90 -10.76 -1.87
CA GLN A 129 3.32 -11.66 -2.94
C GLN A 129 4.82 -11.95 -2.84
N GLY A 130 5.16 -13.16 -2.47
CA GLY A 130 6.53 -13.52 -2.36
C GLY A 130 7.00 -14.19 -3.62
N GLY A 131 7.74 -13.48 -4.41
CA GLY A 131 8.21 -14.03 -5.66
C GLY A 131 9.19 -13.12 -6.31
N ALA A 132 9.22 -13.16 -7.64
CA ALA A 132 10.13 -12.37 -8.47
C ALA A 132 11.59 -12.65 -8.10
N GLY A 133 12.05 -13.80 -8.50
CA GLY A 133 13.38 -14.22 -8.16
C GLY A 133 13.34 -15.55 -7.45
N SER A 134 12.38 -15.67 -6.56
CA SER A 134 12.13 -16.90 -5.85
C SER A 134 10.64 -16.97 -5.49
N MET A 1 9.13 3.65 19.68
CA MET A 1 8.11 2.71 19.23
C MET A 1 7.35 3.37 18.11
N GLY A 2 6.91 2.59 17.14
CA GLY A 2 6.20 3.16 16.03
C GLY A 2 5.38 2.12 15.36
N GLU A 3 4.87 2.45 14.16
CA GLU A 3 3.99 1.59 13.37
C GLU A 3 2.60 1.40 14.05
N ASN A 4 1.57 1.30 13.25
CA ASN A 4 0.24 0.94 13.73
C ASN A 4 -0.46 0.19 12.62
N LYS A 5 0.35 -0.62 11.93
CA LYS A 5 -0.01 -1.35 10.74
C LYS A 5 -1.19 -2.28 10.94
N VAL A 6 -2.34 -1.84 10.52
CA VAL A 6 -3.51 -2.65 10.55
C VAL A 6 -3.85 -3.20 9.19
N CYS A 7 -4.08 -4.47 9.16
CA CYS A 7 -4.54 -5.18 8.00
C CYS A 7 -6.04 -5.20 8.05
N GLY A 8 -6.72 -5.66 6.97
CA GLY A 8 -8.17 -5.59 6.86
C GLY A 8 -8.90 -5.94 8.12
N LEU A 9 -9.77 -5.06 8.52
CA LEU A 9 -10.47 -5.16 9.75
C LEU A 9 -11.92 -4.85 9.45
N THR A 10 -12.81 -5.01 10.41
CA THR A 10 -14.21 -4.83 10.14
C THR A 10 -14.85 -4.09 11.30
N ARG A 11 -14.01 -3.54 12.14
CA ARG A 11 -14.46 -2.83 13.28
C ARG A 11 -13.87 -1.44 13.26
N GLY A 12 -14.71 -0.46 13.08
CA GLY A 12 -14.31 0.93 13.04
C GLY A 12 -13.66 1.40 14.31
N GLN A 13 -14.24 0.97 15.37
CA GLN A 13 -13.86 1.35 16.72
C GLN A 13 -12.53 0.73 17.06
N ASP A 14 -12.34 -0.44 16.53
CA ASP A 14 -11.16 -1.22 16.75
C ASP A 14 -10.04 -0.65 15.90
N ALA A 15 -10.44 -0.09 14.77
CA ALA A 15 -9.56 0.57 13.85
C ALA A 15 -9.05 1.87 14.48
N LYS A 16 -9.90 2.49 15.31
CA LYS A 16 -9.54 3.71 16.01
C LYS A 16 -8.38 3.47 16.94
N ALA A 17 -8.29 2.26 17.48
CA ALA A 17 -7.22 1.90 18.41
C ALA A 17 -5.84 1.98 17.74
N ALA A 18 -5.81 1.77 16.43
CA ALA A 18 -4.56 1.87 15.69
C ALA A 18 -4.20 3.33 15.50
N TYR A 19 -5.18 4.13 15.21
CA TYR A 19 -5.01 5.56 15.08
C TYR A 19 -4.66 6.16 16.45
N ASP A 20 -5.21 5.56 17.46
CA ASP A 20 -4.98 5.93 18.86
C ASP A 20 -3.52 5.68 19.24
N ALA A 21 -2.92 4.68 18.59
CA ALA A 21 -1.55 4.31 18.85
C ALA A 21 -0.56 5.33 18.26
N GLY A 22 -0.98 6.10 17.26
CA GLY A 22 -0.11 7.12 16.74
C GLY A 22 -0.67 7.85 15.54
N ALA A 23 -1.69 7.23 14.86
CA ALA A 23 -2.32 7.80 13.66
C ALA A 23 -1.29 7.91 12.56
N ILE A 24 -0.30 7.06 12.67
CA ILE A 24 0.85 7.10 11.83
C ILE A 24 0.50 6.63 10.46
N TYR A 25 0.18 5.36 10.34
CA TYR A 25 -0.16 4.74 9.08
C TYR A 25 -0.55 3.27 9.29
N GLY A 26 -1.29 2.71 8.38
CA GLY A 26 -1.77 1.36 8.50
C GLY A 26 -1.23 0.50 7.40
N GLY A 27 -1.31 -0.80 7.53
CA GLY A 27 -0.71 -1.69 6.57
C GLY A 27 -1.70 -2.69 6.05
N LEU A 28 -2.52 -2.25 5.15
CA LEU A 28 -3.56 -3.05 4.62
C LEU A 28 -3.40 -3.17 3.13
N ILE A 29 -3.86 -4.25 2.62
CA ILE A 29 -3.84 -4.47 1.19
C ILE A 29 -5.18 -4.59 0.61
N PHE A 30 -5.26 -4.26 -0.66
CA PHE A 30 -6.55 -4.24 -1.35
C PHE A 30 -6.89 -5.65 -1.84
N VAL A 31 -7.50 -6.45 -1.00
CA VAL A 31 -7.98 -7.74 -1.45
C VAL A 31 -9.49 -7.73 -1.32
N ALA A 32 -10.15 -7.98 -2.44
CA ALA A 32 -11.60 -7.90 -2.55
C ALA A 32 -12.32 -8.69 -1.47
N THR A 33 -12.91 -7.94 -0.55
CA THR A 33 -13.76 -8.44 0.54
C THR A 33 -13.03 -9.40 1.50
N SER A 34 -11.74 -9.23 1.62
CA SER A 34 -10.97 -10.05 2.51
C SER A 34 -11.12 -9.55 3.95
N PRO A 35 -11.22 -10.45 4.94
CA PRO A 35 -11.27 -10.05 6.32
C PRO A 35 -9.87 -9.89 6.91
N ARG A 36 -8.89 -9.97 6.04
CA ARG A 36 -7.50 -9.80 6.41
C ARG A 36 -6.90 -8.63 5.64
N CYS A 37 -7.67 -8.07 4.73
CA CYS A 37 -7.19 -7.05 3.83
C CYS A 37 -8.37 -6.19 3.42
N VAL A 38 -8.24 -4.91 3.55
CA VAL A 38 -9.32 -3.99 3.28
C VAL A 38 -9.13 -3.30 1.96
N ASN A 39 -10.21 -3.19 1.24
CA ASN A 39 -10.20 -2.51 -0.04
C ASN A 39 -10.81 -1.16 0.12
N VAL A 40 -10.68 -0.33 -0.92
CA VAL A 40 -11.11 1.07 -0.91
C VAL A 40 -12.53 1.27 -0.36
N GLU A 41 -13.39 0.28 -0.54
CA GLU A 41 -14.75 0.38 -0.13
C GLU A 41 -14.91 0.30 1.38
N GLN A 42 -14.10 -0.53 2.01
CA GLN A 42 -14.17 -0.68 3.47
C GLN A 42 -13.32 0.38 4.08
N ALA A 43 -12.24 0.70 3.40
CA ALA A 43 -11.34 1.76 3.81
C ALA A 43 -12.05 3.10 3.83
N GLN A 44 -13.10 3.21 3.02
CA GLN A 44 -13.94 4.39 2.94
C GLN A 44 -14.63 4.64 4.31
N GLU A 45 -14.89 3.54 5.02
CA GLU A 45 -15.47 3.59 6.36
C GLU A 45 -14.38 3.94 7.34
N VAL A 46 -13.30 3.18 7.22
CA VAL A 46 -12.16 3.25 8.12
C VAL A 46 -11.53 4.65 8.12
N MET A 47 -11.55 5.31 6.97
CA MET A 47 -10.97 6.65 6.84
C MET A 47 -11.70 7.68 7.69
N ALA A 48 -12.97 7.43 7.96
CA ALA A 48 -13.76 8.33 8.78
C ALA A 48 -13.73 7.89 10.23
N ALA A 49 -13.28 6.66 10.44
CA ALA A 49 -13.23 6.09 11.76
C ALA A 49 -11.89 6.38 12.41
N ALA A 50 -10.81 6.13 11.70
CA ALA A 50 -9.53 6.28 12.22
C ALA A 50 -8.72 7.07 11.21
N PRO A 51 -8.48 8.34 11.49
CA PRO A 51 -7.69 9.18 10.61
C PRO A 51 -6.18 8.85 10.68
N LEU A 52 -5.88 7.66 10.25
CA LEU A 52 -4.53 7.20 10.10
C LEU A 52 -4.19 7.18 8.63
N GLN A 53 -2.94 7.13 8.31
CA GLN A 53 -2.50 7.16 6.95
C GLN A 53 -2.60 5.74 6.31
N TYR A 54 -2.80 5.67 5.00
CA TYR A 54 -3.06 4.40 4.31
C TYR A 54 -1.96 4.12 3.28
N VAL A 55 -1.66 2.86 3.05
CA VAL A 55 -0.69 2.45 2.05
C VAL A 55 -1.31 1.31 1.25
N GLY A 56 -0.86 1.13 0.02
CA GLY A 56 -1.40 0.08 -0.78
C GLY A 56 -0.34 -0.78 -1.41
N VAL A 57 -0.58 -2.07 -1.49
CA VAL A 57 0.36 -3.00 -2.11
C VAL A 57 -0.42 -3.97 -2.99
N PHE A 58 -0.04 -4.08 -4.24
CA PHE A 58 -0.60 -5.08 -5.16
C PHE A 58 0.19 -5.03 -6.44
N ARG A 59 -0.07 -5.92 -7.37
CA ARG A 59 0.63 -5.83 -8.62
C ARG A 59 -0.18 -4.90 -9.51
N ASN A 60 0.43 -3.84 -9.91
CA ASN A 60 -0.25 -2.82 -10.58
C ASN A 60 -0.09 -3.02 -12.03
N HIS A 61 -1.18 -3.24 -12.64
CA HIS A 61 -1.25 -3.36 -14.09
C HIS A 61 -1.73 -2.02 -14.61
N ASP A 62 -2.90 -1.63 -14.14
CA ASP A 62 -3.58 -0.42 -14.58
C ASP A 62 -3.22 0.74 -13.71
N ILE A 63 -2.54 1.71 -14.29
CA ILE A 63 -2.15 2.91 -13.58
C ILE A 63 -3.38 3.73 -13.19
N ALA A 64 -4.43 3.64 -14.00
CA ALA A 64 -5.65 4.39 -13.77
C ALA A 64 -6.36 3.88 -12.52
N ASP A 65 -6.09 2.64 -12.18
CA ASP A 65 -6.74 2.00 -11.04
C ASP A 65 -6.03 2.44 -9.80
N VAL A 66 -4.70 2.48 -9.91
CA VAL A 66 -3.85 2.92 -8.83
C VAL A 66 -4.15 4.37 -8.52
N VAL A 67 -4.25 5.20 -9.58
CA VAL A 67 -4.56 6.62 -9.44
C VAL A 67 -5.92 6.78 -8.77
N ASP A 68 -6.86 5.93 -9.18
CA ASP A 68 -8.20 5.91 -8.61
C ASP A 68 -8.16 5.74 -7.11
N LYS A 69 -7.58 4.64 -6.66
CA LYS A 69 -7.56 4.30 -5.25
C LYS A 69 -6.76 5.32 -4.45
N ALA A 70 -5.58 5.63 -4.96
CA ALA A 70 -4.66 6.55 -4.32
C ALA A 70 -5.27 7.93 -4.15
N LYS A 71 -6.14 8.29 -5.04
CA LYS A 71 -6.85 9.55 -4.97
C LYS A 71 -8.09 9.44 -4.06
N VAL A 72 -8.99 8.50 -4.39
CA VAL A 72 -10.25 8.30 -3.62
C VAL A 72 -10.01 8.17 -2.13
N LEU A 73 -9.22 7.19 -1.73
CA LEU A 73 -8.95 7.00 -0.32
C LEU A 73 -7.85 7.97 0.15
N SER A 74 -7.08 8.50 -0.80
CA SER A 74 -5.94 9.36 -0.54
C SER A 74 -4.87 8.65 0.28
N LEU A 75 -4.13 7.79 -0.40
CA LEU A 75 -3.06 7.02 0.14
C LEU A 75 -1.79 7.88 0.31
N ALA A 76 -0.70 7.21 0.56
CA ALA A 76 0.58 7.81 0.55
C ALA A 76 1.37 6.97 -0.33
N ALA A 77 1.75 5.85 0.12
CA ALA A 77 2.54 5.04 -0.70
C ALA A 77 1.77 3.91 -1.28
N VAL A 78 2.28 3.42 -2.35
CA VAL A 78 1.74 2.27 -3.03
C VAL A 78 2.94 1.44 -3.46
N GLN A 79 2.83 0.16 -3.33
CA GLN A 79 3.91 -0.69 -3.63
C GLN A 79 3.79 -1.28 -4.98
N LEU A 80 4.88 -1.21 -5.68
CA LEU A 80 4.96 -1.68 -7.02
C LEU A 80 5.72 -2.97 -7.10
N HIS A 81 5.04 -4.01 -7.51
CA HIS A 81 5.72 -5.21 -7.91
C HIS A 81 6.16 -4.95 -9.33
N GLY A 82 7.40 -4.54 -9.47
CA GLY A 82 7.99 -4.06 -10.72
C GLY A 82 7.91 -4.97 -11.93
N ASN A 83 7.54 -6.21 -11.72
CA ASN A 83 7.45 -7.27 -12.76
C ASN A 83 6.81 -6.81 -14.11
N GLU A 84 5.92 -5.83 -14.05
CA GLU A 84 5.21 -5.36 -15.24
C GLU A 84 6.16 -4.69 -16.26
N GLU A 85 6.98 -3.76 -15.78
CA GLU A 85 7.92 -3.01 -16.63
C GLU A 85 8.69 -2.10 -15.69
N GLN A 86 9.90 -1.71 -16.05
CA GLN A 86 10.73 -0.95 -15.19
C GLN A 86 10.30 0.49 -15.20
N LEU A 87 10.09 0.96 -16.39
CA LEU A 87 9.78 2.34 -16.67
C LEU A 87 8.34 2.65 -16.34
N TYR A 88 7.57 1.60 -16.15
CA TYR A 88 6.20 1.73 -15.70
C TYR A 88 6.15 2.37 -14.30
N ILE A 89 7.13 2.05 -13.47
CA ILE A 89 7.21 2.61 -12.11
C ILE A 89 7.45 4.12 -12.20
N ASP A 90 8.17 4.50 -13.23
CA ASP A 90 8.50 5.87 -13.52
C ASP A 90 7.26 6.63 -13.99
N THR A 91 6.27 5.88 -14.34
CA THR A 91 5.03 6.35 -14.87
C THR A 91 4.05 6.63 -13.73
N LEU A 92 3.94 5.67 -12.80
CA LEU A 92 3.08 5.79 -11.61
C LEU A 92 3.20 7.14 -10.96
N ARG A 93 4.40 7.49 -10.61
CA ARG A 93 4.62 8.76 -9.89
C ARG A 93 4.38 10.03 -10.70
N GLU A 94 4.12 9.87 -11.96
CA GLU A 94 3.77 11.00 -12.81
C GLU A 94 2.27 11.21 -12.77
N ALA A 95 1.54 10.12 -12.67
CA ALA A 95 0.07 10.16 -12.68
C ALA A 95 -0.52 10.25 -11.28
N LEU A 96 0.28 9.96 -10.32
CA LEU A 96 -0.13 9.97 -8.93
C LEU A 96 0.01 11.35 -8.34
N PRO A 97 -0.92 11.73 -7.45
CA PRO A 97 -0.90 13.01 -6.78
C PRO A 97 0.29 13.11 -5.83
N ALA A 98 0.58 14.32 -5.38
CA ALA A 98 1.77 14.63 -4.57
C ALA A 98 1.74 13.93 -3.20
N HIS A 99 0.61 13.34 -2.88
CA HIS A 99 0.45 12.63 -1.63
C HIS A 99 1.03 11.24 -1.77
N VAL A 100 1.00 10.71 -2.98
CA VAL A 100 1.33 9.38 -3.20
C VAL A 100 2.80 9.17 -3.56
N ALA A 101 3.40 8.16 -2.96
CA ALA A 101 4.75 7.74 -3.20
C ALA A 101 4.73 6.27 -3.64
N ILE A 102 5.82 5.79 -4.14
CA ILE A 102 5.91 4.44 -4.61
C ILE A 102 6.94 3.73 -3.76
N TRP A 103 6.63 2.56 -3.30
CA TRP A 103 7.67 1.78 -2.65
C TRP A 103 7.87 0.53 -3.44
N LYS A 104 9.04 0.04 -3.43
CA LYS A 104 9.36 -1.12 -4.18
C LYS A 104 9.35 -2.30 -3.24
N ALA A 105 8.45 -3.22 -3.51
CA ALA A 105 8.39 -4.46 -2.79
C ALA A 105 9.58 -5.29 -3.26
N LEU A 106 10.58 -5.35 -2.43
CA LEU A 106 11.84 -5.92 -2.82
C LEU A 106 11.78 -7.43 -2.76
N SER A 107 11.53 -8.00 -3.91
CA SER A 107 11.46 -9.41 -4.12
C SER A 107 12.81 -10.07 -3.81
N VAL A 108 12.78 -11.31 -3.34
CA VAL A 108 14.00 -12.04 -2.99
C VAL A 108 14.83 -12.36 -4.23
N GLY A 109 16.10 -12.59 -4.02
CA GLY A 109 16.99 -12.88 -5.10
C GLY A 109 18.36 -12.32 -4.83
N GLU A 110 19.36 -13.17 -4.83
CA GLU A 110 20.73 -12.74 -4.60
C GLU A 110 21.28 -12.04 -5.84
N THR A 111 20.86 -12.49 -6.99
CA THR A 111 21.22 -11.83 -8.21
C THR A 111 20.18 -10.77 -8.53
N LEU A 112 20.34 -9.61 -7.94
CA LEU A 112 19.40 -8.54 -8.08
C LEU A 112 20.18 -7.25 -8.35
N PRO A 113 19.76 -6.45 -9.33
CA PRO A 113 20.43 -5.19 -9.65
C PRO A 113 20.27 -4.12 -8.53
N ALA A 114 21.24 -3.20 -8.47
CA ALA A 114 21.22 -2.11 -7.49
C ALA A 114 20.03 -1.19 -7.76
N ARG A 115 19.69 -1.05 -9.01
CA ARG A 115 18.50 -0.34 -9.40
C ARG A 115 17.77 -1.10 -10.48
N GLU A 116 16.54 -1.39 -10.19
CA GLU A 116 15.67 -2.05 -11.13
C GLU A 116 14.61 -1.05 -11.46
N PHE A 117 14.02 -0.52 -10.40
CA PHE A 117 12.95 0.42 -10.49
C PHE A 117 13.32 1.62 -9.66
N GLN A 118 13.60 2.69 -10.32
CA GLN A 118 13.98 3.91 -9.65
C GLN A 118 12.76 4.82 -9.50
N HIS A 119 12.96 5.98 -8.87
CA HIS A 119 11.90 6.93 -8.53
C HIS A 119 10.96 6.39 -7.47
N VAL A 120 11.46 5.41 -6.74
CA VAL A 120 10.74 4.85 -5.64
C VAL A 120 11.17 5.56 -4.36
N ASP A 121 10.27 5.72 -3.47
CA ASP A 121 10.50 6.44 -2.21
C ASP A 121 11.14 5.55 -1.17
N LYS A 122 10.68 4.33 -1.06
CA LYS A 122 11.14 3.41 -0.04
C LYS A 122 11.17 1.99 -0.56
N TYR A 123 11.88 1.16 0.14
CA TYR A 123 11.95 -0.24 -0.15
C TYR A 123 11.34 -1.02 0.97
N VAL A 124 10.55 -2.00 0.63
CA VAL A 124 9.89 -2.82 1.62
C VAL A 124 10.00 -4.27 1.24
N LEU A 125 9.52 -5.14 2.11
CA LEU A 125 9.56 -6.55 1.85
C LEU A 125 8.46 -6.97 0.86
N ASP A 126 8.79 -7.94 0.06
CA ASP A 126 7.89 -8.49 -0.96
C ASP A 126 6.90 -9.44 -0.30
N ASN A 127 5.71 -9.54 -0.85
CA ASN A 127 4.69 -10.41 -0.31
C ASN A 127 4.88 -11.80 -0.85
N GLY A 128 5.57 -12.61 -0.09
CA GLY A 128 5.85 -13.94 -0.52
C GLY A 128 4.83 -14.93 0.01
N GLN A 129 4.16 -15.58 -0.90
CA GLN A 129 3.22 -16.65 -0.57
C GLN A 129 3.83 -17.98 -1.03
N GLY A 130 5.01 -17.87 -1.60
CA GLY A 130 5.72 -19.00 -2.08
C GLY A 130 7.11 -18.57 -2.46
N GLY A 131 8.02 -19.50 -2.54
CA GLY A 131 9.35 -19.18 -2.92
C GLY A 131 10.31 -20.22 -2.42
N ALA A 132 10.86 -19.99 -1.25
CA ALA A 132 11.85 -20.89 -0.67
C ALA A 132 11.43 -21.26 0.75
N GLY A 133 10.14 -21.22 1.00
CA GLY A 133 9.61 -21.47 2.31
C GLY A 133 9.50 -20.18 3.08
N SER A 134 10.61 -19.53 3.20
CA SER A 134 10.70 -18.26 3.81
C SER A 134 10.86 -17.19 2.73
N MET A 1 4.41 2.19 20.17
CA MET A 1 4.18 1.19 19.12
C MET A 1 4.51 1.74 17.76
N GLY A 2 5.60 1.29 17.19
CA GLY A 2 5.95 1.67 15.86
C GLY A 2 5.26 0.77 14.89
N GLU A 3 4.77 1.32 13.79
CA GLU A 3 3.96 0.61 12.78
C GLU A 3 2.60 0.26 13.38
N ASN A 4 1.56 0.84 12.88
CA ASN A 4 0.22 0.56 13.40
C ASN A 4 -0.60 -0.02 12.28
N LYS A 5 0.12 -0.71 11.42
CA LYS A 5 -0.34 -1.39 10.21
C LYS A 5 -1.71 -2.05 10.36
N VAL A 6 -2.74 -1.38 9.92
CA VAL A 6 -4.04 -1.98 9.91
C VAL A 6 -4.24 -2.80 8.66
N CYS A 7 -4.32 -4.07 8.85
CA CYS A 7 -4.67 -4.98 7.81
C CYS A 7 -6.17 -5.10 7.88
N GLY A 8 -6.82 -5.73 6.87
CA GLY A 8 -8.27 -5.76 6.78
C GLY A 8 -8.98 -5.98 8.08
N LEU A 9 -9.79 -5.01 8.40
CA LEU A 9 -10.54 -4.96 9.59
C LEU A 9 -11.66 -4.00 9.29
N THR A 10 -12.81 -4.22 9.84
CA THR A 10 -13.95 -3.41 9.45
C THR A 10 -14.71 -2.93 10.69
N ARG A 11 -14.06 -3.04 11.82
CA ARG A 11 -14.63 -2.62 13.06
C ARG A 11 -13.94 -1.35 13.48
N GLY A 12 -14.67 -0.27 13.54
CA GLY A 12 -14.16 1.00 14.01
C GLY A 12 -13.50 0.88 15.36
N GLN A 13 -14.25 0.31 16.25
CA GLN A 13 -13.88 0.03 17.62
C GLN A 13 -12.61 -0.82 17.74
N ASP A 14 -12.32 -1.59 16.71
CA ASP A 14 -11.16 -2.47 16.72
C ASP A 14 -10.00 -1.72 16.08
N ALA A 15 -10.30 -1.07 14.97
CA ALA A 15 -9.35 -0.32 14.15
C ALA A 15 -8.73 0.84 14.90
N LYS A 16 -9.52 1.44 15.81
CA LYS A 16 -9.08 2.58 16.59
C LYS A 16 -7.86 2.25 17.43
N ALA A 17 -7.67 0.97 17.75
CA ALA A 17 -6.53 0.54 18.58
C ALA A 17 -5.20 0.79 17.87
N ALA A 18 -5.21 0.81 16.55
CA ALA A 18 -4.01 1.05 15.80
C ALA A 18 -3.80 2.55 15.68
N TYR A 19 -4.86 3.26 15.36
CA TYR A 19 -4.83 4.71 15.28
C TYR A 19 -4.46 5.30 16.64
N ASP A 20 -4.91 4.64 17.69
CA ASP A 20 -4.59 4.95 19.11
C ASP A 20 -3.07 5.05 19.33
N ALA A 21 -2.31 4.30 18.54
CA ALA A 21 -0.86 4.29 18.66
C ALA A 21 -0.23 5.60 18.18
N GLY A 22 -0.93 6.35 17.33
CA GLY A 22 -0.42 7.64 16.91
C GLY A 22 -0.92 8.10 15.56
N ALA A 23 -1.89 7.35 15.00
CA ALA A 23 -2.51 7.63 13.68
C ALA A 23 -1.47 7.63 12.56
N ILE A 24 -0.37 6.93 12.82
CA ILE A 24 0.82 6.95 11.98
C ILE A 24 0.51 6.52 10.55
N TYR A 25 0.15 5.26 10.39
CA TYR A 25 -0.06 4.69 9.06
C TYR A 25 -0.57 3.23 9.18
N GLY A 26 -1.30 2.79 8.20
CA GLY A 26 -1.86 1.49 8.20
C GLY A 26 -1.46 0.76 6.95
N GLY A 27 -1.43 -0.55 7.02
CA GLY A 27 -0.96 -1.33 5.91
C GLY A 27 -1.97 -2.33 5.50
N LEU A 28 -2.87 -1.91 4.67
CA LEU A 28 -3.93 -2.72 4.22
C LEU A 28 -3.77 -3.00 2.76
N ILE A 29 -4.23 -4.11 2.36
CA ILE A 29 -4.18 -4.47 0.98
C ILE A 29 -5.50 -4.61 0.37
N PHE A 30 -5.54 -4.36 -0.88
CA PHE A 30 -6.80 -4.26 -1.62
C PHE A 30 -7.33 -5.61 -2.05
N VAL A 31 -7.91 -6.36 -1.14
CA VAL A 31 -8.58 -7.58 -1.54
C VAL A 31 -10.03 -7.46 -1.15
N ALA A 32 -10.89 -7.56 -2.17
CA ALA A 32 -12.33 -7.32 -2.09
C ALA A 32 -13.02 -8.01 -0.93
N THR A 33 -13.21 -7.22 0.11
CA THR A 33 -13.94 -7.54 1.33
C THR A 33 -13.39 -8.70 2.17
N SER A 34 -12.20 -9.18 1.84
CA SER A 34 -11.59 -10.25 2.58
C SER A 34 -11.20 -9.76 3.97
N PRO A 35 -11.47 -10.55 5.01
CA PRO A 35 -11.31 -10.13 6.42
C PRO A 35 -9.86 -9.84 6.85
N ARG A 36 -8.93 -9.91 5.95
CA ARG A 36 -7.60 -9.55 6.29
C ARG A 36 -7.09 -8.46 5.32
N CYS A 37 -7.99 -7.94 4.52
CA CYS A 37 -7.64 -6.95 3.53
C CYS A 37 -8.75 -5.90 3.45
N VAL A 38 -8.43 -4.71 3.03
CA VAL A 38 -9.39 -3.67 2.94
C VAL A 38 -9.22 -2.92 1.64
N ASN A 39 -10.32 -2.66 1.03
CA ASN A 39 -10.38 -1.97 -0.23
C ASN A 39 -11.13 -0.72 -0.08
N VAL A 40 -11.21 0.05 -1.16
CA VAL A 40 -11.87 1.37 -1.22
C VAL A 40 -13.14 1.44 -0.41
N GLU A 41 -13.89 0.39 -0.47
CA GLU A 41 -15.18 0.29 0.15
C GLU A 41 -15.07 0.38 1.68
N GLN A 42 -14.34 -0.55 2.24
CA GLN A 42 -14.20 -0.63 3.68
C GLN A 42 -13.31 0.46 4.19
N ALA A 43 -12.32 0.83 3.38
CA ALA A 43 -11.38 1.85 3.75
C ALA A 43 -12.07 3.20 3.87
N GLN A 44 -13.10 3.40 3.06
CA GLN A 44 -13.86 4.63 3.06
C GLN A 44 -14.53 4.80 4.42
N GLU A 45 -14.93 3.69 4.99
CA GLU A 45 -15.61 3.64 6.27
C GLU A 45 -14.63 3.63 7.43
N VAL A 46 -13.59 2.81 7.31
CA VAL A 46 -12.62 2.63 8.39
C VAL A 46 -11.84 3.93 8.65
N MET A 47 -11.65 4.75 7.59
CA MET A 47 -10.94 6.02 7.73
C MET A 47 -11.78 7.00 8.54
N ALA A 48 -13.08 6.77 8.60
CA ALA A 48 -13.99 7.63 9.32
C ALA A 48 -14.01 7.23 10.80
N ALA A 49 -13.39 6.10 11.09
CA ALA A 49 -13.32 5.60 12.43
C ALA A 49 -11.94 5.85 13.01
N ALA A 50 -10.91 5.54 12.24
CA ALA A 50 -9.60 5.67 12.68
C ALA A 50 -8.86 6.43 11.62
N PRO A 51 -8.68 7.74 11.82
CA PRO A 51 -8.00 8.57 10.86
C PRO A 51 -6.49 8.36 10.89
N LEU A 52 -6.11 7.19 10.48
CA LEU A 52 -4.74 6.82 10.31
C LEU A 52 -4.40 6.88 8.82
N GLN A 53 -3.13 6.85 8.49
CA GLN A 53 -2.71 6.92 7.11
C GLN A 53 -2.89 5.55 6.42
N TYR A 54 -2.90 5.52 5.09
CA TYR A 54 -3.16 4.30 4.34
C TYR A 54 -2.09 4.14 3.27
N VAL A 55 -1.70 2.92 3.02
CA VAL A 55 -0.76 2.62 1.99
C VAL A 55 -1.32 1.43 1.22
N GLY A 56 -0.92 1.26 -0.01
CA GLY A 56 -1.40 0.15 -0.78
C GLY A 56 -0.30 -0.66 -1.36
N VAL A 57 -0.45 -1.94 -1.29
CA VAL A 57 0.47 -2.88 -1.88
C VAL A 57 -0.38 -3.74 -2.78
N PHE A 58 -0.01 -3.89 -4.03
CA PHE A 58 -0.85 -4.65 -4.94
C PHE A 58 -0.11 -4.86 -6.24
N ARG A 59 -0.56 -5.81 -7.01
CA ARG A 59 -0.01 -6.03 -8.31
C ARG A 59 -0.94 -5.29 -9.28
N ASN A 60 -0.59 -4.06 -9.57
CA ASN A 60 -1.37 -3.20 -10.38
C ASN A 60 -0.77 -3.12 -11.72
N HIS A 61 -1.54 -3.43 -12.64
CA HIS A 61 -1.17 -3.40 -14.03
C HIS A 61 -1.56 -2.07 -14.64
N ASP A 62 -2.77 -1.63 -14.34
CA ASP A 62 -3.26 -0.36 -14.84
C ASP A 62 -2.76 0.77 -14.00
N ILE A 63 -2.12 1.72 -14.63
CA ILE A 63 -1.68 2.91 -13.93
C ILE A 63 -2.89 3.71 -13.44
N ALA A 64 -3.96 3.68 -14.21
CA ALA A 64 -5.20 4.37 -13.87
C ALA A 64 -5.87 3.72 -12.67
N ASP A 65 -5.50 2.48 -12.41
CA ASP A 65 -6.07 1.69 -11.32
C ASP A 65 -5.40 2.09 -10.04
N VAL A 66 -4.12 2.39 -10.14
CA VAL A 66 -3.35 2.88 -9.02
C VAL A 66 -3.85 4.27 -8.67
N VAL A 67 -3.97 5.11 -9.71
CA VAL A 67 -4.42 6.50 -9.54
C VAL A 67 -5.81 6.53 -8.93
N ASP A 68 -6.65 5.62 -9.37
CA ASP A 68 -8.02 5.46 -8.88
C ASP A 68 -8.05 5.31 -7.37
N LYS A 69 -7.42 4.25 -6.89
CA LYS A 69 -7.44 3.93 -5.45
C LYS A 69 -6.72 5.02 -4.66
N ALA A 70 -5.62 5.52 -5.22
CA ALA A 70 -4.82 6.55 -4.58
C ALA A 70 -5.60 7.85 -4.42
N LYS A 71 -6.44 8.15 -5.40
CA LYS A 71 -7.24 9.35 -5.38
C LYS A 71 -8.42 9.21 -4.43
N VAL A 72 -9.16 8.11 -4.59
CA VAL A 72 -10.36 7.87 -3.81
C VAL A 72 -10.03 7.78 -2.31
N LEU A 73 -9.13 6.89 -1.97
CA LEU A 73 -8.74 6.72 -0.56
C LEU A 73 -7.74 7.78 -0.09
N SER A 74 -7.22 8.58 -1.00
CA SER A 74 -6.17 9.57 -0.69
C SER A 74 -4.97 8.93 0.03
N LEU A 75 -4.27 8.08 -0.72
CA LEU A 75 -3.12 7.32 -0.21
C LEU A 75 -1.86 8.19 -0.17
N ALA A 76 -0.76 7.58 0.23
CA ALA A 76 0.49 8.29 0.35
C ALA A 76 1.55 7.55 -0.40
N ALA A 77 1.48 6.24 -0.36
CA ALA A 77 2.36 5.42 -1.12
C ALA A 77 1.66 4.18 -1.62
N VAL A 78 2.23 3.59 -2.63
CA VAL A 78 1.76 2.32 -3.20
C VAL A 78 2.98 1.46 -3.57
N GLN A 79 2.90 0.17 -3.35
CA GLN A 79 4.00 -0.70 -3.58
C GLN A 79 3.84 -1.54 -4.83
N LEU A 80 4.59 -1.17 -5.84
CA LEU A 80 4.64 -1.84 -7.10
C LEU A 80 6.03 -2.38 -7.27
N HIS A 81 6.20 -3.62 -6.97
CA HIS A 81 7.53 -4.23 -6.99
C HIS A 81 7.57 -5.46 -7.87
N GLY A 82 6.44 -6.03 -8.08
CA GLY A 82 6.41 -7.34 -8.69
C GLY A 82 6.27 -7.43 -10.19
N ASN A 83 5.23 -6.83 -10.71
CA ASN A 83 4.74 -7.21 -12.04
C ASN A 83 5.34 -6.63 -13.32
N GLU A 84 5.16 -5.36 -13.60
CA GLU A 84 5.29 -4.95 -15.00
C GLU A 84 6.65 -4.53 -15.55
N GLU A 85 7.37 -3.64 -14.90
CA GLU A 85 8.60 -3.12 -15.50
C GLU A 85 9.30 -2.21 -14.51
N GLN A 86 10.57 -1.88 -14.79
CA GLN A 86 11.40 -1.07 -13.95
C GLN A 86 10.93 0.34 -14.09
N LEU A 87 10.77 0.72 -15.33
CA LEU A 87 10.46 2.06 -15.71
C LEU A 87 8.99 2.39 -15.58
N TYR A 88 8.17 1.38 -15.41
CA TYR A 88 6.73 1.58 -15.21
C TYR A 88 6.48 2.42 -13.96
N ILE A 89 7.31 2.22 -12.96
CA ILE A 89 7.22 2.94 -11.71
C ILE A 89 7.45 4.43 -11.93
N ASP A 90 8.32 4.70 -12.87
CA ASP A 90 8.67 6.05 -13.32
C ASP A 90 7.46 6.74 -13.97
N THR A 91 6.55 5.92 -14.42
CA THR A 91 5.36 6.37 -15.09
C THR A 91 4.28 6.74 -14.07
N LEU A 92 4.16 5.94 -13.00
CA LEU A 92 3.23 6.20 -11.90
C LEU A 92 3.40 7.60 -11.37
N ARG A 93 4.66 7.96 -11.21
CA ARG A 93 5.12 9.30 -10.78
C ARG A 93 4.37 10.41 -11.47
N GLU A 94 4.14 10.18 -12.70
CA GLU A 94 3.53 11.16 -13.59
C GLU A 94 2.04 11.29 -13.36
N ALA A 95 1.37 10.17 -13.23
CA ALA A 95 -0.09 10.17 -13.09
C ALA A 95 -0.54 10.32 -11.65
N LEU A 96 0.39 10.28 -10.76
CA LEU A 96 0.16 10.49 -9.35
C LEU A 96 0.71 11.85 -8.96
N PRO A 97 0.12 12.54 -8.00
CA PRO A 97 0.67 13.78 -7.51
C PRO A 97 1.92 13.47 -6.69
N ALA A 98 2.72 14.48 -6.45
CA ALA A 98 4.02 14.32 -5.80
C ALA A 98 3.92 13.74 -4.40
N HIS A 99 2.78 13.94 -3.78
CA HIS A 99 2.54 13.46 -2.44
C HIS A 99 1.96 12.04 -2.37
N VAL A 100 1.79 11.38 -3.52
CA VAL A 100 1.50 10.00 -3.55
C VAL A 100 2.74 9.35 -4.12
N ALA A 101 3.24 8.37 -3.45
CA ALA A 101 4.51 7.83 -3.79
C ALA A 101 4.42 6.37 -4.15
N ILE A 102 5.51 5.83 -4.59
CA ILE A 102 5.61 4.47 -4.97
C ILE A 102 6.75 3.89 -4.20
N TRP A 103 6.57 2.76 -3.61
CA TRP A 103 7.68 2.11 -2.93
C TRP A 103 7.90 0.77 -3.52
N LYS A 104 9.07 0.27 -3.35
CA LYS A 104 9.34 -1.04 -3.75
C LYS A 104 9.28 -1.89 -2.53
N ALA A 105 8.35 -2.79 -2.49
CA ALA A 105 8.37 -3.79 -1.47
C ALA A 105 9.57 -4.66 -1.79
N LEU A 106 10.57 -4.58 -0.96
CA LEU A 106 11.83 -5.18 -1.24
C LEU A 106 11.78 -6.69 -1.19
N SER A 107 11.57 -7.25 -2.34
CA SER A 107 11.67 -8.64 -2.55
C SER A 107 13.15 -8.96 -2.66
N VAL A 108 13.59 -9.86 -1.85
CA VAL A 108 14.99 -10.21 -1.80
C VAL A 108 15.40 -11.07 -2.98
N GLY A 109 16.65 -11.04 -3.29
CA GLY A 109 17.17 -11.81 -4.37
C GLY A 109 18.53 -11.31 -4.77
N GLU A 110 19.40 -12.23 -5.06
CA GLU A 110 20.74 -11.90 -5.44
C GLU A 110 20.82 -11.66 -6.94
N THR A 111 21.79 -10.86 -7.36
CA THR A 111 22.04 -10.54 -8.77
C THR A 111 21.01 -9.49 -9.31
N LEU A 112 20.47 -8.70 -8.40
CA LEU A 112 19.60 -7.59 -8.75
C LEU A 112 20.30 -6.30 -8.38
N PRO A 113 20.27 -5.27 -9.24
CA PRO A 113 20.89 -3.99 -8.93
C PRO A 113 20.14 -3.27 -7.80
N ALA A 114 20.77 -2.29 -7.18
CA ALA A 114 20.12 -1.53 -6.12
C ALA A 114 19.02 -0.67 -6.70
N ARG A 115 19.27 -0.10 -7.87
CA ARG A 115 18.25 0.60 -8.57
C ARG A 115 17.68 -0.33 -9.61
N GLU A 116 16.42 -0.54 -9.51
CA GLU A 116 15.73 -1.42 -10.42
C GLU A 116 14.60 -0.62 -11.00
N PHE A 117 13.62 -0.42 -10.18
CA PHE A 117 12.48 0.33 -10.52
C PHE A 117 12.81 1.75 -10.22
N GLN A 118 13.10 2.48 -11.25
CA GLN A 118 13.46 3.84 -11.07
C GLN A 118 12.34 4.71 -10.70
N HIS A 119 12.66 5.52 -9.76
CA HIS A 119 11.80 6.47 -9.18
C HIS A 119 10.90 5.86 -8.14
N VAL A 120 11.39 4.86 -7.45
CA VAL A 120 10.69 4.42 -6.28
C VAL A 120 11.06 5.38 -5.18
N ASP A 121 10.11 5.75 -4.43
CA ASP A 121 10.28 6.77 -3.40
C ASP A 121 11.10 6.25 -2.24
N LYS A 122 10.73 5.10 -1.77
CA LYS A 122 11.33 4.46 -0.64
C LYS A 122 11.18 2.98 -0.84
N TYR A 123 11.94 2.20 -0.15
CA TYR A 123 11.74 0.80 -0.20
C TYR A 123 11.22 0.33 1.14
N VAL A 124 10.44 -0.67 1.12
CA VAL A 124 9.83 -1.21 2.31
C VAL A 124 10.03 -2.71 2.24
N LEU A 125 9.59 -3.45 3.21
CA LEU A 125 9.77 -4.90 3.18
C LEU A 125 8.81 -5.52 2.17
N ASP A 126 9.06 -6.75 1.79
CA ASP A 126 8.18 -7.45 0.87
C ASP A 126 6.85 -7.67 1.54
N ASN A 127 5.86 -6.96 1.06
CA ASN A 127 4.52 -7.04 1.63
C ASN A 127 3.60 -7.83 0.74
N GLY A 128 4.18 -8.60 -0.13
CA GLY A 128 3.40 -9.41 -1.02
C GLY A 128 3.22 -10.78 -0.43
N GLN A 129 2.46 -11.61 -1.07
CA GLN A 129 2.26 -12.93 -0.59
C GLN A 129 2.08 -13.85 -1.78
N GLY A 130 3.09 -14.64 -2.03
CA GLY A 130 3.08 -15.52 -3.17
C GLY A 130 4.20 -15.19 -4.11
N GLY A 131 5.11 -16.09 -4.26
CA GLY A 131 6.25 -15.86 -5.11
C GLY A 131 7.50 -15.57 -4.31
N ALA A 132 8.60 -16.12 -4.74
CA ALA A 132 9.88 -15.88 -4.09
C ALA A 132 10.64 -14.83 -4.87
N GLY A 133 10.36 -14.77 -6.15
CA GLY A 133 11.00 -13.82 -7.00
C GLY A 133 10.01 -12.82 -7.53
N SER A 134 10.50 -11.88 -8.27
CA SER A 134 9.73 -10.84 -8.86
C SER A 134 10.44 -10.41 -10.12
N MET A 1 8.44 2.96 15.50
CA MET A 1 9.21 1.80 15.03
C MET A 1 8.52 0.50 15.43
N GLY A 2 7.70 -0.01 14.54
CA GLY A 2 6.92 -1.20 14.81
C GLY A 2 5.51 -0.95 14.36
N GLU A 3 5.05 0.25 14.68
CA GLU A 3 3.78 0.80 14.23
C GLU A 3 2.56 -0.02 14.67
N ASN A 4 1.44 0.28 14.06
CA ASN A 4 0.16 -0.35 14.33
C ASN A 4 -0.41 -0.69 13.00
N LYS A 5 0.47 -1.12 12.11
CA LYS A 5 0.11 -1.51 10.75
C LYS A 5 -0.94 -2.66 10.75
N VAL A 6 -2.17 -2.28 10.70
CA VAL A 6 -3.26 -3.21 10.72
C VAL A 6 -3.69 -3.63 9.34
N CYS A 7 -3.94 -4.89 9.20
CA CYS A 7 -4.47 -5.49 8.00
C CYS A 7 -5.97 -5.47 8.14
N GLY A 8 -6.72 -5.80 7.06
CA GLY A 8 -8.18 -5.60 6.98
C GLY A 8 -8.91 -5.75 8.28
N LEU A 9 -9.35 -4.62 8.80
CA LEU A 9 -10.04 -4.56 10.04
C LEU A 9 -11.39 -3.97 9.76
N THR A 10 -12.39 -4.43 10.45
CA THR A 10 -13.75 -4.08 10.12
C THR A 10 -14.36 -3.26 11.20
N ARG A 11 -13.76 -3.34 12.33
CA ARG A 11 -14.24 -2.66 13.49
C ARG A 11 -13.58 -1.30 13.61
N GLY A 12 -14.38 -0.27 13.54
CA GLY A 12 -13.89 1.07 13.69
C GLY A 12 -13.35 1.32 15.08
N GLN A 13 -13.91 0.63 16.10
CA GLN A 13 -13.51 0.88 17.50
C GLN A 13 -12.16 0.31 17.72
N ASP A 14 -11.89 -0.63 16.89
CA ASP A 14 -10.72 -1.42 16.95
C ASP A 14 -9.65 -0.71 16.16
N ALA A 15 -10.07 -0.15 15.04
CA ALA A 15 -9.22 0.64 14.17
C ALA A 15 -8.71 1.88 14.90
N LYS A 16 -9.53 2.41 15.80
CA LYS A 16 -9.16 3.56 16.59
C LYS A 16 -7.95 3.28 17.47
N ALA A 17 -7.75 2.03 17.85
CA ALA A 17 -6.62 1.68 18.69
C ALA A 17 -5.31 1.75 17.90
N ALA A 18 -5.41 1.54 16.59
CA ALA A 18 -4.25 1.65 15.71
C ALA A 18 -3.96 3.12 15.43
N TYR A 19 -5.03 3.87 15.25
CA TYR A 19 -4.94 5.31 15.06
C TYR A 19 -4.47 5.98 16.34
N ASP A 20 -4.81 5.38 17.45
CA ASP A 20 -4.44 5.83 18.80
C ASP A 20 -2.93 5.99 18.95
N ALA A 21 -2.17 5.27 18.13
CA ALA A 21 -0.71 5.35 18.11
C ALA A 21 -0.23 6.72 17.59
N GLY A 22 -1.14 7.47 16.99
CA GLY A 22 -0.82 8.80 16.51
C GLY A 22 -1.10 8.96 15.06
N ALA A 23 -2.15 8.24 14.59
CA ALA A 23 -2.62 8.28 13.20
C ALA A 23 -1.49 7.99 12.25
N ILE A 24 -0.60 7.07 12.66
CA ILE A 24 0.62 6.81 11.92
C ILE A 24 0.33 6.27 10.54
N TYR A 25 -0.17 5.04 10.49
CA TYR A 25 -0.48 4.38 9.24
C TYR A 25 -1.03 2.97 9.53
N GLY A 26 -1.70 2.40 8.55
CA GLY A 26 -2.24 1.06 8.65
C GLY A 26 -1.70 0.23 7.50
N GLY A 27 -1.56 -1.07 7.71
CA GLY A 27 -0.90 -1.89 6.71
C GLY A 27 -1.83 -2.91 6.15
N LEU A 28 -2.71 -2.48 5.30
CA LEU A 28 -3.68 -3.31 4.71
C LEU A 28 -3.51 -3.34 3.23
N ILE A 29 -3.93 -4.42 2.65
CA ILE A 29 -3.87 -4.59 1.22
C ILE A 29 -5.18 -4.72 0.57
N PHE A 30 -5.20 -4.41 -0.70
CA PHE A 30 -6.44 -4.35 -1.46
C PHE A 30 -6.90 -5.73 -1.90
N VAL A 31 -7.48 -6.49 -1.00
CA VAL A 31 -8.07 -7.72 -1.42
C VAL A 31 -9.56 -7.56 -1.30
N ALA A 32 -10.23 -7.67 -2.43
CA ALA A 32 -11.64 -7.40 -2.55
C ALA A 32 -12.47 -8.22 -1.58
N THR A 33 -13.05 -7.52 -0.62
CA THR A 33 -13.97 -8.03 0.39
C THR A 33 -13.31 -9.05 1.34
N SER A 34 -12.01 -8.94 1.51
CA SER A 34 -11.31 -9.81 2.39
C SER A 34 -11.38 -9.26 3.81
N PRO A 35 -11.57 -10.12 4.81
CA PRO A 35 -11.62 -9.69 6.18
C PRO A 35 -10.23 -9.68 6.82
N ARG A 36 -9.21 -9.91 6.02
CA ARG A 36 -7.83 -9.81 6.49
C ARG A 36 -7.10 -8.72 5.72
N CYS A 37 -7.76 -8.18 4.72
CA CYS A 37 -7.18 -7.23 3.82
C CYS A 37 -8.28 -6.32 3.32
N VAL A 38 -8.15 -5.07 3.58
CA VAL A 38 -9.21 -4.15 3.29
C VAL A 38 -8.91 -3.35 2.04
N ASN A 39 -9.92 -3.23 1.26
CA ASN A 39 -9.88 -2.49 0.03
C ASN A 39 -10.58 -1.19 0.21
N VAL A 40 -10.42 -0.31 -0.76
CA VAL A 40 -10.95 1.06 -0.75
C VAL A 40 -12.42 1.12 -0.33
N GLU A 41 -13.16 0.12 -0.71
CA GLU A 41 -14.55 0.04 -0.39
C GLU A 41 -14.81 -0.15 1.11
N GLN A 42 -14.12 -1.09 1.78
CA GLN A 42 -14.28 -1.19 3.23
C GLN A 42 -13.57 -0.03 3.92
N ALA A 43 -12.40 0.32 3.41
CA ALA A 43 -11.58 1.40 3.98
C ALA A 43 -12.28 2.74 3.91
N GLN A 44 -13.27 2.84 3.02
CA GLN A 44 -14.06 4.04 2.84
C GLN A 44 -14.76 4.38 4.16
N GLU A 45 -15.07 3.35 4.93
CA GLU A 45 -15.68 3.52 6.24
C GLU A 45 -14.59 3.71 7.26
N VAL A 46 -13.64 2.81 7.23
CA VAL A 46 -12.56 2.74 8.21
C VAL A 46 -11.75 4.05 8.28
N MET A 47 -11.57 4.72 7.15
CA MET A 47 -10.82 6.00 7.09
C MET A 47 -11.54 7.10 7.87
N ALA A 48 -12.84 6.95 8.02
CA ALA A 48 -13.62 7.90 8.76
C ALA A 48 -13.68 7.49 10.21
N ALA A 49 -13.55 6.19 10.45
CA ALA A 49 -13.57 5.63 11.78
C ALA A 49 -12.31 6.01 12.54
N ALA A 50 -11.17 5.75 11.93
CA ALA A 50 -9.92 6.08 12.50
C ALA A 50 -9.12 6.76 11.43
N PRO A 51 -8.93 8.08 11.55
CA PRO A 51 -8.22 8.87 10.54
C PRO A 51 -6.69 8.65 10.56
N LEU A 52 -6.30 7.40 10.42
CA LEU A 52 -4.93 7.02 10.30
C LEU A 52 -4.55 7.00 8.82
N GLN A 53 -3.30 6.86 8.53
CA GLN A 53 -2.84 6.90 7.19
C GLN A 53 -2.93 5.51 6.52
N TYR A 54 -3.20 5.50 5.22
CA TYR A 54 -3.34 4.26 4.48
C TYR A 54 -2.28 4.12 3.39
N VAL A 55 -1.86 2.92 3.17
CA VAL A 55 -0.90 2.61 2.16
C VAL A 55 -1.47 1.46 1.37
N GLY A 56 -0.95 1.21 0.22
CA GLY A 56 -1.46 0.14 -0.56
C GLY A 56 -0.40 -0.64 -1.24
N VAL A 57 -0.44 -1.92 -1.09
CA VAL A 57 0.43 -2.79 -1.84
C VAL A 57 -0.47 -3.44 -2.88
N PHE A 58 -0.13 -3.29 -4.11
CA PHE A 58 -1.00 -3.72 -5.16
C PHE A 58 -0.17 -4.13 -6.35
N ARG A 59 -0.68 -5.03 -7.13
CA ARG A 59 0.00 -5.39 -8.35
C ARG A 59 -0.46 -4.41 -9.40
N ASN A 60 0.43 -3.56 -9.80
CA ASN A 60 0.10 -2.46 -10.64
C ASN A 60 0.22 -2.90 -12.06
N HIS A 61 -0.86 -2.87 -12.70
CA HIS A 61 -0.94 -3.15 -14.11
C HIS A 61 -1.49 -1.91 -14.79
N ASP A 62 -2.69 -1.53 -14.39
CA ASP A 62 -3.36 -0.37 -14.92
C ASP A 62 -3.08 0.79 -14.00
N ILE A 63 -2.39 1.75 -14.52
CA ILE A 63 -2.00 2.92 -13.77
C ILE A 63 -3.22 3.74 -13.31
N ALA A 64 -4.27 3.72 -14.10
CA ALA A 64 -5.44 4.53 -13.81
C ALA A 64 -6.22 3.92 -12.68
N ASP A 65 -5.94 2.67 -12.39
CA ASP A 65 -6.62 2.01 -11.29
C ASP A 65 -5.90 2.32 -10.01
N VAL A 66 -4.60 2.49 -10.14
CA VAL A 66 -3.76 2.88 -9.04
C VAL A 66 -4.09 4.32 -8.68
N VAL A 67 -4.22 5.16 -9.72
CA VAL A 67 -4.63 6.57 -9.54
C VAL A 67 -5.95 6.62 -8.83
N ASP A 68 -6.86 5.75 -9.26
CA ASP A 68 -8.17 5.59 -8.66
C ASP A 68 -8.08 5.38 -7.17
N LYS A 69 -7.41 4.32 -6.76
CA LYS A 69 -7.32 3.95 -5.36
C LYS A 69 -6.59 5.05 -4.55
N ALA A 70 -5.48 5.54 -5.10
CA ALA A 70 -4.65 6.56 -4.47
C ALA A 70 -5.43 7.87 -4.30
N LYS A 71 -6.38 8.08 -5.16
CA LYS A 71 -7.23 9.25 -5.12
C LYS A 71 -8.40 9.03 -4.17
N VAL A 72 -9.21 8.01 -4.46
CA VAL A 72 -10.46 7.73 -3.74
C VAL A 72 -10.23 7.58 -2.25
N LEU A 73 -9.34 6.69 -1.88
CA LEU A 73 -9.06 6.48 -0.48
C LEU A 73 -8.06 7.55 0.00
N SER A 74 -7.32 8.13 -0.95
CA SER A 74 -6.27 9.10 -0.68
C SER A 74 -5.15 8.47 0.18
N LEU A 75 -4.25 7.81 -0.50
CA LEU A 75 -3.16 7.10 0.12
C LEU A 75 -1.93 8.00 0.28
N ALA A 76 -0.83 7.41 0.65
CA ALA A 76 0.41 8.14 0.82
C ALA A 76 1.44 7.51 0.01
N ALA A 77 1.43 6.20 -0.03
CA ALA A 77 2.31 5.47 -0.86
C ALA A 77 1.61 4.24 -1.38
N VAL A 78 2.17 3.67 -2.39
CA VAL A 78 1.66 2.45 -2.97
C VAL A 78 2.83 1.58 -3.40
N GLN A 79 2.75 0.32 -3.11
CA GLN A 79 3.75 -0.59 -3.41
C GLN A 79 3.37 -1.34 -4.60
N LEU A 80 4.15 -1.19 -5.60
CA LEU A 80 3.89 -1.85 -6.83
C LEU A 80 4.73 -3.09 -7.05
N HIS A 81 4.24 -3.94 -7.91
CA HIS A 81 4.98 -5.07 -8.40
C HIS A 81 5.53 -4.61 -9.73
N GLY A 82 6.74 -4.11 -9.67
CA GLY A 82 7.35 -3.42 -10.79
C GLY A 82 7.71 -4.28 -11.98
N ASN A 83 7.67 -5.59 -11.80
CA ASN A 83 8.04 -6.59 -12.85
C ASN A 83 7.32 -6.31 -14.18
N GLU A 84 6.16 -5.67 -14.07
CA GLU A 84 5.33 -5.32 -15.20
C GLU A 84 6.14 -4.54 -16.28
N GLU A 85 6.93 -3.59 -15.84
CA GLU A 85 7.77 -2.75 -16.70
C GLU A 85 8.56 -1.82 -15.80
N GLN A 86 9.86 -1.71 -16.01
CA GLN A 86 10.73 -0.93 -15.16
C GLN A 86 10.41 0.55 -15.28
N LEU A 87 10.06 0.92 -16.46
CA LEU A 87 9.75 2.29 -16.82
C LEU A 87 8.35 2.65 -16.37
N TYR A 88 7.58 1.64 -16.06
CA TYR A 88 6.22 1.81 -15.62
C TYR A 88 6.18 2.44 -14.26
N ILE A 89 7.17 2.16 -13.46
CA ILE A 89 7.29 2.75 -12.13
C ILE A 89 7.48 4.24 -12.28
N ASP A 90 8.29 4.59 -13.27
CA ASP A 90 8.59 5.99 -13.60
C ASP A 90 7.35 6.67 -14.20
N THR A 91 6.39 5.84 -14.55
CA THR A 91 5.15 6.25 -15.14
C THR A 91 4.12 6.59 -14.04
N LEU A 92 4.05 5.73 -13.00
CA LEU A 92 3.20 5.99 -11.81
C LEU A 92 3.39 7.41 -11.32
N ARG A 93 4.66 7.80 -11.18
CA ARG A 93 5.10 9.20 -10.85
C ARG A 93 4.33 10.31 -11.59
N GLU A 94 3.89 10.03 -12.81
CA GLU A 94 3.25 11.03 -13.64
C GLU A 94 1.77 11.15 -13.32
N ALA A 95 1.14 10.03 -13.07
CA ALA A 95 -0.30 10.04 -12.84
C ALA A 95 -0.67 10.14 -11.38
N LEU A 96 0.27 9.84 -10.57
CA LEU A 96 0.12 9.95 -9.14
C LEU A 96 0.73 11.25 -8.69
N PRO A 97 -0.01 12.05 -7.91
CA PRO A 97 0.50 13.32 -7.42
C PRO A 97 1.65 13.09 -6.46
N ALA A 98 2.38 14.13 -6.16
CA ALA A 98 3.54 14.04 -5.27
C ALA A 98 3.11 13.79 -3.83
N HIS A 99 1.82 13.78 -3.61
CA HIS A 99 1.22 13.50 -2.32
C HIS A 99 1.20 11.99 -2.11
N VAL A 100 1.25 11.26 -3.21
CA VAL A 100 1.29 9.85 -3.19
C VAL A 100 2.71 9.42 -3.59
N ALA A 101 3.19 8.40 -2.98
CA ALA A 101 4.52 7.90 -3.24
C ALA A 101 4.45 6.49 -3.77
N ILE A 102 5.56 5.99 -4.22
CA ILE A 102 5.64 4.64 -4.71
C ILE A 102 6.73 3.93 -3.93
N TRP A 103 6.44 2.75 -3.41
CA TRP A 103 7.48 2.01 -2.75
C TRP A 103 7.62 0.69 -3.47
N LYS A 104 8.72 0.04 -3.25
CA LYS A 104 8.96 -1.19 -3.91
C LYS A 104 8.64 -2.31 -2.98
N ALA A 105 7.73 -3.11 -3.39
CA ALA A 105 7.42 -4.32 -2.70
C ALA A 105 8.57 -5.29 -2.97
N LEU A 106 9.44 -5.41 -2.02
CA LEU A 106 10.62 -6.19 -2.12
C LEU A 106 10.34 -7.60 -1.70
N SER A 107 10.29 -8.49 -2.65
CA SER A 107 10.21 -9.87 -2.33
C SER A 107 11.64 -10.34 -2.10
N VAL A 108 11.81 -11.31 -1.23
CA VAL A 108 13.13 -11.82 -0.90
C VAL A 108 13.87 -12.36 -2.14
N GLY A 109 15.03 -11.79 -2.40
CA GLY A 109 15.83 -12.15 -3.53
C GLY A 109 17.22 -12.56 -3.10
N GLU A 110 17.63 -13.72 -3.55
CA GLU A 110 18.90 -14.31 -3.14
C GLU A 110 20.06 -13.70 -3.93
N THR A 111 19.73 -13.16 -5.07
CA THR A 111 20.69 -12.50 -5.90
C THR A 111 20.70 -11.01 -5.53
N LEU A 112 21.87 -10.43 -5.45
CA LEU A 112 22.01 -9.03 -5.09
C LEU A 112 21.62 -8.13 -6.25
N PRO A 113 20.56 -7.33 -6.11
CA PRO A 113 20.20 -6.36 -7.12
C PRO A 113 21.08 -5.11 -7.03
N ALA A 114 21.55 -4.66 -8.15
CA ALA A 114 22.27 -3.41 -8.19
C ALA A 114 21.23 -2.30 -8.14
N ARG A 115 20.14 -2.56 -8.80
CA ARG A 115 19.00 -1.71 -8.85
C ARG A 115 17.91 -2.46 -9.57
N GLU A 116 16.70 -2.21 -9.21
CA GLU A 116 15.58 -2.85 -9.83
C GLU A 116 14.75 -1.77 -10.47
N PHE A 117 14.23 -0.92 -9.64
CA PHE A 117 13.42 0.18 -10.06
C PHE A 117 13.96 1.38 -9.37
N GLN A 118 14.49 2.27 -10.13
CA GLN A 118 15.12 3.41 -9.54
C GLN A 118 14.12 4.48 -9.21
N HIS A 119 14.50 5.28 -8.27
CA HIS A 119 13.74 6.37 -7.78
C HIS A 119 12.43 5.89 -7.16
N VAL A 120 12.52 4.89 -6.32
CA VAL A 120 11.39 4.52 -5.51
C VAL A 120 11.47 5.33 -4.23
N ASP A 121 10.37 5.57 -3.58
CA ASP A 121 10.41 6.44 -2.39
C ASP A 121 10.87 5.69 -1.17
N LYS A 122 10.66 4.39 -1.17
CA LYS A 122 11.03 3.51 -0.07
C LYS A 122 10.86 2.08 -0.57
N TYR A 123 11.42 1.15 0.10
CA TYR A 123 11.20 -0.24 -0.23
C TYR A 123 10.78 -0.97 1.03
N VAL A 124 9.90 -1.92 0.89
CA VAL A 124 9.33 -2.64 2.01
C VAL A 124 9.15 -4.08 1.63
N LEU A 125 8.73 -4.90 2.55
CA LEU A 125 8.50 -6.32 2.29
C LEU A 125 7.26 -6.48 1.40
N ASP A 126 7.37 -7.33 0.40
CA ASP A 126 6.25 -7.61 -0.50
C ASP A 126 5.19 -8.43 0.20
N ASN A 127 4.03 -7.84 0.36
CA ASN A 127 2.90 -8.52 0.96
C ASN A 127 1.84 -8.75 -0.09
N GLY A 128 1.08 -9.78 0.09
CA GLY A 128 0.04 -10.13 -0.83
C GLY A 128 -0.40 -11.54 -0.61
N GLN A 129 0.53 -12.45 -0.72
CA GLN A 129 0.26 -13.84 -0.48
C GLN A 129 1.13 -14.30 0.66
N GLY A 130 0.62 -15.23 1.43
CA GLY A 130 1.39 -15.77 2.50
C GLY A 130 0.72 -15.62 3.83
N GLY A 131 -0.30 -16.43 4.07
CA GLY A 131 -0.93 -16.45 5.38
C GLY A 131 0.02 -17.14 6.32
N ALA A 132 0.42 -18.30 5.90
CA ALA A 132 1.45 -19.09 6.51
C ALA A 132 2.12 -19.85 5.38
N GLY A 133 2.98 -19.16 4.68
CA GLY A 133 3.59 -19.70 3.50
C GLY A 133 2.88 -19.20 2.26
N SER A 134 1.61 -19.53 2.14
CA SER A 134 0.81 -19.08 1.04
C SER A 134 -0.66 -19.12 1.49
N MET A 1 4.16 4.91 17.94
CA MET A 1 5.45 4.93 17.24
C MET A 1 5.80 3.51 16.78
N GLY A 2 6.26 3.40 15.56
CA GLY A 2 6.57 2.13 14.99
C GLY A 2 5.54 1.79 13.95
N GLU A 3 4.74 0.79 14.21
CA GLU A 3 3.65 0.48 13.34
C GLU A 3 2.53 -0.17 14.13
N ASN A 4 1.35 -0.06 13.60
CA ASN A 4 0.17 -0.69 14.15
C ASN A 4 -0.68 -0.94 12.94
N LYS A 5 -0.02 -1.53 11.96
CA LYS A 5 -0.57 -1.84 10.66
C LYS A 5 -1.93 -2.54 10.75
N VAL A 6 -2.88 -2.03 9.98
CA VAL A 6 -4.21 -2.55 9.96
C VAL A 6 -4.42 -3.43 8.75
N CYS A 7 -4.53 -4.69 8.95
CA CYS A 7 -4.94 -5.61 7.90
C CYS A 7 -6.45 -5.77 8.02
N GLY A 8 -7.12 -6.40 7.00
CA GLY A 8 -8.60 -6.46 6.90
C GLY A 8 -9.36 -6.30 8.18
N LEU A 9 -9.95 -5.15 8.32
CA LEU A 9 -10.66 -4.79 9.49
C LEU A 9 -11.70 -3.77 9.09
N THR A 10 -12.85 -3.84 9.66
CA THR A 10 -13.91 -2.93 9.27
C THR A 10 -14.60 -2.40 10.52
N ARG A 11 -14.02 -2.73 11.64
CA ARG A 11 -14.53 -2.31 12.92
C ARG A 11 -13.86 -1.01 13.27
N GLY A 12 -14.60 0.05 13.31
CA GLY A 12 -14.06 1.37 13.63
C GLY A 12 -13.39 1.41 15.01
N GLN A 13 -13.96 0.68 15.94
CA GLN A 13 -13.51 0.62 17.33
C GLN A 13 -12.18 -0.08 17.39
N ASP A 14 -11.98 -0.94 16.43
CA ASP A 14 -10.82 -1.79 16.36
C ASP A 14 -9.74 -1.05 15.57
N ALA A 15 -10.18 -0.36 14.54
CA ALA A 15 -9.32 0.41 13.65
C ALA A 15 -8.69 1.59 14.39
N LYS A 16 -9.48 2.28 15.21
CA LYS A 16 -8.99 3.43 15.96
C LYS A 16 -7.89 3.05 16.93
N ALA A 17 -7.84 1.79 17.34
CA ALA A 17 -6.79 1.32 18.23
C ALA A 17 -5.42 1.38 17.53
N ALA A 18 -5.43 1.25 16.22
CA ALA A 18 -4.23 1.30 15.43
C ALA A 18 -3.80 2.74 15.22
N TYR A 19 -4.76 3.59 14.97
CA TYR A 19 -4.53 5.01 14.81
C TYR A 19 -4.14 5.65 16.12
N ASP A 20 -4.65 5.11 17.19
CA ASP A 20 -4.32 5.57 18.56
C ASP A 20 -2.82 5.40 18.86
N ALA A 21 -2.15 4.59 18.03
CA ALA A 21 -0.73 4.36 18.15
C ALA A 21 0.08 5.54 17.57
N GLY A 22 -0.60 6.49 16.95
CA GLY A 22 0.09 7.67 16.49
C GLY A 22 -0.25 8.04 15.06
N ALA A 23 -1.33 7.45 14.54
CA ALA A 23 -1.83 7.69 13.17
C ALA A 23 -0.77 7.35 12.14
N ILE A 24 0.09 6.40 12.52
CA ILE A 24 1.29 6.08 11.76
C ILE A 24 0.98 5.64 10.35
N TYR A 25 0.37 4.48 10.23
CA TYR A 25 0.01 3.90 8.96
C TYR A 25 -0.72 2.59 9.20
N GLY A 26 -1.39 2.13 8.19
CA GLY A 26 -2.09 0.90 8.22
C GLY A 26 -1.66 0.08 7.04
N GLY A 27 -1.23 -1.14 7.28
CA GLY A 27 -0.78 -1.99 6.22
C GLY A 27 -1.86 -2.92 5.78
N LEU A 28 -2.68 -2.44 4.89
CA LEU A 28 -3.75 -3.20 4.37
C LEU A 28 -3.60 -3.36 2.91
N ILE A 29 -4.02 -4.47 2.44
CA ILE A 29 -3.92 -4.72 1.05
C ILE A 29 -5.20 -4.88 0.37
N PHE A 30 -5.19 -4.48 -0.86
CA PHE A 30 -6.40 -4.45 -1.66
C PHE A 30 -6.83 -5.86 -2.09
N VAL A 31 -7.59 -6.50 -1.25
CA VAL A 31 -8.19 -7.76 -1.60
C VAL A 31 -9.68 -7.60 -1.59
N ALA A 32 -10.28 -7.85 -2.73
CA ALA A 32 -11.69 -7.61 -2.99
C ALA A 32 -12.61 -8.23 -1.96
N THR A 33 -13.17 -7.36 -1.13
CA THR A 33 -14.22 -7.65 -0.16
C THR A 33 -13.81 -8.62 0.95
N SER A 34 -12.53 -8.79 1.15
CA SER A 34 -12.09 -9.71 2.16
C SER A 34 -12.01 -9.01 3.50
N PRO A 35 -12.29 -9.72 4.58
CA PRO A 35 -12.09 -9.18 5.92
C PRO A 35 -10.69 -9.54 6.41
N ARG A 36 -9.88 -9.99 5.49
CA ARG A 36 -8.52 -10.38 5.74
C ARG A 36 -7.58 -9.25 5.32
N CYS A 37 -8.06 -8.45 4.40
CA CYS A 37 -7.31 -7.38 3.79
C CYS A 37 -8.33 -6.39 3.28
N VAL A 38 -8.08 -5.12 3.40
CA VAL A 38 -9.10 -4.17 3.08
C VAL A 38 -8.86 -3.48 1.78
N ASN A 39 -9.91 -3.33 1.04
CA ASN A 39 -9.91 -2.69 -0.24
C ASN A 39 -10.42 -1.31 -0.09
N VAL A 40 -10.27 -0.51 -1.13
CA VAL A 40 -10.56 0.92 -1.07
C VAL A 40 -11.97 1.19 -0.55
N GLU A 41 -12.88 0.29 -0.88
CA GLU A 41 -14.24 0.42 -0.56
C GLU A 41 -14.53 0.28 0.94
N GLN A 42 -13.89 -0.66 1.62
CA GLN A 42 -14.03 -0.70 3.06
C GLN A 42 -13.21 0.41 3.69
N ALA A 43 -12.03 0.59 3.14
CA ALA A 43 -11.02 1.52 3.66
C ALA A 43 -11.53 2.93 3.81
N GLN A 44 -12.37 3.37 2.89
CA GLN A 44 -12.87 4.68 2.93
C GLN A 44 -13.74 4.96 4.14
N GLU A 45 -14.38 3.95 4.60
CA GLU A 45 -15.20 4.02 5.78
C GLU A 45 -14.31 3.95 7.00
N VAL A 46 -13.33 3.07 6.91
CA VAL A 46 -12.38 2.81 7.98
C VAL A 46 -11.52 4.07 8.27
N MET A 47 -11.19 4.83 7.23
CA MET A 47 -10.37 6.04 7.37
C MET A 47 -11.08 7.15 8.13
N ALA A 48 -12.39 7.02 8.26
CA ALA A 48 -13.17 7.98 9.00
C ALA A 48 -13.16 7.59 10.49
N ALA A 49 -12.80 6.36 10.75
CA ALA A 49 -12.75 5.83 12.10
C ALA A 49 -11.34 5.88 12.64
N ALA A 50 -10.36 5.71 11.77
CA ALA A 50 -9.03 5.77 12.15
C ALA A 50 -8.32 6.54 11.08
N PRO A 51 -8.17 7.85 11.27
CA PRO A 51 -7.50 8.72 10.31
C PRO A 51 -5.98 8.51 10.35
N LEU A 52 -5.59 7.31 10.04
CA LEU A 52 -4.22 6.93 9.93
C LEU A 52 -3.82 6.89 8.45
N GLN A 53 -2.58 6.68 8.18
CA GLN A 53 -2.07 6.66 6.85
C GLN A 53 -2.34 5.33 6.18
N TYR A 54 -2.74 5.37 4.94
CA TYR A 54 -3.00 4.16 4.19
C TYR A 54 -1.93 3.95 3.15
N VAL A 55 -1.54 2.72 2.98
CA VAL A 55 -0.57 2.33 2.02
C VAL A 55 -1.11 1.16 1.25
N GLY A 56 -0.91 1.19 -0.03
CA GLY A 56 -1.37 0.14 -0.85
C GLY A 56 -0.25 -0.67 -1.36
N VAL A 57 -0.29 -1.94 -1.07
CA VAL A 57 0.75 -2.82 -1.52
C VAL A 57 0.13 -3.77 -2.50
N PHE A 58 0.39 -3.61 -3.74
CA PHE A 58 -0.24 -4.45 -4.70
C PHE A 58 0.53 -4.41 -5.96
N ARG A 59 0.57 -5.49 -6.64
CA ARG A 59 1.21 -5.51 -7.88
C ARG A 59 0.16 -5.17 -8.91
N ASN A 60 0.06 -3.89 -9.19
CA ASN A 60 -0.92 -3.34 -10.00
C ASN A 60 -0.61 -3.54 -11.43
N HIS A 61 -1.63 -3.43 -12.11
CA HIS A 61 -1.73 -3.60 -13.53
C HIS A 61 -2.02 -2.27 -14.24
N ASP A 62 -3.22 -1.79 -14.12
CA ASP A 62 -3.63 -0.55 -14.76
C ASP A 62 -3.14 0.62 -13.97
N ILE A 63 -2.53 1.59 -14.63
CA ILE A 63 -2.10 2.79 -13.95
C ILE A 63 -3.31 3.59 -13.47
N ALA A 64 -4.39 3.48 -14.22
CA ALA A 64 -5.64 4.17 -13.90
C ALA A 64 -6.25 3.59 -12.64
N ASP A 65 -5.84 2.39 -12.30
CA ASP A 65 -6.35 1.70 -11.14
C ASP A 65 -5.61 2.17 -9.91
N VAL A 66 -4.33 2.38 -10.07
CA VAL A 66 -3.49 2.88 -9.00
C VAL A 66 -3.91 4.30 -8.67
N VAL A 67 -4.06 5.10 -9.72
CA VAL A 67 -4.46 6.51 -9.57
C VAL A 67 -5.80 6.60 -8.87
N ASP A 68 -6.68 5.69 -9.27
CA ASP A 68 -8.01 5.56 -8.70
C ASP A 68 -7.94 5.35 -7.19
N LYS A 69 -7.30 4.28 -6.77
CA LYS A 69 -7.23 3.92 -5.34
C LYS A 69 -6.48 4.97 -4.53
N ALA A 70 -5.42 5.49 -5.12
CA ALA A 70 -4.60 6.49 -4.50
C ALA A 70 -5.39 7.76 -4.22
N LYS A 71 -6.23 8.15 -5.16
CA LYS A 71 -7.00 9.32 -5.04
C LYS A 71 -8.24 9.09 -4.17
N VAL A 72 -8.99 8.01 -4.45
CA VAL A 72 -10.25 7.71 -3.74
C VAL A 72 -10.02 7.62 -2.24
N LEU A 73 -9.10 6.77 -1.84
CA LEU A 73 -8.84 6.61 -0.42
C LEU A 73 -7.91 7.68 0.12
N SER A 74 -7.26 8.40 -0.77
CA SER A 74 -6.28 9.40 -0.39
C SER A 74 -5.12 8.72 0.35
N LEU A 75 -4.43 7.86 -0.38
CA LEU A 75 -3.30 7.12 0.14
C LEU A 75 -2.13 8.04 0.45
N ALA A 76 -1.09 7.45 0.92
CA ALA A 76 0.10 8.16 1.23
C ALA A 76 1.21 7.53 0.50
N ALA A 77 1.19 6.22 0.44
CA ALA A 77 2.13 5.50 -0.37
C ALA A 77 1.48 4.31 -1.04
N VAL A 78 2.08 3.89 -2.12
CA VAL A 78 1.65 2.74 -2.88
C VAL A 78 2.92 2.01 -3.34
N GLN A 79 2.89 0.71 -3.34
CA GLN A 79 4.04 -0.09 -3.60
C GLN A 79 4.00 -0.68 -5.00
N LEU A 80 4.86 -0.20 -5.86
CA LEU A 80 4.94 -0.71 -7.20
C LEU A 80 6.26 -1.36 -7.34
N HIS A 81 6.30 -2.51 -7.96
CA HIS A 81 7.52 -3.31 -8.06
C HIS A 81 7.22 -4.63 -8.74
N GLY A 82 6.03 -5.08 -8.58
CA GLY A 82 5.79 -6.46 -8.94
C GLY A 82 5.36 -6.79 -10.36
N ASN A 83 4.28 -6.21 -10.84
CA ASN A 83 3.61 -6.82 -11.97
C ASN A 83 4.14 -6.55 -13.40
N GLU A 84 4.00 -5.34 -13.91
CA GLU A 84 4.13 -5.23 -15.37
C GLU A 84 5.52 -4.96 -15.96
N GLU A 85 6.24 -3.99 -15.46
CA GLU A 85 7.50 -3.58 -16.13
C GLU A 85 8.27 -2.65 -15.18
N GLN A 86 9.50 -2.30 -15.54
CA GLN A 86 10.38 -1.49 -14.75
C GLN A 86 9.95 -0.05 -14.88
N LEU A 87 9.76 0.34 -16.11
CA LEU A 87 9.47 1.71 -16.46
C LEU A 87 8.04 2.07 -16.15
N TYR A 88 7.24 1.06 -15.89
CA TYR A 88 5.87 1.24 -15.47
C TYR A 88 5.83 2.05 -14.18
N ILE A 89 6.78 1.81 -13.32
CA ILE A 89 6.89 2.50 -12.04
C ILE A 89 7.17 3.98 -12.29
N ASP A 90 7.94 4.23 -13.33
CA ASP A 90 8.33 5.58 -13.75
C ASP A 90 7.12 6.34 -14.26
N THR A 91 6.16 5.59 -14.68
CA THR A 91 4.96 6.07 -15.28
C THR A 91 3.98 6.46 -14.19
N LEU A 92 3.87 5.61 -13.18
CA LEU A 92 3.05 5.90 -11.99
C LEU A 92 3.25 7.30 -11.46
N ARG A 93 4.53 7.71 -11.25
CA ARG A 93 4.82 9.09 -10.69
C ARG A 93 4.16 10.18 -11.49
N GLU A 94 3.98 9.92 -12.75
CA GLU A 94 3.46 10.92 -13.68
C GLU A 94 1.97 11.11 -13.52
N ALA A 95 1.30 10.05 -13.14
CA ALA A 95 -0.17 10.11 -12.98
C ALA A 95 -0.59 10.18 -11.50
N LEU A 96 0.35 10.00 -10.64
CA LEU A 96 0.14 9.98 -9.20
C LEU A 96 0.40 11.35 -8.63
N PRO A 97 -0.53 11.91 -7.84
CA PRO A 97 -0.32 13.19 -7.19
C PRO A 97 0.81 13.12 -6.18
N ALA A 98 1.26 14.26 -5.79
CA ALA A 98 2.39 14.41 -4.87
C ALA A 98 2.00 14.00 -3.45
N HIS A 99 0.74 13.70 -3.27
CA HIS A 99 0.23 13.30 -1.98
C HIS A 99 0.55 11.85 -1.75
N VAL A 100 0.62 11.09 -2.84
CA VAL A 100 0.85 9.74 -2.73
C VAL A 100 2.26 9.45 -3.21
N ALA A 101 2.94 8.65 -2.46
CA ALA A 101 4.28 8.27 -2.76
C ALA A 101 4.31 6.84 -3.25
N ILE A 102 5.42 6.44 -3.77
CA ILE A 102 5.58 5.13 -4.28
C ILE A 102 6.72 4.50 -3.56
N TRP A 103 6.54 3.35 -3.03
CA TRP A 103 7.64 2.69 -2.40
C TRP A 103 7.96 1.41 -3.12
N LYS A 104 9.14 0.94 -2.89
CA LYS A 104 9.57 -0.30 -3.42
C LYS A 104 9.49 -1.30 -2.31
N ALA A 105 8.58 -2.23 -2.45
CA ALA A 105 8.47 -3.30 -1.51
C ALA A 105 9.62 -4.25 -1.77
N LEU A 106 10.47 -4.34 -0.80
CA LEU A 106 11.60 -5.20 -0.86
C LEU A 106 11.14 -6.57 -0.41
N SER A 107 10.82 -7.39 -1.38
CA SER A 107 10.35 -8.71 -1.14
C SER A 107 11.49 -9.57 -0.63
N VAL A 108 11.19 -10.44 0.30
CA VAL A 108 12.20 -11.27 0.89
C VAL A 108 12.60 -12.39 -0.08
N GLY A 109 13.87 -12.47 -0.35
CA GLY A 109 14.38 -13.43 -1.27
C GLY A 109 15.86 -13.55 -1.11
N GLU A 110 16.46 -14.49 -1.78
CA GLU A 110 17.88 -14.69 -1.65
C GLU A 110 18.66 -13.92 -2.68
N THR A 111 18.14 -13.80 -3.88
CA THR A 111 18.82 -13.01 -4.87
C THR A 111 18.45 -11.54 -4.65
N LEU A 112 19.43 -10.73 -4.40
CA LEU A 112 19.19 -9.33 -4.12
C LEU A 112 19.84 -8.44 -5.14
N PRO A 113 19.04 -7.86 -6.03
CA PRO A 113 19.52 -6.90 -7.01
C PRO A 113 19.73 -5.55 -6.34
N ALA A 114 20.74 -4.81 -6.75
CA ALA A 114 21.01 -3.50 -6.18
C ALA A 114 19.90 -2.55 -6.58
N ARG A 115 19.54 -2.58 -7.84
CA ARG A 115 18.47 -1.77 -8.32
C ARG A 115 17.46 -2.65 -9.00
N GLU A 116 16.23 -2.30 -8.85
CA GLU A 116 15.14 -2.99 -9.49
C GLU A 116 14.25 -1.97 -10.15
N PHE A 117 13.55 -1.25 -9.32
CA PHE A 117 12.63 -0.24 -9.74
C PHE A 117 13.07 1.02 -9.06
N GLN A 118 13.51 1.96 -9.83
CA GLN A 118 14.20 3.11 -9.32
C GLN A 118 13.30 4.32 -9.17
N HIS A 119 13.86 5.34 -8.49
CA HIS A 119 13.22 6.63 -8.24
C HIS A 119 11.95 6.44 -7.38
N VAL A 120 12.01 5.46 -6.52
CA VAL A 120 10.94 5.24 -5.58
C VAL A 120 11.14 6.14 -4.38
N ASP A 121 10.08 6.45 -3.71
CA ASP A 121 10.14 7.42 -2.61
C ASP A 121 10.82 6.81 -1.40
N LYS A 122 10.49 5.57 -1.13
CA LYS A 122 11.03 4.81 0.02
C LYS A 122 11.07 3.34 -0.33
N TYR A 123 11.83 2.59 0.42
CA TYR A 123 11.86 1.16 0.28
C TYR A 123 11.48 0.57 1.63
N VAL A 124 10.67 -0.43 1.60
CA VAL A 124 10.23 -1.08 2.82
C VAL A 124 10.27 -2.57 2.60
N LEU A 125 10.07 -3.32 3.64
CA LEU A 125 10.10 -4.78 3.54
C LEU A 125 8.77 -5.29 3.00
N ASP A 126 8.67 -6.60 2.81
CA ASP A 126 7.41 -7.24 2.43
C ASP A 126 6.45 -7.18 3.64
N ASN A 127 5.87 -6.01 3.83
CA ASN A 127 4.98 -5.73 4.94
C ASN A 127 3.55 -6.12 4.58
N GLY A 128 3.41 -6.51 3.35
CA GLY A 128 2.18 -6.94 2.78
C GLY A 128 2.48 -7.34 1.38
N GLN A 129 1.64 -8.12 0.75
CA GLN A 129 1.93 -8.55 -0.60
C GLN A 129 0.65 -8.98 -1.29
N GLY A 130 0.41 -8.45 -2.46
CA GLY A 130 -0.77 -8.77 -3.20
C GLY A 130 -0.49 -8.83 -4.68
N GLY A 131 -0.72 -9.97 -5.27
CA GLY A 131 -0.50 -10.14 -6.68
C GLY A 131 -0.49 -11.60 -7.05
N ALA A 132 -0.29 -11.90 -8.31
CA ALA A 132 -0.27 -13.27 -8.75
C ALA A 132 1.09 -13.90 -8.48
N GLY A 133 1.08 -15.18 -8.32
CA GLY A 133 2.29 -15.91 -8.03
C GLY A 133 1.94 -17.22 -7.40
N SER A 134 1.12 -17.15 -6.39
CA SER A 134 0.61 -18.29 -5.69
C SER A 134 -0.79 -17.95 -5.18
#